data_6JCZ
#
_entry.id   6JCZ
#
_cell.length_a   1.00
_cell.length_b   1.00
_cell.length_c   1.00
_cell.angle_alpha   90.00
_cell.angle_beta   90.00
_cell.angle_gamma   90.00
#
_symmetry.space_group_name_H-M   'P 1'
#
loop_
_entity.id
_entity.type
_entity.pdbx_description
1 polymer 'Putative ketol-acid reductoisomerase 2'
2 non-polymer 'MAGNESIUM ION'
3 non-polymer 'NADPH DIHYDRO-NICOTINAMIDE-ADENINE-DINUCLEOTIDE PHOSPHATE'
4 non-polymer 'cyclopropane-1,1-dicarboxylic acid'
5 water water
#
_entity_poly.entity_id   1
_entity_poly.type   'polypeptide(L)'
_entity_poly.pdbx_seq_one_letter_code
;MDKTVLDANLDPLKGKTIGVIGYGNQGRVQATIMRENGLNVIVGNVKDKYYELAKKEGFEVYEIDEAVRRSDVALLLIPD
EVMKEVYEKKIAPVLQGKKEFVLDFASGYNVAFGLIRPPKSVDTIMVAPRMVGEGIMDLHKQGKGYPVLLGVKQDASGKA
WDYAKAIAKGIGAIPGGIAVISSFEEEALLDLMSEHTWVPILFGAIKACYDIAVKEYGVSPEAALLEFYASGELAEIARL
IAEEGIFNQMVHHSTTSQYGTLTRMFKYYDVVRRIVENEAKYIWDGSFAKEWSLEQQAGYPVFYRLWELATQSEMAKAEK
ELYKLLGRKVKND
;
_entity_poly.pdbx_strand_id   A,B,C,D,E,F,G,H,I,J,K,L
#
loop_
_chem_comp.id
_chem_comp.type
_chem_comp.name
_chem_comp.formula
9TY non-polymer 'cyclopropane-1,1-dicarboxylic acid' 'C5 H6 O4'
MG non-polymer 'MAGNESIUM ION' 'Mg 2'
NDP non-polymer 'NADPH DIHYDRO-NICOTINAMIDE-ADENINE-DINUCLEOTIDE PHOSPHATE' 'C21 H30 N7 O17 P3'
#
# COMPACT_ATOMS: atom_id res chain seq x y z
N LYS A 3 -11.38 -34.76 35.98
CA LYS A 3 -10.50 -33.66 35.59
C LYS A 3 -9.06 -34.01 35.91
N THR A 4 -8.70 -33.96 37.19
CA THR A 4 -7.35 -34.21 37.67
C THR A 4 -7.30 -35.60 38.29
N VAL A 5 -6.26 -36.36 37.96
CA VAL A 5 -6.07 -37.72 38.47
C VAL A 5 -4.96 -37.71 39.51
N LEU A 6 -5.12 -38.52 40.55
CA LEU A 6 -4.18 -38.58 41.66
C LEU A 6 -3.78 -39.98 42.08
N ASP A 7 -4.50 -41.03 41.68
CA ASP A 7 -4.25 -42.36 42.19
C ASP A 7 -5.11 -43.36 41.41
N ALA A 8 -4.67 -44.61 41.41
CA ALA A 8 -5.43 -45.72 40.84
C ALA A 8 -4.76 -47.01 41.30
N ASN A 9 -5.38 -48.13 40.96
CA ASN A 9 -4.91 -49.43 41.42
C ASN A 9 -3.63 -49.82 40.67
N LEU A 10 -3.13 -51.02 41.00
CA LEU A 10 -2.00 -51.63 40.31
C LEU A 10 -2.24 -53.08 39.92
N ASP A 11 -3.34 -53.68 40.36
CA ASP A 11 -3.70 -55.07 40.05
C ASP A 11 -3.98 -55.36 38.57
N PRO A 12 -4.50 -54.43 37.76
CA PRO A 12 -4.73 -54.77 36.34
C PRO A 12 -3.49 -55.16 35.58
N LEU A 13 -2.31 -54.81 36.08
CA LEU A 13 -1.04 -55.19 35.47
C LEU A 13 -0.39 -56.37 36.17
N LYS A 14 -0.62 -56.53 37.48
CA LYS A 14 -0.23 -57.77 38.14
C LYS A 14 -1.00 -58.94 37.55
N GLY A 15 -0.35 -60.10 37.54
CA GLY A 15 -0.87 -61.22 36.79
C GLY A 15 -0.62 -61.13 35.30
N LYS A 16 0.20 -60.17 34.87
CA LYS A 16 0.53 -60.00 33.46
C LYS A 16 1.98 -59.59 33.32
N THR A 17 2.58 -59.94 32.20
CA THR A 17 3.95 -59.56 31.88
C THR A 17 3.99 -58.20 31.21
N ILE A 18 5.02 -57.42 31.55
CA ILE A 18 5.29 -56.13 30.93
C ILE A 18 6.54 -56.28 30.08
N GLY A 19 6.51 -55.76 28.85
CA GLY A 19 7.66 -55.80 27.97
C GLY A 19 8.32 -54.45 27.77
N VAL A 20 9.43 -54.21 28.45
CA VAL A 20 10.16 -52.96 28.25
C VAL A 20 10.92 -53.06 26.93
N ILE A 21 10.70 -52.08 26.06
CA ILE A 21 11.43 -51.95 24.81
C ILE A 21 12.27 -50.69 24.89
N GLY A 22 13.50 -50.78 24.42
CA GLY A 22 14.41 -49.67 24.53
C GLY A 22 15.01 -49.56 25.92
N TYR A 23 16.28 -49.22 25.97
CA TYR A 23 17.03 -49.09 27.21
C TYR A 23 17.85 -47.80 27.15
N GLY A 24 17.27 -46.77 26.56
CA GLY A 24 17.95 -45.50 26.37
C GLY A 24 18.09 -44.76 27.68
N ASN A 25 18.12 -43.43 27.57
CA ASN A 25 18.18 -42.59 28.75
C ASN A 25 16.83 -42.38 29.40
N GLN A 26 15.78 -43.02 28.88
CA GLN A 26 14.46 -43.10 29.50
C GLN A 26 14.06 -44.54 29.79
N GLY A 27 14.59 -45.50 29.01
CA GLY A 27 14.24 -46.89 29.22
C GLY A 27 14.60 -47.41 30.59
N ARG A 28 15.83 -47.14 31.02
CA ARG A 28 16.31 -47.66 32.31
C ARG A 28 15.48 -47.13 33.48
N VAL A 29 14.88 -45.96 33.34
CA VAL A 29 14.25 -45.31 34.48
C VAL A 29 12.91 -45.98 34.80
N GLN A 30 12.00 -46.02 33.83
CA GLN A 30 10.76 -46.76 34.00
C GLN A 30 10.99 -48.25 34.17
N ALA A 31 12.13 -48.76 33.67
CA ALA A 31 12.43 -50.17 33.82
C ALA A 31 12.76 -50.51 35.28
N THR A 32 13.78 -49.85 35.83
CA THR A 32 14.23 -50.18 37.18
C THR A 32 13.16 -49.91 38.21
N ILE A 33 12.42 -48.81 38.07
CA ILE A 33 11.39 -48.47 39.06
C ILE A 33 10.32 -49.56 39.10
N MET A 34 10.07 -50.23 37.98
CA MET A 34 9.07 -51.29 37.97
C MET A 34 9.65 -52.61 38.47
N ARG A 35 10.98 -52.78 38.41
CA ARG A 35 11.60 -53.93 39.05
C ARG A 35 11.78 -53.70 40.53
N GLU A 36 12.07 -52.45 40.91
CA GLU A 36 12.12 -52.09 42.33
C GLU A 36 10.76 -52.24 42.99
N ASN A 37 9.68 -52.23 42.21
CA ASN A 37 8.33 -52.48 42.70
C ASN A 37 7.92 -53.95 42.60
N GLY A 38 8.86 -54.83 42.27
CA GLY A 38 8.59 -56.25 42.25
C GLY A 38 7.57 -56.66 41.20
N LEU A 39 7.94 -56.55 39.92
CA LEU A 39 7.04 -56.82 38.81
C LEU A 39 7.81 -57.55 37.72
N ASN A 40 7.26 -58.65 37.23
CA ASN A 40 7.91 -59.42 36.18
C ASN A 40 7.93 -58.62 34.88
N VAL A 41 9.11 -58.15 34.49
CA VAL A 41 9.29 -57.35 33.28
C VAL A 41 10.50 -57.89 32.52
N ILE A 42 10.43 -57.79 31.19
CA ILE A 42 11.54 -58.16 30.31
C ILE A 42 11.97 -56.92 29.55
N VAL A 43 13.17 -57.00 28.96
CA VAL A 43 13.85 -55.84 28.38
C VAL A 43 14.31 -56.24 26.98
N GLY A 44 13.51 -55.92 25.97
CA GLY A 44 13.88 -56.20 24.59
C GLY A 44 14.67 -55.05 23.98
N ASN A 45 15.50 -55.29 23.07
CA ASN A 45 16.58 -54.43 22.62
C ASN A 45 17.25 -55.05 21.39
N VAL A 46 17.91 -54.21 20.61
CA VAL A 46 19.02 -54.63 19.77
C VAL A 46 20.27 -54.63 20.63
N LYS A 47 21.26 -55.42 20.25
CA LYS A 47 22.39 -55.72 21.12
C LYS A 47 23.55 -54.78 20.81
N ASP A 48 23.90 -53.96 21.79
CA ASP A 48 24.99 -52.99 21.70
C ASP A 48 25.56 -52.82 23.10
N LYS A 49 26.30 -51.74 23.34
CA LYS A 49 26.81 -51.48 24.69
C LYS A 49 25.69 -51.33 25.71
N TYR A 50 24.50 -50.93 25.27
CA TYR A 50 23.37 -50.82 26.19
C TYR A 50 22.87 -52.19 26.61
N TYR A 51 23.06 -53.22 25.78
CA TYR A 51 22.68 -54.57 26.16
C TYR A 51 23.61 -55.11 27.24
N GLU A 52 24.92 -55.12 26.95
CA GLU A 52 25.91 -55.66 27.87
C GLU A 52 25.79 -54.99 29.24
N LEU A 53 25.63 -53.66 29.25
CA LEU A 53 25.16 -52.97 30.43
C LEU A 53 23.87 -53.62 30.96
N ALA A 54 22.86 -53.73 30.10
CA ALA A 54 21.55 -54.19 30.54
C ALA A 54 21.54 -55.66 30.94
N LYS A 55 22.56 -56.42 30.55
CA LYS A 55 22.71 -57.78 31.05
C LYS A 55 23.44 -57.83 32.36
N LYS A 56 24.31 -56.85 32.61
CA LYS A 56 24.95 -56.71 33.91
C LYS A 56 23.98 -56.31 35.01
N GLU A 57 22.79 -55.81 34.65
CA GLU A 57 21.79 -55.39 35.62
C GLU A 57 20.75 -56.47 35.93
N GLY A 58 20.97 -57.70 35.47
CA GLY A 58 20.12 -58.81 35.86
C GLY A 58 18.89 -59.01 35.02
N PHE A 59 18.51 -58.02 34.20
CA PHE A 59 17.30 -58.12 33.41
C PHE A 59 17.39 -59.27 32.42
N GLU A 60 16.23 -59.75 31.99
CA GLU A 60 16.13 -60.75 30.94
C GLU A 60 16.01 -60.02 29.61
N VAL A 61 16.94 -60.28 28.71
CA VAL A 61 16.88 -59.77 27.35
C VAL A 61 16.46 -60.88 26.41
N TYR A 62 15.50 -60.57 25.55
CA TYR A 62 15.18 -61.35 24.37
C TYR A 62 15.25 -60.39 23.19
N GLU A 63 15.22 -60.94 21.98
CA GLU A 63 15.02 -60.09 20.82
C GLU A 63 13.61 -59.49 20.85
N ILE A 64 13.40 -58.47 20.03
CA ILE A 64 12.22 -57.63 20.11
C ILE A 64 10.97 -58.47 19.84
N ASP A 65 10.92 -59.07 18.66
CA ASP A 65 9.77 -59.90 18.30
C ASP A 65 9.61 -61.12 19.20
N GLU A 66 10.64 -61.51 19.94
CA GLU A 66 10.49 -62.52 20.97
C GLU A 66 9.95 -61.90 22.25
N ALA A 67 10.34 -60.65 22.53
CA ALA A 67 9.90 -59.99 23.76
C ALA A 67 8.42 -59.63 23.69
N VAL A 68 8.01 -58.95 22.61
CA VAL A 68 6.64 -58.47 22.53
C VAL A 68 5.67 -59.62 22.38
N ARG A 69 6.14 -60.78 21.92
CA ARG A 69 5.33 -62.00 21.95
C ARG A 69 5.24 -62.54 23.38
N ARG A 70 6.37 -62.56 24.10
CA ARG A 70 6.38 -63.09 25.45
C ARG A 70 5.48 -62.29 26.37
N SER A 71 5.36 -60.99 26.15
CA SER A 71 4.76 -60.08 27.11
C SER A 71 3.28 -59.87 26.77
N ASP A 72 2.63 -59.09 27.64
CA ASP A 72 1.22 -58.75 27.52
C ASP A 72 1.00 -57.29 27.18
N VAL A 73 1.86 -56.40 27.68
CA VAL A 73 1.89 -55.00 27.29
C VAL A 73 3.35 -54.60 27.17
N ALA A 74 3.60 -53.46 26.54
CA ALA A 74 4.96 -53.01 26.33
C ALA A 74 5.03 -51.50 26.29
N LEU A 75 6.19 -50.98 26.70
CA LEU A 75 6.48 -49.56 26.76
C LEU A 75 7.52 -49.27 25.69
N LEU A 76 7.05 -48.81 24.53
CA LEU A 76 7.90 -48.66 23.35
C LEU A 76 8.75 -47.40 23.50
N LEU A 77 9.77 -47.51 24.35
CA LEU A 77 10.63 -46.38 24.69
C LEU A 77 11.82 -46.28 23.73
N ILE A 78 11.47 -46.12 22.46
CA ILE A 78 12.43 -45.81 21.41
C ILE A 78 12.04 -44.45 20.83
N PRO A 79 12.93 -43.77 20.11
CA PRO A 79 12.62 -42.39 19.69
C PRO A 79 11.42 -42.30 18.76
N ASP A 80 11.01 -41.07 18.47
CA ASP A 80 9.97 -40.81 17.48
C ASP A 80 10.48 -40.87 16.05
N GLU A 81 11.76 -41.18 15.85
CA GLU A 81 12.41 -41.10 14.56
C GLU A 81 12.54 -42.45 13.87
N VAL A 82 12.88 -43.50 14.62
CA VAL A 82 13.07 -44.84 14.07
C VAL A 82 12.12 -45.83 14.73
N MET A 83 10.95 -45.36 15.15
CA MET A 83 9.87 -46.25 15.58
C MET A 83 9.10 -46.79 14.39
N LYS A 84 9.01 -46.00 13.31
CA LYS A 84 8.23 -46.41 12.15
C LYS A 84 8.84 -47.64 11.49
N GLU A 85 10.17 -47.69 11.39
CA GLU A 85 10.82 -48.82 10.76
C GLU A 85 10.62 -50.10 11.56
N VAL A 86 10.61 -50.01 12.88
CA VAL A 86 10.56 -51.20 13.72
C VAL A 86 9.14 -51.73 13.87
N TYR A 87 8.14 -50.86 13.78
CA TYR A 87 6.75 -51.32 13.75
C TYR A 87 6.41 -51.92 12.39
N GLU A 88 6.85 -51.27 11.32
CA GLU A 88 6.54 -51.76 9.98
C GLU A 88 7.22 -53.09 9.70
N LYS A 89 8.47 -53.25 10.15
CA LYS A 89 9.27 -54.39 9.74
C LYS A 89 9.06 -55.57 10.68
N LYS A 90 9.29 -55.39 11.99
CA LYS A 90 9.37 -56.49 12.93
C LYS A 90 8.07 -56.72 13.68
N ILE A 91 7.58 -55.72 14.42
CA ILE A 91 6.56 -55.98 15.44
C ILE A 91 5.21 -56.26 14.78
N ALA A 92 4.70 -55.29 14.02
CA ALA A 92 3.30 -55.28 13.58
C ALA A 92 2.85 -56.56 12.88
N PRO A 93 3.70 -57.23 12.09
CA PRO A 93 3.29 -58.55 11.56
C PRO A 93 3.06 -59.60 12.64
N VAL A 94 3.54 -59.36 13.86
CA VAL A 94 3.31 -60.29 14.96
C VAL A 94 2.01 -59.99 15.69
N LEU A 95 1.61 -58.73 15.77
CA LEU A 95 0.52 -58.33 16.65
C LEU A 95 -0.84 -58.82 16.18
N GLN A 96 -0.96 -59.25 14.92
CA GLN A 96 -2.17 -59.92 14.48
C GLN A 96 -2.30 -61.32 15.07
N GLY A 97 -1.23 -61.86 15.66
CA GLY A 97 -1.29 -63.16 16.30
C GLY A 97 -1.64 -63.08 17.77
N LYS A 98 -2.38 -62.04 18.16
CA LYS A 98 -2.80 -61.84 19.53
C LYS A 98 -4.26 -61.40 19.55
N LYS A 99 -4.88 -61.54 20.72
CA LYS A 99 -6.30 -61.27 20.91
C LYS A 99 -6.57 -60.12 21.86
N GLU A 100 -5.70 -59.90 22.84
CA GLU A 100 -5.72 -58.69 23.64
C GLU A 100 -4.28 -58.24 23.84
N PHE A 101 -4.03 -56.96 23.65
CA PHE A 101 -2.68 -56.43 23.80
C PHE A 101 -2.76 -54.93 23.97
N VAL A 102 -1.65 -54.36 24.44
CA VAL A 102 -1.49 -52.93 24.62
C VAL A 102 -0.11 -52.55 24.13
N LEU A 103 0.02 -51.29 23.70
CA LEU A 103 1.27 -50.77 23.16
C LEU A 103 1.45 -49.36 23.73
N ASP A 104 2.21 -49.26 24.81
CA ASP A 104 2.34 -48.02 25.56
C ASP A 104 3.45 -47.17 24.94
N PHE A 105 3.07 -46.00 24.45
CA PHE A 105 4.00 -45.09 23.81
C PHE A 105 4.51 -44.08 24.84
N ALA A 106 5.44 -43.24 24.39
CA ALA A 106 6.02 -42.18 25.21
C ALA A 106 5.88 -40.80 24.59
N SER A 107 5.96 -40.72 23.26
CA SER A 107 5.73 -39.46 22.55
C SER A 107 4.91 -39.78 21.31
N GLY A 108 3.76 -39.14 21.18
CA GLY A 108 2.79 -39.48 20.16
C GLY A 108 2.96 -38.75 18.85
N TYR A 109 4.18 -38.35 18.54
CA TYR A 109 4.47 -37.77 17.24
C TYR A 109 4.22 -38.77 16.11
N ASN A 110 4.30 -40.06 16.40
CA ASN A 110 4.18 -41.11 15.41
C ASN A 110 2.81 -41.75 15.38
N VAL A 111 1.81 -41.17 16.05
CA VAL A 111 0.45 -41.70 16.05
C VAL A 111 -0.51 -40.61 15.59
N ALA A 112 -0.46 -39.46 16.25
CA ALA A 112 -1.40 -38.39 15.95
C ALA A 112 -1.26 -37.90 14.52
N PHE A 113 -0.07 -38.01 13.94
CA PHE A 113 0.16 -37.70 12.54
C PHE A 113 0.02 -38.92 11.64
N GLY A 114 -0.54 -40.01 12.15
CA GLY A 114 -0.88 -41.16 11.33
C GLY A 114 0.28 -41.89 10.69
N LEU A 115 1.50 -41.64 11.16
CA LEU A 115 2.65 -42.34 10.60
C LEU A 115 2.64 -43.82 10.95
N ILE A 116 2.00 -44.19 12.05
CA ILE A 116 1.80 -45.58 12.45
C ILE A 116 0.31 -45.78 12.68
N ARG A 117 -0.17 -46.98 12.33
CA ARG A 117 -1.59 -47.32 12.41
C ARG A 117 -1.70 -48.73 12.98
N PRO A 118 -1.87 -48.86 14.29
CA PRO A 118 -2.00 -50.20 14.88
C PRO A 118 -3.33 -50.82 14.52
N PRO A 119 -3.47 -52.15 14.67
CA PRO A 119 -4.72 -52.81 14.23
C PRO A 119 -5.92 -52.56 15.14
N LYS A 120 -7.01 -53.27 14.85
CA LYS A 120 -8.30 -53.05 15.50
C LYS A 120 -8.44 -53.82 16.82
N SER A 121 -7.75 -54.94 16.95
CA SER A 121 -7.85 -55.80 18.13
C SER A 121 -6.85 -55.43 19.21
N VAL A 122 -6.44 -54.15 19.26
CA VAL A 122 -5.32 -53.70 20.08
C VAL A 122 -5.72 -52.41 20.79
N ASP A 123 -5.21 -52.24 22.00
CA ASP A 123 -5.34 -51.00 22.76
C ASP A 123 -4.09 -50.16 22.58
N THR A 124 -4.26 -48.85 22.55
CA THR A 124 -3.15 -47.91 22.45
C THR A 124 -3.31 -46.85 23.53
N ILE A 125 -2.19 -46.47 24.15
CA ILE A 125 -2.20 -45.53 25.27
C ILE A 125 -0.96 -44.66 25.19
N MET A 126 -0.84 -43.72 26.12
CA MET A 126 0.25 -42.76 26.15
C MET A 126 0.60 -42.51 27.60
N VAL A 127 1.89 -42.57 27.91
CA VAL A 127 2.40 -42.21 29.24
C VAL A 127 3.67 -41.40 29.05
N ALA A 128 3.54 -40.08 29.13
CA ALA A 128 4.64 -39.16 28.84
C ALA A 128 5.19 -38.58 30.13
N PRO A 129 6.41 -38.93 30.55
CA PRO A 129 7.01 -38.18 31.65
C PRO A 129 7.28 -36.73 31.28
N ARG A 130 6.55 -35.81 31.93
CA ARG A 130 6.83 -34.38 31.83
C ARG A 130 7.81 -34.04 32.95
N MET A 131 9.07 -34.36 32.70
CA MET A 131 10.11 -34.23 33.72
C MET A 131 11.45 -34.23 32.99
N VAL A 132 12.50 -33.86 33.73
CA VAL A 132 13.84 -33.78 33.16
C VAL A 132 14.33 -35.14 32.66
N GLY A 133 13.77 -36.22 33.19
CA GLY A 133 14.14 -37.57 32.77
C GLY A 133 15.22 -38.20 33.63
N GLU A 134 16.30 -37.44 33.86
CA GLU A 134 17.41 -37.97 34.65
C GLU A 134 17.17 -37.80 36.14
N GLY A 135 16.64 -36.65 36.56
CA GLY A 135 16.36 -36.38 37.95
C GLY A 135 15.33 -37.30 38.57
N ILE A 136 14.58 -38.04 37.75
CA ILE A 136 13.58 -38.98 38.28
C ILE A 136 14.27 -40.04 39.13
N MET A 137 15.44 -40.49 38.70
CA MET A 137 16.23 -41.40 39.53
C MET A 137 16.73 -40.68 40.78
N ASP A 138 17.09 -39.40 40.65
CA ASP A 138 17.40 -38.59 41.81
C ASP A 138 16.18 -38.34 42.68
N LEU A 139 14.96 -38.61 42.17
CA LEU A 139 13.72 -38.44 42.88
C LEU A 139 13.13 -39.74 43.41
N HIS A 140 13.44 -40.88 42.80
CA HIS A 140 12.96 -42.15 43.35
C HIS A 140 13.74 -42.56 44.59
N LYS A 141 15.00 -42.12 44.71
CA LYS A 141 15.72 -42.24 45.98
C LYS A 141 15.25 -41.23 47.01
N GLN A 142 14.30 -40.35 46.66
CA GLN A 142 13.66 -39.44 47.60
C GLN A 142 12.29 -39.97 48.03
N GLY A 143 11.47 -40.37 47.06
CA GLY A 143 10.14 -40.90 47.30
C GLY A 143 9.00 -40.02 46.82
N LYS A 144 9.29 -38.86 46.23
CA LYS A 144 8.28 -37.95 45.69
C LYS A 144 8.18 -38.17 44.18
N GLY A 145 6.96 -38.37 43.69
CA GLY A 145 6.77 -38.70 42.30
C GLY A 145 6.90 -37.51 41.36
N TYR A 146 6.10 -37.48 40.28
CA TYR A 146 6.23 -36.46 39.26
C TYR A 146 5.03 -36.47 38.32
N PRO A 147 4.86 -35.48 37.46
CA PRO A 147 3.70 -35.46 36.56
C PRO A 147 3.85 -36.41 35.38
N VAL A 148 2.71 -36.79 34.82
CA VAL A 148 2.65 -37.55 33.57
C VAL A 148 1.48 -37.02 32.75
N LEU A 149 1.32 -37.60 31.56
CA LEU A 149 0.18 -37.36 30.69
C LEU A 149 -0.41 -38.69 30.27
N LEU A 150 -1.70 -38.67 29.93
CA LEU A 150 -2.43 -39.88 29.59
C LEU A 150 -3.32 -39.61 28.39
N GLY A 151 -3.60 -40.66 27.64
CA GLY A 151 -4.40 -40.52 26.44
C GLY A 151 -4.72 -41.88 25.85
N VAL A 152 -5.64 -41.86 24.89
CA VAL A 152 -6.12 -43.07 24.22
C VAL A 152 -6.31 -42.75 22.75
N LYS A 153 -5.91 -43.68 21.89
CA LYS A 153 -6.20 -43.64 20.47
C LYS A 153 -7.29 -44.64 20.09
N GLN A 154 -7.29 -45.83 20.71
CA GLN A 154 -8.32 -46.82 20.45
C GLN A 154 -8.48 -47.70 21.68
N ASP A 155 -9.72 -48.12 21.93
CA ASP A 155 -10.05 -49.00 23.05
C ASP A 155 -10.99 -50.08 22.53
N ALA A 156 -10.57 -51.34 22.65
CA ALA A 156 -11.39 -52.49 22.31
C ALA A 156 -11.36 -53.53 23.43
N SER A 157 -11.28 -53.04 24.67
CA SER A 157 -11.33 -53.88 25.85
C SER A 157 -12.21 -53.32 26.95
N GLY A 158 -12.71 -52.08 26.81
CA GLY A 158 -13.38 -51.40 27.89
C GLY A 158 -12.49 -51.01 29.05
N LYS A 159 -11.18 -51.25 28.98
CA LYS A 159 -10.26 -50.98 30.07
C LYS A 159 -8.98 -50.35 29.54
N ALA A 160 -9.13 -49.41 28.61
CA ALA A 160 -7.98 -48.63 28.19
C ALA A 160 -7.51 -47.67 29.28
N TRP A 161 -8.39 -47.37 30.24
CA TRP A 161 -8.06 -46.40 31.28
C TRP A 161 -7.60 -47.07 32.56
N ASP A 162 -8.20 -48.20 32.93
CA ASP A 162 -7.75 -48.92 34.12
C ASP A 162 -6.36 -49.50 33.93
N TYR A 163 -5.87 -49.59 32.69
CA TYR A 163 -4.46 -49.87 32.44
C TYR A 163 -3.64 -48.61 32.58
N ALA A 164 -3.99 -47.57 31.82
CA ALA A 164 -3.20 -46.35 31.75
C ALA A 164 -3.11 -45.67 33.12
N LYS A 165 -4.25 -45.54 33.80
CA LYS A 165 -4.24 -45.00 35.16
C LYS A 165 -3.38 -45.85 36.08
N ALA A 166 -3.28 -47.14 35.80
CA ALA A 166 -2.57 -48.05 36.71
C ALA A 166 -1.08 -48.12 36.39
N ILE A 167 -0.69 -47.89 35.13
CA ILE A 167 0.73 -47.90 34.79
C ILE A 167 1.47 -46.81 35.53
N ALA A 168 0.92 -45.59 35.52
CA ALA A 168 1.61 -44.44 36.08
C ALA A 168 1.97 -44.62 37.54
N LYS A 169 1.20 -45.41 38.29
CA LYS A 169 1.58 -45.71 39.66
C LYS A 169 2.84 -46.56 39.72
N GLY A 170 3.13 -47.31 38.66
CA GLY A 170 4.26 -48.21 38.65
C GLY A 170 5.56 -47.64 38.15
N ILE A 171 5.57 -46.38 37.70
CA ILE A 171 6.78 -45.73 37.21
C ILE A 171 7.10 -44.54 38.09
N GLY A 172 6.75 -44.62 39.37
CA GLY A 172 7.15 -43.61 40.33
C GLY A 172 6.53 -42.25 40.11
N ALA A 173 5.36 -42.20 39.48
CA ALA A 173 4.68 -40.95 39.19
C ALA A 173 3.53 -40.66 40.15
N ILE A 174 2.84 -41.68 40.63
CA ILE A 174 1.73 -41.51 41.57
C ILE A 174 1.68 -42.71 42.50
N PRO A 175 1.00 -42.58 43.65
CA PRO A 175 0.52 -41.35 44.30
C PRO A 175 1.68 -40.54 44.88
N GLY A 176 1.58 -39.22 44.75
CA GLY A 176 2.60 -38.31 45.23
C GLY A 176 2.83 -37.18 44.25
N GLY A 177 2.63 -37.47 42.97
CA GLY A 177 2.54 -36.46 41.94
C GLY A 177 1.11 -36.29 41.51
N ILE A 178 0.91 -36.05 40.22
CA ILE A 178 -0.41 -36.12 39.60
C ILE A 178 -0.27 -36.72 38.21
N ALA A 179 -1.41 -36.89 37.55
CA ALA A 179 -1.47 -37.36 36.17
C ALA A 179 -2.59 -36.59 35.50
N VAL A 180 -2.35 -36.16 34.26
CA VAL A 180 -3.27 -35.31 33.54
C VAL A 180 -3.78 -36.06 32.32
N ILE A 181 -5.01 -35.76 31.94
CA ILE A 181 -5.73 -36.52 30.91
C ILE A 181 -5.75 -35.68 29.64
N SER A 182 -5.22 -36.25 28.56
CA SER A 182 -5.08 -35.54 27.30
C SER A 182 -5.21 -36.59 26.19
N SER A 183 -4.77 -36.23 24.99
CA SER A 183 -4.77 -37.11 23.84
C SER A 183 -3.36 -37.22 23.28
N PHE A 184 -3.23 -37.93 22.16
CA PHE A 184 -1.99 -37.88 21.39
C PHE A 184 -1.89 -36.59 20.62
N GLU A 185 -3.03 -36.11 20.10
CA GLU A 185 -3.03 -34.91 19.27
C GLU A 185 -2.58 -33.69 20.05
N GLU A 186 -2.92 -33.63 21.34
CA GLU A 186 -2.44 -32.58 22.21
C GLU A 186 -1.04 -32.86 22.74
N GLU A 187 -0.65 -34.13 22.84
CA GLU A 187 0.69 -34.46 23.31
C GLU A 187 1.75 -33.92 22.37
N ALA A 188 1.57 -34.14 21.06
CA ALA A 188 2.59 -33.75 20.10
C ALA A 188 2.64 -32.24 19.92
N LEU A 189 1.51 -31.56 20.06
CA LEU A 189 1.51 -30.11 19.87
C LEU A 189 2.28 -29.40 20.97
N LEU A 190 1.92 -29.67 22.22
CA LEU A 190 2.61 -29.02 23.33
C LEU A 190 4.09 -29.45 23.37
N ASP A 191 4.37 -30.67 22.96
CA ASP A 191 5.74 -31.17 22.90
C ASP A 191 6.44 -30.78 21.60
N LEU A 192 5.82 -29.92 20.78
CA LEU A 192 6.43 -29.35 19.59
C LEU A 192 6.36 -27.83 19.57
N MET A 193 5.28 -27.24 20.10
CA MET A 193 5.17 -25.80 20.18
C MET A 193 6.21 -25.17 21.09
N SER A 194 6.86 -25.97 21.94
CA SER A 194 7.95 -25.45 22.75
C SER A 194 9.26 -25.46 21.97
N GLU A 195 9.44 -26.46 21.10
CA GLU A 195 10.65 -26.59 20.29
C GLU A 195 10.54 -25.84 18.97
N HIS A 196 9.60 -24.91 18.85
CA HIS A 196 9.42 -24.11 17.65
C HIS A 196 9.26 -22.63 17.93
N THR A 197 8.76 -22.25 19.11
CA THR A 197 8.20 -20.93 19.33
C THR A 197 8.98 -20.11 20.35
N TRP A 198 9.18 -20.61 21.57
CA TRP A 198 9.89 -19.87 22.60
C TRP A 198 11.32 -20.34 22.83
N VAL A 199 11.71 -21.47 22.25
CA VAL A 199 13.10 -21.90 22.26
C VAL A 199 13.90 -21.07 21.26
N PRO A 200 13.56 -21.06 19.97
CA PRO A 200 14.42 -20.35 19.01
C PRO A 200 14.36 -18.85 19.14
N ILE A 201 13.19 -18.30 19.42
CA ILE A 201 13.05 -16.86 19.61
C ILE A 201 13.88 -16.38 20.79
N LEU A 202 14.19 -17.26 21.74
CA LEU A 202 15.18 -16.93 22.76
C LEU A 202 16.57 -16.90 22.15
N PHE A 203 16.98 -17.98 21.49
CA PHE A 203 18.29 -18.03 20.85
C PHE A 203 18.38 -17.05 19.69
N GLY A 204 17.24 -16.63 19.14
CA GLY A 204 17.26 -15.68 18.05
C GLY A 204 17.42 -14.24 18.48
N ALA A 205 17.23 -13.95 19.77
CA ALA A 205 17.38 -12.61 20.29
C ALA A 205 18.78 -12.36 20.80
N ILE A 206 19.33 -13.32 21.54
CA ILE A 206 20.72 -13.22 21.98
C ILE A 206 21.65 -13.08 20.78
N LYS A 207 21.36 -13.82 19.71
CA LYS A 207 22.13 -13.69 18.47
C LYS A 207 22.04 -12.28 17.90
N ALA A 208 20.95 -11.57 18.19
CA ALA A 208 20.71 -10.23 17.69
C ALA A 208 20.85 -9.15 18.75
N CYS A 209 20.99 -9.53 20.03
CA CYS A 209 21.46 -8.60 21.04
C CYS A 209 22.98 -8.58 21.13
N TYR A 210 23.65 -9.55 20.50
CA TYR A 210 25.10 -9.55 20.34
C TYR A 210 25.49 -8.88 19.03
N ASP A 211 24.83 -9.26 17.94
CA ASP A 211 25.15 -8.70 16.63
C ASP A 211 24.84 -7.22 16.51
N ILE A 212 24.14 -6.64 17.48
CA ILE A 212 23.80 -5.22 17.48
C ILE A 212 24.73 -4.50 18.44
N ALA A 213 25.13 -5.17 19.51
CA ALA A 213 25.98 -4.53 20.50
C ALA A 213 27.42 -4.44 20.03
N VAL A 214 27.89 -5.44 19.29
CA VAL A 214 29.28 -5.48 18.84
C VAL A 214 29.45 -4.67 17.56
N LYS A 215 28.72 -5.05 16.52
CA LYS A 215 28.98 -4.58 15.17
C LYS A 215 28.42 -3.19 14.88
N GLU A 216 27.62 -2.61 15.79
CA GLU A 216 26.94 -1.35 15.53
C GLU A 216 27.11 -0.34 16.66
N TYR A 217 27.35 -0.81 17.88
CA TYR A 217 27.38 0.06 19.07
C TYR A 217 28.70 -0.02 19.82
N GLY A 218 29.73 -0.64 19.26
CA GLY A 218 31.06 -0.55 19.82
C GLY A 218 31.22 -1.13 21.21
N VAL A 219 31.13 -2.45 21.32
CA VAL A 219 31.17 -3.14 22.60
C VAL A 219 32.24 -4.22 22.54
N SER A 220 32.85 -4.48 23.70
CA SER A 220 33.80 -5.57 23.81
C SER A 220 33.09 -6.91 23.71
N PRO A 221 33.49 -7.82 22.82
CA PRO A 221 32.81 -9.12 22.77
C PRO A 221 32.88 -9.91 24.06
N GLU A 222 33.98 -9.82 24.80
CA GLU A 222 34.11 -10.61 26.01
C GLU A 222 33.12 -10.20 27.09
N ALA A 223 32.59 -8.98 27.04
CA ALA A 223 31.60 -8.52 28.00
C ALA A 223 30.17 -8.80 27.58
N ALA A 224 29.91 -8.79 26.26
CA ALA A 224 28.55 -8.98 25.78
C ALA A 224 28.01 -10.35 26.17
N LEU A 225 28.87 -11.36 26.23
CA LEU A 225 28.43 -12.70 26.59
C LEU A 225 28.27 -12.86 28.09
N LEU A 226 29.10 -12.16 28.88
CA LEU A 226 29.06 -12.31 30.32
C LEU A 226 27.75 -11.81 30.92
N GLU A 227 27.01 -10.97 30.20
CA GLU A 227 25.74 -10.45 30.67
C GLU A 227 24.56 -11.29 30.20
N PHE A 228 24.65 -11.87 29.01
CA PHE A 228 23.52 -12.61 28.46
C PHE A 228 23.44 -14.02 29.03
N TYR A 229 24.44 -14.86 28.73
CA TYR A 229 24.33 -16.29 28.99
C TYR A 229 25.63 -16.98 29.39
N ALA A 230 26.71 -16.25 29.64
CA ALA A 230 27.88 -16.87 30.26
C ALA A 230 27.68 -17.08 31.75
N SER A 231 26.66 -16.45 32.35
CA SER A 231 26.38 -16.55 33.77
C SER A 231 25.20 -17.48 34.01
N GLY A 232 25.07 -17.92 35.26
CA GLY A 232 23.96 -18.73 35.68
C GLY A 232 22.69 -17.97 35.99
N GLU A 233 22.60 -16.69 35.60
CA GLU A 233 21.43 -15.89 35.92
C GLU A 233 20.16 -16.46 35.31
N LEU A 234 20.27 -17.21 34.20
CA LEU A 234 19.10 -17.85 33.64
C LEU A 234 18.57 -18.91 34.59
N ALA A 235 19.46 -19.66 35.25
CA ALA A 235 19.04 -20.62 36.25
C ALA A 235 18.38 -19.93 37.42
N GLU A 236 18.79 -18.69 37.74
CA GLU A 236 18.12 -17.92 38.77
C GLU A 236 16.82 -17.31 38.29
N ILE A 237 16.51 -17.42 37.00
CA ILE A 237 15.18 -17.12 36.48
C ILE A 237 14.36 -18.40 36.32
N ALA A 238 15.01 -19.53 36.07
CA ALA A 238 14.32 -20.79 35.87
C ALA A 238 14.01 -21.50 37.17
N ARG A 239 14.97 -21.52 38.11
CA ARG A 239 14.71 -22.12 39.41
C ARG A 239 13.61 -21.37 40.15
N LEU A 240 13.57 -20.05 40.02
CA LEU A 240 12.56 -19.26 40.73
C LEU A 240 11.21 -19.36 40.02
N ILE A 241 11.21 -19.42 38.69
CA ILE A 241 9.96 -19.59 37.95
C ILE A 241 9.33 -20.94 38.29
N ALA A 242 10.16 -21.95 38.60
CA ALA A 242 9.64 -23.26 38.94
C ALA A 242 9.13 -23.33 40.37
N GLU A 243 9.68 -22.50 41.27
CA GLU A 243 9.36 -22.55 42.68
C GLU A 243 8.28 -21.55 43.11
N GLU A 244 8.24 -20.38 42.48
CA GLU A 244 7.47 -19.25 42.99
C GLU A 244 6.27 -18.89 42.13
N GLY A 245 6.49 -18.70 40.84
CA GLY A 245 5.45 -18.20 39.95
C GLY A 245 6.03 -17.30 38.89
N ILE A 246 5.62 -17.52 37.64
CA ILE A 246 6.20 -16.82 36.51
C ILE A 246 5.95 -15.32 36.54
N PHE A 247 5.00 -14.85 37.36
CA PHE A 247 4.80 -13.44 37.63
C PHE A 247 4.95 -13.15 39.12
N ASN A 248 5.77 -13.93 39.81
CA ASN A 248 6.07 -13.73 41.22
C ASN A 248 7.54 -13.87 41.55
N GLN A 249 8.39 -14.19 40.57
CA GLN A 249 9.83 -14.17 40.75
C GLN A 249 10.42 -12.77 40.62
N MET A 250 9.60 -11.77 40.34
CA MET A 250 10.07 -10.44 39.96
C MET A 250 10.17 -9.49 41.13
N VAL A 251 9.51 -9.78 42.25
CA VAL A 251 9.69 -8.99 43.45
C VAL A 251 11.13 -9.07 43.92
N HIS A 252 11.79 -10.20 43.67
CA HIS A 252 13.17 -10.38 44.12
C HIS A 252 14.11 -9.45 43.39
N HIS A 253 13.81 -9.10 42.14
CA HIS A 253 14.54 -8.07 41.41
C HIS A 253 14.06 -6.69 41.85
N SER A 254 14.51 -5.66 41.13
CA SER A 254 14.15 -4.28 41.40
C SER A 254 13.14 -3.78 40.37
N THR A 255 12.58 -2.60 40.64
CA THR A 255 11.54 -2.05 39.77
C THR A 255 12.08 -1.73 38.38
N THR A 256 13.30 -1.21 38.29
CA THR A 256 13.90 -0.94 36.99
C THR A 256 14.05 -2.21 36.16
N SER A 257 14.14 -3.37 36.80
CA SER A 257 14.10 -4.65 36.10
C SER A 257 12.67 -5.10 35.83
N GLN A 258 11.71 -4.62 36.62
CA GLN A 258 10.31 -4.97 36.42
C GLN A 258 9.63 -4.08 35.39
N TYR A 259 9.87 -2.77 35.48
CA TYR A 259 9.10 -1.83 34.67
C TYR A 259 9.42 -1.99 33.20
N GLY A 260 10.70 -2.12 32.85
CA GLY A 260 11.05 -2.33 31.46
C GLY A 260 10.52 -3.63 30.90
N THR A 261 10.41 -4.64 31.75
CA THR A 261 9.88 -5.93 31.33
C THR A 261 8.42 -5.83 30.95
N LEU A 262 7.59 -5.39 31.90
CA LEU A 262 6.14 -5.43 31.72
C LEU A 262 5.67 -4.47 30.64
N THR A 263 6.27 -3.28 30.56
CA THR A 263 5.91 -2.35 29.51
C THR A 263 6.20 -2.88 28.12
N ARG A 264 7.10 -3.85 27.99
CA ARG A 264 7.49 -4.43 26.72
C ARG A 264 6.96 -5.83 26.52
N MET A 265 6.43 -6.47 27.57
CA MET A 265 5.81 -7.77 27.40
C MET A 265 4.45 -7.65 26.73
N PHE A 266 3.71 -6.61 27.06
CA PHE A 266 2.42 -6.33 26.43
C PHE A 266 2.54 -5.54 25.14
N LYS A 267 3.70 -4.93 24.90
CA LYS A 267 3.93 -4.25 23.63
C LYS A 267 4.27 -5.20 22.50
N TYR A 268 4.60 -6.46 22.83
CA TYR A 268 5.01 -7.45 21.84
C TYR A 268 4.21 -8.75 21.94
N TYR A 269 3.22 -8.80 22.83
CA TYR A 269 2.29 -9.93 22.86
C TYR A 269 1.51 -10.05 21.56
N ASP A 270 1.35 -8.96 20.81
CA ASP A 270 0.62 -8.96 19.56
C ASP A 270 1.50 -9.22 18.35
N VAL A 271 2.73 -9.71 18.55
CA VAL A 271 3.61 -10.12 17.47
C VAL A 271 4.03 -11.58 17.61
N VAL A 272 4.41 -12.00 18.81
CA VAL A 272 4.68 -13.41 19.04
C VAL A 272 3.39 -14.22 18.99
N ARG A 273 2.23 -13.57 19.13
CA ARG A 273 0.96 -14.22 18.84
C ARG A 273 0.89 -14.65 17.38
N ARG A 274 1.20 -13.72 16.48
CA ARG A 274 1.13 -14.02 15.05
C ARG A 274 2.21 -15.01 14.65
N ILE A 275 3.36 -14.99 15.34
CA ILE A 275 4.41 -15.98 15.07
C ILE A 275 3.92 -17.37 15.44
N VAL A 276 3.15 -17.47 16.51
CA VAL A 276 2.76 -18.77 17.05
C VAL A 276 1.51 -19.31 16.34
N GLU A 277 0.56 -18.44 16.03
CA GLU A 277 -0.61 -18.84 15.27
C GLU A 277 -0.22 -19.51 13.95
N ASN A 278 0.79 -18.96 13.27
CA ASN A 278 1.26 -19.56 12.03
C ASN A 278 2.00 -20.86 12.30
N GLU A 279 2.67 -20.95 13.46
CA GLU A 279 3.48 -22.13 13.74
C GLU A 279 2.66 -23.29 14.30
N ALA A 280 1.44 -23.01 14.78
CA ALA A 280 0.57 -24.08 15.27
C ALA A 280 -0.32 -24.63 14.16
N LYS A 281 -0.78 -23.74 13.27
CA LYS A 281 -1.49 -24.20 12.08
C LYS A 281 -0.60 -25.02 11.18
N TYR A 282 0.71 -24.78 11.22
CA TYR A 282 1.69 -25.55 10.45
C TYR A 282 2.01 -26.89 11.10
N ILE A 283 1.38 -27.23 12.22
CA ILE A 283 1.60 -28.49 12.91
C ILE A 283 0.29 -29.25 13.06
N TRP A 284 -0.79 -28.55 13.40
CA TRP A 284 -2.10 -29.17 13.51
C TRP A 284 -2.52 -29.85 12.22
N ASP A 285 -2.12 -29.29 11.08
CA ASP A 285 -2.43 -29.85 9.77
C ASP A 285 -1.43 -30.92 9.33
N GLY A 286 -0.50 -31.30 10.19
CA GLY A 286 0.48 -32.30 9.81
C GLY A 286 1.45 -31.87 8.74
N SER A 287 1.58 -30.57 8.49
CA SER A 287 2.52 -30.06 7.52
C SER A 287 3.94 -29.95 8.06
N PHE A 288 4.25 -30.58 9.19
CA PHE A 288 5.60 -30.68 9.70
C PHE A 288 6.18 -32.07 9.52
N ALA A 289 5.36 -33.10 9.68
CA ALA A 289 5.83 -34.46 9.43
C ALA A 289 6.21 -34.62 7.97
N LYS A 290 5.45 -34.01 7.07
CA LYS A 290 5.84 -33.99 5.66
C LYS A 290 7.16 -33.26 5.46
N GLU A 291 7.47 -32.30 6.34
CA GLU A 291 8.73 -31.57 6.24
C GLU A 291 9.87 -32.35 6.89
N TRP A 292 9.57 -33.10 7.95
CA TRP A 292 10.61 -33.84 8.68
C TRP A 292 10.79 -35.25 8.16
N SER A 293 9.74 -35.88 7.61
CA SER A 293 9.86 -37.22 7.07
C SER A 293 10.57 -37.23 5.71
N LEU A 294 10.59 -36.09 5.02
CA LEU A 294 11.29 -36.00 3.76
C LEU A 294 12.78 -35.75 3.97
N GLU A 295 13.12 -35.02 5.03
CA GLU A 295 14.53 -34.75 5.32
C GLU A 295 15.30 -36.04 5.59
N GLN A 296 14.68 -36.98 6.31
CA GLN A 296 15.32 -38.26 6.54
C GLN A 296 15.57 -39.01 5.24
N GLN A 297 14.73 -38.77 4.24
CA GLN A 297 14.80 -39.50 2.98
C GLN A 297 15.84 -38.95 2.03
N ALA A 298 16.23 -37.69 2.18
CA ALA A 298 17.15 -37.05 1.25
C ALA A 298 18.61 -37.23 1.62
N GLY A 299 18.91 -37.33 2.92
CA GLY A 299 20.29 -37.48 3.38
C GLY A 299 20.67 -36.52 4.48
N TYR A 300 19.69 -35.88 5.10
CA TYR A 300 19.92 -34.80 6.06
C TYR A 300 20.78 -33.69 5.46
N PRO A 301 20.34 -33.05 4.38
CA PRO A 301 21.16 -32.02 3.73
C PRO A 301 21.11 -30.66 4.42
N VAL A 302 19.94 -30.27 4.93
CA VAL A 302 19.80 -28.96 5.54
C VAL A 302 20.26 -28.98 6.99
N PHE A 303 19.91 -30.05 7.71
CA PHE A 303 20.33 -30.20 9.10
C PHE A 303 21.85 -30.22 9.24
N TYR A 304 22.56 -30.61 8.18
CA TYR A 304 24.02 -30.57 8.21
C TYR A 304 24.54 -29.15 8.03
N ARG A 305 23.89 -28.37 7.16
CA ARG A 305 24.40 -27.04 6.86
C ARG A 305 24.16 -26.09 8.02
N LEU A 306 22.94 -26.07 8.54
CA LEU A 306 22.58 -25.10 9.56
C LEU A 306 23.34 -25.32 10.87
N TRP A 307 23.89 -26.52 11.08
CA TRP A 307 24.85 -26.69 12.17
C TRP A 307 26.13 -25.90 11.88
N GLU A 308 26.58 -25.91 10.62
CA GLU A 308 27.85 -25.30 10.28
C GLU A 308 27.79 -23.79 10.22
N LEU A 309 26.60 -23.20 10.19
CA LEU A 309 26.46 -21.75 10.30
C LEU A 309 26.45 -21.31 11.75
N ALA A 310 25.75 -22.05 12.61
CA ALA A 310 25.75 -21.75 14.04
C ALA A 310 27.14 -21.93 14.63
N THR A 311 27.77 -23.06 14.35
CA THR A 311 29.05 -23.41 14.94
C THR A 311 30.24 -22.78 14.24
N GLN A 312 30.00 -21.85 13.31
CA GLN A 312 31.07 -21.07 12.68
C GLN A 312 30.68 -19.60 12.57
N SER A 313 29.76 -19.14 13.41
CA SER A 313 29.24 -17.78 13.33
C SER A 313 30.23 -16.81 13.97
N GLU A 314 29.79 -15.57 14.16
CA GLU A 314 30.60 -14.56 14.83
C GLU A 314 30.47 -14.64 16.34
N MET A 315 29.39 -15.26 16.84
CA MET A 315 29.13 -15.34 18.27
C MET A 315 29.84 -16.52 18.90
N ALA A 316 29.65 -17.72 18.34
CA ALA A 316 30.26 -18.91 18.93
C ALA A 316 31.78 -18.87 18.84
N LYS A 317 32.31 -18.29 17.77
CA LYS A 317 33.75 -18.12 17.62
C LYS A 317 34.35 -17.42 18.84
N ALA A 318 33.85 -16.24 19.16
CA ALA A 318 34.32 -15.48 20.31
C ALA A 318 33.76 -15.97 21.63
N GLU A 319 32.90 -16.98 21.62
CA GLU A 319 32.44 -17.64 22.83
C GLU A 319 33.32 -18.83 23.19
N LYS A 320 33.69 -19.62 22.18
CA LYS A 320 34.50 -20.81 22.41
C LYS A 320 35.85 -20.47 23.02
N GLU A 321 36.34 -19.24 22.80
CA GLU A 321 37.61 -18.80 23.35
C GLU A 321 37.46 -18.28 24.78
N LEU A 322 36.33 -17.64 25.09
CA LEU A 322 36.15 -17.12 26.44
C LEU A 322 36.06 -18.24 27.46
N TYR A 323 35.50 -19.39 27.08
CA TYR A 323 35.50 -20.54 27.97
C TYR A 323 36.91 -21.07 28.18
N LYS A 324 37.73 -21.02 27.13
CA LYS A 324 39.15 -21.33 27.27
C LYS A 324 39.84 -20.33 28.19
N LEU A 325 39.33 -19.10 28.24
CA LEU A 325 39.83 -18.07 29.15
C LEU A 325 39.17 -18.12 30.53
N LEU A 326 38.29 -19.09 30.78
CA LEU A 326 37.74 -19.33 32.11
C LEU A 326 38.24 -20.65 32.67
N GLY A 327 38.04 -21.74 31.92
CA GLY A 327 38.40 -23.08 32.36
C GLY A 327 37.22 -24.06 32.33
N ARG A 328 36.16 -23.70 31.62
CA ARG A 328 35.00 -24.57 31.48
C ARG A 328 35.29 -25.60 30.39
N LYS A 329 34.28 -26.38 30.00
CA LYS A 329 34.46 -27.36 28.94
C LYS A 329 34.66 -26.64 27.61
N VAL A 330 35.91 -26.52 27.17
CA VAL A 330 36.16 -26.14 25.78
C VAL A 330 35.62 -27.27 24.91
N LYS A 331 35.22 -26.92 23.69
CA LYS A 331 34.48 -27.85 22.83
C LYS A 331 35.29 -29.11 22.57
N ASN A 332 34.62 -30.26 22.66
CA ASN A 332 35.27 -31.56 22.54
C ASN A 332 35.98 -31.73 21.20
N LYS B 3 42.06 -5.51 26.79
CA LYS B 3 41.42 -6.70 26.24
C LYS B 3 40.91 -7.59 27.35
N THR B 4 41.85 -8.23 28.05
CA THR B 4 41.55 -9.25 29.05
C THR B 4 42.45 -9.02 30.26
N VAL B 5 41.85 -8.72 31.40
CA VAL B 5 42.56 -8.50 32.65
C VAL B 5 42.45 -9.75 33.51
N LEU B 6 43.53 -10.10 34.19
CA LEU B 6 43.60 -11.31 35.01
C LEU B 6 44.18 -11.11 36.38
N ASP B 7 44.82 -9.97 36.68
CA ASP B 7 45.52 -9.79 37.95
C ASP B 7 45.98 -8.35 38.04
N ALA B 8 46.18 -7.89 39.27
CA ALA B 8 46.77 -6.59 39.55
C ALA B 8 47.12 -6.55 41.04
N ASN B 9 47.76 -5.48 41.46
CA ASN B 9 48.22 -5.34 42.83
C ASN B 9 47.04 -5.11 43.77
N LEU B 10 47.37 -4.95 45.05
CA LEU B 10 46.41 -4.55 46.07
C LEU B 10 46.91 -3.44 46.98
N ASP B 11 48.17 -3.04 46.86
CA ASP B 11 48.77 -1.97 47.65
C ASP B 11 48.18 -0.57 47.42
N PRO B 12 47.68 -0.21 46.23
CA PRO B 12 47.11 1.14 46.08
C PRO B 12 45.93 1.42 47.00
N LEU B 13 45.29 0.38 47.53
CA LEU B 13 44.20 0.51 48.48
C LEU B 13 44.64 0.29 49.92
N LYS B 14 45.65 -0.53 50.15
CA LYS B 14 46.28 -0.58 51.45
C LYS B 14 46.90 0.77 51.78
N GLY B 15 46.98 1.07 53.07
CA GLY B 15 47.33 2.41 53.49
C GLY B 15 46.22 3.42 53.29
N LYS B 16 45.00 2.95 53.04
CA LYS B 16 43.85 3.82 52.83
C LYS B 16 42.60 3.15 53.36
N THR B 17 41.66 3.98 53.81
CA THR B 17 40.36 3.51 54.27
C THR B 17 39.40 3.32 53.10
N ILE B 18 38.54 2.31 53.21
CA ILE B 18 37.48 2.05 52.25
C ILE B 18 36.16 2.27 52.98
N GLY B 19 35.23 2.98 52.31
CA GLY B 19 33.90 3.21 52.88
C GLY B 19 32.80 2.44 52.21
N VAL B 20 32.36 1.35 52.82
CA VAL B 20 31.24 0.59 52.26
C VAL B 20 29.96 1.36 52.55
N ILE B 21 29.19 1.61 51.50
CA ILE B 21 27.88 2.23 51.60
C ILE B 21 26.85 1.21 51.16
N GLY B 22 25.75 1.15 51.89
CA GLY B 22 24.73 0.15 51.62
C GLY B 22 25.13 -1.20 52.15
N TYR B 23 24.14 -1.91 52.68
CA TYR B 23 24.32 -3.25 53.24
C TYR B 23 23.19 -4.14 52.75
N GLY B 24 22.85 -4.03 51.48
CA GLY B 24 21.77 -4.80 50.90
C GLY B 24 22.17 -6.23 50.71
N ASN B 25 21.56 -6.86 49.70
CA ASN B 25 21.93 -8.22 49.35
C ASN B 25 23.18 -8.28 48.47
N GLN B 26 23.81 -7.14 48.21
CA GLN B 26 25.10 -7.05 47.54
C GLN B 26 26.14 -6.34 48.40
N GLY B 27 25.69 -5.50 49.32
CA GLY B 27 26.62 -4.81 50.21
C GLY B 27 27.41 -5.76 51.09
N ARG B 28 26.72 -6.71 51.72
CA ARG B 28 27.38 -7.63 52.64
C ARG B 28 28.46 -8.46 51.95
N VAL B 29 28.32 -8.69 50.65
CA VAL B 29 29.19 -9.65 49.98
C VAL B 29 30.57 -9.05 49.74
N GLN B 30 30.61 -7.91 49.05
CA GLN B 30 31.87 -7.19 48.88
C GLN B 30 32.39 -6.66 50.21
N ALA B 31 31.51 -6.48 51.20
CA ALA B 31 31.95 -6.03 52.52
C ALA B 31 32.75 -7.10 53.23
N THR B 32 32.14 -8.27 53.43
CA THR B 32 32.76 -9.33 54.21
C THR B 32 34.03 -9.84 53.56
N ILE B 33 34.01 -9.99 52.23
CA ILE B 33 35.19 -10.51 51.53
C ILE B 33 36.38 -9.59 51.72
N MET B 34 36.14 -8.28 51.87
CA MET B 34 37.24 -7.35 52.10
C MET B 34 37.68 -7.34 53.55
N ARG B 35 36.79 -7.69 54.48
CA ARG B 35 37.20 -7.86 55.87
C ARG B 35 37.87 -9.21 56.09
N GLU B 36 37.42 -10.23 55.37
CA GLU B 36 38.12 -11.51 55.39
C GLU B 36 39.51 -11.40 54.79
N ASN B 37 39.77 -10.37 53.99
CA ASN B 37 41.10 -10.09 53.45
C ASN B 37 41.88 -9.11 54.32
N GLY B 38 41.40 -8.82 55.52
CA GLY B 38 42.13 -7.97 56.45
C GLY B 38 42.33 -6.56 55.96
N LEU B 39 41.25 -5.79 55.89
CA LEU B 39 41.28 -4.43 55.35
C LEU B 39 40.44 -3.52 56.21
N ASN B 40 40.97 -2.34 56.53
CA ASN B 40 40.24 -1.36 57.32
C ASN B 40 39.11 -0.78 56.49
N VAL B 41 37.87 -1.17 56.80
CA VAL B 41 36.68 -0.74 56.08
C VAL B 41 35.61 -0.37 57.09
N ILE B 42 34.78 0.61 56.72
CA ILE B 42 33.63 1.03 57.52
C ILE B 42 32.37 0.83 56.67
N VAL B 43 31.23 0.88 57.35
CA VAL B 43 29.94 0.51 56.76
C VAL B 43 28.90 1.59 57.08
N GLY B 44 28.70 2.52 56.15
CA GLY B 44 27.73 3.58 56.35
C GLY B 44 26.36 3.17 55.84
N ASN B 45 25.33 3.54 56.62
CA ASN B 45 23.96 3.15 56.33
C ASN B 45 23.00 4.11 57.00
N VAL B 46 21.75 4.02 56.60
CA VAL B 46 20.64 4.41 57.45
C VAL B 46 20.34 3.23 58.39
N LYS B 47 19.83 3.53 59.57
CA LYS B 47 19.68 2.54 60.62
C LYS B 47 18.32 1.86 60.53
N ASP B 48 18.34 0.55 60.28
CA ASP B 48 17.14 -0.27 60.16
C ASP B 48 17.51 -1.67 60.64
N LYS B 49 16.70 -2.67 60.27
CA LYS B 49 17.02 -4.05 60.63
C LYS B 49 18.35 -4.49 60.02
N TYR B 50 18.75 -3.87 58.91
CA TYR B 50 20.04 -4.20 58.30
C TYR B 50 21.19 -3.64 59.14
N TYR B 51 20.97 -2.55 59.86
CA TYR B 51 22.00 -2.02 60.74
C TYR B 51 22.21 -2.95 61.94
N GLU B 52 21.14 -3.21 62.68
CA GLU B 52 21.21 -4.05 63.87
C GLU B 52 21.83 -5.40 63.55
N LEU B 53 21.43 -5.99 62.42
CA LEU B 53 22.21 -7.06 61.80
C LEU B 53 23.67 -6.64 61.64
N ALA B 54 23.90 -5.53 60.95
CA ALA B 54 25.26 -5.11 60.60
C ALA B 54 26.08 -4.67 61.81
N LYS B 55 25.45 -4.44 62.96
CA LYS B 55 26.18 -4.17 64.18
C LYS B 55 26.51 -5.45 64.94
N LYS B 56 25.73 -6.50 64.71
CA LYS B 56 26.03 -7.81 65.28
C LYS B 56 27.27 -8.45 64.65
N GLU B 57 27.76 -7.89 63.54
CA GLU B 57 28.89 -8.45 62.81
C GLU B 57 30.21 -7.74 63.09
N GLY B 58 30.22 -6.76 64.01
CA GLY B 58 31.44 -6.11 64.40
C GLY B 58 31.83 -4.91 63.55
N PHE B 59 31.20 -4.73 62.40
CA PHE B 59 31.53 -3.60 61.53
C PHE B 59 31.30 -2.28 62.26
N GLU B 60 32.06 -1.28 61.85
CA GLU B 60 31.90 0.08 62.37
C GLU B 60 30.89 0.80 61.50
N VAL B 61 29.76 1.17 62.08
CA VAL B 61 28.76 1.99 61.40
C VAL B 61 28.91 3.43 61.83
N TYR B 62 28.92 4.32 60.84
CA TYR B 62 28.74 5.74 61.03
C TYR B 62 27.59 6.16 60.13
N GLU B 63 27.09 7.38 60.32
CA GLU B 63 26.18 7.92 59.32
C GLU B 63 26.94 8.16 58.02
N ILE B 64 26.17 8.38 56.94
CA ILE B 64 26.71 8.36 55.59
C ILE B 64 27.73 9.47 55.43
N ASP B 65 27.30 10.72 55.64
CA ASP B 65 28.19 11.87 55.51
C ASP B 65 29.33 11.84 56.52
N GLU B 66 29.21 11.05 57.59
CA GLU B 66 30.36 10.82 58.46
C GLU B 66 31.26 9.74 57.90
N ALA B 67 30.67 8.74 57.25
CA ALA B 67 31.46 7.64 56.70
C ALA B 67 32.29 8.09 55.51
N VAL B 68 31.65 8.75 54.54
CA VAL B 68 32.34 9.11 53.31
C VAL B 68 33.38 10.20 53.58
N ARG B 69 33.24 10.94 54.67
CA ARG B 69 34.30 11.84 55.12
C ARG B 69 35.44 11.05 55.75
N ARG B 70 35.11 10.06 56.58
CA ARG B 70 36.14 9.27 57.25
C ARG B 70 37.01 8.52 56.26
N SER B 71 36.44 8.11 55.13
CA SER B 71 37.08 7.15 54.25
C SER B 71 37.81 7.88 53.11
N ASP B 72 38.46 7.09 52.26
CA ASP B 72 39.23 7.57 51.11
C ASP B 72 38.58 7.19 49.80
N VAL B 73 37.94 6.03 49.74
CA VAL B 73 37.12 5.61 48.60
C VAL B 73 35.89 4.92 49.16
N ALA B 74 34.89 4.74 48.31
CA ALA B 74 33.65 4.13 48.75
C ALA B 74 32.99 3.37 47.62
N LEU B 75 32.23 2.35 48.00
CA LEU B 75 31.52 1.47 47.08
C LEU B 75 30.03 1.73 47.30
N LEU B 76 29.47 2.59 46.46
CA LEU B 76 28.11 3.10 46.65
C LEU B 76 27.12 2.01 46.21
N LEU B 77 26.98 1.02 47.08
CA LEU B 77 26.16 -0.16 46.79
C LEU B 77 24.72 0.05 47.24
N ILE B 78 24.12 1.08 46.65
CA ILE B 78 22.69 1.35 46.78
C ILE B 78 22.09 1.27 45.39
N PRO B 79 20.77 1.13 45.28
CA PRO B 79 20.17 0.90 43.96
C PRO B 79 20.38 2.08 43.02
N ASP B 80 19.98 1.85 41.77
CA ASP B 80 20.00 2.90 40.76
C ASP B 80 18.78 3.83 40.86
N GLU B 81 17.91 3.63 41.84
CA GLU B 81 16.64 4.33 41.95
C GLU B 81 16.68 5.49 42.93
N VAL B 82 17.32 5.31 44.08
CA VAL B 82 17.39 6.34 45.12
C VAL B 82 18.84 6.69 45.42
N MET B 83 19.71 6.58 44.42
CA MET B 83 21.06 7.12 44.55
C MET B 83 21.08 8.61 44.27
N LYS B 84 20.17 9.09 43.42
CA LYS B 84 20.15 10.49 43.05
C LYS B 84 19.82 11.38 44.24
N GLU B 85 18.86 10.95 45.06
CA GLU B 85 18.48 11.74 46.22
C GLU B 85 19.62 11.84 47.23
N VAL B 86 20.39 10.78 47.39
CA VAL B 86 21.41 10.75 48.44
C VAL B 86 22.69 11.46 48.01
N TYR B 87 22.98 11.49 46.71
CA TYR B 87 24.10 12.29 46.22
C TYR B 87 23.74 13.77 46.22
N GLU B 88 22.53 14.11 45.79
CA GLU B 88 22.12 15.50 45.73
C GLU B 88 22.01 16.11 47.12
N LYS B 89 21.48 15.34 48.08
CA LYS B 89 21.15 15.92 49.38
C LYS B 89 22.33 15.86 50.34
N LYS B 90 22.88 14.67 50.57
CA LYS B 90 23.85 14.46 51.64
C LYS B 90 25.29 14.51 51.17
N ILE B 91 25.68 13.63 50.25
CA ILE B 91 27.10 13.39 50.00
C ILE B 91 27.73 14.57 49.27
N ALA B 92 27.24 14.87 48.08
CA ALA B 92 27.93 15.76 47.14
C ALA B 92 28.32 17.12 47.72
N PRO B 93 27.53 17.73 48.60
CA PRO B 93 28.01 18.95 49.27
C PRO B 93 29.23 18.73 50.14
N VAL B 94 29.54 17.47 50.49
CA VAL B 94 30.73 17.18 51.28
C VAL B 94 31.96 16.98 50.40
N LEU B 95 31.78 16.46 49.18
CA LEU B 95 32.92 16.01 48.39
C LEU B 95 33.76 17.16 47.85
N GLN B 96 33.24 18.39 47.86
CA GLN B 96 34.09 19.55 47.56
C GLN B 96 35.08 19.84 48.67
N GLY B 97 34.93 19.23 49.85
CA GLY B 97 35.87 19.41 50.93
C GLY B 97 36.97 18.37 50.92
N LYS B 98 37.30 17.85 49.74
CA LYS B 98 38.35 16.85 49.59
C LYS B 98 39.18 17.20 48.36
N LYS B 99 40.39 16.62 48.31
CA LYS B 99 41.37 16.91 47.28
C LYS B 99 41.67 15.71 46.40
N GLU B 100 41.58 14.50 46.95
CA GLU B 100 41.59 13.28 46.15
C GLU B 100 40.55 12.34 46.73
N PHE B 101 39.76 11.74 45.85
CA PHE B 101 38.72 10.83 46.29
C PHE B 101 38.26 9.98 45.12
N VAL B 102 37.57 8.90 45.43
CA VAL B 102 37.02 7.99 44.46
C VAL B 102 35.62 7.61 44.89
N LEU B 103 34.78 7.24 43.93
CA LEU B 103 33.38 6.89 44.19
C LEU B 103 33.06 5.69 43.31
N ASP B 104 33.15 4.50 43.89
CA ASP B 104 33.02 3.26 43.15
C ASP B 104 31.55 2.88 43.06
N PHE B 105 31.04 2.83 41.84
CA PHE B 105 29.64 2.51 41.59
C PHE B 105 29.51 1.02 41.30
N ALA B 106 28.27 0.57 41.15
CA ALA B 106 27.95 -0.82 40.85
C ALA B 106 27.17 -0.98 39.56
N SER B 107 26.23 -0.08 39.28
CA SER B 107 25.50 -0.05 38.02
C SER B 107 25.39 1.39 37.57
N GLY B 108 25.87 1.66 36.36
CA GLY B 108 26.03 3.02 35.87
C GLY B 108 24.83 3.59 35.17
N TYR B 109 23.64 3.13 35.53
CA TYR B 109 22.42 3.75 35.02
C TYR B 109 22.29 5.20 35.43
N ASN B 110 22.94 5.60 36.52
CA ASN B 110 22.82 6.94 37.07
C ASN B 110 24.01 7.84 36.73
N VAL B 111 24.87 7.42 35.81
CA VAL B 111 26.02 8.21 35.38
C VAL B 111 25.97 8.41 33.87
N ALA B 112 25.87 7.30 33.14
CA ALA B 112 25.91 7.37 31.68
C ALA B 112 24.76 8.18 31.12
N PHE B 113 23.63 8.20 31.82
CA PHE B 113 22.50 9.04 31.47
C PHE B 113 22.53 10.40 32.16
N GLY B 114 23.66 10.77 32.75
CA GLY B 114 23.85 12.10 33.27
C GLY B 114 22.95 12.50 34.43
N LEU B 115 22.30 11.53 35.07
CA LEU B 115 21.44 11.86 36.20
C LEU B 115 22.24 12.34 37.39
N ILE B 116 23.50 11.91 37.51
CA ILE B 116 24.43 12.38 38.53
C ILE B 116 25.67 12.89 37.83
N ARG B 117 26.26 13.95 38.39
CA ARG B 117 27.42 14.61 37.81
C ARG B 117 28.41 14.92 38.92
N PRO B 118 29.38 14.04 39.17
CA PRO B 118 30.36 14.32 40.21
C PRO B 118 31.31 15.42 39.80
N PRO B 119 32.04 16.03 40.75
CA PRO B 119 32.91 17.17 40.39
C PRO B 119 34.18 16.80 39.65
N LYS B 120 35.03 17.81 39.44
CA LYS B 120 36.24 17.70 38.63
C LYS B 120 37.42 17.15 39.40
N SER B 121 37.45 17.35 40.72
CA SER B 121 38.57 16.92 41.56
C SER B 121 38.37 15.50 42.10
N VAL B 122 37.63 14.67 41.38
CA VAL B 122 37.19 13.37 41.87
C VAL B 122 37.37 12.33 40.77
N ASP B 123 37.70 11.11 41.18
CA ASP B 123 37.76 9.96 40.28
C ASP B 123 36.45 9.18 40.37
N THR B 124 36.04 8.63 39.23
CA THR B 124 34.84 7.80 39.16
C THR B 124 35.18 6.50 38.45
N ILE B 125 34.64 5.40 38.96
CA ILE B 125 34.95 4.07 38.44
C ILE B 125 33.71 3.21 38.50
N MET B 126 33.84 1.97 38.02
CA MET B 126 32.72 1.04 37.95
C MET B 126 33.26 -0.35 38.24
N VAL B 127 32.59 -1.07 39.14
CA VAL B 127 32.91 -2.47 39.42
C VAL B 127 31.61 -3.23 39.53
N ALA B 128 31.22 -3.90 38.44
CA ALA B 128 29.93 -4.56 38.35
C ALA B 128 30.10 -6.07 38.48
N PRO B 129 29.66 -6.70 39.57
CA PRO B 129 29.63 -8.17 39.59
C PRO B 129 28.66 -8.71 38.55
N ARG B 130 29.19 -9.35 37.52
CA ARG B 130 28.38 -10.09 36.55
C ARG B 130 28.25 -11.51 37.09
N MET B 131 27.34 -11.66 38.04
CA MET B 131 27.17 -12.91 38.77
C MET B 131 25.83 -12.83 39.47
N VAL B 132 25.36 -13.99 39.96
CA VAL B 132 24.04 -14.07 40.55
C VAL B 132 23.95 -13.24 41.83
N GLY B 133 25.08 -13.04 42.50
CA GLY B 133 25.15 -12.18 43.67
C GLY B 133 25.21 -12.92 44.99
N GLU B 134 24.39 -13.96 45.14
CA GLU B 134 24.34 -14.72 46.38
C GLU B 134 25.33 -15.87 46.37
N GLY B 135 25.43 -16.57 45.24
CA GLY B 135 26.37 -17.67 45.10
C GLY B 135 27.82 -17.28 45.28
N ILE B 136 28.14 -15.99 45.19
CA ILE B 136 29.51 -15.53 45.40
C ILE B 136 29.98 -15.92 46.80
N MET B 137 29.07 -15.86 47.77
CA MET B 137 29.39 -16.35 49.11
C MET B 137 29.47 -17.87 49.11
N ASP B 138 28.63 -18.53 48.31
CA ASP B 138 28.80 -19.97 48.10
C ASP B 138 30.08 -20.28 47.31
N LEU B 139 30.70 -19.27 46.70
CA LEU B 139 31.92 -19.43 45.92
C LEU B 139 33.16 -18.93 46.65
N HIS B 140 33.03 -18.02 47.61
CA HIS B 140 34.19 -17.60 48.38
C HIS B 140 34.59 -18.65 49.41
N LYS B 141 33.63 -19.46 49.88
CA LYS B 141 33.97 -20.66 50.64
C LYS B 141 34.52 -21.78 49.77
N GLN B 142 34.59 -21.58 48.45
CA GLN B 142 35.26 -22.49 47.53
C GLN B 142 36.65 -22.02 47.17
N GLY B 143 36.79 -20.73 46.83
CA GLY B 143 38.06 -20.14 46.46
C GLY B 143 38.20 -19.75 45.01
N LYS B 144 37.18 -19.98 44.19
CA LYS B 144 37.18 -19.61 42.78
C LYS B 144 36.42 -18.31 42.60
N GLY B 145 37.04 -17.34 41.92
CA GLY B 145 36.45 -16.03 41.79
C GLY B 145 35.33 -15.96 40.78
N TYR B 146 35.21 -14.81 40.08
CA TYR B 146 34.09 -14.60 39.17
C TYR B 146 34.36 -13.39 38.27
N PRO B 147 33.54 -13.15 37.24
CA PRO B 147 33.80 -12.00 36.36
C PRO B 147 33.33 -10.69 36.95
N VAL B 148 33.94 -9.60 36.45
CA VAL B 148 33.52 -8.25 36.76
C VAL B 148 33.62 -7.41 35.49
N LEU B 149 33.24 -6.14 35.63
CA LEU B 149 33.40 -5.14 34.59
C LEU B 149 34.07 -3.91 35.17
N LEU B 150 34.73 -3.15 34.31
CA LEU B 150 35.51 -1.99 34.73
C LEU B 150 35.29 -0.86 33.75
N GLY B 151 35.43 0.37 34.25
CA GLY B 151 35.22 1.54 33.43
C GLY B 151 35.58 2.80 34.19
N VAL B 152 35.64 3.89 33.43
CA VAL B 152 36.02 5.20 33.95
C VAL B 152 35.12 6.25 33.31
N LYS B 153 34.70 7.22 34.11
CA LYS B 153 34.03 8.43 33.63
C LYS B 153 34.92 9.65 33.68
N GLN B 154 35.78 9.76 34.70
CA GLN B 154 36.69 10.89 34.82
C GLN B 154 37.87 10.46 35.68
N ASP B 155 39.07 10.91 35.28
CA ASP B 155 40.29 10.65 36.02
C ASP B 155 41.06 11.95 36.18
N ALA B 156 41.49 12.22 37.41
CA ALA B 156 42.34 13.38 37.70
C ALA B 156 43.46 13.00 38.66
N SER B 157 43.98 11.78 38.53
CA SER B 157 45.09 11.29 39.34
C SER B 157 46.12 10.52 38.55
N GLY B 158 45.86 10.19 37.28
CA GLY B 158 46.67 9.24 36.55
C GLY B 158 46.59 7.81 37.05
N LYS B 159 45.72 7.53 38.03
CA LYS B 159 45.62 6.21 38.64
C LYS B 159 44.15 5.83 38.82
N ALA B 160 43.33 6.16 37.82
CA ALA B 160 41.96 5.67 37.84
C ALA B 160 41.89 4.17 37.60
N TRP B 161 42.96 3.59 37.03
CA TRP B 161 42.98 2.18 36.67
C TRP B 161 43.73 1.34 37.70
N ASP B 162 44.81 1.85 38.28
CA ASP B 162 45.51 1.10 39.32
C ASP B 162 44.66 0.98 40.59
N TYR B 163 43.63 1.82 40.73
CA TYR B 163 42.62 1.60 41.75
C TYR B 163 41.63 0.53 41.29
N ALA B 164 41.00 0.75 40.14
CA ALA B 164 39.94 -0.12 39.67
C ALA B 164 40.43 -1.54 39.46
N LYS B 165 41.58 -1.70 38.79
CA LYS B 165 42.18 -3.01 38.63
C LYS B 165 42.46 -3.66 39.97
N ALA B 166 42.77 -2.84 40.98
CA ALA B 166 43.16 -3.36 42.29
C ALA B 166 41.98 -3.65 43.20
N ILE B 167 40.86 -2.97 43.01
CA ILE B 167 39.67 -3.24 43.82
C ILE B 167 39.18 -4.66 43.57
N ALA B 168 39.08 -5.04 42.29
CA ALA B 168 38.48 -6.32 41.94
C ALA B 168 39.20 -7.50 42.56
N LYS B 169 40.49 -7.37 42.85
CA LYS B 169 41.19 -8.44 43.56
C LYS B 169 40.69 -8.55 44.99
N GLY B 170 40.15 -7.48 45.56
CA GLY B 170 39.72 -7.48 46.94
C GLY B 170 38.30 -7.91 47.19
N ILE B 171 37.52 -8.18 46.14
CA ILE B 171 36.13 -8.60 46.27
C ILE B 171 35.97 -10.01 45.72
N GLY B 172 37.02 -10.81 45.80
CA GLY B 172 36.93 -12.21 45.45
C GLY B 172 36.67 -12.46 43.97
N ALA B 173 37.06 -11.53 43.12
CA ALA B 173 36.86 -11.66 41.67
C ALA B 173 38.11 -12.09 40.92
N ILE B 174 39.28 -11.69 41.39
CA ILE B 174 40.55 -12.06 40.76
C ILE B 174 41.62 -12.20 41.84
N PRO B 175 42.71 -12.93 41.54
CA PRO B 175 42.94 -13.83 40.41
C PRO B 175 42.18 -15.14 40.56
N GLY B 176 41.66 -15.64 39.46
CA GLY B 176 40.91 -16.88 39.43
C GLY B 176 39.71 -16.76 38.52
N GLY B 177 39.15 -15.56 38.45
CA GLY B 177 38.19 -15.20 37.42
C GLY B 177 38.86 -14.39 36.35
N ILE B 178 38.13 -13.44 35.78
CA ILE B 178 38.70 -12.42 34.93
C ILE B 178 38.01 -11.09 35.21
N ALA B 179 38.47 -10.05 34.53
CA ALA B 179 37.86 -8.74 34.58
C ALA B 179 37.92 -8.15 33.19
N VAL B 180 36.86 -7.48 32.78
CA VAL B 180 36.71 -6.99 31.41
C VAL B 180 36.62 -5.47 31.46
N ILE B 181 37.12 -4.82 30.41
CA ILE B 181 37.27 -3.38 30.38
C ILE B 181 36.19 -2.81 29.49
N SER B 182 35.39 -1.91 30.05
CA SER B 182 34.24 -1.33 29.37
C SER B 182 34.07 0.09 29.88
N SER B 183 32.90 0.66 29.65
CA SER B 183 32.54 2.00 30.10
C SER B 183 31.29 1.91 30.96
N PHE B 184 30.78 3.07 31.36
CA PHE B 184 29.45 3.15 31.94
C PHE B 184 28.38 3.06 30.85
N GLU B 185 28.65 3.67 29.71
CA GLU B 185 27.68 3.73 28.63
C GLU B 185 27.37 2.32 28.11
N GLU B 186 28.36 1.45 28.09
CA GLU B 186 28.15 0.05 27.74
C GLU B 186 27.63 -0.78 28.90
N GLU B 187 27.92 -0.36 30.13
CA GLU B 187 27.42 -1.08 31.31
C GLU B 187 25.91 -1.05 31.35
N ALA B 188 25.32 0.13 31.16
CA ALA B 188 23.89 0.28 31.32
C ALA B 188 23.13 -0.36 30.15
N LEU B 189 23.73 -0.38 28.96
CA LEU B 189 23.03 -0.93 27.80
C LEU B 189 22.88 -2.44 27.93
N LEU B 190 23.99 -3.14 28.16
CA LEU B 190 23.93 -4.59 28.27
C LEU B 190 23.11 -5.01 29.48
N ASP B 191 23.19 -4.24 30.57
CA ASP B 191 22.40 -4.54 31.75
C ASP B 191 20.92 -4.23 31.55
N LEU B 192 20.59 -3.35 30.60
CA LEU B 192 19.20 -3.01 30.29
C LEU B 192 18.64 -3.80 29.11
N MET B 193 19.45 -4.03 28.08
CA MET B 193 18.97 -4.74 26.90
C MET B 193 18.55 -6.17 27.22
N SER B 194 19.01 -6.73 28.33
CA SER B 194 18.54 -8.04 28.74
C SER B 194 17.18 -7.93 29.42
N GLU B 195 16.94 -6.84 30.15
CA GLU B 195 15.68 -6.63 30.84
C GLU B 195 14.62 -5.96 29.96
N HIS B 196 14.83 -5.94 28.65
CA HIS B 196 13.93 -5.33 27.70
C HIS B 196 13.59 -6.21 26.51
N THR B 197 14.50 -7.10 26.10
CA THR B 197 14.45 -7.69 24.77
C THR B 197 14.22 -9.19 24.80
N TRP B 198 15.05 -9.98 25.48
CA TRP B 198 14.89 -11.43 25.51
C TRP B 198 14.22 -11.94 26.79
N VAL B 199 14.03 -11.10 27.79
CA VAL B 199 13.25 -11.46 28.97
C VAL B 199 11.77 -11.43 28.62
N PRO B 200 11.20 -10.30 28.18
CA PRO B 200 9.74 -10.26 27.97
C PRO B 200 9.28 -11.08 26.80
N ILE B 201 10.05 -11.10 25.71
CA ILE B 201 9.71 -11.91 24.55
C ILE B 201 9.66 -13.39 24.90
N LEU B 202 10.36 -13.80 25.95
CA LEU B 202 10.17 -15.14 26.49
C LEU B 202 8.82 -15.24 27.20
N PHE B 203 8.58 -14.35 28.17
CA PHE B 203 7.30 -14.37 28.88
C PHE B 203 6.15 -13.98 27.97
N GLY B 204 6.43 -13.31 26.85
CA GLY B 204 5.37 -12.95 25.92
C GLY B 204 4.95 -14.07 24.99
N ALA B 205 5.76 -15.12 24.90
CA ALA B 205 5.44 -16.26 24.05
C ALA B 205 4.68 -17.34 24.81
N ILE B 206 5.14 -17.66 26.02
CA ILE B 206 4.41 -18.58 26.89
C ILE B 206 2.98 -18.09 27.11
N LYS B 207 2.82 -16.78 27.30
CA LYS B 207 1.50 -16.21 27.44
C LYS B 207 0.66 -16.42 26.19
N ALA B 208 1.31 -16.57 25.04
CA ALA B 208 0.63 -16.76 23.76
C ALA B 208 0.75 -18.16 23.20
N CYS B 209 1.57 -19.02 23.83
CA CYS B 209 1.50 -20.45 23.58
C CYS B 209 0.49 -21.13 24.49
N TYR B 210 0.04 -20.44 25.54
CA TYR B 210 -1.06 -20.89 26.38
C TYR B 210 -2.39 -20.36 25.87
N ASP B 211 -2.45 -19.07 25.56
CA ASP B 211 -3.68 -18.45 25.09
C ASP B 211 -4.13 -18.98 23.73
N ILE B 212 -3.29 -19.74 23.02
CA ILE B 212 -3.62 -20.31 21.73
C ILE B 212 -3.96 -21.78 21.92
N ALA B 213 -3.33 -22.43 22.89
CA ALA B 213 -3.55 -23.85 23.11
C ALA B 213 -4.87 -24.10 23.83
N VAL B 214 -5.26 -23.21 24.73
CA VAL B 214 -6.47 -23.42 25.52
C VAL B 214 -7.69 -22.91 24.77
N LYS B 215 -7.67 -21.63 24.37
CA LYS B 215 -8.87 -20.95 23.91
C LYS B 215 -9.20 -21.21 22.44
N GLU B 216 -8.31 -21.86 21.69
CA GLU B 216 -8.48 -22.02 20.25
C GLU B 216 -8.30 -23.46 19.79
N TYR B 217 -7.54 -24.26 20.54
CA TYR B 217 -7.18 -25.61 20.12
C TYR B 217 -7.59 -26.68 21.13
N GLY B 218 -8.39 -26.34 22.14
CA GLY B 218 -9.00 -27.33 22.99
C GLY B 218 -8.04 -28.18 23.79
N VAL B 219 -7.38 -27.57 24.78
CA VAL B 219 -6.36 -28.23 25.57
C VAL B 219 -6.70 -28.06 27.05
N SER B 220 -6.30 -29.06 27.83
CA SER B 220 -6.46 -29.00 29.28
C SER B 220 -5.50 -27.95 29.84
N PRO B 221 -5.99 -26.98 30.63
CA PRO B 221 -5.04 -26.02 31.23
C PRO B 221 -3.99 -26.65 32.12
N GLU B 222 -4.33 -27.70 32.85
CA GLU B 222 -3.38 -28.30 33.77
C GLU B 222 -2.19 -28.93 33.05
N ALA B 223 -2.34 -29.29 31.78
CA ALA B 223 -1.26 -29.88 31.00
C ALA B 223 -0.43 -28.83 30.27
N ALA B 224 -1.03 -27.73 29.88
CA ALA B 224 -0.32 -26.72 29.10
C ALA B 224 0.83 -26.11 29.89
N LEU B 225 0.67 -26.00 31.21
CA LEU B 225 1.72 -25.45 32.05
C LEU B 225 2.80 -26.46 32.35
N LEU B 226 2.44 -27.74 32.45
CA LEU B 226 3.41 -28.76 32.81
C LEU B 226 4.47 -28.95 31.73
N GLU B 227 4.20 -28.53 30.51
CA GLU B 227 5.16 -28.65 29.42
C GLU B 227 6.02 -27.41 29.26
N PHE B 228 5.47 -26.22 29.53
CA PHE B 228 6.22 -24.98 29.30
C PHE B 228 7.17 -24.69 30.45
N TYR B 229 6.63 -24.45 31.66
CA TYR B 229 7.44 -23.89 32.74
C TYR B 229 7.06 -24.38 34.13
N ALA B 230 6.18 -25.36 34.27
CA ALA B 230 5.99 -25.99 35.57
C ALA B 230 7.12 -26.96 35.89
N SER B 231 7.93 -27.32 34.91
CA SER B 231 9.02 -28.26 35.08
C SER B 231 10.35 -27.52 35.13
N GLY B 232 11.38 -28.21 35.61
CA GLY B 232 12.73 -27.69 35.64
C GLY B 232 13.48 -27.82 34.34
N GLU B 233 12.79 -28.12 33.22
CA GLU B 233 13.48 -28.30 31.95
C GLU B 233 14.21 -27.04 31.50
N LEU B 234 13.75 -25.86 31.94
CA LEU B 234 14.47 -24.64 31.62
C LEU B 234 15.84 -24.64 32.30
N ALA B 235 15.90 -25.13 33.54
CA ALA B 235 17.19 -25.26 34.22
C ALA B 235 18.10 -26.24 33.50
N GLU B 236 17.52 -27.26 32.86
CA GLU B 236 18.32 -28.17 32.05
C GLU B 236 18.67 -27.58 30.69
N ILE B 237 18.12 -26.42 30.35
CA ILE B 237 18.60 -25.65 29.21
C ILE B 237 19.57 -24.56 29.66
N ALA B 238 19.42 -24.06 30.89
CA ALA B 238 20.27 -22.99 31.39
C ALA B 238 21.57 -23.52 31.99
N ARG B 239 21.50 -24.61 32.76
CA ARG B 239 22.70 -25.21 33.30
C ARG B 239 23.61 -25.71 32.18
N LEU B 240 23.03 -26.29 31.13
CA LEU B 240 23.83 -26.81 30.03
C LEU B 240 24.37 -25.68 29.16
N ILE B 241 23.58 -24.63 28.95
CA ILE B 241 24.06 -23.47 28.20
C ILE B 241 25.22 -22.81 28.91
N ALA B 242 25.24 -22.88 30.25
CA ALA B 242 26.32 -22.27 31.01
C ALA B 242 27.56 -23.14 31.04
N GLU B 243 27.41 -24.46 30.88
CA GLU B 243 28.52 -25.41 31.00
C GLU B 243 29.14 -25.77 29.66
N GLU B 244 28.35 -25.86 28.60
CA GLU B 244 28.78 -26.50 27.36
C GLU B 244 28.92 -25.52 26.20
N GLY B 245 27.89 -24.73 25.93
CA GLY B 245 27.86 -23.89 24.75
C GLY B 245 26.46 -23.77 24.20
N ILE B 246 26.05 -22.54 23.89
CA ILE B 246 24.67 -22.26 23.49
C ILE B 246 24.27 -22.95 22.20
N PHE B 247 25.23 -23.44 21.41
CA PHE B 247 24.96 -24.29 20.26
C PHE B 247 25.66 -25.63 20.41
N ASN B 248 25.83 -26.09 21.65
CA ASN B 248 26.41 -27.40 21.93
C ASN B 248 25.64 -28.16 23.01
N GLN B 249 24.60 -27.57 23.58
CA GLN B 249 23.69 -28.29 24.47
C GLN B 249 22.66 -29.12 23.71
N MET B 250 22.65 -29.05 22.39
CA MET B 250 21.58 -29.60 21.59
C MET B 250 21.85 -31.03 21.12
N VAL B 251 23.10 -31.48 21.16
CA VAL B 251 23.40 -32.87 20.87
C VAL B 251 22.72 -33.78 21.89
N HIS B 252 22.54 -33.29 23.11
CA HIS B 252 21.95 -34.10 24.16
C HIS B 252 20.47 -34.38 23.88
N HIS B 253 19.80 -33.48 23.18
CA HIS B 253 18.45 -33.72 22.70
C HIS B 253 18.50 -34.54 21.42
N SER B 254 17.34 -34.68 20.76
CA SER B 254 17.22 -35.43 19.52
C SER B 254 17.10 -34.48 18.34
N THR B 255 17.19 -35.05 17.13
CA THR B 255 17.15 -34.24 15.91
C THR B 255 15.81 -33.56 15.73
N THR B 256 14.71 -34.24 16.06
CA THR B 256 13.40 -33.61 16.00
C THR B 256 13.30 -32.40 16.92
N SER B 257 14.09 -32.35 17.97
CA SER B 257 14.19 -31.17 18.82
C SER B 257 15.18 -30.15 18.27
N GLN B 258 16.13 -30.60 17.45
CA GLN B 258 17.11 -29.72 16.85
C GLN B 258 16.59 -29.09 15.56
N TYR B 259 15.96 -29.91 14.71
CA TYR B 259 15.63 -29.45 13.37
C TYR B 259 14.57 -28.36 13.40
N GLY B 260 13.54 -28.53 14.22
CA GLY B 260 12.52 -27.51 14.33
C GLY B 260 13.06 -26.22 14.92
N THR B 261 14.06 -26.31 15.78
CA THR B 261 14.67 -25.13 16.38
C THR B 261 15.42 -24.31 15.33
N LEU B 262 16.39 -24.94 14.67
CA LEU B 262 17.28 -24.20 13.79
C LEU B 262 16.57 -23.66 12.56
N THR B 263 15.64 -24.42 12.00
CA THR B 263 14.88 -23.94 10.85
C THR B 263 14.03 -22.72 11.19
N ARG B 264 13.72 -22.50 12.46
CA ARG B 264 12.91 -21.38 12.91
C ARG B 264 13.71 -20.31 13.63
N MET B 265 14.96 -20.59 14.00
CA MET B 265 15.81 -19.57 14.60
C MET B 265 16.28 -18.57 13.55
N PHE B 266 16.58 -19.06 12.35
CA PHE B 266 16.99 -18.20 11.25
C PHE B 266 15.80 -17.64 10.47
N LYS B 267 14.61 -18.22 10.65
CA LYS B 267 13.41 -17.68 10.03
C LYS B 267 12.87 -16.47 10.77
N TYR B 268 13.33 -16.23 12.00
CA TYR B 268 12.83 -15.14 12.84
C TYR B 268 13.97 -14.25 13.35
N TYR B 269 15.21 -14.52 12.96
CA TYR B 269 16.31 -13.61 13.27
C TYR B 269 16.10 -12.23 12.65
N ASP B 270 15.32 -12.14 11.57
CA ASP B 270 15.07 -10.87 10.89
C ASP B 270 13.83 -10.16 11.41
N VAL B 271 13.30 -10.56 12.57
CA VAL B 271 12.20 -9.87 13.23
C VAL B 271 12.58 -9.41 14.63
N VAL B 272 13.22 -10.28 15.41
CA VAL B 272 13.74 -9.86 16.70
C VAL B 272 14.91 -8.90 16.53
N ARG B 273 15.53 -8.88 15.35
CA ARG B 273 16.49 -7.83 15.02
C ARG B 273 15.81 -6.47 15.04
N ARG B 274 14.68 -6.35 14.34
CA ARG B 274 13.97 -5.08 14.28
C ARG B 274 13.38 -4.71 15.61
N ILE B 275 13.02 -5.70 16.43
CA ILE B 275 12.52 -5.41 17.78
C ILE B 275 13.63 -4.82 18.63
N VAL B 276 14.86 -5.30 18.45
CA VAL B 276 15.97 -4.91 19.31
C VAL B 276 16.61 -3.61 18.83
N GLU B 277 16.72 -3.43 17.52
CA GLU B 277 17.22 -2.16 16.97
C GLU B 277 16.42 -0.98 17.49
N ASN B 278 15.09 -1.12 17.54
CA ASN B 278 14.26 -0.05 18.07
C ASN B 278 14.45 0.09 19.59
N GLU B 279 14.68 -1.03 20.27
CA GLU B 279 14.77 -1.00 21.73
C GLU B 279 16.14 -0.57 22.24
N ALA B 280 17.15 -0.49 21.35
CA ALA B 280 18.46 0.00 21.72
C ALA B 280 18.64 1.47 21.39
N LYS B 281 18.06 1.90 20.28
CA LYS B 281 18.01 3.33 19.97
C LYS B 281 17.16 4.08 20.98
N TYR B 282 16.19 3.40 21.60
CA TYR B 282 15.37 4.00 22.64
C TYR B 282 16.06 4.02 24.00
N ILE B 283 17.32 3.59 24.08
CA ILE B 283 18.10 3.61 25.31
C ILE B 283 19.38 4.40 25.13
N TRP B 284 20.06 4.21 24.00
CA TRP B 284 21.26 4.95 23.68
C TRP B 284 21.03 6.46 23.71
N ASP B 285 19.85 6.89 23.32
CA ASP B 285 19.48 8.30 23.32
C ASP B 285 18.94 8.77 24.67
N GLY B 286 18.98 7.93 25.70
CA GLY B 286 18.47 8.34 26.99
C GLY B 286 16.98 8.56 27.04
N SER B 287 16.23 8.04 26.07
CA SER B 287 14.78 8.17 26.08
C SER B 287 14.09 7.14 26.96
N PHE B 288 14.83 6.45 27.84
CA PHE B 288 14.24 5.56 28.84
C PHE B 288 14.28 6.17 30.23
N ALA B 289 15.36 6.88 30.55
CA ALA B 289 15.41 7.57 31.84
C ALA B 289 14.33 8.61 31.93
N LYS B 290 14.04 9.31 30.83
CA LYS B 290 12.91 10.22 30.80
C LYS B 290 11.59 9.49 31.00
N GLU B 291 11.54 8.21 30.61
CA GLU B 291 10.33 7.42 30.79
C GLU B 291 10.24 6.85 32.21
N TRP B 292 11.39 6.55 32.81
CA TRP B 292 11.43 5.95 34.14
C TRP B 292 11.57 6.99 35.25
N SER B 293 12.21 8.13 34.99
CA SER B 293 12.33 9.17 36.00
C SER B 293 11.04 9.95 36.18
N LEU B 294 10.14 9.90 35.19
CA LEU B 294 8.85 10.56 35.31
C LEU B 294 7.86 9.70 36.07
N GLU B 295 7.95 8.38 35.90
CA GLU B 295 7.04 7.47 36.60
C GLU B 295 7.19 7.59 38.11
N GLN B 296 8.42 7.74 38.59
CA GLN B 296 8.64 7.92 40.03
C GLN B 296 7.96 9.19 40.54
N GLN B 297 7.81 10.19 39.68
CA GLN B 297 7.31 11.49 40.09
C GLN B 297 5.79 11.58 40.04
N ALA B 298 5.11 10.64 39.39
CA ALA B 298 3.68 10.68 39.24
C ALA B 298 2.93 9.90 40.30
N GLY B 299 3.53 8.84 40.83
CA GLY B 299 2.92 8.01 41.85
C GLY B 299 2.98 6.53 41.56
N TYR B 300 3.80 6.13 40.58
CA TYR B 300 3.80 4.77 40.06
C TYR B 300 2.40 4.34 39.62
N PRO B 301 1.80 5.04 38.65
CA PRO B 301 0.43 4.69 38.24
C PRO B 301 0.33 3.50 37.29
N VAL B 302 1.30 3.36 36.39
CA VAL B 302 1.25 2.28 35.41
C VAL B 302 1.82 0.99 36.00
N PHE B 303 2.93 1.12 36.74
CA PHE B 303 3.54 -0.04 37.38
C PHE B 303 2.59 -0.74 38.35
N TYR B 304 1.61 -0.01 38.90
CA TYR B 304 0.61 -0.61 39.75
C TYR B 304 -0.44 -1.36 38.94
N ARG B 305 -0.74 -0.88 37.73
CA ARG B 305 -1.82 -1.49 36.95
C ARG B 305 -1.33 -2.78 36.30
N LEU B 306 -0.18 -2.72 35.62
CA LEU B 306 0.29 -3.86 34.85
C LEU B 306 0.65 -5.05 35.74
N TRP B 307 0.88 -4.83 37.03
CA TRP B 307 0.93 -5.96 37.94
C TRP B 307 -0.43 -6.63 38.07
N GLU B 308 -1.49 -5.82 38.11
CA GLU B 308 -2.83 -6.36 38.36
C GLU B 308 -3.43 -7.04 37.15
N LEU B 309 -2.85 -6.84 35.95
CA LEU B 309 -3.27 -7.61 34.78
C LEU B 309 -2.55 -8.94 34.71
N ALA B 310 -1.25 -8.96 35.00
CA ALA B 310 -0.51 -10.21 35.04
C ALA B 310 -1.03 -11.11 36.15
N THR B 311 -1.14 -10.58 37.36
CA THR B 311 -1.53 -11.36 38.53
C THR B 311 -3.04 -11.60 38.61
N GLN B 312 -3.80 -11.24 37.58
CA GLN B 312 -5.22 -11.59 37.49
C GLN B 312 -5.58 -12.07 36.10
N SER B 313 -4.61 -12.59 35.35
CA SER B 313 -4.82 -12.96 33.96
C SER B 313 -5.51 -14.31 33.88
N GLU B 314 -5.58 -14.86 32.67
CA GLU B 314 -6.14 -16.18 32.46
C GLU B 314 -5.14 -17.28 32.79
N MET B 315 -3.84 -16.96 32.76
CA MET B 315 -2.79 -17.95 32.96
C MET B 315 -2.44 -18.14 34.43
N ALA B 316 -2.17 -17.05 35.13
CA ALA B 316 -1.75 -17.15 36.53
C ALA B 316 -2.85 -17.71 37.41
N LYS B 317 -4.11 -17.38 37.08
CA LYS B 317 -5.26 -17.95 37.79
C LYS B 317 -5.19 -19.47 37.84
N ALA B 318 -5.12 -20.09 36.67
CA ALA B 318 -5.06 -21.55 36.58
C ALA B 318 -3.67 -22.11 36.85
N GLU B 319 -2.68 -21.25 37.11
CA GLU B 319 -1.37 -21.68 37.57
C GLU B 319 -1.30 -21.69 39.08
N LYS B 320 -1.88 -20.67 39.72
CA LYS B 320 -1.83 -20.55 41.17
C LYS B 320 -2.51 -21.73 41.85
N GLU B 321 -3.46 -22.37 41.16
CA GLU B 321 -4.16 -23.53 41.70
C GLU B 321 -3.39 -24.83 41.48
N LEU B 322 -2.68 -24.95 40.36
CA LEU B 322 -1.94 -26.18 40.09
C LEU B 322 -0.81 -26.37 41.10
N TYR B 323 -0.21 -25.27 41.57
CA TYR B 323 0.79 -25.38 42.62
C TYR B 323 0.16 -25.83 43.92
N LYS B 324 -1.06 -25.38 44.20
CA LYS B 324 -1.84 -25.89 45.32
C LYS B 324 -2.13 -27.37 45.15
N LEU B 325 -2.23 -27.84 43.90
CA LEU B 325 -2.40 -29.24 43.58
C LEU B 325 -1.09 -30.01 43.49
N LEU B 326 0.05 -29.37 43.77
CA LEU B 326 1.34 -30.05 43.89
C LEU B 326 1.87 -29.98 45.31
N GLY B 327 1.99 -28.76 45.85
CA GLY B 327 2.54 -28.53 47.17
C GLY B 327 3.69 -27.53 47.19
N ARG B 328 3.91 -26.83 46.09
CA ARG B 328 4.93 -25.80 46.03
C ARG B 328 4.42 -24.52 46.69
N LYS B 329 5.23 -23.47 46.65
CA LYS B 329 4.82 -22.21 47.25
C LYS B 329 3.69 -21.61 46.43
N VAL B 330 2.44 -21.82 46.88
CA VAL B 330 1.35 -21.00 46.38
C VAL B 330 1.55 -19.58 46.89
N LYS B 331 0.98 -18.61 46.16
CA LYS B 331 1.26 -17.20 46.39
C LYS B 331 0.98 -16.81 47.84
N ASN B 332 1.92 -16.09 48.43
CA ASN B 332 1.89 -15.75 49.85
C ASN B 332 0.63 -14.96 50.21
N LYS C 3 -11.31 -33.51 -34.69
CA LYS C 3 -12.76 -33.37 -34.71
C LYS C 3 -13.39 -34.65 -34.19
N THR C 4 -14.66 -34.58 -33.83
CA THR C 4 -15.38 -35.66 -33.18
C THR C 4 -15.36 -36.93 -34.03
N VAL C 5 -15.41 -38.06 -33.34
CA VAL C 5 -15.56 -39.38 -33.95
C VAL C 5 -16.91 -39.94 -33.50
N LEU C 6 -17.58 -40.63 -34.42
CA LEU C 6 -18.87 -41.27 -34.16
C LEU C 6 -18.81 -42.77 -34.28
N ASP C 7 -18.14 -43.29 -35.31
CA ASP C 7 -18.09 -44.72 -35.57
C ASP C 7 -16.69 -45.09 -36.02
N ALA C 8 -16.45 -46.39 -36.10
CA ALA C 8 -15.21 -46.96 -36.61
C ALA C 8 -15.38 -48.47 -36.63
N ASN C 9 -14.46 -49.15 -37.30
CA ASN C 9 -14.57 -50.58 -37.51
C ASN C 9 -13.97 -51.35 -36.34
N LEU C 10 -14.37 -52.62 -36.24
CA LEU C 10 -13.76 -53.58 -35.31
C LEU C 10 -12.84 -54.56 -36.02
N ASP C 11 -12.60 -54.38 -37.32
CA ASP C 11 -11.86 -55.35 -38.12
C ASP C 11 -10.40 -55.54 -37.71
N PRO C 12 -9.67 -54.57 -37.13
CA PRO C 12 -8.30 -54.88 -36.72
C PRO C 12 -8.25 -55.89 -35.58
N LEU C 13 -9.24 -55.85 -34.68
CA LEU C 13 -9.24 -56.65 -33.48
C LEU C 13 -10.02 -57.96 -33.65
N LYS C 14 -10.07 -58.49 -34.87
CA LYS C 14 -10.47 -59.87 -35.12
C LYS C 14 -9.22 -60.66 -35.46
N GLY C 15 -8.80 -61.53 -34.55
CA GLY C 15 -7.57 -62.29 -34.71
C GLY C 15 -6.47 -61.89 -33.76
N LYS C 16 -6.82 -61.45 -32.55
CA LYS C 16 -5.82 -60.99 -31.60
C LYS C 16 -6.35 -61.19 -30.18
N THR C 17 -5.43 -61.18 -29.23
CA THR C 17 -5.75 -61.34 -27.81
C THR C 17 -5.74 -59.97 -27.12
N ILE C 18 -6.78 -59.75 -26.32
CA ILE C 18 -6.92 -58.54 -25.51
C ILE C 18 -6.68 -58.95 -24.05
N GLY C 19 -5.63 -58.38 -23.44
CA GLY C 19 -5.31 -58.72 -22.07
C GLY C 19 -5.89 -57.77 -21.04
N VAL C 20 -7.03 -58.14 -20.46
CA VAL C 20 -7.64 -57.29 -19.46
C VAL C 20 -6.81 -57.35 -18.18
N ILE C 21 -6.64 -56.20 -17.55
CA ILE C 21 -5.91 -56.08 -16.28
C ILE C 21 -6.80 -55.32 -15.31
N GLY C 22 -6.79 -55.76 -14.05
CA GLY C 22 -7.65 -55.16 -13.05
C GLY C 22 -9.09 -55.59 -13.19
N TYR C 23 -9.79 -55.67 -12.06
CA TYR C 23 -11.17 -56.16 -12.05
C TYR C 23 -12.00 -55.30 -11.08
N GLY C 24 -11.82 -53.99 -11.14
CA GLY C 24 -12.51 -53.07 -10.25
C GLY C 24 -13.92 -52.78 -10.70
N ASN C 25 -14.35 -51.54 -10.48
CA ASN C 25 -15.60 -51.08 -11.07
C ASN C 25 -15.48 -50.91 -12.57
N GLN C 26 -14.26 -50.94 -13.11
CA GLN C 26 -14.01 -50.78 -14.53
C GLN C 26 -13.69 -52.11 -15.21
N GLY C 27 -12.80 -52.90 -14.61
CA GLY C 27 -12.39 -54.15 -15.23
C GLY C 27 -13.55 -55.11 -15.45
N ARG C 28 -14.45 -55.18 -14.48
CA ARG C 28 -15.63 -56.03 -14.64
C ARG C 28 -16.56 -55.55 -15.74
N VAL C 29 -16.41 -54.30 -16.18
CA VAL C 29 -17.37 -53.68 -17.09
C VAL C 29 -16.86 -53.80 -18.52
N GLN C 30 -15.69 -53.22 -18.79
CA GLN C 30 -15.13 -53.26 -20.14
C GLN C 30 -14.81 -54.68 -20.58
N ALA C 31 -14.53 -55.57 -19.63
CA ALA C 31 -14.25 -56.96 -19.98
C ALA C 31 -15.51 -57.67 -20.44
N THR C 32 -16.57 -57.59 -19.63
CA THR C 32 -17.81 -58.29 -19.94
C THR C 32 -18.40 -57.81 -21.25
N ILE C 33 -18.42 -56.49 -21.48
CA ILE C 33 -18.94 -55.96 -22.73
C ILE C 33 -18.14 -56.49 -23.91
N MET C 34 -16.83 -56.64 -23.73
CA MET C 34 -16.01 -57.20 -24.79
C MET C 34 -16.17 -58.71 -24.89
N ARG C 35 -16.59 -59.38 -23.81
CA ARG C 35 -16.95 -60.78 -23.91
C ARG C 35 -18.37 -60.97 -24.40
N GLU C 36 -19.23 -59.99 -24.16
CA GLU C 36 -20.56 -59.99 -24.78
C GLU C 36 -20.49 -59.71 -26.28
N ASN C 37 -19.35 -59.22 -26.77
CA ASN C 37 -19.10 -59.10 -28.20
C ASN C 37 -18.46 -60.35 -28.79
N GLY C 38 -18.09 -61.33 -27.97
CA GLY C 38 -17.45 -62.52 -28.49
C GLY C 38 -16.04 -62.26 -28.97
N LEU C 39 -15.14 -61.97 -28.04
CA LEU C 39 -13.75 -61.63 -28.34
C LEU C 39 -12.82 -62.34 -27.37
N ASN C 40 -11.80 -63.00 -27.91
CA ASN C 40 -10.85 -63.72 -27.08
C ASN C 40 -10.11 -62.74 -26.17
N VAL C 41 -10.45 -62.76 -24.88
CA VAL C 41 -9.94 -61.82 -23.89
C VAL C 41 -9.54 -62.61 -22.67
N ILE C 42 -8.48 -62.15 -21.99
CA ILE C 42 -8.01 -62.78 -20.75
C ILE C 42 -7.90 -61.71 -19.68
N VAL C 43 -7.94 -62.18 -18.43
CA VAL C 43 -7.85 -61.33 -17.25
C VAL C 43 -6.52 -61.60 -16.57
N GLY C 44 -5.92 -60.55 -16.01
CA GLY C 44 -4.72 -60.68 -15.21
C GLY C 44 -4.80 -59.86 -13.96
N ASN C 45 -4.30 -60.37 -12.85
CA ASN C 45 -4.55 -59.79 -11.54
C ASN C 45 -3.72 -60.55 -10.51
N VAL C 46 -3.66 -59.98 -9.31
CA VAL C 46 -3.21 -60.73 -8.14
C VAL C 46 -4.39 -61.59 -7.68
N LYS C 47 -4.13 -62.54 -6.80
CA LYS C 47 -5.13 -63.52 -6.38
C LYS C 47 -5.73 -63.05 -5.05
N ASP C 48 -6.98 -62.61 -5.10
CA ASP C 48 -7.66 -62.04 -3.94
C ASP C 48 -9.15 -62.34 -4.10
N LYS C 49 -10.00 -61.60 -3.36
CA LYS C 49 -11.44 -61.79 -3.47
C LYS C 49 -11.95 -61.47 -4.86
N TYR C 50 -11.32 -60.52 -5.55
CA TYR C 50 -11.75 -60.16 -6.89
C TYR C 50 -11.38 -61.23 -7.90
N TYR C 51 -10.35 -62.03 -7.60
CA TYR C 51 -10.04 -63.21 -8.40
C TYR C 51 -11.15 -64.25 -8.27
N GLU C 52 -11.43 -64.67 -7.03
CA GLU C 52 -12.37 -65.76 -6.79
C GLU C 52 -13.73 -65.45 -7.40
N LEU C 53 -14.17 -64.20 -7.31
CA LEU C 53 -15.27 -63.72 -8.15
C LEU C 53 -14.97 -64.02 -9.62
N ALA C 54 -13.84 -63.54 -10.11
CA ALA C 54 -13.46 -63.72 -11.50
C ALA C 54 -13.16 -65.17 -11.86
N LYS C 55 -12.94 -66.03 -10.87
CA LYS C 55 -12.84 -67.46 -11.11
C LYS C 55 -14.21 -68.10 -11.31
N LYS C 56 -15.27 -67.44 -10.85
CA LYS C 56 -16.64 -67.89 -10.98
C LYS C 56 -17.26 -67.54 -12.33
N GLU C 57 -16.44 -67.15 -13.33
CA GLU C 57 -16.95 -66.55 -14.56
C GLU C 57 -16.33 -67.13 -15.83
N GLY C 58 -15.48 -68.14 -15.73
CA GLY C 58 -14.90 -68.77 -16.89
C GLY C 58 -13.73 -68.04 -17.51
N PHE C 59 -13.42 -66.82 -17.04
CA PHE C 59 -12.28 -66.08 -17.55
C PHE C 59 -10.99 -66.85 -17.33
N GLU C 60 -10.02 -66.61 -18.22
CA GLU C 60 -8.68 -67.20 -18.07
C GLU C 60 -7.84 -66.27 -17.19
N VAL C 61 -8.29 -66.12 -15.95
CA VAL C 61 -7.57 -65.30 -14.98
C VAL C 61 -6.22 -65.94 -14.70
N TYR C 62 -5.15 -65.20 -14.97
CA TYR C 62 -3.79 -65.67 -14.90
C TYR C 62 -2.95 -64.61 -14.17
N GLU C 63 -1.70 -64.95 -13.87
CA GLU C 63 -0.78 -63.94 -13.36
C GLU C 63 -0.48 -62.92 -14.45
N ILE C 64 0.07 -61.78 -14.03
CA ILE C 64 0.20 -60.63 -14.93
C ILE C 64 1.17 -60.94 -16.05
N ASP C 65 2.44 -61.17 -15.71
CA ASP C 65 3.44 -61.45 -16.72
C ASP C 65 3.18 -62.73 -17.48
N GLU C 66 2.36 -63.63 -16.94
CA GLU C 66 1.89 -64.79 -17.68
C GLU C 66 0.69 -64.46 -18.56
N ALA C 67 0.26 -63.20 -18.59
CA ALA C 67 -0.86 -62.73 -19.41
C ALA C 67 -0.43 -61.69 -20.44
N VAL C 68 0.39 -60.73 -20.03
CA VAL C 68 0.81 -59.68 -20.95
C VAL C 68 1.85 -60.20 -21.94
N ARG C 69 2.47 -61.35 -21.66
CA ARG C 69 3.26 -62.02 -22.68
C ARG C 69 2.35 -62.72 -23.69
N ARG C 70 1.24 -63.28 -23.22
CA ARG C 70 0.31 -63.96 -24.12
C ARG C 70 -0.28 -63.00 -25.14
N SER C 71 -0.47 -61.75 -24.76
CA SER C 71 -1.48 -60.91 -25.39
C SER C 71 -0.90 -60.10 -26.54
N ASP C 72 -1.76 -59.24 -27.10
CA ASP C 72 -1.42 -58.28 -28.13
C ASP C 72 -1.74 -56.86 -27.72
N VAL C 73 -2.76 -56.65 -26.89
CA VAL C 73 -3.10 -55.37 -26.32
C VAL C 73 -3.55 -55.63 -24.89
N ALA C 74 -3.43 -54.61 -24.04
CA ALA C 74 -3.88 -54.73 -22.66
C ALA C 74 -4.48 -53.40 -22.21
N LEU C 75 -5.53 -53.51 -21.40
CA LEU C 75 -6.25 -52.37 -20.85
C LEU C 75 -5.89 -52.30 -19.37
N LEU C 76 -4.87 -51.49 -19.07
CA LEU C 76 -4.27 -51.45 -17.73
C LEU C 76 -5.18 -50.67 -16.79
N LEU C 77 -6.28 -51.33 -16.42
CA LEU C 77 -7.32 -50.72 -15.59
C LEU C 77 -7.01 -50.91 -14.11
N ILE C 78 -5.88 -50.34 -13.71
CA ILE C 78 -5.48 -50.25 -12.31
C ILE C 78 -5.37 -48.77 -11.97
N PRO C 79 -5.39 -48.41 -10.69
CA PRO C 79 -5.44 -46.98 -10.32
C PRO C 79 -4.20 -46.24 -10.80
N ASP C 80 -4.32 -44.91 -10.75
CA ASP C 80 -3.19 -44.04 -11.06
C ASP C 80 -2.15 -44.01 -9.95
N GLU C 81 -2.42 -44.65 -8.81
CA GLU C 81 -1.49 -44.69 -7.69
C GLU C 81 -0.40 -45.75 -7.88
N VAL C 82 -0.81 -47.00 -8.09
CA VAL C 82 0.10 -48.14 -8.03
C VAL C 82 0.30 -48.77 -9.40
N MET C 83 0.17 -47.96 -10.46
CA MET C 83 0.61 -48.41 -11.77
C MET C 83 2.11 -48.30 -11.92
N LYS C 84 2.74 -47.37 -11.19
CA LYS C 84 4.17 -47.16 -11.32
C LYS C 84 4.96 -48.38 -10.85
N GLU C 85 4.55 -48.96 -9.72
CA GLU C 85 5.27 -50.10 -9.18
C GLU C 85 5.15 -51.32 -10.08
N VAL C 86 3.98 -51.53 -10.66
CA VAL C 86 3.74 -52.76 -11.43
C VAL C 86 4.38 -52.67 -12.80
N TYR C 87 4.54 -51.47 -13.35
CA TYR C 87 5.27 -51.31 -14.60
C TYR C 87 6.77 -51.41 -14.37
N GLU C 88 7.27 -50.79 -13.30
CA GLU C 88 8.69 -50.82 -13.00
C GLU C 88 9.16 -52.22 -12.66
N LYS C 89 8.35 -52.96 -11.91
CA LYS C 89 8.79 -54.23 -11.35
C LYS C 89 8.52 -55.41 -12.28
N LYS C 90 7.26 -55.58 -12.70
CA LYS C 90 6.84 -56.79 -13.40
C LYS C 90 6.82 -56.62 -14.91
N ILE C 91 6.03 -55.68 -15.43
CA ILE C 91 5.69 -55.68 -16.85
C ILE C 91 6.88 -55.23 -17.69
N ALA C 92 7.36 -54.01 -17.45
CA ALA C 92 8.28 -53.37 -18.37
C ALA C 92 9.53 -54.17 -18.70
N PRO C 93 10.12 -54.95 -17.79
CA PRO C 93 11.22 -55.84 -18.22
C PRO C 93 10.79 -56.91 -19.21
N VAL C 94 9.49 -57.14 -19.36
CA VAL C 94 9.00 -58.11 -20.34
C VAL C 94 8.72 -57.47 -21.69
N LEU C 95 8.37 -56.19 -21.73
CA LEU C 95 7.87 -55.60 -22.96
C LEU C 95 8.95 -55.43 -24.01
N GLN C 96 10.23 -55.46 -23.61
CA GLN C 96 11.29 -55.57 -24.60
C GLN C 96 11.27 -56.94 -25.26
N GLY C 97 10.71 -57.94 -24.59
CA GLY C 97 10.51 -59.24 -25.20
C GLY C 97 9.43 -59.27 -26.27
N LYS C 98 8.68 -58.17 -26.44
CA LYS C 98 7.72 -58.02 -27.52
C LYS C 98 8.30 -57.04 -28.53
N LYS C 99 7.88 -57.21 -29.79
CA LYS C 99 8.38 -56.40 -30.89
C LYS C 99 7.45 -55.26 -31.24
N GLU C 100 6.17 -55.56 -31.50
CA GLU C 100 5.12 -54.56 -31.59
C GLU C 100 4.05 -54.91 -30.59
N PHE C 101 3.55 -53.90 -29.89
CA PHE C 101 2.63 -54.11 -28.79
C PHE C 101 1.91 -52.80 -28.51
N VAL C 102 0.86 -52.89 -27.70
CA VAL C 102 0.05 -51.75 -27.32
C VAL C 102 -0.22 -51.84 -25.82
N LEU C 103 -0.46 -50.69 -25.21
CA LEU C 103 -0.69 -50.59 -23.77
C LEU C 103 -1.77 -49.54 -23.56
N ASP C 104 -3.01 -49.99 -23.38
CA ASP C 104 -4.17 -49.11 -23.32
C ASP C 104 -4.38 -48.66 -21.88
N PHE C 105 -4.24 -47.36 -21.64
CA PHE C 105 -4.42 -46.80 -20.31
C PHE C 105 -5.86 -46.34 -20.13
N ALA C 106 -6.17 -45.89 -18.92
CA ALA C 106 -7.48 -45.38 -18.55
C ALA C 106 -7.43 -43.99 -17.96
N SER C 107 -6.38 -43.67 -17.22
CA SER C 107 -6.16 -42.33 -16.67
C SER C 107 -4.71 -41.98 -16.85
N GLY C 108 -4.44 -40.88 -17.56
CA GLY C 108 -3.11 -40.55 -17.99
C GLY C 108 -2.30 -39.71 -17.02
N TYR C 109 -2.63 -39.80 -15.73
CA TYR C 109 -1.85 -39.10 -14.73
C TYR C 109 -0.42 -39.61 -14.64
N ASN C 110 -0.16 -40.85 -15.07
CA ASN C 110 1.15 -41.45 -14.97
C ASN C 110 1.93 -41.44 -16.29
N VAL C 111 1.47 -40.68 -17.28
CA VAL C 111 2.16 -40.55 -18.56
C VAL C 111 2.47 -39.10 -18.89
N ALA C 112 1.45 -38.23 -18.82
CA ALA C 112 1.67 -36.82 -19.15
C ALA C 112 2.64 -36.18 -18.17
N PHE C 113 2.72 -36.68 -16.94
CA PHE C 113 3.69 -36.22 -15.96
C PHE C 113 4.95 -37.07 -15.95
N GLY C 114 5.16 -37.92 -16.95
CA GLY C 114 6.39 -38.65 -17.11
C GLY C 114 6.74 -39.62 -16.00
N LEU C 115 5.80 -39.99 -15.14
CA LEU C 115 6.11 -40.94 -14.09
C LEU C 115 6.39 -42.33 -14.66
N ILE C 116 5.80 -42.66 -15.80
CA ILE C 116 6.07 -43.90 -16.52
C ILE C 116 6.54 -43.54 -17.92
N ARG C 117 7.47 -44.32 -18.44
CA ARG C 117 8.08 -44.08 -19.74
C ARG C 117 8.19 -45.41 -20.48
N PRO C 118 7.21 -45.76 -21.31
CA PRO C 118 7.31 -47.00 -22.07
C PRO C 118 8.36 -46.90 -23.15
N PRO C 119 8.83 -48.03 -23.71
CA PRO C 119 9.87 -47.95 -24.73
C PRO C 119 9.36 -47.43 -26.07
N LYS C 120 10.23 -47.46 -27.08
CA LYS C 120 9.97 -46.84 -28.38
C LYS C 120 9.44 -47.82 -29.42
N SER C 121 9.54 -49.13 -29.17
CA SER C 121 8.98 -50.15 -30.04
C SER C 121 7.54 -50.49 -29.69
N VAL C 122 6.83 -49.54 -29.08
CA VAL C 122 5.54 -49.78 -28.43
C VAL C 122 4.60 -48.64 -28.77
N ASP C 123 3.31 -48.97 -28.88
CA ASP C 123 2.25 -47.99 -29.05
C ASP C 123 1.58 -47.73 -27.71
N THR C 124 1.24 -46.47 -27.47
CA THR C 124 0.53 -46.06 -26.27
C THR C 124 -0.72 -45.29 -26.66
N ILE C 125 -1.81 -45.53 -25.93
CA ILE C 125 -3.10 -44.95 -26.26
C ILE C 125 -3.85 -44.64 -24.97
N MET C 126 -5.04 -44.06 -25.10
CA MET C 126 -5.85 -43.67 -23.95
C MET C 126 -7.30 -43.88 -24.32
N VAL C 127 -8.05 -44.52 -23.42
CA VAL C 127 -9.49 -44.68 -23.57
C VAL C 127 -10.13 -44.41 -22.22
N ALA C 128 -10.65 -43.20 -22.04
CA ALA C 128 -11.17 -42.75 -20.75
C ALA C 128 -12.70 -42.69 -20.79
N PRO C 129 -13.41 -43.61 -20.17
CA PRO C 129 -14.85 -43.42 -19.99
C PRO C 129 -15.15 -42.18 -19.17
N ARG C 130 -16.00 -41.32 -19.72
CA ARG C 130 -16.55 -40.17 -19.00
C ARG C 130 -17.93 -40.56 -18.51
N MET C 131 -17.94 -41.30 -17.40
CA MET C 131 -19.17 -41.85 -16.84
C MET C 131 -18.84 -42.38 -15.46
N VAL C 132 -19.88 -42.55 -14.65
CA VAL C 132 -19.69 -42.98 -13.25
C VAL C 132 -19.09 -44.38 -13.19
N GLY C 133 -19.41 -45.23 -14.17
CA GLY C 133 -18.85 -46.57 -14.27
C GLY C 133 -19.83 -47.70 -14.06
N GLU C 134 -20.71 -47.58 -13.06
CA GLU C 134 -21.66 -48.66 -12.78
C GLU C 134 -22.87 -48.57 -13.70
N GLY C 135 -23.38 -47.35 -13.90
CA GLY C 135 -24.56 -47.16 -14.73
C GLY C 135 -24.42 -47.69 -16.14
N ILE C 136 -23.18 -47.82 -16.63
CA ILE C 136 -22.93 -48.20 -18.02
C ILE C 136 -23.56 -49.54 -18.34
N MET C 137 -23.70 -50.42 -17.35
CA MET C 137 -24.50 -51.63 -17.54
C MET C 137 -25.95 -51.28 -17.84
N ASP C 138 -26.54 -50.41 -17.03
CA ASP C 138 -27.90 -49.94 -17.28
C ASP C 138 -27.99 -49.17 -18.59
N LEU C 139 -26.88 -48.61 -19.07
CA LEU C 139 -26.85 -47.90 -20.34
C LEU C 139 -26.44 -48.80 -21.51
N HIS C 140 -25.59 -49.80 -21.27
CA HIS C 140 -25.20 -50.71 -22.34
C HIS C 140 -26.29 -51.75 -22.60
N LYS C 141 -26.91 -52.25 -21.53
CA LYS C 141 -28.03 -53.18 -21.69
C LYS C 141 -29.24 -52.53 -22.34
N GLN C 142 -29.28 -51.19 -22.39
CA GLN C 142 -30.20 -50.46 -23.24
C GLN C 142 -29.73 -50.40 -24.69
N GLY C 143 -28.54 -50.90 -25.01
CA GLY C 143 -27.95 -50.69 -26.31
C GLY C 143 -27.65 -49.24 -26.61
N LYS C 144 -27.30 -48.46 -25.59
CA LYS C 144 -27.17 -47.00 -25.68
C LYS C 144 -25.82 -46.61 -25.09
N GLY C 145 -24.88 -46.25 -25.95
CA GLY C 145 -23.51 -46.06 -25.53
C GLY C 145 -23.25 -44.82 -24.70
N TYR C 146 -22.03 -44.30 -24.77
CA TYR C 146 -21.60 -43.22 -23.89
C TYR C 146 -20.34 -42.59 -24.46
N PRO C 147 -19.89 -41.46 -23.92
CA PRO C 147 -18.69 -40.81 -24.47
C PRO C 147 -17.40 -41.40 -23.91
N VAL C 148 -16.32 -41.19 -24.68
CA VAL C 148 -14.97 -41.53 -24.26
C VAL C 148 -14.03 -40.43 -24.71
N LEU C 149 -12.75 -40.62 -24.41
CA LEU C 149 -11.68 -39.77 -24.89
C LEU C 149 -10.60 -40.63 -25.53
N LEU C 150 -9.81 -40.02 -26.41
CA LEU C 150 -8.78 -40.74 -27.15
C LEU C 150 -7.53 -39.87 -27.23
N GLY C 151 -6.39 -40.53 -27.34
CA GLY C 151 -5.12 -39.83 -27.39
C GLY C 151 -3.98 -40.78 -27.70
N VAL C 152 -2.84 -40.19 -27.99
CA VAL C 152 -1.63 -40.93 -28.35
C VAL C 152 -0.44 -40.24 -27.70
N LYS C 153 0.46 -41.05 -27.13
CA LYS C 153 1.77 -40.60 -26.69
C LYS C 153 2.86 -40.98 -27.68
N GLN C 154 2.70 -42.11 -28.37
CA GLN C 154 3.68 -42.53 -29.37
C GLN C 154 3.03 -43.52 -30.32
N ASP C 155 3.38 -43.41 -31.60
CA ASP C 155 2.90 -44.30 -32.65
C ASP C 155 4.09 -44.74 -33.50
N ALA C 156 4.76 -45.79 -33.06
CA ALA C 156 5.86 -46.39 -33.79
C ALA C 156 5.41 -47.62 -34.58
N SER C 157 4.13 -47.65 -34.96
CA SER C 157 3.55 -48.73 -35.76
C SER C 157 2.64 -48.23 -36.87
N GLY C 158 2.43 -46.92 -36.99
CA GLY C 158 1.63 -46.37 -38.06
C GLY C 158 0.14 -46.54 -37.94
N LYS C 159 -0.35 -47.36 -37.00
CA LYS C 159 -1.77 -47.68 -36.89
C LYS C 159 -2.20 -47.57 -35.43
N ALA C 160 -1.80 -46.49 -34.77
CA ALA C 160 -2.31 -46.24 -33.41
C ALA C 160 -3.78 -45.87 -33.45
N TRP C 161 -4.17 -44.99 -34.37
CA TRP C 161 -5.54 -44.51 -34.42
C TRP C 161 -6.49 -45.58 -34.93
N ASP C 162 -6.03 -46.48 -35.79
CA ASP C 162 -6.88 -47.57 -36.25
C ASP C 162 -7.15 -48.59 -35.15
N TYR C 163 -6.36 -48.56 -34.07
CA TYR C 163 -6.67 -49.35 -32.88
C TYR C 163 -7.62 -48.59 -31.96
N ALA C 164 -7.21 -47.39 -31.55
CA ALA C 164 -7.97 -46.62 -30.55
C ALA C 164 -9.38 -46.35 -31.03
N LYS C 165 -9.54 -45.91 -32.27
CA LYS C 165 -10.86 -45.74 -32.85
C LYS C 165 -11.63 -47.05 -32.84
N ALA C 166 -10.92 -48.18 -32.93
CA ALA C 166 -11.57 -49.48 -33.05
C ALA C 166 -11.85 -50.11 -31.69
N ILE C 167 -11.09 -49.76 -30.65
CA ILE C 167 -11.35 -50.31 -29.32
C ILE C 167 -12.70 -49.83 -28.81
N ALA C 168 -12.96 -48.52 -28.92
CA ALA C 168 -14.15 -47.94 -28.31
C ALA C 168 -15.45 -48.55 -28.83
N LYS C 169 -15.42 -49.15 -30.02
CA LYS C 169 -16.61 -49.85 -30.50
C LYS C 169 -16.89 -51.11 -29.70
N GLY C 170 -15.89 -51.64 -29.00
CA GLY C 170 -16.03 -52.89 -28.28
C GLY C 170 -16.26 -52.77 -26.79
N ILE C 171 -16.35 -51.55 -26.26
CA ILE C 171 -16.62 -51.33 -24.85
C ILE C 171 -17.91 -50.54 -24.70
N GLY C 172 -18.85 -50.73 -25.64
CA GLY C 172 -20.14 -50.09 -25.54
C GLY C 172 -20.12 -48.57 -25.58
N ALA C 173 -19.06 -47.98 -26.13
CA ALA C 173 -18.93 -46.53 -26.21
C ALA C 173 -19.41 -45.96 -27.53
N ILE C 174 -19.20 -46.67 -28.64
CA ILE C 174 -19.75 -46.31 -29.94
C ILE C 174 -20.29 -47.59 -30.56
N PRO C 175 -21.33 -47.55 -31.41
CA PRO C 175 -22.04 -46.38 -31.92
C PRO C 175 -23.05 -45.84 -30.91
N GLY C 176 -23.83 -44.86 -31.32
CA GLY C 176 -24.82 -44.25 -30.45
C GLY C 176 -24.25 -43.06 -29.71
N GLY C 177 -23.20 -43.30 -28.94
CA GLY C 177 -22.46 -42.24 -28.30
C GLY C 177 -21.52 -41.58 -29.27
N ILE C 178 -20.46 -40.97 -28.76
CA ILE C 178 -19.40 -40.40 -29.57
C ILE C 178 -18.06 -40.69 -28.90
N ALA C 179 -16.99 -40.25 -29.56
CA ALA C 179 -15.64 -40.42 -29.08
C ALA C 179 -14.86 -39.17 -29.44
N VAL C 180 -14.25 -38.54 -28.46
CA VAL C 180 -13.60 -37.24 -28.64
C VAL C 180 -12.10 -37.47 -28.66
N ILE C 181 -11.41 -36.61 -29.42
CA ILE C 181 -9.99 -36.74 -29.69
C ILE C 181 -9.23 -35.73 -28.88
N SER C 182 -8.29 -36.21 -28.06
CA SER C 182 -7.54 -35.38 -27.12
C SER C 182 -6.16 -35.99 -26.96
N SER C 183 -5.46 -35.58 -25.91
CA SER C 183 -4.14 -36.09 -25.56
C SER C 183 -4.19 -36.65 -24.14
N PHE C 184 -3.03 -37.08 -23.64
CA PHE C 184 -2.89 -37.38 -22.23
C PHE C 184 -2.77 -36.10 -21.41
N GLU C 185 -2.07 -35.11 -21.96
CA GLU C 185 -1.81 -33.87 -21.22
C GLU C 185 -3.10 -33.14 -20.92
N GLU C 186 -4.06 -33.19 -21.84
CA GLU C 186 -5.38 -32.65 -21.60
C GLU C 186 -6.26 -33.59 -20.78
N GLU C 187 -5.99 -34.89 -20.82
CA GLU C 187 -6.77 -35.85 -20.05
C GLU C 187 -6.60 -35.59 -18.55
N ALA C 188 -5.36 -35.43 -18.11
CA ALA C 188 -5.09 -35.31 -16.69
C ALA C 188 -5.49 -33.94 -16.14
N LEU C 189 -5.52 -32.91 -16.99
CA LEU C 189 -5.89 -31.58 -16.50
C LEU C 189 -7.39 -31.53 -16.18
N LEU C 190 -8.22 -31.89 -17.15
CA LEU C 190 -9.66 -31.84 -16.94
C LEU C 190 -10.09 -32.81 -15.86
N ASP C 191 -9.44 -33.97 -15.78
CA ASP C 191 -9.76 -34.94 -14.75
C ASP C 191 -9.28 -34.52 -13.37
N LEU C 192 -8.24 -33.69 -13.30
CA LEU C 192 -7.77 -33.15 -12.04
C LEU C 192 -8.44 -31.83 -11.68
N MET C 193 -8.46 -30.88 -12.63
CA MET C 193 -8.92 -29.53 -12.35
C MET C 193 -10.38 -29.47 -11.96
N SER C 194 -11.14 -30.56 -12.12
CA SER C 194 -12.47 -30.62 -11.53
C SER C 194 -12.39 -30.92 -10.04
N GLU C 195 -11.42 -31.74 -9.64
CA GLU C 195 -11.29 -32.12 -8.24
C GLU C 195 -10.63 -31.05 -7.38
N HIS C 196 -10.09 -29.99 -8.00
CA HIS C 196 -9.39 -28.94 -7.28
C HIS C 196 -10.13 -27.63 -7.21
N THR C 197 -11.05 -27.38 -8.13
CA THR C 197 -11.56 -26.04 -8.38
C THR C 197 -13.02 -25.87 -8.01
N TRP C 198 -13.94 -26.64 -8.58
CA TRP C 198 -15.36 -26.49 -8.31
C TRP C 198 -15.90 -27.55 -7.36
N VAL C 199 -15.12 -28.57 -7.04
CA VAL C 199 -15.49 -29.53 -6.01
C VAL C 199 -15.26 -28.90 -4.64
N PRO C 200 -14.05 -28.47 -4.29
CA PRO C 200 -13.84 -27.99 -2.91
C PRO C 200 -14.50 -26.65 -2.63
N ILE C 201 -14.47 -25.74 -3.60
CA ILE C 201 -15.10 -24.44 -3.42
C ILE C 201 -16.61 -24.58 -3.22
N LEU C 202 -17.20 -25.69 -3.67
CA LEU C 202 -18.56 -26.01 -3.26
C LEU C 202 -18.60 -26.40 -1.79
N PHE C 203 -17.83 -27.41 -1.41
CA PHE C 203 -17.80 -27.84 -0.02
C PHE C 203 -17.23 -26.76 0.89
N GLY C 204 -16.44 -25.84 0.34
CA GLY C 204 -15.88 -24.77 1.15
C GLY C 204 -16.86 -23.66 1.44
N ALA C 205 -17.94 -23.56 0.67
CA ALA C 205 -18.95 -22.54 0.88
C ALA C 205 -20.04 -23.00 1.83
N ILE C 206 -20.53 -24.23 1.63
CA ILE C 206 -21.50 -24.81 2.54
C ILE C 206 -20.94 -24.84 3.96
N LYS C 207 -19.65 -25.16 4.09
CA LYS C 207 -19.01 -25.13 5.41
C LYS C 207 -19.03 -23.73 6.00
N ALA C 208 -19.05 -22.70 5.15
CA ALA C 208 -19.04 -21.31 5.59
C ALA C 208 -20.40 -20.63 5.45
N CYS C 209 -21.38 -21.29 4.84
CA CYS C 209 -22.77 -20.87 4.97
C CYS C 209 -23.43 -21.47 6.20
N TYR C 210 -22.78 -22.45 6.83
CA TYR C 210 -23.21 -23.01 8.10
C TYR C 210 -22.52 -22.29 9.25
N ASP C 211 -21.20 -22.11 9.16
CA ASP C 211 -20.43 -21.46 10.21
C ASP C 211 -20.80 -19.99 10.40
N ILE C 212 -21.55 -19.40 9.47
CA ILE C 212 -21.96 -18.01 9.54
C ILE C 212 -23.41 -17.96 10.01
N ALA C 213 -24.20 -18.96 9.63
CA ALA C 213 -25.61 -18.96 9.99
C ALA C 213 -25.82 -19.36 11.44
N VAL C 214 -25.00 -20.28 11.95
CA VAL C 214 -25.16 -20.76 13.32
C VAL C 214 -24.46 -19.86 14.31
N LYS C 215 -23.17 -19.64 14.11
CA LYS C 215 -22.32 -19.05 15.14
C LYS C 215 -22.32 -17.52 15.13
N GLU C 216 -23.01 -16.89 14.17
CA GLU C 216 -23.00 -15.42 14.07
C GLU C 216 -24.41 -14.84 13.92
N TYR C 217 -25.35 -15.63 13.40
CA TYR C 217 -26.68 -15.13 13.07
C TYR C 217 -27.81 -15.91 13.77
N GLY C 218 -27.48 -16.77 14.71
CA GLY C 218 -28.49 -17.36 15.58
C GLY C 218 -29.50 -18.23 14.85
N VAL C 219 -29.07 -19.39 14.37
CA VAL C 219 -29.92 -20.28 13.59
C VAL C 219 -29.85 -21.68 14.21
N SER C 220 -30.96 -22.39 14.08
CA SER C 220 -31.03 -23.78 14.54
C SER C 220 -30.14 -24.65 13.64
N PRO C 221 -29.20 -25.43 14.19
CA PRO C 221 -28.41 -26.30 13.33
C PRO C 221 -29.22 -27.33 12.56
N GLU C 222 -30.32 -27.83 13.13
CA GLU C 222 -31.10 -28.85 12.44
C GLU C 222 -31.76 -28.33 11.18
N ALA C 223 -31.95 -27.02 11.05
CA ALA C 223 -32.55 -26.42 9.87
C ALA C 223 -31.53 -26.02 8.82
N ALA C 224 -30.35 -25.60 9.23
CA ALA C 224 -29.35 -25.14 8.28
C ALA C 224 -28.94 -26.24 7.31
N LEU C 225 -28.93 -27.48 7.78
CA LEU C 225 -28.57 -28.60 6.93
C LEU C 225 -29.74 -29.03 6.04
N LEU C 226 -30.97 -28.82 6.50
CA LEU C 226 -32.14 -29.23 5.72
C LEU C 226 -32.32 -28.37 4.47
N GLU C 227 -31.69 -27.21 4.41
CA GLU C 227 -31.82 -26.32 3.26
C GLU C 227 -30.68 -26.48 2.28
N PHE C 228 -29.46 -26.71 2.77
CA PHE C 228 -28.30 -26.75 1.88
C PHE C 228 -28.25 -28.05 1.08
N TYR C 229 -28.05 -29.18 1.78
CA TYR C 229 -27.70 -30.42 1.08
C TYR C 229 -28.29 -31.69 1.70
N ALA C 230 -29.14 -31.59 2.72
CA ALA C 230 -29.88 -32.74 3.21
C ALA C 230 -31.21 -32.93 2.49
N SER C 231 -31.49 -32.11 1.47
CA SER C 231 -32.74 -32.11 0.74
C SER C 231 -32.50 -32.53 -0.70
N GLY C 232 -33.55 -32.45 -1.51
CA GLY C 232 -33.44 -32.63 -2.94
C GLY C 232 -33.07 -31.38 -3.70
N GLU C 233 -32.56 -30.35 -3.00
CA GLU C 233 -32.12 -29.13 -3.67
C GLU C 233 -31.05 -29.44 -4.71
N LEU C 234 -29.98 -30.10 -4.29
CA LEU C 234 -28.87 -30.44 -5.18
C LEU C 234 -29.02 -31.80 -5.83
N ALA C 235 -29.91 -32.65 -5.33
CA ALA C 235 -30.02 -34.01 -5.84
C ALA C 235 -30.68 -34.06 -7.21
N GLU C 236 -31.47 -33.04 -7.57
CA GLU C 236 -32.29 -33.06 -8.77
C GLU C 236 -32.05 -31.89 -9.71
N ILE C 237 -31.19 -30.93 -9.35
CA ILE C 237 -30.77 -29.88 -10.27
C ILE C 237 -29.40 -30.23 -10.85
N ALA C 238 -29.04 -31.52 -10.82
CA ALA C 238 -27.90 -32.05 -11.54
C ALA C 238 -28.32 -32.78 -12.80
N ARG C 239 -29.41 -33.55 -12.72
CA ARG C 239 -29.99 -34.15 -13.92
C ARG C 239 -30.62 -33.10 -14.82
N LEU C 240 -31.21 -32.05 -14.22
CA LEU C 240 -31.73 -30.96 -15.02
C LEU C 240 -30.62 -30.25 -15.78
N ILE C 241 -29.48 -30.03 -15.13
CA ILE C 241 -28.31 -29.49 -15.82
C ILE C 241 -27.82 -30.47 -16.87
N ALA C 242 -28.02 -31.76 -16.65
CA ALA C 242 -27.58 -32.78 -17.61
C ALA C 242 -28.55 -32.92 -18.77
N GLU C 243 -29.85 -32.70 -18.54
CA GLU C 243 -30.88 -32.96 -19.53
C GLU C 243 -31.26 -31.73 -20.33
N GLU C 244 -31.15 -30.54 -19.75
CA GLU C 244 -31.72 -29.32 -20.33
C GLU C 244 -30.66 -28.33 -20.77
N GLY C 245 -29.72 -27.97 -19.90
CA GLY C 245 -28.76 -26.94 -20.19
C GLY C 245 -28.43 -26.13 -18.95
N ILE C 246 -27.14 -25.91 -18.71
CA ILE C 246 -26.68 -25.27 -17.49
C ILE C 246 -27.17 -23.85 -17.34
N PHE C 247 -27.63 -23.22 -18.42
CA PHE C 247 -28.28 -21.91 -18.38
C PHE C 247 -29.68 -22.00 -18.97
N ASN C 248 -30.32 -23.17 -18.87
CA ASN C 248 -31.65 -23.38 -19.40
C ASN C 248 -32.57 -24.15 -18.46
N GLN C 249 -32.07 -24.59 -17.30
CA GLN C 249 -32.94 -25.15 -16.27
C GLN C 249 -33.65 -24.08 -15.46
N MET C 250 -33.10 -22.87 -15.42
CA MET C 250 -33.47 -21.86 -14.45
C MET C 250 -34.82 -21.22 -14.75
N VAL C 251 -35.45 -21.57 -15.87
CA VAL C 251 -36.83 -21.13 -16.11
C VAL C 251 -37.77 -21.89 -15.17
N HIS C 252 -37.40 -23.10 -14.76
CA HIS C 252 -38.24 -23.87 -13.86
C HIS C 252 -38.35 -23.20 -12.50
N HIS C 253 -37.26 -22.62 -12.01
CA HIS C 253 -37.30 -21.82 -10.80
C HIS C 253 -37.91 -20.46 -11.08
N SER C 254 -38.01 -19.64 -10.03
CA SER C 254 -38.66 -18.34 -10.11
C SER C 254 -37.61 -17.24 -10.27
N THR C 255 -38.07 -16.00 -10.49
CA THR C 255 -37.16 -14.90 -10.74
C THR C 255 -36.33 -14.57 -9.50
N THR C 256 -36.93 -14.66 -8.31
CA THR C 256 -36.17 -14.46 -7.08
C THR C 256 -35.00 -15.42 -6.94
N SER C 257 -35.09 -16.59 -7.57
CA SER C 257 -33.99 -17.54 -7.60
C SER C 257 -33.06 -17.31 -8.80
N GLN C 258 -33.59 -16.70 -9.86
CA GLN C 258 -32.81 -16.40 -11.05
C GLN C 258 -32.02 -15.12 -10.91
N TYR C 259 -32.64 -14.07 -10.40
CA TYR C 259 -32.01 -12.76 -10.37
C TYR C 259 -30.83 -12.73 -9.41
N GLY C 260 -31.01 -13.30 -8.22
CA GLY C 260 -29.92 -13.35 -7.27
C GLY C 260 -28.74 -14.18 -7.76
N THR C 261 -29.03 -15.19 -8.57
CA THR C 261 -27.96 -16.03 -9.12
C THR C 261 -27.09 -15.23 -10.08
N LEU C 262 -27.71 -14.68 -11.12
CA LEU C 262 -26.96 -14.09 -12.22
C LEU C 262 -26.23 -12.82 -11.81
N THR C 263 -26.85 -11.99 -10.97
CA THR C 263 -26.19 -10.76 -10.52
C THR C 263 -24.94 -11.06 -9.71
N ARG C 264 -24.86 -12.24 -9.10
CA ARG C 264 -23.73 -12.62 -8.27
C ARG C 264 -22.81 -13.63 -8.96
N MET C 265 -23.21 -14.16 -10.11
CA MET C 265 -22.31 -15.02 -10.87
C MET C 265 -21.28 -14.19 -11.63
N PHE C 266 -21.72 -13.13 -12.30
CA PHE C 266 -20.81 -12.24 -12.99
C PHE C 266 -20.08 -11.31 -12.03
N LYS C 267 -20.51 -11.23 -10.78
CA LYS C 267 -19.81 -10.44 -9.78
C LYS C 267 -18.61 -11.20 -9.19
N TYR C 268 -18.54 -12.50 -9.39
CA TYR C 268 -17.49 -13.34 -8.84
C TYR C 268 -16.81 -14.21 -9.88
N TYR C 269 -17.08 -13.97 -11.17
CA TYR C 269 -16.37 -14.68 -12.23
C TYR C 269 -14.89 -14.35 -12.23
N ASP C 270 -14.50 -13.20 -11.67
CA ASP C 270 -13.10 -12.79 -11.69
C ASP C 270 -12.31 -13.47 -10.57
N VAL C 271 -12.90 -13.62 -9.39
CA VAL C 271 -12.20 -14.22 -8.27
C VAL C 271 -11.91 -15.69 -8.54
N VAL C 272 -12.94 -16.46 -8.90
CA VAL C 272 -12.74 -17.88 -9.20
C VAL C 272 -11.92 -18.06 -10.48
N ARG C 273 -11.90 -17.05 -11.34
CA ARG C 273 -10.94 -17.06 -12.45
C ARG C 273 -9.53 -16.92 -11.93
N ARG C 274 -9.31 -16.03 -10.97
CA ARG C 274 -8.02 -15.86 -10.34
C ARG C 274 -7.62 -17.08 -9.52
N ILE C 275 -8.58 -17.86 -9.05
CA ILE C 275 -8.28 -19.06 -8.29
C ILE C 275 -7.88 -20.20 -9.22
N VAL C 276 -8.54 -20.30 -10.38
CA VAL C 276 -8.32 -21.44 -11.25
C VAL C 276 -7.07 -21.25 -12.10
N GLU C 277 -6.72 -20.00 -12.43
CA GLU C 277 -5.47 -19.73 -13.10
C GLU C 277 -4.29 -20.28 -12.31
N ASN C 278 -4.33 -20.11 -10.99
CA ASN C 278 -3.25 -20.61 -10.15
C ASN C 278 -3.28 -22.13 -10.04
N GLU C 279 -4.48 -22.70 -9.97
CA GLU C 279 -4.60 -24.14 -9.79
C GLU C 279 -4.39 -24.92 -11.08
N ALA C 280 -4.22 -24.24 -12.22
CA ALA C 280 -3.87 -24.88 -13.48
C ALA C 280 -2.39 -24.78 -13.77
N LYS C 281 -1.80 -23.61 -13.49
CA LYS C 281 -0.35 -23.47 -13.58
C LYS C 281 0.36 -24.38 -12.59
N TYR C 282 -0.30 -24.71 -11.47
CA TYR C 282 0.25 -25.63 -10.49
C TYR C 282 0.08 -27.09 -10.88
N ILE C 283 -0.47 -27.36 -12.06
CA ILE C 283 -0.65 -28.72 -12.57
C ILE C 283 0.04 -28.89 -13.91
N TRP C 284 -0.09 -27.89 -14.80
CA TRP C 284 0.56 -27.92 -16.10
C TRP C 284 2.07 -28.08 -15.96
N ASP C 285 2.65 -27.51 -14.91
CA ASP C 285 4.08 -27.60 -14.65
C ASP C 285 4.46 -28.85 -13.87
N GLY C 286 3.52 -29.77 -13.64
CA GLY C 286 3.83 -30.97 -12.90
C GLY C 286 4.18 -30.75 -11.45
N SER C 287 3.83 -29.60 -10.88
CA SER C 287 4.08 -29.33 -9.47
C SER C 287 3.04 -29.92 -8.55
N PHE C 288 2.20 -30.84 -9.03
CA PHE C 288 1.28 -31.60 -8.21
C PHE C 288 1.75 -33.02 -7.99
N ALA C 289 2.35 -33.63 -9.01
CA ALA C 289 2.92 -34.96 -8.83
C ALA C 289 4.05 -34.94 -7.82
N LYS C 290 4.85 -33.87 -7.82
CA LYS C 290 5.85 -33.71 -6.77
C LYS C 290 5.21 -33.59 -5.41
N GLU C 291 3.98 -33.08 -5.34
CA GLU C 291 3.27 -32.94 -4.08
C GLU C 291 2.59 -34.24 -3.68
N TRP C 292 2.11 -35.01 -4.66
CA TRP C 292 1.38 -36.25 -4.39
C TRP C 292 2.28 -37.47 -4.37
N SER C 293 3.39 -37.46 -5.12
CA SER C 293 4.30 -38.60 -5.10
C SER C 293 5.16 -38.62 -3.86
N LEU C 294 5.33 -37.47 -3.21
CA LEU C 294 6.11 -37.41 -1.97
C LEU C 294 5.27 -37.83 -0.77
N GLU C 295 3.96 -37.57 -0.82
CA GLU C 295 3.10 -37.94 0.30
C GLU C 295 3.05 -39.45 0.48
N GLN C 296 3.07 -40.20 -0.62
CA GLN C 296 3.05 -41.65 -0.51
C GLN C 296 4.31 -42.18 0.16
N GLN C 297 5.42 -41.43 0.05
CA GLN C 297 6.69 -41.89 0.59
C GLN C 297 6.76 -41.66 2.08
N ALA C 298 6.19 -40.55 2.56
CA ALA C 298 6.33 -40.18 3.96
C ALA C 298 5.49 -41.06 4.88
N GLY C 299 4.33 -41.50 4.42
CA GLY C 299 3.44 -42.32 5.23
C GLY C 299 2.02 -41.79 5.32
N TYR C 300 1.65 -40.92 4.39
CA TYR C 300 0.35 -40.24 4.39
C TYR C 300 0.12 -39.49 5.70
N PRO C 301 0.96 -38.50 6.03
CA PRO C 301 0.81 -37.79 7.30
C PRO C 301 -0.22 -36.66 7.29
N VAL C 302 -0.33 -35.94 6.18
CA VAL C 302 -1.30 -34.87 6.08
C VAL C 302 -2.66 -35.44 5.69
N PHE C 303 -2.64 -36.44 4.80
CA PHE C 303 -3.85 -37.11 4.37
C PHE C 303 -4.63 -37.70 5.54
N TYR C 304 -3.94 -38.12 6.60
CA TYR C 304 -4.59 -38.72 7.75
C TYR C 304 -5.21 -37.68 8.67
N ARG C 305 -4.63 -36.49 8.71
CA ARG C 305 -5.11 -35.47 9.63
C ARG C 305 -6.41 -34.85 9.14
N LEU C 306 -6.47 -34.54 7.84
CA LEU C 306 -7.55 -33.73 7.32
C LEU C 306 -8.88 -34.47 7.27
N TRP C 307 -8.89 -35.80 7.34
CA TRP C 307 -10.14 -36.49 7.66
C TRP C 307 -10.52 -36.25 9.10
N GLU C 308 -9.53 -36.11 9.98
CA GLU C 308 -9.80 -36.05 11.41
C GLU C 308 -10.29 -34.68 11.84
N LEU C 309 -10.15 -33.66 10.98
CA LEU C 309 -10.78 -32.37 11.19
C LEU C 309 -12.16 -32.34 10.55
N ALA C 310 -12.26 -32.81 9.31
CA ALA C 310 -13.56 -32.84 8.63
C ALA C 310 -14.54 -33.73 9.37
N THR C 311 -14.11 -34.92 9.78
CA THR C 311 -14.98 -35.88 10.44
C THR C 311 -15.06 -35.68 11.95
N GLN C 312 -14.55 -34.56 12.47
CA GLN C 312 -14.71 -34.22 13.87
C GLN C 312 -15.02 -32.73 14.07
N SER C 313 -15.45 -32.04 13.02
CA SER C 313 -15.70 -30.61 13.11
C SER C 313 -17.01 -30.36 13.86
N GLU C 314 -17.39 -29.10 13.96
CA GLU C 314 -18.67 -28.73 14.55
C GLU C 314 -19.84 -28.95 13.61
N MET C 315 -19.57 -29.19 12.31
CA MET C 315 -20.63 -29.37 11.34
C MET C 315 -21.10 -30.83 11.27
N ALA C 316 -20.19 -31.74 10.96
CA ALA C 316 -20.56 -33.14 10.78
C ALA C 316 -21.13 -33.73 12.06
N LYS C 317 -20.66 -33.25 13.22
CA LYS C 317 -21.22 -33.65 14.50
C LYS C 317 -22.73 -33.48 14.52
N ALA C 318 -23.20 -32.31 14.09
CA ALA C 318 -24.62 -32.00 14.09
C ALA C 318 -25.34 -32.53 12.86
N GLU C 319 -24.61 -32.98 11.84
CA GLU C 319 -25.21 -33.70 10.73
C GLU C 319 -25.39 -35.18 11.07
N LYS C 320 -24.50 -35.72 11.90
CA LYS C 320 -24.56 -37.13 12.24
C LYS C 320 -25.86 -37.46 12.97
N GLU C 321 -26.23 -36.62 13.95
CA GLU C 321 -27.44 -36.88 14.73
C GLU C 321 -28.69 -36.72 13.88
N LEU C 322 -28.68 -35.77 12.95
CA LEU C 322 -29.90 -35.48 12.19
C LEU C 322 -30.32 -36.67 11.34
N TYR C 323 -29.36 -37.41 10.79
CA TYR C 323 -29.72 -38.63 10.08
C TYR C 323 -30.17 -39.71 11.05
N LYS C 324 -29.61 -39.69 12.26
CA LYS C 324 -30.13 -40.52 13.34
C LYS C 324 -31.56 -40.12 13.69
N LEU C 325 -31.88 -38.84 13.54
CA LEU C 325 -33.22 -38.32 13.80
C LEU C 325 -34.12 -38.39 12.58
N LEU C 326 -33.58 -38.69 11.40
CA LEU C 326 -34.40 -38.95 10.22
C LEU C 326 -34.68 -40.44 10.08
N GLY C 327 -33.63 -41.25 10.00
CA GLY C 327 -33.74 -42.67 9.77
C GLY C 327 -32.75 -43.20 8.75
N ARG C 328 -31.89 -42.34 8.21
CA ARG C 328 -30.90 -42.78 7.25
C ARG C 328 -29.75 -43.51 7.96
N LYS C 329 -28.85 -44.08 7.16
CA LYS C 329 -27.69 -44.76 7.71
C LYS C 329 -26.81 -43.78 8.48
N VAL C 330 -26.79 -43.90 9.79
CA VAL C 330 -25.82 -43.15 10.60
C VAL C 330 -24.48 -43.86 10.52
N LYS C 331 -23.43 -43.10 10.17
CA LYS C 331 -22.10 -43.67 10.09
C LYS C 331 -21.58 -43.99 11.49
N ASN C 332 -20.88 -45.12 11.60
CA ASN C 332 -20.21 -45.51 12.84
C ASN C 332 -18.79 -44.95 12.76
N ASP C 333 -18.63 -43.70 13.20
CA ASP C 333 -17.33 -43.03 13.15
C ASP C 333 -17.26 -41.95 14.22
N LYS D 3 -36.84 -27.60 20.04
CA LYS D 3 -35.68 -28.25 19.44
C LYS D 3 -36.08 -29.06 18.22
N THR D 4 -36.76 -30.18 18.47
CA THR D 4 -37.10 -31.16 17.45
C THR D 4 -38.54 -31.59 17.65
N VAL D 5 -39.35 -31.46 16.61
CA VAL D 5 -40.76 -31.82 16.63
C VAL D 5 -40.95 -33.08 15.79
N LEU D 6 -41.83 -33.97 16.26
CA LEU D 6 -42.07 -35.25 15.61
C LEU D 6 -43.54 -35.61 15.46
N ASP D 7 -44.47 -34.91 16.10
CA ASP D 7 -45.86 -35.30 16.09
C ASP D 7 -46.67 -34.21 16.80
N ALA D 8 -47.96 -34.16 16.48
CA ALA D 8 -48.91 -33.29 17.17
C ALA D 8 -50.31 -33.72 16.72
N ASN D 9 -51.32 -33.12 17.35
CA ASN D 9 -52.70 -33.48 17.07
C ASN D 9 -53.11 -32.98 15.68
N LEU D 10 -54.36 -33.27 15.33
CA LEU D 10 -54.98 -32.75 14.12
C LEU D 10 -56.37 -32.16 14.36
N ASP D 11 -56.92 -32.29 15.56
CA ASP D 11 -58.23 -31.75 15.93
C ASP D 11 -58.33 -30.22 15.93
N PRO D 12 -57.28 -29.45 16.22
CA PRO D 12 -57.46 -27.98 16.20
C PRO D 12 -57.89 -27.42 14.86
N LEU D 13 -57.70 -28.17 13.77
CA LEU D 13 -58.15 -27.78 12.45
C LEU D 13 -59.46 -28.42 12.05
N LYS D 14 -59.73 -29.64 12.53
CA LYS D 14 -61.05 -30.23 12.37
C LYS D 14 -62.08 -29.36 13.08
N GLY D 15 -63.24 -29.23 12.45
CA GLY D 15 -64.21 -28.26 12.87
C GLY D 15 -63.98 -26.87 12.32
N LYS D 16 -63.00 -26.70 11.44
CA LYS D 16 -62.71 -25.41 10.81
C LYS D 16 -62.38 -25.63 9.34
N THR D 17 -62.94 -24.78 8.49
CA THR D 17 -62.63 -24.81 7.07
C THR D 17 -61.22 -24.33 6.81
N ILE D 18 -60.56 -24.95 5.85
CA ILE D 18 -59.24 -24.54 5.36
C ILE D 18 -59.41 -23.96 3.97
N GLY D 19 -58.77 -22.83 3.71
CA GLY D 19 -58.82 -22.20 2.39
C GLY D 19 -57.53 -22.30 1.61
N VAL D 20 -57.45 -23.21 0.67
CA VAL D 20 -56.27 -23.31 -0.18
C VAL D 20 -56.31 -22.18 -1.18
N ILE D 21 -55.22 -21.42 -1.23
CA ILE D 21 -55.02 -20.36 -2.22
C ILE D 21 -53.87 -20.76 -3.11
N GLY D 22 -54.01 -20.53 -4.40
CA GLY D 22 -53.01 -20.93 -5.35
C GLY D 22 -53.11 -22.42 -5.65
N TYR D 23 -52.87 -22.76 -6.91
CA TYR D 23 -52.93 -24.13 -7.40
C TYR D 23 -51.73 -24.37 -8.31
N GLY D 24 -50.58 -23.83 -7.94
CA GLY D 24 -49.38 -23.96 -8.75
C GLY D 24 -48.82 -25.35 -8.67
N ASN D 25 -47.50 -25.44 -8.80
CA ASN D 25 -46.81 -26.71 -8.66
C ASN D 25 -46.54 -27.07 -7.21
N GLN D 26 -47.03 -26.26 -6.26
CA GLN D 26 -47.03 -26.56 -4.84
C GLN D 26 -48.42 -26.57 -4.25
N GLY D 27 -49.35 -25.84 -4.87
CA GLY D 27 -50.72 -25.81 -4.38
C GLY D 27 -51.39 -27.16 -4.40
N ARG D 28 -51.28 -27.86 -5.54
CA ARG D 28 -51.97 -29.14 -5.69
C ARG D 28 -51.49 -30.17 -4.68
N VAL D 29 -50.26 -30.05 -4.20
CA VAL D 29 -49.66 -31.11 -3.39
C VAL D 29 -50.23 -31.08 -1.97
N GLN D 30 -50.10 -29.93 -1.30
CA GLN D 30 -50.72 -29.77 0.01
C GLN D 30 -52.23 -29.81 -0.08
N ALA D 31 -52.80 -29.49 -1.25
CA ALA D 31 -54.25 -29.55 -1.42
C ALA D 31 -54.74 -30.98 -1.41
N THR D 32 -54.22 -31.81 -2.32
CA THR D 32 -54.72 -33.17 -2.48
C THR D 32 -54.45 -34.00 -1.24
N ILE D 33 -53.27 -33.85 -0.63
CA ILE D 33 -52.93 -34.64 0.55
C ILE D 33 -53.92 -34.36 1.68
N MET D 34 -54.46 -33.14 1.74
CA MET D 34 -55.44 -32.83 2.78
C MET D 34 -56.82 -33.33 2.42
N ARG D 35 -57.14 -33.43 1.12
CA ARG D 35 -58.41 -34.04 0.73
C ARG D 35 -58.35 -35.55 0.82
N GLU D 36 -57.17 -36.12 0.57
CA GLU D 36 -56.97 -37.55 0.81
C GLU D 36 -57.06 -37.88 2.29
N ASN D 37 -56.88 -36.89 3.16
CA ASN D 37 -57.01 -37.06 4.61
C ASN D 37 -58.41 -36.68 5.10
N GLY D 38 -59.36 -36.45 4.20
CA GLY D 38 -60.72 -36.18 4.60
C GLY D 38 -60.89 -34.88 5.36
N LEU D 39 -60.74 -33.76 4.67
CA LEU D 39 -60.84 -32.44 5.28
C LEU D 39 -61.62 -31.50 4.36
N ASN D 40 -62.54 -30.74 4.96
CA ASN D 40 -63.31 -29.75 4.21
C ASN D 40 -62.40 -28.59 3.84
N VAL D 41 -62.01 -28.52 2.57
CA VAL D 41 -61.10 -27.51 2.06
C VAL D 41 -61.66 -26.96 0.74
N ILE D 42 -61.39 -25.67 0.51
CA ILE D 42 -61.77 -25.00 -0.73
C ILE D 42 -60.50 -24.49 -1.40
N VAL D 43 -60.65 -24.12 -2.68
CA VAL D 43 -59.50 -23.79 -3.54
C VAL D 43 -59.76 -22.48 -4.25
N GLY D 44 -59.26 -21.38 -3.70
CA GLY D 44 -59.43 -20.08 -4.33
C GLY D 44 -58.32 -19.78 -5.32
N ASN D 45 -58.70 -19.17 -6.44
CA ASN D 45 -57.78 -18.95 -7.55
C ASN D 45 -58.32 -17.85 -8.44
N VAL D 46 -57.46 -17.39 -9.33
CA VAL D 46 -57.87 -16.72 -10.56
C VAL D 46 -58.14 -17.82 -11.58
N LYS D 47 -58.93 -17.52 -12.59
CA LYS D 47 -59.45 -18.54 -13.49
C LYS D 47 -58.60 -18.61 -14.76
N ASP D 48 -57.91 -19.73 -14.95
CA ASP D 48 -57.03 -19.97 -16.08
C ASP D 48 -57.06 -21.48 -16.34
N LYS D 49 -56.06 -21.98 -17.07
CA LYS D 49 -55.98 -23.41 -17.33
C LYS D 49 -55.84 -24.20 -16.02
N TYR D 50 -55.27 -23.59 -14.99
CA TYR D 50 -55.16 -24.27 -13.70
C TYR D 50 -56.50 -24.42 -13.02
N TYR D 51 -57.45 -23.51 -13.30
CA TYR D 51 -58.79 -23.64 -12.76
C TYR D 51 -59.52 -24.82 -13.40
N GLU D 52 -59.64 -24.78 -14.74
CA GLU D 52 -60.35 -25.82 -15.47
C GLU D 52 -59.81 -27.20 -15.13
N LEU D 53 -58.48 -27.32 -15.06
CA LEU D 53 -57.86 -28.45 -14.39
C LEU D 53 -58.45 -28.65 -13.01
N ALA D 54 -58.39 -27.60 -12.17
CA ALA D 54 -58.78 -27.71 -10.77
C ALA D 54 -60.27 -27.91 -10.58
N LYS D 55 -61.09 -27.69 -11.61
CA LYS D 55 -62.51 -28.01 -11.54
C LYS D 55 -62.78 -29.44 -11.99
N LYS D 56 -61.89 -30.00 -12.80
CA LYS D 56 -61.98 -31.41 -13.17
C LYS D 56 -61.69 -32.34 -12.00
N GLU D 57 -61.13 -31.83 -10.91
CA GLU D 57 -60.76 -32.64 -9.75
C GLU D 57 -61.78 -32.59 -8.62
N GLY D 58 -62.91 -31.92 -8.82
CA GLY D 58 -63.98 -31.92 -7.85
C GLY D 58 -63.87 -30.85 -6.78
N PHE D 59 -62.73 -30.17 -6.68
CA PHE D 59 -62.56 -29.13 -5.68
C PHE D 59 -63.58 -28.02 -5.88
N GLU D 60 -63.93 -27.35 -4.79
CA GLU D 60 -64.81 -26.20 -4.82
C GLU D 60 -63.96 -24.96 -5.03
N VAL D 61 -64.14 -24.29 -6.17
CA VAL D 61 -63.48 -23.01 -6.43
C VAL D 61 -64.46 -21.89 -6.16
N TYR D 62 -63.98 -20.89 -5.43
CA TYR D 62 -64.61 -19.60 -5.30
C TYR D 62 -63.56 -18.56 -5.68
N GLU D 63 -63.99 -17.33 -5.88
CA GLU D 63 -63.01 -16.25 -5.99
C GLU D 63 -62.30 -16.07 -4.65
N ILE D 64 -61.17 -15.35 -4.70
CA ILE D 64 -60.24 -15.28 -3.58
C ILE D 64 -60.93 -14.68 -2.37
N ASP D 65 -61.41 -13.44 -2.52
CA ASP D 65 -62.08 -12.76 -1.42
C ASP D 65 -63.36 -13.46 -0.98
N GLU D 66 -63.92 -14.34 -1.82
CA GLU D 66 -65.02 -15.19 -1.37
C GLU D 66 -64.48 -16.41 -0.62
N ALA D 67 -63.33 -16.92 -1.04
CA ALA D 67 -62.76 -18.10 -0.40
C ALA D 67 -62.24 -17.77 0.99
N VAL D 68 -61.44 -16.72 1.10
CA VAL D 68 -60.81 -16.40 2.38
C VAL D 68 -61.85 -15.93 3.39
N ARG D 69 -63.01 -15.45 2.92
CA ARG D 69 -64.12 -15.18 3.81
C ARG D 69 -64.80 -16.47 4.24
N ARG D 70 -64.99 -17.40 3.30
CA ARG D 70 -65.65 -18.66 3.62
C ARG D 70 -64.87 -19.47 4.64
N SER D 71 -63.55 -19.36 4.63
CA SER D 71 -62.68 -20.26 5.36
C SER D 71 -62.30 -19.66 6.71
N ASP D 72 -61.60 -20.47 7.50
CA ASP D 72 -61.10 -20.11 8.82
C ASP D 72 -59.59 -19.90 8.83
N VAL D 73 -58.85 -20.65 8.02
CA VAL D 73 -57.43 -20.44 7.82
C VAL D 73 -57.16 -20.69 6.34
N ALA D 74 -55.98 -20.27 5.89
CA ALA D 74 -55.63 -20.40 4.49
C ALA D 74 -54.13 -20.58 4.32
N LEU D 75 -53.77 -21.25 3.24
CA LEU D 75 -52.40 -21.55 2.87
C LEU D 75 -52.09 -20.76 1.60
N LEU D 76 -51.48 -19.59 1.78
CA LEU D 76 -51.29 -18.63 0.69
C LEU D 76 -50.13 -19.09 -0.18
N LEU D 77 -50.43 -20.11 -1.00
CA LEU D 77 -49.42 -20.75 -1.83
C LEU D 77 -49.32 -20.07 -3.20
N ILE D 78 -48.99 -18.78 -3.15
CA ILE D 78 -48.65 -17.99 -4.32
C ILE D 78 -47.22 -17.53 -4.12
N PRO D 79 -46.55 -17.09 -5.20
CA PRO D 79 -45.13 -16.76 -5.09
C PRO D 79 -44.88 -15.60 -4.14
N ASP D 80 -43.59 -15.36 -3.89
CA ASP D 80 -43.15 -14.23 -3.10
C ASP D 80 -43.11 -12.93 -3.89
N GLU D 81 -43.55 -12.95 -5.15
CA GLU D 81 -43.39 -11.84 -6.08
C GLU D 81 -44.66 -11.03 -6.25
N VAL D 82 -45.81 -11.69 -6.38
CA VAL D 82 -47.10 -11.03 -6.58
C VAL D 82 -48.06 -11.38 -5.45
N MET D 83 -47.51 -11.62 -4.26
CA MET D 83 -48.33 -11.72 -3.06
C MET D 83 -48.66 -10.34 -2.51
N LYS D 84 -47.76 -9.37 -2.71
CA LYS D 84 -47.97 -8.04 -2.18
C LYS D 84 -49.18 -7.37 -2.82
N GLU D 85 -49.34 -7.54 -4.14
CA GLU D 85 -50.47 -6.93 -4.82
C GLU D 85 -51.79 -7.52 -4.36
N VAL D 86 -51.83 -8.82 -4.08
CA VAL D 86 -53.09 -9.48 -3.77
C VAL D 86 -53.49 -9.27 -2.31
N TYR D 87 -52.52 -9.09 -1.42
CA TYR D 87 -52.85 -8.73 -0.04
C TYR D 87 -53.27 -7.27 0.05
N GLU D 88 -52.57 -6.39 -0.65
CA GLU D 88 -52.88 -4.96 -0.60
C GLU D 88 -54.24 -4.68 -1.23
N LYS D 89 -54.55 -5.35 -2.35
CA LYS D 89 -55.74 -4.99 -3.13
C LYS D 89 -56.98 -5.72 -2.64
N LYS D 90 -56.93 -7.05 -2.61
CA LYS D 90 -58.13 -7.85 -2.40
C LYS D 90 -58.31 -8.30 -0.96
N ILE D 91 -57.36 -9.04 -0.40
CA ILE D 91 -57.60 -9.79 0.83
C ILE D 91 -57.69 -8.85 2.03
N ALA D 92 -56.61 -8.11 2.29
CA ALA D 92 -56.43 -7.41 3.56
C ALA D 92 -57.58 -6.49 3.95
N PRO D 93 -58.25 -5.80 3.01
CA PRO D 93 -59.46 -5.06 3.39
C PRO D 93 -60.59 -5.94 3.90
N VAL D 94 -60.53 -7.25 3.65
CA VAL D 94 -61.54 -8.16 4.17
C VAL D 94 -61.20 -8.66 5.56
N LEU D 95 -59.92 -8.78 5.91
CA LEU D 95 -59.53 -9.47 7.12
C LEU D 95 -59.84 -8.68 8.39
N GLN D 96 -60.11 -7.38 8.27
CA GLN D 96 -60.62 -6.63 9.41
C GLN D 96 -62.05 -7.01 9.77
N GLY D 97 -62.75 -7.73 8.89
CA GLY D 97 -64.09 -8.20 9.18
C GLY D 97 -64.12 -9.57 9.82
N LYS D 98 -63.05 -9.92 10.54
CA LYS D 98 -62.96 -11.20 11.23
C LYS D 98 -62.38 -10.97 12.62
N LYS D 99 -62.60 -11.95 13.49
CA LYS D 99 -62.21 -11.89 14.90
C LYS D 99 -61.14 -12.89 15.28
N GLU D 100 -61.09 -14.03 14.59
CA GLU D 100 -59.97 -14.95 14.69
C GLU D 100 -59.68 -15.48 13.29
N PHE D 101 -58.41 -15.52 12.93
CA PHE D 101 -58.03 -15.99 11.61
C PHE D 101 -56.55 -16.31 11.62
N VAL D 102 -56.13 -17.07 10.60
CA VAL D 102 -54.74 -17.44 10.40
C VAL D 102 -54.43 -17.32 8.92
N LEU D 103 -53.15 -17.09 8.62
CA LEU D 103 -52.69 -16.87 7.26
C LEU D 103 -51.37 -17.63 7.11
N ASP D 104 -51.44 -18.84 6.58
CA ASP D 104 -50.31 -19.76 6.53
C ASP D 104 -49.50 -19.48 5.27
N PHE D 105 -48.29 -18.98 5.45
CA PHE D 105 -47.42 -18.67 4.33
C PHE D 105 -46.56 -19.89 3.99
N ALA D 106 -45.79 -19.75 2.93
CA ALA D 106 -44.88 -20.78 2.45
C ALA D 106 -43.44 -20.31 2.34
N SER D 107 -43.24 -19.05 1.96
CA SER D 107 -41.92 -18.44 1.92
C SER D 107 -42.01 -17.04 2.50
N GLY D 108 -41.25 -16.78 3.55
CA GLY D 108 -41.38 -15.57 4.32
C GLY D 108 -40.54 -14.41 3.84
N TYR D 109 -40.22 -14.41 2.54
CA TYR D 109 -39.55 -13.25 1.96
C TYR D 109 -40.40 -12.00 2.04
N ASN D 110 -41.72 -12.14 2.13
CA ASN D 110 -42.65 -11.01 2.10
C ASN D 110 -43.15 -10.62 3.48
N VAL D 111 -42.55 -11.15 4.55
CA VAL D 111 -42.95 -10.82 5.92
C VAL D 111 -41.73 -10.32 6.68
N ALA D 112 -40.65 -11.09 6.68
CA ALA D 112 -39.47 -10.75 7.45
C ALA D 112 -38.86 -9.43 6.98
N PHE D 113 -39.03 -9.10 5.71
CA PHE D 113 -38.61 -7.82 5.15
C PHE D 113 -39.71 -6.78 5.20
N GLY D 114 -40.79 -7.03 5.93
CA GLY D 114 -41.81 -6.04 6.17
C GLY D 114 -42.58 -5.56 4.95
N LEU D 115 -42.50 -6.29 3.84
CA LEU D 115 -43.24 -5.89 2.65
C LEU D 115 -44.74 -6.06 2.84
N ILE D 116 -45.16 -6.97 3.71
CA ILE D 116 -46.56 -7.15 4.09
C ILE D 116 -46.65 -7.04 5.61
N ARG D 117 -47.75 -6.47 6.08
CA ARG D 117 -47.97 -6.22 7.51
C ARG D 117 -49.41 -6.59 7.85
N PRO D 118 -49.66 -7.81 8.29
CA PRO D 118 -51.03 -8.19 8.64
C PRO D 118 -51.48 -7.50 9.91
N PRO D 119 -52.81 -7.45 10.18
CA PRO D 119 -53.29 -6.71 11.35
C PRO D 119 -53.03 -7.38 12.69
N LYS D 120 -53.58 -6.80 13.75
CA LYS D 120 -53.32 -7.20 15.13
C LYS D 120 -54.20 -8.35 15.59
N SER D 121 -55.40 -8.48 15.01
CA SER D 121 -56.36 -9.51 15.42
C SER D 121 -56.17 -10.81 14.66
N VAL D 122 -54.95 -11.09 14.19
CA VAL D 122 -54.68 -12.17 13.25
C VAL D 122 -53.44 -12.92 13.68
N ASP D 123 -53.44 -14.22 13.40
CA ASP D 123 -52.29 -15.08 13.62
C ASP D 123 -51.55 -15.28 12.29
N THR D 124 -50.23 -15.34 12.36
CA THR D 124 -49.38 -15.58 11.21
C THR D 124 -48.43 -16.72 11.51
N ILE D 125 -48.23 -17.59 10.51
CA ILE D 125 -47.42 -18.79 10.69
C ILE D 125 -46.66 -19.07 9.41
N MET D 126 -45.83 -20.11 9.42
CA MET D 126 -44.99 -20.48 8.29
C MET D 126 -44.90 -21.99 8.24
N VAL D 127 -45.13 -22.55 7.06
CA VAL D 127 -44.96 -23.97 6.82
C VAL D 127 -44.25 -24.15 5.49
N ALA D 128 -42.94 -24.38 5.53
CA ALA D 128 -42.11 -24.42 4.34
C ALA D 128 -41.71 -25.85 4.03
N PRO D 129 -42.23 -26.47 2.97
CA PRO D 129 -41.67 -27.75 2.53
C PRO D 129 -40.22 -27.60 2.09
N ARG D 130 -39.31 -28.26 2.80
CA ARG D 130 -37.92 -28.37 2.39
C ARG D 130 -37.78 -29.64 1.55
N MET D 131 -38.20 -29.53 0.30
CA MET D 131 -38.28 -30.68 -0.59
C MET D 131 -38.42 -30.16 -2.01
N VAL D 132 -38.19 -31.04 -2.98
CA VAL D 132 -38.36 -30.70 -4.38
C VAL D 132 -39.80 -30.27 -4.68
N GLY D 133 -40.77 -30.75 -3.89
CA GLY D 133 -42.16 -30.43 -4.11
C GLY D 133 -42.90 -31.44 -4.96
N GLU D 134 -42.31 -31.83 -6.09
CA GLU D 134 -42.97 -32.77 -6.98
C GLU D 134 -42.85 -34.20 -6.44
N GLY D 135 -41.68 -34.54 -5.89
CA GLY D 135 -41.46 -35.87 -5.35
C GLY D 135 -42.32 -36.20 -4.16
N ILE D 136 -42.91 -35.18 -3.52
CA ILE D 136 -43.79 -35.43 -2.37
C ILE D 136 -44.97 -36.28 -2.79
N MET D 137 -45.48 -36.07 -3.99
CA MET D 137 -46.51 -36.96 -4.53
C MET D 137 -45.92 -38.32 -4.84
N ASP D 138 -44.66 -38.36 -5.30
CA ASP D 138 -43.97 -39.64 -5.45
C ASP D 138 -43.66 -40.27 -4.08
N LEU D 139 -43.71 -39.49 -3.00
CA LEU D 139 -43.50 -39.98 -1.65
C LEU D 139 -44.79 -40.21 -0.87
N HIS D 140 -45.89 -39.54 -1.23
CA HIS D 140 -47.14 -39.81 -0.55
C HIS D 140 -47.76 -41.13 -0.98
N LYS D 141 -47.50 -41.56 -2.21
CA LYS D 141 -47.85 -42.92 -2.62
C LYS D 141 -46.92 -43.97 -2.02
N GLN D 142 -45.89 -43.55 -1.27
CA GLN D 142 -45.04 -44.44 -0.50
C GLN D 142 -45.47 -44.53 0.95
N GLY D 143 -45.76 -43.37 1.57
CA GLY D 143 -46.17 -43.29 2.95
C GLY D 143 -45.15 -42.69 3.90
N LYS D 144 -43.98 -42.28 3.41
CA LYS D 144 -42.94 -41.67 4.22
C LYS D 144 -43.00 -40.16 4.02
N GLY D 145 -43.02 -39.41 5.13
CA GLY D 145 -43.17 -37.97 5.05
C GLY D 145 -41.92 -37.23 4.64
N TYR D 146 -41.72 -36.02 5.19
CA TYR D 146 -40.61 -35.18 4.78
C TYR D 146 -40.42 -34.02 5.76
N PRO D 147 -39.33 -33.25 5.68
CA PRO D 147 -39.13 -32.16 6.63
C PRO D 147 -39.95 -30.93 6.30
N VAL D 148 -40.16 -30.10 7.31
CA VAL D 148 -40.78 -28.78 7.17
C VAL D 148 -40.07 -27.81 8.10
N LEU D 149 -40.51 -26.56 8.04
CA LEU D 149 -40.08 -25.51 8.96
C LEU D 149 -41.30 -24.82 9.53
N LEU D 150 -41.12 -24.24 10.72
CA LEU D 150 -42.21 -23.62 11.45
C LEU D 150 -41.74 -22.31 12.04
N GLY D 151 -42.68 -21.39 12.23
CA GLY D 151 -42.35 -20.09 12.77
C GLY D 151 -43.60 -19.27 13.01
N VAL D 152 -43.41 -18.16 13.72
CA VAL D 152 -44.48 -17.27 14.11
C VAL D 152 -44.00 -15.83 13.96
N LYS D 153 -44.86 -14.98 13.41
CA LYS D 153 -44.66 -13.53 13.42
C LYS D 153 -45.51 -12.84 14.48
N GLN D 154 -46.72 -13.34 14.71
CA GLN D 154 -47.60 -12.76 15.73
C GLN D 154 -48.61 -13.81 16.17
N ASP D 155 -48.95 -13.77 17.46
CA ASP D 155 -49.96 -14.65 18.04
C ASP D 155 -50.89 -13.82 18.90
N ALA D 156 -52.20 -14.03 18.72
CA ALA D 156 -53.21 -13.42 19.58
C ALA D 156 -54.31 -14.42 19.91
N SER D 157 -53.93 -15.69 20.09
CA SER D 157 -54.85 -16.76 20.48
C SER D 157 -54.30 -17.68 21.55
N GLY D 158 -53.00 -17.59 21.88
CA GLY D 158 -52.35 -18.61 22.67
C GLY D 158 -52.19 -19.94 21.98
N LYS D 159 -52.56 -20.05 20.69
CA LYS D 159 -52.55 -21.31 19.97
C LYS D 159 -51.99 -21.08 18.57
N ALA D 160 -50.96 -20.23 18.47
CA ALA D 160 -50.25 -20.11 17.20
C ALA D 160 -49.45 -21.36 16.88
N TRP D 161 -49.15 -22.18 17.90
CA TRP D 161 -48.33 -23.36 17.73
C TRP D 161 -49.16 -24.64 17.61
N ASP D 162 -50.27 -24.72 18.35
CA ASP D 162 -51.13 -25.89 18.21
C ASP D 162 -51.82 -25.93 16.85
N TYR D 163 -51.85 -24.80 16.14
CA TYR D 163 -52.23 -24.81 14.73
C TYR D 163 -51.06 -25.26 13.86
N ALA D 164 -49.93 -24.57 13.99
CA ALA D 164 -48.79 -24.82 13.11
C ALA D 164 -48.27 -26.23 13.26
N LYS D 165 -48.10 -26.69 14.50
CA LYS D 165 -47.71 -28.08 14.75
C LYS D 165 -48.72 -29.05 14.16
N ALA D 166 -49.99 -28.65 14.11
CA ALA D 166 -51.05 -29.55 13.66
C ALA D 166 -51.26 -29.52 12.16
N ILE D 167 -50.93 -28.40 11.49
CA ILE D 167 -51.05 -28.34 10.04
C ILE D 167 -50.11 -29.36 9.40
N ALA D 168 -48.85 -29.38 9.84
CA ALA D 168 -47.83 -30.19 9.19
C ALA D 168 -48.18 -31.68 9.18
N LYS D 169 -48.99 -32.14 10.13
CA LYS D 169 -49.44 -33.52 10.10
C LYS D 169 -50.38 -33.76 8.92
N GLY D 170 -51.03 -32.73 8.42
CA GLY D 170 -52.02 -32.86 7.37
C GLY D 170 -51.51 -32.68 5.96
N ILE D 171 -50.23 -32.37 5.78
CA ILE D 171 -49.63 -32.20 4.45
C ILE D 171 -48.56 -33.26 4.23
N GLY D 172 -48.75 -34.43 4.85
CA GLY D 172 -47.87 -35.55 4.59
C GLY D 172 -46.43 -35.34 5.06
N ALA D 173 -46.23 -34.47 6.04
CA ALA D 173 -44.90 -34.19 6.57
C ALA D 173 -44.60 -34.92 7.86
N ILE D 174 -45.60 -35.13 8.70
CA ILE D 174 -45.42 -35.86 9.96
C ILE D 174 -46.69 -36.65 10.25
N PRO D 175 -46.60 -37.69 11.10
CA PRO D 175 -45.41 -38.34 11.64
C PRO D 175 -44.74 -39.23 10.62
N GLY D 176 -43.41 -39.26 10.64
CA GLY D 176 -42.61 -40.04 9.71
C GLY D 176 -41.42 -39.24 9.22
N GLY D 177 -41.62 -37.94 9.09
CA GLY D 177 -40.54 -37.00 8.88
C GLY D 177 -40.18 -36.32 10.18
N ILE D 178 -39.78 -35.07 10.10
CA ILE D 178 -39.65 -34.21 11.27
C ILE D 178 -40.14 -32.81 10.91
N ALA D 179 -40.11 -31.93 11.90
CA ALA D 179 -40.44 -30.53 11.71
C ALA D 179 -39.53 -29.72 12.62
N VAL D 180 -39.02 -28.61 12.11
CA VAL D 180 -38.02 -27.81 12.79
C VAL D 180 -38.59 -26.44 13.07
N ILE D 181 -38.16 -25.86 14.20
CA ILE D 181 -38.73 -24.64 14.73
C ILE D 181 -37.79 -23.50 14.41
N SER D 182 -38.29 -22.49 13.71
CA SER D 182 -37.49 -21.38 13.24
C SER D 182 -38.38 -20.14 13.20
N SER D 183 -37.96 -19.12 12.47
CA SER D 183 -38.69 -17.88 12.32
C SER D 183 -38.88 -17.61 10.83
N PHE D 184 -39.47 -16.46 10.51
CA PHE D 184 -39.46 -15.97 9.14
C PHE D 184 -38.11 -15.39 8.78
N GLU D 185 -37.49 -14.71 9.75
CA GLU D 185 -36.23 -14.03 9.50
C GLU D 185 -35.13 -15.02 9.13
N GLU D 186 -35.17 -16.21 9.73
CA GLU D 186 -34.26 -17.27 9.36
C GLU D 186 -34.72 -18.05 8.13
N GLU D 187 -36.02 -18.07 7.87
CA GLU D 187 -36.53 -18.77 6.69
C GLU D 187 -36.00 -18.14 5.42
N ALA D 188 -36.06 -16.81 5.34
CA ALA D 188 -35.67 -16.13 4.11
C ALA D 188 -34.17 -16.16 3.91
N LEU D 189 -33.40 -16.14 5.00
CA LEU D 189 -31.95 -16.11 4.86
C LEU D 189 -31.43 -17.42 4.28
N LEU D 190 -31.78 -18.54 4.91
CA LEU D 190 -31.32 -19.83 4.42
C LEU D 190 -31.86 -20.13 3.04
N ASP D 191 -33.08 -19.65 2.74
CA ASP D 191 -33.67 -19.79 1.42
C ASP D 191 -33.21 -18.71 0.45
N LEU D 192 -32.23 -17.90 0.82
CA LEU D 192 -31.61 -16.91 -0.06
C LEU D 192 -30.10 -17.06 -0.10
N MET D 193 -29.46 -17.44 1.01
CA MET D 193 -28.02 -17.65 1.02
C MET D 193 -27.62 -18.81 0.12
N SER D 194 -28.55 -19.70 -0.23
CA SER D 194 -28.24 -20.74 -1.19
C SER D 194 -28.26 -20.20 -2.61
N GLU D 195 -29.18 -19.29 -2.90
CA GLU D 195 -29.32 -18.72 -4.23
C GLU D 195 -28.45 -17.49 -4.44
N HIS D 196 -27.42 -17.31 -3.62
CA HIS D 196 -26.47 -16.22 -3.74
C HIS D 196 -25.02 -16.66 -3.64
N THR D 197 -24.74 -17.77 -2.94
CA THR D 197 -23.41 -18.05 -2.43
C THR D 197 -22.79 -19.30 -3.04
N TRP D 198 -23.44 -20.46 -2.96
CA TRP D 198 -22.87 -21.70 -3.50
C TRP D 198 -23.52 -22.13 -4.81
N VAL D 199 -24.60 -21.50 -5.23
CA VAL D 199 -25.17 -21.72 -6.56
C VAL D 199 -24.31 -21.01 -7.60
N PRO D 200 -24.13 -19.69 -7.53
CA PRO D 200 -23.41 -19.01 -8.61
C PRO D 200 -21.93 -19.32 -8.64
N ILE D 201 -21.29 -19.43 -7.47
CA ILE D 201 -19.88 -19.76 -7.41
C ILE D 201 -19.60 -21.13 -8.00
N LEU D 202 -20.61 -22.01 -8.03
CA LEU D 202 -20.48 -23.24 -8.81
C LEU D 202 -20.52 -22.93 -10.30
N PHE D 203 -21.56 -22.24 -10.75
CA PHE D 203 -21.66 -21.88 -12.17
C PHE D 203 -20.58 -20.87 -12.57
N GLY D 204 -20.01 -20.16 -11.60
CA GLY D 204 -18.95 -19.22 -11.91
C GLY D 204 -17.59 -19.84 -12.07
N ALA D 205 -17.42 -21.09 -11.64
CA ALA D 205 -16.16 -21.79 -11.77
C ALA D 205 -16.09 -22.60 -13.06
N ILE D 206 -17.16 -23.32 -13.37
CA ILE D 206 -17.25 -24.04 -14.63
C ILE D 206 -17.06 -23.07 -15.80
N LYS D 207 -17.67 -21.89 -15.70
CA LYS D 207 -17.48 -20.86 -16.72
C LYS D 207 -16.01 -20.44 -16.84
N ALA D 208 -15.24 -20.60 -15.76
CA ALA D 208 -13.85 -20.21 -15.72
C ALA D 208 -12.89 -21.39 -15.73
N CYS D 209 -13.40 -22.61 -15.57
CA CYS D 209 -12.61 -23.81 -15.88
C CYS D 209 -12.73 -24.20 -17.34
N TYR D 210 -13.69 -23.62 -18.07
CA TYR D 210 -13.81 -23.75 -19.51
C TYR D 210 -13.05 -22.63 -20.21
N ASP D 211 -13.28 -21.38 -19.78
CA ASP D 211 -12.64 -20.23 -20.40
C ASP D 211 -11.13 -20.23 -20.23
N ILE D 212 -10.58 -21.08 -19.37
CA ILE D 212 -9.14 -21.17 -19.14
C ILE D 212 -8.61 -22.38 -19.89
N ALA D 213 -9.44 -23.43 -20.01
CA ALA D 213 -8.97 -24.65 -20.67
C ALA D 213 -8.97 -24.50 -22.18
N VAL D 214 -9.92 -23.74 -22.74
CA VAL D 214 -10.03 -23.61 -24.18
C VAL D 214 -9.11 -22.49 -24.69
N LYS D 215 -9.28 -21.29 -24.16
CA LYS D 215 -8.69 -20.10 -24.74
C LYS D 215 -7.23 -19.88 -24.36
N GLU D 216 -6.70 -20.65 -23.41
CA GLU D 216 -5.36 -20.41 -22.87
C GLU D 216 -4.50 -21.66 -22.86
N TYR D 217 -5.12 -22.85 -22.80
CA TYR D 217 -4.40 -24.10 -22.65
C TYR D 217 -4.68 -25.10 -23.78
N GLY D 218 -5.35 -24.68 -24.85
CA GLY D 218 -5.45 -25.50 -26.05
C GLY D 218 -6.17 -26.82 -25.86
N VAL D 219 -7.48 -26.76 -25.66
CA VAL D 219 -8.29 -27.94 -25.37
C VAL D 219 -9.47 -27.97 -26.34
N SER D 220 -9.90 -29.18 -26.68
CA SER D 220 -11.07 -29.36 -27.50
C SER D 220 -12.32 -28.94 -26.73
N PRO D 221 -13.16 -28.05 -27.28
CA PRO D 221 -14.40 -27.71 -26.55
C PRO D 221 -15.32 -28.89 -26.30
N GLU D 222 -15.38 -29.86 -27.22
CA GLU D 222 -16.31 -30.96 -27.05
C GLU D 222 -15.93 -31.85 -25.87
N ALA D 223 -14.67 -31.83 -25.44
CA ALA D 223 -14.22 -32.63 -24.31
C ALA D 223 -14.31 -31.89 -22.99
N ALA D 224 -14.15 -30.56 -23.00
CA ALA D 224 -14.15 -29.80 -21.75
C ALA D 224 -15.49 -29.90 -21.05
N LEU D 225 -16.59 -30.02 -21.80
CA LEU D 225 -17.90 -30.13 -21.18
C LEU D 225 -18.18 -31.55 -20.70
N LEU D 226 -17.64 -32.55 -21.39
CA LEU D 226 -17.94 -33.94 -21.03
C LEU D 226 -17.39 -34.32 -19.66
N GLU D 227 -16.40 -33.57 -19.17
CA GLU D 227 -15.83 -33.84 -17.85
C GLU D 227 -16.51 -33.04 -16.75
N PHE D 228 -16.96 -31.82 -17.05
CA PHE D 228 -17.54 -30.98 -16.00
C PHE D 228 -19.00 -31.35 -15.71
N TYR D 229 -19.88 -31.16 -16.69
CA TYR D 229 -21.31 -31.21 -16.42
C TYR D 229 -22.16 -31.80 -17.55
N ALA D 230 -21.55 -32.38 -18.59
CA ALA D 230 -22.34 -33.13 -19.56
C ALA D 230 -22.70 -34.52 -19.04
N SER D 231 -22.04 -34.98 -17.99
CA SER D 231 -22.30 -36.28 -17.38
C SER D 231 -23.14 -36.10 -16.11
N GLY D 232 -23.74 -37.20 -15.67
CA GLY D 232 -24.48 -37.21 -14.44
C GLY D 232 -23.65 -37.33 -13.18
N GLU D 233 -22.33 -37.20 -13.29
CA GLU D 233 -21.44 -37.38 -12.13
C GLU D 233 -21.77 -36.40 -11.00
N LEU D 234 -22.38 -35.25 -11.31
CA LEU D 234 -22.86 -34.37 -10.26
C LEU D 234 -23.95 -35.05 -9.46
N ALA D 235 -24.91 -35.69 -10.13
CA ALA D 235 -25.94 -36.45 -9.44
C ALA D 235 -25.34 -37.62 -8.68
N GLU D 236 -24.24 -38.20 -9.19
CA GLU D 236 -23.52 -39.23 -8.47
C GLU D 236 -22.60 -38.66 -7.40
N ILE D 237 -22.60 -37.35 -7.20
CA ILE D 237 -22.02 -36.70 -6.03
C ILE D 237 -23.16 -36.29 -5.11
N ALA D 238 -24.28 -35.86 -5.69
CA ALA D 238 -25.40 -35.35 -4.91
C ALA D 238 -26.23 -36.47 -4.30
N ARG D 239 -26.45 -37.56 -5.04
CA ARG D 239 -27.17 -38.70 -4.49
C ARG D 239 -26.43 -39.29 -3.29
N LEU D 240 -25.09 -39.28 -3.34
CA LEU D 240 -24.32 -39.87 -2.26
C LEU D 240 -24.23 -38.95 -1.06
N ILE D 241 -24.18 -37.64 -1.28
CA ILE D 241 -24.20 -36.68 -0.18
C ILE D 241 -25.51 -36.76 0.58
N ALA D 242 -26.60 -37.14 -0.09
CA ALA D 242 -27.89 -37.22 0.57
C ALA D 242 -28.07 -38.54 1.32
N GLU D 243 -27.34 -39.58 0.93
CA GLU D 243 -27.47 -40.90 1.54
C GLU D 243 -26.44 -41.18 2.61
N GLU D 244 -25.22 -40.67 2.46
CA GLU D 244 -24.07 -41.13 3.25
C GLU D 244 -23.52 -40.04 4.17
N GLY D 245 -23.22 -38.87 3.63
CA GLY D 245 -22.54 -37.83 4.39
C GLY D 245 -21.59 -37.03 3.54
N ILE D 246 -21.65 -35.71 3.64
CA ILE D 246 -20.89 -34.82 2.77
C ILE D 246 -19.39 -34.97 2.95
N PHE D 247 -18.94 -35.57 4.05
CA PHE D 247 -17.53 -35.91 4.26
C PHE D 247 -17.36 -37.41 4.46
N ASN D 248 -18.26 -38.20 3.87
CA ASN D 248 -18.20 -39.66 3.97
C ASN D 248 -18.46 -40.36 2.65
N GLN D 249 -18.90 -39.67 1.60
CA GLN D 249 -18.94 -40.24 0.27
C GLN D 249 -17.56 -40.49 -0.29
N MET D 250 -16.57 -39.73 0.16
CA MET D 250 -15.30 -39.60 -0.53
C MET D 250 -14.42 -40.83 -0.37
N VAL D 251 -14.80 -41.78 0.47
CA VAL D 251 -14.14 -43.08 0.49
C VAL D 251 -14.37 -43.81 -0.83
N HIS D 252 -15.52 -43.56 -1.46
CA HIS D 252 -15.87 -44.29 -2.68
C HIS D 252 -14.99 -43.87 -3.85
N HIS D 253 -14.51 -42.62 -3.85
CA HIS D 253 -13.56 -42.16 -4.85
C HIS D 253 -12.17 -42.68 -4.48
N SER D 254 -11.15 -42.21 -5.19
CA SER D 254 -9.78 -42.63 -4.99
C SER D 254 -9.02 -41.57 -4.20
N THR D 255 -7.76 -41.86 -3.89
CA THR D 255 -6.95 -40.95 -3.09
C THR D 255 -6.54 -39.71 -3.87
N THR D 256 -6.23 -39.87 -5.16
CA THR D 256 -5.91 -38.72 -6.00
C THR D 256 -7.06 -37.73 -6.08
N SER D 257 -8.30 -38.17 -5.87
CA SER D 257 -9.46 -37.29 -5.82
C SER D 257 -9.76 -36.81 -4.41
N GLN D 258 -9.31 -37.56 -3.40
CA GLN D 258 -9.50 -37.17 -2.01
C GLN D 258 -8.49 -36.13 -1.57
N TYR D 259 -7.22 -36.34 -1.90
CA TYR D 259 -6.16 -35.49 -1.39
C TYR D 259 -6.24 -34.09 -1.98
N GLY D 260 -6.42 -34.00 -3.30
CA GLY D 260 -6.50 -32.69 -3.93
C GLY D 260 -7.70 -31.89 -3.46
N THR D 261 -8.78 -32.56 -3.11
CA THR D 261 -9.96 -31.88 -2.59
C THR D 261 -9.66 -31.20 -1.27
N LEU D 262 -9.23 -31.98 -0.28
CA LEU D 262 -9.14 -31.48 1.09
C LEU D 262 -8.05 -30.44 1.23
N THR D 263 -6.91 -30.61 0.56
CA THR D 263 -5.84 -29.63 0.64
C THR D 263 -6.26 -28.28 0.09
N ARG D 264 -7.26 -28.23 -0.77
CA ARG D 264 -7.73 -27.00 -1.38
C ARG D 264 -9.06 -26.53 -0.82
N MET D 265 -9.74 -27.35 -0.03
CA MET D 265 -10.97 -26.92 0.63
C MET D 265 -10.65 -26.00 1.80
N PHE D 266 -9.59 -26.32 2.55
CA PHE D 266 -9.15 -25.49 3.65
C PHE D 266 -8.25 -24.35 3.21
N LYS D 267 -7.73 -24.40 1.99
CA LYS D 267 -6.94 -23.31 1.44
C LYS D 267 -7.81 -22.16 0.95
N TYR D 268 -9.12 -22.40 0.78
CA TYR D 268 -10.04 -21.41 0.25
C TYR D 268 -11.24 -21.19 1.15
N TYR D 269 -11.29 -21.84 2.31
CA TYR D 269 -12.33 -21.54 3.29
C TYR D 269 -12.25 -20.10 3.78
N ASP D 270 -11.09 -19.47 3.69
CA ASP D 270 -10.90 -18.10 4.15
C ASP D 270 -11.11 -17.08 3.04
N VAL D 271 -11.74 -17.47 1.93
CA VAL D 271 -12.11 -16.55 0.86
C VAL D 271 -13.61 -16.59 0.59
N VAL D 272 -14.19 -17.79 0.51
CA VAL D 272 -15.63 -17.91 0.41
C VAL D 272 -16.31 -17.50 1.71
N ARG D 273 -15.56 -17.48 2.81
CA ARG D 273 -16.06 -16.88 4.05
C ARG D 273 -16.31 -15.40 3.84
N ARG D 274 -15.34 -14.69 3.28
CA ARG D 274 -15.50 -13.25 3.06
C ARG D 274 -16.54 -12.96 1.99
N ILE D 275 -16.71 -13.87 1.03
CA ILE D 275 -17.75 -13.69 0.03
C ILE D 275 -19.13 -13.80 0.67
N VAL D 276 -19.27 -14.68 1.66
CA VAL D 276 -20.57 -14.96 2.25
C VAL D 276 -20.91 -13.97 3.34
N GLU D 277 -19.92 -13.56 4.14
CA GLU D 277 -20.13 -12.53 5.15
C GLU D 277 -20.71 -11.26 4.53
N ASN D 278 -20.20 -10.88 3.35
CA ASN D 278 -20.74 -9.71 2.68
C ASN D 278 -22.12 -9.98 2.11
N GLU D 279 -22.35 -11.22 1.66
CA GLU D 279 -23.62 -11.55 1.02
C GLU D 279 -24.74 -11.83 2.01
N ALA D 280 -24.43 -11.97 3.31
CA ALA D 280 -25.43 -12.15 4.34
C ALA D 280 -25.77 -10.84 5.04
N LYS D 281 -24.78 -9.98 5.23
CA LYS D 281 -25.04 -8.63 5.71
C LYS D 281 -25.86 -7.83 4.70
N TYR D 282 -25.74 -8.17 3.42
CA TYR D 282 -26.52 -7.53 2.37
C TYR D 282 -27.94 -8.08 2.27
N ILE D 283 -28.34 -8.98 3.17
CA ILE D 283 -29.68 -9.54 3.20
C ILE D 283 -30.32 -9.32 4.56
N TRP D 284 -29.56 -9.53 5.63
CA TRP D 284 -30.05 -9.29 6.99
C TRP D 284 -30.55 -7.86 7.16
N ASP D 285 -29.91 -6.91 6.49
CA ASP D 285 -30.31 -5.50 6.54
C ASP D 285 -31.42 -5.15 5.56
N GLY D 286 -31.97 -6.14 4.85
CA GLY D 286 -33.02 -5.85 3.89
C GLY D 286 -32.56 -5.06 2.69
N SER D 287 -31.27 -5.01 2.42
CA SER D 287 -30.76 -4.31 1.25
C SER D 287 -30.84 -5.14 -0.03
N PHE D 288 -31.59 -6.23 -0.04
CA PHE D 288 -31.87 -7.00 -1.25
C PHE D 288 -33.29 -6.76 -1.75
N ALA D 289 -34.24 -6.64 -0.84
CA ALA D 289 -35.61 -6.33 -1.25
C ALA D 289 -35.66 -4.98 -1.94
N LYS D 290 -34.89 -4.02 -1.45
CA LYS D 290 -34.77 -2.74 -2.13
C LYS D 290 -34.14 -2.89 -3.51
N GLU D 291 -33.33 -3.93 -3.69
CA GLU D 291 -32.70 -4.19 -4.98
C GLU D 291 -33.64 -4.97 -5.90
N TRP D 292 -34.49 -5.82 -5.33
CA TRP D 292 -35.39 -6.66 -6.12
C TRP D 292 -36.77 -6.04 -6.28
N SER D 293 -37.22 -5.21 -5.34
CA SER D 293 -38.51 -4.55 -5.48
C SER D 293 -38.45 -3.37 -6.45
N LEU D 294 -37.26 -2.83 -6.69
CA LEU D 294 -37.11 -1.74 -7.64
C LEU D 294 -37.03 -2.27 -9.07
N GLU D 295 -36.42 -3.44 -9.25
CA GLU D 295 -36.31 -4.02 -10.58
C GLU D 295 -37.68 -4.29 -11.18
N GLN D 296 -38.63 -4.76 -10.37
CA GLN D 296 -39.98 -4.99 -10.87
C GLN D 296 -40.64 -3.70 -11.33
N GLN D 297 -40.24 -2.57 -10.76
CA GLN D 297 -40.86 -1.29 -11.05
C GLN D 297 -40.28 -0.58 -12.27
N ALA D 298 -39.12 -1.03 -12.75
CA ALA D 298 -38.44 -0.37 -13.85
C ALA D 298 -38.74 -0.99 -15.20
N GLY D 299 -39.00 -2.29 -15.25
CA GLY D 299 -39.30 -2.99 -16.49
C GLY D 299 -38.50 -4.26 -16.66
N TYR D 300 -37.86 -4.74 -15.60
CA TYR D 300 -36.91 -5.83 -15.67
C TYR D 300 -35.81 -5.56 -16.71
N PRO D 301 -35.03 -4.47 -16.54
CA PRO D 301 -34.03 -4.12 -17.56
C PRO D 301 -32.73 -4.88 -17.45
N VAL D 302 -32.28 -5.18 -16.23
CA VAL D 302 -31.04 -5.92 -16.04
C VAL D 302 -31.31 -7.41 -16.15
N PHE D 303 -32.46 -7.85 -15.62
CA PHE D 303 -32.86 -9.24 -15.69
C PHE D 303 -32.95 -9.74 -17.13
N TYR D 304 -33.28 -8.85 -18.07
CA TYR D 304 -33.42 -9.24 -19.47
C TYR D 304 -32.07 -9.35 -20.16
N ARG D 305 -31.09 -8.57 -19.74
CA ARG D 305 -29.80 -8.56 -20.42
C ARG D 305 -29.00 -9.81 -20.08
N LEU D 306 -28.99 -10.18 -18.80
CA LEU D 306 -28.05 -11.19 -18.33
C LEU D 306 -28.40 -12.60 -18.79
N TRP D 307 -29.60 -12.82 -19.34
CA TRP D 307 -29.82 -14.04 -20.12
C TRP D 307 -29.09 -13.97 -21.44
N GLU D 308 -29.07 -12.79 -22.07
CA GLU D 308 -28.55 -12.67 -23.42
C GLU D 308 -27.03 -12.70 -23.46
N LEU D 309 -26.37 -12.58 -22.30
CA LEU D 309 -24.96 -12.86 -22.17
C LEU D 309 -24.70 -14.33 -21.87
N ALA D 310 -25.48 -14.89 -20.95
CA ALA D 310 -25.36 -16.31 -20.64
C ALA D 310 -25.74 -17.17 -21.85
N THR D 311 -26.92 -16.92 -22.41
CA THR D 311 -27.44 -17.71 -23.52
C THR D 311 -26.85 -17.33 -24.87
N GLN D 312 -25.82 -16.47 -24.90
CA GLN D 312 -25.07 -16.18 -26.11
C GLN D 312 -23.57 -16.14 -25.82
N SER D 313 -23.12 -16.85 -24.79
CA SER D 313 -21.74 -16.79 -24.35
C SER D 313 -20.87 -17.65 -25.24
N GLU D 314 -19.62 -17.86 -24.82
CA GLU D 314 -18.72 -18.75 -25.53
C GLU D 314 -18.97 -20.21 -25.18
N MET D 315 -19.58 -20.48 -24.01
CA MET D 315 -19.79 -21.83 -23.52
C MET D 315 -21.09 -22.44 -24.00
N ALA D 316 -22.21 -21.74 -23.82
CA ALA D 316 -23.50 -22.31 -24.20
C ALA D 316 -23.60 -22.53 -25.71
N LYS D 317 -22.95 -21.67 -26.49
CA LYS D 317 -22.89 -21.86 -27.94
C LYS D 317 -22.38 -23.25 -28.29
N ALA D 318 -21.19 -23.58 -27.79
CA ALA D 318 -20.59 -24.88 -28.08
C ALA D 318 -21.14 -26.00 -27.22
N GLU D 319 -22.06 -25.70 -26.30
CA GLU D 319 -22.80 -26.71 -25.56
C GLU D 319 -24.10 -27.06 -26.27
N LYS D 320 -24.79 -26.05 -26.80
CA LYS D 320 -26.07 -26.28 -27.45
C LYS D 320 -25.93 -27.20 -28.66
N GLU D 321 -24.74 -27.24 -29.26
CA GLU D 321 -24.49 -28.10 -30.40
C GLU D 321 -24.09 -29.52 -29.99
N LEU D 322 -23.38 -29.67 -28.88
CA LEU D 322 -22.98 -31.00 -28.45
C LEU D 322 -24.19 -31.85 -28.08
N TYR D 323 -25.24 -31.23 -27.53
CA TYR D 323 -26.46 -31.96 -27.27
C TYR D 323 -27.14 -32.39 -28.56
N LYS D 324 -27.07 -31.54 -29.59
CA LYS D 324 -27.50 -31.93 -30.92
C LYS D 324 -26.66 -33.09 -31.45
N LEU D 325 -25.40 -33.16 -31.03
CA LEU D 325 -24.50 -34.25 -31.38
C LEU D 325 -24.64 -35.45 -30.44
N LEU D 326 -25.58 -35.42 -29.49
CA LEU D 326 -25.92 -36.58 -28.66
C LEU D 326 -27.34 -37.04 -28.92
N GLY D 327 -28.32 -36.14 -28.79
CA GLY D 327 -29.72 -36.46 -28.92
C GLY D 327 -30.56 -36.04 -27.73
N ARG D 328 -30.00 -35.22 -26.84
CA ARG D 328 -30.73 -34.73 -25.69
C ARG D 328 -31.57 -33.52 -26.11
N LYS D 329 -32.26 -32.91 -25.13
CA LYS D 329 -33.10 -31.76 -25.44
C LYS D 329 -32.21 -30.58 -25.82
N VAL D 330 -32.04 -30.35 -27.12
CA VAL D 330 -31.52 -29.06 -27.56
C VAL D 330 -32.57 -28.00 -27.28
N LYS D 331 -32.12 -26.76 -27.14
CA LYS D 331 -32.97 -25.67 -26.66
C LYS D 331 -34.23 -25.54 -27.51
N ASN D 332 -35.37 -25.41 -26.83
CA ASN D 332 -36.67 -25.40 -27.48
C ASN D 332 -36.80 -24.26 -28.49
N LYS E 3 46.49 -17.45 -0.90
CA LYS E 3 46.74 -16.90 -2.23
C LYS E 3 47.10 -18.03 -3.19
N THR E 4 47.40 -17.67 -4.43
CA THR E 4 47.59 -18.66 -5.47
C THR E 4 48.82 -19.52 -5.21
N VAL E 5 48.80 -20.73 -5.77
CA VAL E 5 49.95 -21.62 -5.83
C VAL E 5 50.23 -21.88 -7.30
N LEU E 6 51.51 -21.92 -7.66
CA LEU E 6 51.94 -22.05 -9.04
C LEU E 6 52.78 -23.30 -9.30
N ASP E 7 53.12 -24.06 -8.25
CA ASP E 7 53.95 -25.24 -8.42
C ASP E 7 54.02 -26.03 -7.11
N ALA E 8 54.27 -27.33 -7.22
CA ALA E 8 54.50 -28.19 -6.07
C ALA E 8 54.99 -29.53 -6.59
N ASN E 9 55.87 -30.17 -5.82
CA ASN E 9 56.54 -31.37 -6.27
C ASN E 9 55.52 -32.49 -6.50
N LEU E 10 55.96 -33.49 -7.29
CA LEU E 10 55.17 -34.67 -7.57
C LEU E 10 55.58 -35.88 -6.72
N ASP E 11 56.51 -35.70 -5.79
CA ASP E 11 57.03 -36.84 -5.03
C ASP E 11 56.04 -37.49 -4.06
N PRO E 12 55.10 -36.77 -3.41
CA PRO E 12 54.20 -37.47 -2.47
C PRO E 12 53.33 -38.53 -3.11
N LEU E 13 53.20 -38.55 -4.44
CA LEU E 13 52.38 -39.52 -5.16
C LEU E 13 53.22 -40.59 -5.83
N LYS E 14 54.38 -40.23 -6.38
CA LYS E 14 55.35 -41.23 -6.80
C LYS E 14 55.70 -42.13 -5.61
N GLY E 15 55.47 -43.43 -5.77
CA GLY E 15 55.55 -44.38 -4.69
C GLY E 15 54.22 -44.82 -4.14
N LYS E 16 53.11 -44.24 -4.62
CA LYS E 16 51.77 -44.64 -4.22
C LYS E 16 50.93 -44.87 -5.46
N THR E 17 49.89 -45.69 -5.31
CA THR E 17 49.00 -46.03 -6.42
C THR E 17 47.86 -45.03 -6.50
N ILE E 18 47.48 -44.69 -7.74
CA ILE E 18 46.35 -43.82 -8.02
C ILE E 18 45.27 -44.68 -8.66
N GLY E 19 44.05 -44.63 -8.11
CA GLY E 19 42.94 -45.38 -8.67
C GLY E 19 41.91 -44.50 -9.35
N VAL E 20 41.96 -44.43 -10.68
CA VAL E 20 40.97 -43.63 -11.39
C VAL E 20 39.63 -44.35 -11.33
N ILE E 21 38.59 -43.60 -10.99
CA ILE E 21 37.22 -44.09 -10.98
C ILE E 21 36.45 -43.32 -12.05
N GLY E 22 35.63 -44.03 -12.79
CA GLY E 22 34.98 -43.44 -13.95
C GLY E 22 35.94 -43.31 -15.11
N TYR E 23 35.40 -43.42 -16.32
CA TYR E 23 36.16 -43.23 -17.54
C TYR E 23 35.34 -42.36 -18.48
N GLY E 24 34.70 -41.35 -17.92
CA GLY E 24 33.75 -40.55 -18.65
C GLY E 24 34.38 -39.45 -19.47
N ASN E 25 33.64 -38.35 -19.62
CA ASN E 25 34.15 -37.22 -20.39
C ASN E 25 35.20 -36.44 -19.61
N GLN E 26 35.35 -36.72 -18.31
CA GLN E 26 36.45 -36.23 -17.51
C GLN E 26 37.40 -37.34 -17.06
N GLY E 27 36.96 -38.59 -17.11
CA GLY E 27 37.77 -39.71 -16.68
C GLY E 27 39.06 -39.89 -17.47
N ARG E 28 38.94 -40.02 -18.79
CA ARG E 28 40.09 -40.42 -19.59
C ARG E 28 41.16 -39.34 -19.63
N VAL E 29 40.79 -38.08 -19.48
CA VAL E 29 41.74 -36.99 -19.69
C VAL E 29 42.66 -36.84 -18.48
N GLN E 30 42.10 -36.87 -17.28
CA GLN E 30 42.94 -36.90 -16.07
C GLN E 30 43.63 -38.25 -15.92
N ALA E 31 43.05 -39.30 -16.49
CA ALA E 31 43.69 -40.61 -16.46
C ALA E 31 44.89 -40.64 -17.41
N THR E 32 44.68 -40.23 -18.66
CA THR E 32 45.71 -40.32 -19.68
C THR E 32 46.91 -39.45 -19.32
N ILE E 33 46.65 -38.20 -18.95
CA ILE E 33 47.75 -37.28 -18.65
C ILE E 33 48.59 -37.79 -17.49
N MET E 34 47.96 -38.50 -16.54
CA MET E 34 48.72 -39.09 -15.44
C MET E 34 49.39 -40.39 -15.85
N ARG E 35 49.02 -40.96 -17.01
CA ARG E 35 49.80 -42.03 -17.60
C ARG E 35 50.90 -41.48 -18.48
N GLU E 36 50.61 -40.38 -19.18
CA GLU E 36 51.62 -39.69 -19.97
C GLU E 36 52.71 -39.06 -19.10
N ASN E 37 52.46 -38.90 -17.80
CA ASN E 37 53.47 -38.49 -16.83
C ASN E 37 54.18 -39.68 -16.19
N GLY E 38 53.82 -40.91 -16.57
CA GLY E 38 54.49 -42.08 -16.02
C GLY E 38 54.20 -42.34 -14.57
N LEU E 39 52.95 -42.66 -14.24
CA LEU E 39 52.57 -43.06 -12.89
C LEU E 39 51.68 -44.29 -12.98
N ASN E 40 51.95 -45.30 -12.14
CA ASN E 40 51.11 -46.48 -12.07
C ASN E 40 49.70 -46.07 -11.66
N VAL E 41 48.74 -46.20 -12.57
CA VAL E 41 47.34 -45.86 -12.33
C VAL E 41 46.47 -46.99 -12.87
N ILE E 42 45.33 -47.21 -12.21
CA ILE E 42 44.37 -48.21 -12.61
C ILE E 42 43.03 -47.52 -12.89
N VAL E 43 42.07 -48.32 -13.34
CA VAL E 43 40.76 -47.83 -13.74
C VAL E 43 39.69 -48.77 -13.18
N GLY E 44 38.60 -48.20 -12.68
CA GLY E 44 37.48 -48.96 -12.19
C GLY E 44 36.16 -48.41 -12.70
N ASN E 45 35.26 -49.30 -13.12
CA ASN E 45 34.01 -48.89 -13.76
C ASN E 45 33.03 -50.05 -13.71
N VAL E 46 31.79 -49.75 -14.08
CA VAL E 46 30.79 -50.76 -14.41
C VAL E 46 31.01 -51.17 -15.86
N LYS E 47 30.37 -52.27 -16.27
CA LYS E 47 30.59 -52.82 -17.60
C LYS E 47 29.68 -52.14 -18.61
N ASP E 48 30.30 -51.39 -19.53
CA ASP E 48 29.59 -50.72 -20.61
C ASP E 48 30.61 -50.43 -21.70
N LYS E 49 30.27 -49.51 -22.62
CA LYS E 49 31.19 -49.13 -23.68
C LYS E 49 32.56 -48.73 -23.15
N TYR E 50 32.59 -47.93 -22.09
CA TYR E 50 33.87 -47.40 -21.62
C TYR E 50 34.70 -48.48 -20.97
N TYR E 51 34.05 -49.50 -20.38
CA TYR E 51 34.76 -50.69 -19.94
C TYR E 51 35.49 -51.34 -21.11
N GLU E 52 34.79 -51.51 -22.23
CA GLU E 52 35.39 -52.12 -23.42
C GLU E 52 36.43 -51.20 -24.05
N LEU E 53 36.10 -49.91 -24.17
CA LEU E 53 37.06 -48.93 -24.65
C LEU E 53 38.33 -48.95 -23.82
N ALA E 54 38.17 -48.84 -22.49
CA ALA E 54 39.32 -48.87 -21.59
C ALA E 54 40.07 -50.19 -21.65
N LYS E 55 39.42 -51.26 -22.12
CA LYS E 55 40.13 -52.51 -22.36
C LYS E 55 41.04 -52.39 -23.58
N LYS E 56 40.71 -51.49 -24.51
CA LYS E 56 41.49 -51.27 -25.72
C LYS E 56 42.55 -50.18 -25.52
N GLU E 57 42.25 -49.14 -24.74
CA GLU E 57 43.23 -48.11 -24.48
C GLU E 57 44.41 -48.61 -23.66
N GLY E 58 44.22 -49.70 -22.91
CA GLY E 58 45.32 -50.39 -22.24
C GLY E 58 45.28 -50.38 -20.73
N PHE E 59 44.38 -49.64 -20.10
CA PHE E 59 44.37 -49.53 -18.65
C PHE E 59 44.01 -50.87 -18.01
N GLU E 60 44.25 -50.95 -16.70
CA GLU E 60 43.84 -52.10 -15.91
C GLU E 60 42.42 -51.86 -15.41
N VAL E 61 41.46 -52.15 -16.29
CA VAL E 61 40.06 -51.96 -15.94
C VAL E 61 39.65 -53.05 -14.96
N TYR E 62 39.18 -52.64 -13.79
CA TYR E 62 38.88 -53.50 -12.66
C TYR E 62 37.49 -53.17 -12.15
N GLU E 63 37.02 -53.96 -11.18
CA GLU E 63 35.83 -53.64 -10.44
C GLU E 63 36.14 -52.57 -9.38
N ILE E 64 35.09 -51.90 -8.91
CA ILE E 64 35.28 -50.71 -8.08
C ILE E 64 35.89 -51.10 -6.73
N ASP E 65 35.18 -51.92 -5.95
CA ASP E 65 35.66 -52.28 -4.63
C ASP E 65 36.94 -53.12 -4.67
N GLU E 66 37.34 -53.60 -5.86
CA GLU E 66 38.66 -54.18 -6.03
C GLU E 66 39.70 -53.08 -6.26
N ALA E 67 39.31 -52.02 -6.97
CA ALA E 67 40.26 -50.95 -7.28
C ALA E 67 40.60 -50.14 -6.04
N VAL E 68 39.59 -49.73 -5.28
CA VAL E 68 39.82 -48.89 -4.10
C VAL E 68 40.42 -49.69 -2.96
N ARG E 69 40.41 -51.03 -3.04
CA ARG E 69 41.21 -51.85 -2.15
C ARG E 69 42.64 -51.97 -2.64
N ARG E 70 42.84 -51.90 -3.97
CA ARG E 70 44.19 -52.05 -4.52
C ARG E 70 45.06 -50.86 -4.18
N SER E 71 44.49 -49.66 -4.24
CA SER E 71 45.26 -48.44 -4.41
C SER E 71 45.34 -47.65 -3.11
N ASP E 72 45.93 -46.45 -3.22
CA ASP E 72 46.14 -45.53 -2.11
C ASP E 72 45.31 -44.26 -2.23
N VAL E 73 45.07 -43.79 -3.44
CA VAL E 73 44.29 -42.59 -3.71
C VAL E 73 43.42 -42.86 -4.92
N ALA E 74 42.30 -42.15 -4.99
CA ALA E 74 41.37 -42.30 -6.11
C ALA E 74 40.74 -40.97 -6.46
N LEU E 75 40.46 -40.80 -7.75
CA LEU E 75 39.83 -39.60 -8.30
C LEU E 75 38.42 -39.98 -8.70
N LEU E 76 37.45 -39.69 -7.83
CA LEU E 76 36.08 -40.16 -7.98
C LEU E 76 35.36 -39.32 -9.04
N LEU E 77 35.73 -39.57 -10.29
CA LEU E 77 35.23 -38.80 -11.43
C LEU E 77 33.93 -39.41 -11.95
N ILE E 78 32.93 -39.39 -11.08
CA ILE E 78 31.56 -39.77 -11.42
C ILE E 78 30.67 -38.58 -11.08
N PRO E 79 29.46 -38.52 -11.64
CA PRO E 79 28.64 -37.32 -11.46
C PRO E 79 28.27 -37.08 -10.01
N ASP E 80 27.76 -35.88 -9.75
CA ASP E 80 27.27 -35.53 -8.43
C ASP E 80 25.93 -36.18 -8.10
N GLU E 81 25.30 -36.86 -9.06
CA GLU E 81 24.01 -37.50 -8.83
C GLU E 81 24.17 -38.85 -8.15
N VAL E 82 24.89 -39.77 -8.79
CA VAL E 82 24.97 -41.16 -8.35
C VAL E 82 26.29 -41.44 -7.64
N MET E 83 26.95 -40.42 -7.11
CA MET E 83 28.08 -40.65 -6.24
C MET E 83 27.63 -41.14 -4.87
N LYS E 84 26.41 -40.80 -4.48
CA LYS E 84 25.93 -41.13 -3.15
C LYS E 84 25.75 -42.64 -2.98
N GLU E 85 24.93 -43.25 -3.84
CA GLU E 85 24.60 -44.65 -3.67
C GLU E 85 25.81 -45.55 -3.89
N VAL E 86 26.74 -45.14 -4.75
CA VAL E 86 27.95 -45.92 -4.96
C VAL E 86 28.90 -45.83 -3.76
N TYR E 87 28.81 -44.76 -2.98
CA TYR E 87 29.59 -44.66 -1.76
C TYR E 87 29.01 -45.55 -0.67
N GLU E 88 27.70 -45.48 -0.45
CA GLU E 88 27.07 -46.28 0.58
C GLU E 88 27.16 -47.77 0.28
N LYS E 89 26.96 -48.14 -0.98
CA LYS E 89 26.83 -49.54 -1.37
C LYS E 89 28.19 -50.23 -1.54
N LYS E 90 29.00 -49.72 -2.47
CA LYS E 90 30.14 -50.46 -2.98
C LYS E 90 31.48 -50.06 -2.39
N ILE E 91 31.63 -48.85 -1.86
CA ILE E 91 32.94 -48.36 -1.44
C ILE E 91 33.02 -48.24 0.08
N ALA E 92 32.17 -47.41 0.66
CA ALA E 92 32.39 -46.96 2.03
C ALA E 92 32.50 -48.07 3.07
N PRO E 93 31.86 -49.22 2.95
CA PRO E 93 32.17 -50.34 3.86
C PRO E 93 33.61 -50.80 3.77
N VAL E 94 34.35 -50.43 2.73
CA VAL E 94 35.76 -50.77 2.64
C VAL E 94 36.62 -49.73 3.36
N LEU E 95 36.25 -48.45 3.23
CA LEU E 95 37.11 -47.39 3.76
C LEU E 95 37.13 -47.36 5.27
N GLN E 96 36.17 -48.02 5.93
CA GLN E 96 36.31 -48.28 7.35
C GLN E 96 37.45 -49.26 7.66
N GLY E 97 37.91 -50.00 6.65
CA GLY E 97 38.99 -50.95 6.80
C GLY E 97 40.35 -50.44 6.38
N LYS E 98 40.51 -49.14 6.17
CA LYS E 98 41.79 -48.54 5.87
C LYS E 98 42.41 -47.94 7.12
N LYS E 99 43.66 -47.49 6.99
CA LYS E 99 44.38 -46.79 8.05
C LYS E 99 44.68 -45.35 7.67
N GLU E 100 45.22 -45.13 6.48
CA GLU E 100 45.29 -43.81 5.88
C GLU E 100 44.94 -43.94 4.41
N PHE E 101 44.18 -42.97 3.91
CA PHE E 101 43.66 -43.04 2.56
C PHE E 101 43.25 -41.65 2.13
N VAL E 102 43.01 -41.49 0.82
CA VAL E 102 42.58 -40.23 0.24
C VAL E 102 41.48 -40.52 -0.76
N LEU E 103 40.60 -39.54 -0.95
CA LEU E 103 39.45 -39.66 -1.84
C LEU E 103 39.28 -38.31 -2.55
N ASP E 104 39.73 -38.25 -3.80
CA ASP E 104 39.83 -36.99 -4.53
C ASP E 104 38.55 -36.77 -5.32
N PHE E 105 37.71 -35.86 -4.85
CA PHE E 105 36.48 -35.54 -5.53
C PHE E 105 36.76 -34.54 -6.65
N ALA E 106 35.75 -34.35 -7.50
CA ALA E 106 35.82 -33.40 -8.61
C ALA E 106 35.01 -32.14 -8.35
N SER E 107 33.75 -32.29 -7.95
CA SER E 107 32.89 -31.18 -7.61
C SER E 107 32.16 -31.51 -6.33
N GLY E 108 32.17 -30.59 -5.38
CA GLY E 108 31.76 -30.88 -4.03
C GLY E 108 30.31 -30.60 -3.71
N TYR E 109 29.41 -30.85 -4.68
CA TYR E 109 27.99 -30.79 -4.38
C TYR E 109 27.56 -31.85 -3.39
N ASN E 110 28.29 -32.96 -3.29
CA ASN E 110 27.92 -34.09 -2.47
C ASN E 110 28.68 -34.16 -1.15
N VAL E 111 29.37 -33.08 -0.77
CA VAL E 111 30.11 -33.03 0.50
C VAL E 111 29.65 -31.82 1.29
N ALA E 112 29.70 -30.64 0.66
CA ALA E 112 29.38 -29.41 1.37
C ALA E 112 27.93 -29.42 1.86
N PHE E 113 27.04 -30.12 1.17
CA PHE E 113 25.67 -30.30 1.61
C PHE E 113 25.49 -31.57 2.44
N GLY E 114 26.57 -32.18 2.91
CA GLY E 114 26.49 -33.30 3.83
C GLY E 114 25.81 -34.55 3.31
N LEU E 115 25.65 -34.68 2.00
CA LEU E 115 25.02 -35.89 1.47
C LEU E 115 25.92 -37.10 1.63
N ILE E 116 27.23 -36.91 1.69
CA ILE E 116 28.20 -37.97 1.94
C ILE E 116 29.07 -37.56 3.11
N ARG E 117 29.46 -38.55 3.92
CA ARG E 117 30.23 -38.31 5.14
C ARG E 117 31.30 -39.40 5.26
N PRO E 118 32.53 -39.14 4.82
CA PRO E 118 33.59 -40.13 5.02
C PRO E 118 34.06 -40.16 6.46
N PRO E 119 34.74 -41.22 6.89
CA PRO E 119 35.17 -41.30 8.28
C PRO E 119 36.40 -40.43 8.55
N LYS E 120 36.92 -40.55 9.77
CA LYS E 120 38.00 -39.70 10.27
C LYS E 120 39.37 -40.32 10.15
N SER E 121 39.48 -41.54 9.63
CA SER E 121 40.76 -42.13 9.25
C SER E 121 41.11 -41.84 7.79
N VAL E 122 40.59 -40.75 7.25
CA VAL E 122 40.61 -40.46 5.82
C VAL E 122 40.86 -38.98 5.61
N ASP E 123 41.49 -38.66 4.49
CA ASP E 123 41.78 -37.28 4.09
C ASP E 123 41.00 -36.98 2.82
N THR E 124 40.17 -35.94 2.87
CA THR E 124 39.36 -35.55 1.73
C THR E 124 39.94 -34.29 1.08
N ILE E 125 39.87 -34.25 -0.24
CA ILE E 125 40.42 -33.14 -1.01
C ILE E 125 39.54 -32.88 -2.22
N MET E 126 39.89 -31.87 -3.02
CA MET E 126 39.14 -31.52 -4.21
C MET E 126 40.09 -31.01 -5.28
N VAL E 127 39.85 -31.43 -6.52
CA VAL E 127 40.57 -30.90 -7.67
C VAL E 127 39.56 -30.72 -8.80
N ALA E 128 39.16 -29.46 -9.02
CA ALA E 128 38.07 -29.14 -9.94
C ALA E 128 38.63 -28.48 -11.20
N PRO E 129 38.63 -29.15 -12.36
CA PRO E 129 38.96 -28.44 -13.59
C PRO E 129 37.92 -27.39 -13.92
N ARG E 130 38.39 -26.16 -14.14
CA ARG E 130 37.56 -25.08 -14.68
C ARG E 130 37.89 -24.94 -16.16
N MET E 131 37.26 -25.79 -16.96
CA MET E 131 37.65 -25.92 -18.35
C MET E 131 36.72 -26.94 -19.01
N VAL E 132 36.67 -26.89 -20.35
CA VAL E 132 35.83 -27.79 -21.14
C VAL E 132 36.05 -29.24 -20.72
N GLY E 133 37.29 -29.70 -20.80
CA GLY E 133 37.66 -31.07 -20.53
C GLY E 133 38.25 -31.77 -21.74
N GLU E 134 37.66 -31.54 -22.91
CA GLU E 134 38.26 -32.03 -24.15
C GLU E 134 39.37 -31.11 -24.61
N GLY E 135 39.14 -29.80 -24.54
CA GLY E 135 40.11 -28.80 -24.93
C GLY E 135 41.45 -28.92 -24.21
N ILE E 136 41.47 -29.59 -23.06
CA ILE E 136 42.71 -29.81 -22.33
C ILE E 136 43.72 -30.54 -23.20
N MET E 137 43.26 -31.44 -24.08
CA MET E 137 44.16 -32.19 -24.93
C MET E 137 44.94 -31.27 -25.86
N ASP E 138 44.23 -30.43 -26.63
CA ASP E 138 44.90 -29.43 -27.45
C ASP E 138 45.64 -28.40 -26.61
N LEU E 139 45.33 -28.30 -25.32
CA LEU E 139 46.03 -27.39 -24.40
C LEU E 139 47.11 -28.10 -23.60
N HIS E 140 47.05 -29.43 -23.49
CA HIS E 140 48.07 -30.17 -22.75
C HIS E 140 49.31 -30.40 -23.61
N LYS E 141 49.09 -30.79 -24.88
CA LYS E 141 50.20 -30.98 -25.80
C LYS E 141 50.99 -29.70 -25.96
N GLN E 142 50.30 -28.55 -26.00
CA GLN E 142 50.97 -27.26 -26.07
C GLN E 142 51.86 -27.00 -24.86
N GLY E 143 51.59 -27.65 -23.73
CA GLY E 143 52.29 -27.37 -22.48
C GLY E 143 51.72 -26.25 -21.66
N LYS E 144 50.63 -25.62 -22.11
CA LYS E 144 49.96 -24.56 -21.36
C LYS E 144 48.82 -25.20 -20.57
N GLY E 145 48.93 -25.21 -19.25
CA GLY E 145 47.95 -25.87 -18.42
C GLY E 145 46.66 -25.09 -18.31
N TYR E 146 46.03 -25.11 -17.14
CA TYR E 146 44.72 -24.49 -16.99
C TYR E 146 44.45 -24.31 -15.50
N PRO E 147 43.43 -23.55 -15.13
CA PRO E 147 43.13 -23.35 -13.70
C PRO E 147 42.49 -24.57 -13.07
N VAL E 148 42.64 -24.67 -11.75
CA VAL E 148 41.93 -25.64 -10.94
C VAL E 148 41.53 -24.98 -9.63
N LEU E 149 40.82 -25.74 -8.81
CA LEU E 149 40.47 -25.33 -7.45
C LEU E 149 40.88 -26.43 -6.48
N LEU E 150 41.19 -26.02 -5.26
CA LEU E 150 41.67 -26.91 -4.23
C LEU E 150 40.91 -26.64 -2.95
N GLY E 151 40.82 -27.67 -2.10
CA GLY E 151 40.10 -27.55 -0.86
C GLY E 151 40.27 -28.77 0.00
N VAL E 152 39.84 -28.64 1.25
CA VAL E 152 39.95 -29.69 2.25
C VAL E 152 38.67 -29.70 3.08
N LYS E 153 38.21 -30.91 3.43
CA LYS E 153 37.14 -31.11 4.39
C LYS E 153 37.68 -31.67 5.70
N GLN E 154 38.48 -32.74 5.65
CA GLN E 154 39.20 -33.26 6.79
C GLN E 154 40.67 -33.43 6.45
N ASP E 155 41.54 -33.06 7.39
CA ASP E 155 42.95 -33.44 7.37
C ASP E 155 43.21 -34.10 8.72
N ALA E 156 42.86 -35.39 8.79
CA ALA E 156 43.07 -36.20 9.97
C ALA E 156 44.40 -36.93 9.96
N SER E 157 45.32 -36.53 9.07
CA SER E 157 46.66 -37.10 9.02
C SER E 157 47.73 -36.04 8.79
N GLY E 158 47.39 -34.75 8.92
CA GLY E 158 48.35 -33.68 8.71
C GLY E 158 49.05 -33.73 7.37
N LYS E 159 48.38 -34.25 6.33
CA LYS E 159 49.04 -34.57 5.07
C LYS E 159 48.19 -34.20 3.86
N ALA E 160 47.26 -33.25 3.97
CA ALA E 160 46.34 -32.98 2.88
C ALA E 160 46.97 -32.13 1.79
N TRP E 161 47.51 -30.96 2.15
CA TRP E 161 47.89 -29.98 1.16
C TRP E 161 49.08 -30.42 0.32
N ASP E 162 49.95 -31.27 0.87
CA ASP E 162 51.07 -31.77 0.08
C ASP E 162 50.61 -32.79 -0.95
N TYR E 163 49.41 -33.33 -0.82
CA TYR E 163 48.83 -34.18 -1.85
C TYR E 163 48.11 -33.34 -2.91
N ALA E 164 47.19 -32.49 -2.47
CA ALA E 164 46.35 -31.74 -3.39
C ALA E 164 47.19 -30.84 -4.31
N LYS E 165 48.14 -30.10 -3.72
CA LYS E 165 49.06 -29.31 -4.52
C LYS E 165 49.84 -30.18 -5.48
N ALA E 166 50.13 -31.41 -5.09
CA ALA E 166 50.98 -32.28 -5.90
C ALA E 166 50.18 -32.99 -6.99
N ILE E 167 48.87 -33.18 -6.79
CA ILE E 167 48.05 -33.84 -7.79
C ILE E 167 47.97 -32.98 -9.05
N ALA E 168 47.66 -31.69 -8.86
CA ALA E 168 47.39 -30.81 -10.00
C ALA E 168 48.58 -30.69 -10.95
N LYS E 169 49.80 -30.96 -10.46
CA LYS E 169 50.94 -30.99 -11.37
C LYS E 169 50.85 -32.16 -12.34
N GLY E 170 50.12 -33.21 -11.97
CA GLY E 170 50.08 -34.43 -12.76
C GLY E 170 48.92 -34.58 -13.71
N ILE E 171 48.01 -33.61 -13.75
CA ILE E 171 46.86 -33.65 -14.65
C ILE E 171 46.92 -32.48 -15.62
N GLY E 172 48.13 -32.04 -15.96
CA GLY E 172 48.31 -31.02 -16.97
C GLY E 172 47.77 -29.67 -16.61
N ALA E 173 47.56 -29.42 -15.31
CA ALA E 173 47.04 -28.13 -14.85
C ALA E 173 48.13 -27.15 -14.47
N ILE E 174 49.20 -27.65 -13.85
CA ILE E 174 50.37 -26.82 -13.54
C ILE E 174 51.61 -27.65 -13.85
N PRO E 175 52.75 -27.00 -14.13
CA PRO E 175 53.02 -25.57 -14.19
C PRO E 175 52.59 -24.96 -15.51
N GLY E 176 52.49 -23.64 -15.55
CA GLY E 176 52.05 -22.91 -16.72
C GLY E 176 50.71 -22.27 -16.51
N GLY E 177 49.81 -23.00 -15.86
CA GLY E 177 48.55 -22.48 -15.40
C GLY E 177 48.68 -21.98 -13.98
N ILE E 178 47.55 -22.01 -13.26
CA ILE E 178 47.57 -21.73 -11.83
C ILE E 178 46.62 -22.66 -11.10
N ALA E 179 46.56 -22.51 -9.77
CA ALA E 179 45.68 -23.32 -8.94
C ALA E 179 45.28 -22.47 -7.75
N VAL E 180 43.98 -22.37 -7.52
CA VAL E 180 43.42 -21.43 -6.55
C VAL E 180 42.92 -22.23 -5.36
N ILE E 181 42.97 -21.59 -4.18
CA ILE E 181 42.71 -22.25 -2.91
C ILE E 181 41.32 -21.85 -2.46
N SER E 182 40.46 -22.85 -2.25
CA SER E 182 39.06 -22.63 -1.92
C SER E 182 38.61 -23.79 -1.04
N SER E 183 37.29 -23.97 -0.93
CA SER E 183 36.69 -25.03 -0.15
C SER E 183 35.66 -25.77 -0.99
N PHE E 184 35.04 -26.78 -0.40
CA PHE E 184 33.88 -27.42 -1.01
C PHE E 184 32.67 -26.50 -0.96
N GLU E 185 32.53 -25.76 0.14
CA GLU E 185 31.35 -24.92 0.34
C GLU E 185 31.30 -23.78 -0.66
N GLU E 186 32.46 -23.30 -1.11
CA GLU E 186 32.51 -22.21 -2.08
C GLU E 186 32.31 -22.74 -3.50
N GLU E 187 32.88 -23.91 -3.80
CA GLU E 187 32.82 -24.43 -5.16
C GLU E 187 31.40 -24.81 -5.53
N ALA E 188 30.66 -25.42 -4.61
CA ALA E 188 29.29 -25.79 -4.87
C ALA E 188 28.36 -24.59 -4.92
N LEU E 189 28.84 -23.39 -4.61
CA LEU E 189 28.07 -22.17 -4.82
C LEU E 189 28.37 -21.56 -6.19
N LEU E 190 29.64 -21.36 -6.49
CA LEU E 190 30.01 -20.77 -7.77
C LEU E 190 29.64 -21.69 -8.93
N ASP E 191 29.80 -23.01 -8.74
CA ASP E 191 29.47 -23.95 -9.78
C ASP E 191 27.96 -24.12 -9.95
N LEU E 192 27.18 -23.78 -8.93
CA LEU E 192 25.73 -23.80 -9.00
C LEU E 192 25.15 -22.44 -9.38
N MET E 193 25.62 -21.37 -8.73
CA MET E 193 25.04 -20.05 -8.91
C MET E 193 25.27 -19.50 -10.31
N SER E 194 26.11 -20.14 -11.13
CA SER E 194 26.13 -19.85 -12.55
C SER E 194 24.99 -20.56 -13.27
N GLU E 195 24.62 -21.74 -12.80
CA GLU E 195 23.55 -22.53 -13.39
C GLU E 195 22.17 -22.13 -12.88
N HIS E 196 22.06 -20.98 -12.21
CA HIS E 196 20.80 -20.51 -11.63
C HIS E 196 20.49 -19.07 -11.99
N THR E 197 21.50 -18.22 -12.19
CA THR E 197 21.33 -16.78 -12.10
C THR E 197 21.54 -16.07 -13.44
N TRP E 198 22.68 -16.24 -14.08
CA TRP E 198 22.95 -15.56 -15.35
C TRP E 198 22.78 -16.46 -16.57
N VAL E 199 22.59 -17.75 -16.38
CA VAL E 199 22.23 -18.64 -17.48
C VAL E 199 20.76 -18.47 -17.84
N PRO E 200 19.81 -18.67 -16.92
CA PRO E 200 18.40 -18.61 -17.33
C PRO E 200 17.94 -17.21 -17.65
N ILE E 201 18.39 -16.21 -16.90
CA ILE E 201 18.04 -14.83 -17.17
C ILE E 201 18.51 -14.39 -18.56
N LEU E 202 19.52 -15.06 -19.10
CA LEU E 202 19.83 -14.88 -20.53
C LEU E 202 18.76 -15.53 -21.39
N PHE E 203 18.53 -16.83 -21.19
CA PHE E 203 17.51 -17.54 -21.97
C PHE E 203 16.11 -17.02 -21.67
N GLY E 204 15.91 -16.35 -20.53
CA GLY E 204 14.61 -15.80 -20.21
C GLY E 204 14.32 -14.47 -20.87
N ALA E 205 15.35 -13.81 -21.40
CA ALA E 205 15.19 -12.53 -22.08
C ALA E 205 14.95 -12.71 -23.57
N ILE E 206 15.74 -13.58 -24.20
CA ILE E 206 15.52 -13.92 -25.61
C ILE E 206 14.10 -14.45 -25.80
N LYS E 207 13.63 -15.28 -24.86
CA LYS E 207 12.26 -15.78 -24.92
C LYS E 207 11.23 -14.65 -24.81
N ALA E 208 11.63 -13.51 -24.24
CA ALA E 208 10.75 -12.36 -24.07
C ALA E 208 11.14 -11.17 -24.94
N CYS E 209 12.31 -11.22 -25.59
CA CYS E 209 12.59 -10.30 -26.70
C CYS E 209 12.05 -10.83 -28.02
N TYR E 210 11.64 -12.10 -28.06
CA TYR E 210 10.94 -12.69 -29.19
C TYR E 210 9.44 -12.57 -29.03
N ASP E 211 8.92 -13.02 -27.88
CA ASP E 211 7.48 -12.98 -27.61
C ASP E 211 6.90 -11.58 -27.62
N ILE E 212 7.73 -10.55 -27.56
CA ILE E 212 7.29 -9.16 -27.61
C ILE E 212 7.44 -8.67 -29.04
N ALA E 213 8.44 -9.16 -29.76
CA ALA E 213 8.70 -8.67 -31.11
C ALA E 213 7.75 -9.25 -32.13
N VAL E 214 7.39 -10.53 -32.00
CA VAL E 214 6.52 -11.16 -32.97
C VAL E 214 5.07 -10.71 -32.74
N LYS E 215 4.57 -10.89 -31.53
CA LYS E 215 3.16 -10.66 -31.25
C LYS E 215 2.83 -9.17 -31.21
N GLU E 216 3.46 -8.44 -30.29
CA GLU E 216 3.00 -7.10 -29.97
C GLU E 216 3.52 -6.02 -30.92
N TYR E 217 4.56 -6.31 -31.69
CA TYR E 217 5.20 -5.30 -32.53
C TYR E 217 5.36 -5.73 -33.99
N GLY E 218 4.71 -6.82 -34.41
CA GLY E 218 4.59 -7.14 -35.81
C GLY E 218 5.90 -7.36 -36.54
N VAL E 219 6.59 -8.46 -36.25
CA VAL E 219 7.90 -8.74 -36.80
C VAL E 219 7.89 -10.14 -37.42
N SER E 220 8.70 -10.30 -38.45
CA SER E 220 8.86 -11.60 -39.08
C SER E 220 9.59 -12.55 -38.14
N PRO E 221 9.07 -13.75 -37.86
CA PRO E 221 9.82 -14.68 -37.01
C PRO E 221 11.18 -15.06 -37.55
N GLU E 222 11.33 -15.18 -38.87
CA GLU E 222 12.60 -15.62 -39.43
C GLU E 222 13.70 -14.60 -39.21
N ALA E 223 13.37 -13.32 -38.99
CA ALA E 223 14.37 -12.29 -38.75
C ALA E 223 14.69 -12.11 -37.28
N ALA E 224 13.71 -12.34 -36.40
CA ALA E 224 13.93 -12.12 -34.97
C ALA E 224 15.02 -13.03 -34.43
N LEU E 225 15.15 -14.23 -34.97
CA LEU E 225 16.17 -15.17 -34.51
C LEU E 225 17.52 -14.88 -35.13
N LEU E 226 17.55 -14.36 -36.36
CA LEU E 226 18.81 -14.10 -37.03
C LEU E 226 19.63 -13.02 -36.35
N GLU E 227 18.98 -12.17 -35.55
CA GLU E 227 19.68 -11.11 -34.84
C GLU E 227 20.12 -11.57 -33.46
N PHE E 228 19.22 -12.20 -32.70
CA PHE E 228 19.53 -12.58 -31.33
C PHE E 228 20.65 -13.60 -31.25
N TYR E 229 20.40 -14.82 -31.72
CA TYR E 229 21.29 -15.94 -31.41
C TYR E 229 21.47 -16.97 -32.51
N ALA E 230 20.95 -16.76 -33.72
CA ALA E 230 21.21 -17.66 -34.84
C ALA E 230 22.40 -17.21 -35.68
N SER E 231 23.15 -16.21 -35.24
CA SER E 231 24.21 -15.60 -36.03
C SER E 231 25.57 -15.99 -35.46
N GLY E 232 26.62 -15.40 -36.04
CA GLY E 232 27.94 -15.46 -35.46
C GLY E 232 28.18 -14.46 -34.35
N GLU E 233 27.15 -13.71 -33.95
CA GLU E 233 27.28 -12.67 -32.94
C GLU E 233 27.74 -13.22 -31.60
N LEU E 234 26.90 -14.07 -30.98
CA LEU E 234 27.20 -14.53 -29.64
C LEU E 234 28.30 -15.58 -29.60
N ALA E 235 28.67 -16.14 -30.76
CA ALA E 235 29.82 -17.04 -30.81
C ALA E 235 31.14 -16.30 -30.70
N GLU E 236 31.13 -14.96 -30.69
CA GLU E 236 32.34 -14.16 -30.60
C GLU E 236 32.24 -13.04 -29.57
N ILE E 237 31.09 -12.89 -28.90
CA ILE E 237 31.07 -12.09 -27.68
C ILE E 237 31.95 -12.71 -26.62
N ALA E 238 32.10 -14.03 -26.63
CA ALA E 238 32.86 -14.77 -25.63
C ALA E 238 34.32 -14.92 -25.98
N ARG E 239 34.65 -14.99 -27.26
CA ARG E 239 36.06 -14.98 -27.68
C ARG E 239 36.74 -13.69 -27.23
N LEU E 240 36.02 -12.57 -27.27
CA LEU E 240 36.59 -11.29 -26.89
C LEU E 240 36.60 -11.11 -25.38
N ILE E 241 35.49 -11.44 -24.72
CA ILE E 241 35.41 -11.32 -23.26
C ILE E 241 36.42 -12.23 -22.58
N ALA E 242 36.72 -13.37 -23.19
CA ALA E 242 37.61 -14.35 -22.58
C ALA E 242 39.08 -14.10 -22.88
N GLU E 243 39.40 -13.11 -23.73
CA GLU E 243 40.78 -12.88 -24.11
C GLU E 243 41.16 -11.40 -24.21
N GLU E 244 40.25 -10.48 -23.88
CA GLU E 244 40.59 -9.04 -23.86
C GLU E 244 40.20 -8.35 -22.56
N GLY E 245 39.05 -8.69 -21.98
CA GLY E 245 38.53 -7.97 -20.82
C GLY E 245 37.04 -7.70 -20.96
N ILE E 246 36.27 -8.03 -19.93
CA ILE E 246 34.82 -7.92 -20.01
C ILE E 246 34.37 -6.47 -20.20
N PHE E 247 35.20 -5.50 -19.84
CA PHE E 247 34.95 -4.09 -20.10
C PHE E 247 36.01 -3.51 -21.02
N ASN E 248 36.53 -4.33 -21.93
CA ASN E 248 37.45 -3.89 -22.97
C ASN E 248 37.14 -4.50 -24.33
N GLN E 249 36.07 -5.31 -24.45
CA GLN E 249 35.58 -5.77 -25.73
C GLN E 249 34.72 -4.74 -26.45
N MET E 250 34.36 -3.65 -25.77
CA MET E 250 33.42 -2.66 -26.30
C MET E 250 34.07 -1.66 -27.24
N VAL E 251 35.39 -1.51 -27.20
CA VAL E 251 36.05 -0.53 -28.05
C VAL E 251 35.89 -0.88 -29.52
N HIS E 252 35.65 -2.16 -29.83
CA HIS E 252 35.50 -2.57 -31.22
C HIS E 252 34.10 -2.29 -31.73
N HIS E 253 33.10 -2.35 -30.87
CA HIS E 253 31.76 -1.90 -31.21
C HIS E 253 31.71 -0.38 -31.18
N SER E 254 30.56 0.17 -31.60
CA SER E 254 30.40 1.61 -31.71
C SER E 254 29.72 2.16 -30.46
N THR E 255 29.75 3.49 -30.32
CA THR E 255 29.20 4.14 -29.13
C THR E 255 27.71 3.88 -28.98
N THR E 256 26.96 3.84 -30.08
CA THR E 256 25.54 3.49 -30.00
C THR E 256 25.33 2.10 -29.44
N SER E 257 26.31 1.21 -29.57
CA SER E 257 26.28 -0.09 -28.92
C SER E 257 26.81 -0.04 -27.50
N GLN E 258 27.64 0.96 -27.18
CA GLN E 258 28.16 1.11 -25.84
C GLN E 258 27.21 1.89 -24.94
N TYR E 259 26.66 2.99 -25.45
CA TYR E 259 25.89 3.90 -24.61
C TYR E 259 24.62 3.24 -24.12
N GLY E 260 23.93 2.52 -25.01
CA GLY E 260 22.73 1.81 -24.60
C GLY E 260 23.03 0.71 -23.60
N THR E 261 24.21 0.12 -23.69
CA THR E 261 24.59 -0.94 -22.75
C THR E 261 24.77 -0.38 -21.34
N LEU E 262 25.67 0.60 -21.20
CA LEU E 262 26.08 1.05 -19.87
C LEU E 262 24.96 1.79 -19.15
N THR E 263 24.19 2.60 -19.86
CA THR E 263 23.09 3.32 -19.24
C THR E 263 22.04 2.38 -18.67
N ARG E 264 21.94 1.16 -19.22
CA ARG E 264 20.96 0.18 -18.80
C ARG E 264 21.55 -0.93 -17.96
N MET E 265 22.87 -1.01 -17.84
CA MET E 265 23.49 -1.96 -16.94
C MET E 265 23.39 -1.50 -15.50
N PHE E 266 23.73 -0.24 -15.25
CA PHE E 266 23.60 0.34 -13.91
C PHE E 266 22.16 0.67 -13.55
N LYS E 267 21.25 0.63 -14.50
CA LYS E 267 19.84 0.83 -14.22
C LYS E 267 19.15 -0.43 -13.73
N TYR E 268 19.78 -1.60 -13.92
CA TYR E 268 19.20 -2.88 -13.56
C TYR E 268 20.12 -3.70 -12.66
N TYR E 269 21.25 -3.14 -12.23
CA TYR E 269 22.09 -3.79 -11.23
C TYR E 269 21.37 -3.95 -9.91
N ASP E 270 20.36 -3.12 -9.64
CA ASP E 270 19.61 -3.17 -8.39
C ASP E 270 18.40 -4.09 -8.47
N VAL E 271 18.29 -4.93 -9.50
CA VAL E 271 17.24 -5.93 -9.61
C VAL E 271 17.81 -7.34 -9.74
N VAL E 272 18.83 -7.51 -10.60
CA VAL E 272 19.51 -8.80 -10.67
C VAL E 272 20.33 -9.03 -9.41
N ARG E 273 20.72 -7.97 -8.70
CA ARG E 273 21.24 -8.11 -7.35
C ARG E 273 20.19 -8.70 -6.43
N ARG E 274 18.95 -8.20 -6.53
CA ARG E 274 17.87 -8.68 -5.69
C ARG E 274 17.48 -10.11 -6.07
N ILE E 275 17.63 -10.46 -7.34
CA ILE E 275 17.32 -11.81 -7.78
C ILE E 275 18.36 -12.79 -7.23
N VAL E 276 19.62 -12.38 -7.21
CA VAL E 276 20.71 -13.29 -6.86
C VAL E 276 20.81 -13.49 -5.36
N GLU E 277 20.58 -12.42 -4.58
CA GLU E 277 20.57 -12.54 -3.13
C GLU E 277 19.57 -13.60 -2.68
N ASN E 278 18.40 -13.66 -3.32
CA ASN E 278 17.43 -14.69 -2.98
C ASN E 278 17.90 -16.06 -3.44
N GLU E 279 18.63 -16.11 -4.55
CA GLU E 279 19.04 -17.40 -5.12
C GLU E 279 20.30 -17.96 -4.47
N ALA E 280 21.03 -17.15 -3.70
CA ALA E 280 22.20 -17.64 -2.98
C ALA E 280 21.85 -18.08 -1.57
N LYS E 281 20.93 -17.36 -0.92
CA LYS E 281 20.40 -17.80 0.36
C LYS E 281 19.64 -19.12 0.22
N TYR E 282 19.08 -19.38 -0.95
CA TYR E 282 18.39 -20.63 -1.23
C TYR E 282 19.34 -21.78 -1.55
N ILE E 283 20.66 -21.54 -1.50
CA ILE E 283 21.67 -22.55 -1.76
C ILE E 283 22.62 -22.70 -0.57
N TRP E 284 23.02 -21.58 0.02
CA TRP E 284 23.88 -21.59 1.19
C TRP E 284 23.25 -22.38 2.34
N ASP E 285 21.93 -22.34 2.44
CA ASP E 285 21.20 -23.05 3.48
C ASP E 285 20.87 -24.49 3.09
N GLY E 286 21.38 -24.98 1.97
CA GLY E 286 21.08 -26.33 1.54
C GLY E 286 19.64 -26.58 1.17
N SER E 287 18.87 -25.53 0.91
CA SER E 287 17.48 -25.70 0.49
C SER E 287 17.34 -25.98 -1.00
N PHE E 288 18.41 -26.36 -1.69
CA PHE E 288 18.34 -26.82 -3.07
C PHE E 288 18.54 -28.32 -3.17
N ALA E 289 19.42 -28.88 -2.34
CA ALA E 289 19.58 -30.32 -2.32
C ALA E 289 18.29 -31.01 -1.92
N LYS E 290 17.59 -30.43 -0.94
CA LYS E 290 16.27 -30.94 -0.58
C LYS E 290 15.30 -30.84 -1.74
N GLU E 291 15.52 -29.89 -2.66
CA GLU E 291 14.65 -29.74 -3.82
C GLU E 291 15.06 -30.70 -4.92
N TRP E 292 16.36 -30.95 -5.06
CA TRP E 292 16.86 -31.80 -6.13
C TRP E 292 16.95 -33.26 -5.72
N SER E 293 17.18 -33.53 -4.44
CA SER E 293 17.25 -34.91 -3.97
C SER E 293 15.88 -35.56 -3.84
N LEU E 294 14.83 -34.76 -3.75
CA LEU E 294 13.47 -35.28 -3.74
C LEU E 294 12.93 -35.56 -5.13
N GLU E 295 13.36 -34.76 -6.12
CA GLU E 295 12.95 -34.98 -7.49
C GLU E 295 13.38 -36.36 -7.98
N GLN E 296 14.59 -36.79 -7.62
CA GLN E 296 15.04 -38.11 -8.02
C GLN E 296 14.20 -39.22 -7.39
N GLN E 297 13.58 -38.96 -6.25
CA GLN E 297 12.82 -39.95 -5.52
C GLN E 297 11.40 -40.10 -6.01
N ALA E 298 10.86 -39.10 -6.72
CA ALA E 298 9.48 -39.12 -7.15
C ALA E 298 9.27 -39.74 -8.53
N GLY E 299 10.25 -39.60 -9.42
CA GLY E 299 10.13 -40.11 -10.77
C GLY E 299 10.51 -39.11 -11.85
N TYR E 300 11.14 -38.01 -11.46
CA TYR E 300 11.40 -36.89 -12.35
C TYR E 300 10.13 -36.37 -13.01
N PRO E 301 9.14 -35.92 -12.22
CA PRO E 301 7.86 -35.48 -12.80
C PRO E 301 7.87 -34.07 -13.37
N VAL E 302 8.55 -33.16 -12.68
CA VAL E 302 8.62 -31.77 -13.14
C VAL E 302 9.70 -31.64 -14.22
N PHE E 303 10.81 -32.36 -14.02
CA PHE E 303 11.90 -32.35 -14.98
C PHE E 303 11.44 -32.81 -16.36
N TYR E 304 10.44 -33.68 -16.43
CA TYR E 304 9.96 -34.19 -17.71
C TYR E 304 9.04 -33.21 -18.41
N ARG E 305 8.32 -32.40 -17.65
CA ARG E 305 7.35 -31.51 -18.25
C ARG E 305 8.04 -30.33 -18.93
N LEU E 306 9.03 -29.75 -18.26
CA LEU E 306 9.57 -28.47 -18.68
C LEU E 306 10.40 -28.57 -19.96
N TRP E 307 10.86 -29.76 -20.34
CA TRP E 307 11.33 -29.94 -21.71
C TRP E 307 10.18 -29.88 -22.69
N GLU E 308 9.00 -30.33 -22.27
CA GLU E 308 7.88 -30.47 -23.19
C GLU E 308 7.18 -29.15 -23.44
N LEU E 309 7.46 -28.13 -22.63
CA LEU E 309 7.04 -26.77 -22.89
C LEU E 309 8.09 -26.04 -23.73
N ALA E 310 9.36 -26.15 -23.32
CA ALA E 310 10.44 -25.49 -24.06
C ALA E 310 10.53 -26.01 -25.48
N THR E 311 10.48 -27.33 -25.65
CA THR E 311 10.62 -27.96 -26.95
C THR E 311 9.31 -28.00 -27.73
N GLN E 312 8.27 -27.30 -27.26
CA GLN E 312 7.01 -27.17 -28.00
C GLN E 312 6.48 -25.75 -27.92
N SER E 313 7.34 -24.77 -27.62
CA SER E 313 6.91 -23.40 -27.39
C SER E 313 6.68 -22.69 -28.72
N GLU E 314 6.48 -21.37 -28.65
CA GLU E 314 6.30 -20.57 -29.85
C GLU E 314 7.63 -20.30 -30.55
N MET E 315 8.73 -20.34 -29.80
CA MET E 315 10.04 -19.97 -30.32
C MET E 315 10.76 -21.14 -30.99
N ALA E 316 10.87 -22.28 -30.30
CA ALA E 316 11.61 -23.41 -30.85
C ALA E 316 10.93 -23.96 -32.09
N LYS E 317 9.60 -23.93 -32.13
CA LYS E 317 8.85 -24.35 -33.31
C LYS E 317 9.35 -23.62 -34.56
N ALA E 318 9.30 -22.30 -34.54
CA ALA E 318 9.72 -21.49 -35.67
C ALA E 318 11.24 -21.36 -35.76
N GLU E 319 11.98 -21.90 -34.82
CA GLU E 319 13.43 -22.00 -34.92
C GLU E 319 13.85 -23.28 -35.62
N LYS E 320 13.23 -24.40 -35.26
CA LYS E 320 13.61 -25.69 -35.80
C LYS E 320 13.42 -25.74 -37.32
N GLU E 321 12.51 -24.91 -37.85
CA GLU E 321 12.31 -24.85 -39.29
C GLU E 321 13.36 -24.00 -39.97
N LEU E 322 13.81 -22.93 -39.30
CA LEU E 322 14.81 -22.05 -39.91
C LEU E 322 16.15 -22.76 -40.05
N TYR E 323 16.42 -23.74 -39.19
CA TYR E 323 17.64 -24.53 -39.34
C TYR E 323 17.53 -25.50 -40.50
N LYS E 324 16.34 -26.03 -40.75
CA LYS E 324 16.11 -26.81 -41.97
C LYS E 324 16.33 -25.94 -43.20
N LEU E 325 16.03 -24.66 -43.10
CA LEU E 325 16.26 -23.70 -44.17
C LEU E 325 17.70 -23.19 -44.22
N LEU E 326 18.60 -23.78 -43.41
CA LEU E 326 20.03 -23.55 -43.50
C LEU E 326 20.80 -24.83 -43.80
N GLY E 327 20.50 -25.92 -43.09
CA GLY E 327 21.14 -27.20 -43.30
C GLY E 327 21.83 -27.79 -42.08
N ARG E 328 21.35 -27.43 -40.88
CA ARG E 328 21.88 -27.95 -39.62
C ARG E 328 20.90 -28.94 -39.00
N LYS E 329 21.43 -29.78 -38.12
CA LYS E 329 20.63 -30.78 -37.42
C LYS E 329 20.13 -30.24 -36.09
N VAL E 330 18.86 -30.49 -35.80
CA VAL E 330 18.27 -30.19 -34.50
C VAL E 330 17.23 -31.26 -34.20
N LYS E 331 17.06 -31.55 -32.91
CA LYS E 331 16.08 -32.54 -32.45
C LYS E 331 14.95 -31.84 -31.70
N LYS F 3 8.17 -13.95 -47.49
CA LYS F 3 8.43 -14.94 -46.45
C LYS F 3 9.92 -15.28 -46.39
N THR F 4 10.37 -16.01 -47.40
CA THR F 4 11.72 -16.56 -47.44
C THR F 4 12.27 -16.37 -48.85
N VAL F 5 13.26 -15.50 -48.98
CA VAL F 5 13.93 -15.25 -50.26
C VAL F 5 15.20 -16.08 -50.32
N LEU F 6 15.48 -16.63 -51.50
CA LEU F 6 16.61 -17.52 -51.71
C LEU F 6 17.44 -17.21 -52.93
N ASP F 7 16.98 -16.36 -53.86
CA ASP F 7 17.68 -16.14 -55.11
C ASP F 7 16.98 -15.01 -55.85
N ALA F 8 17.74 -14.37 -56.74
CA ALA F 8 17.22 -13.36 -57.65
C ALA F 8 18.29 -13.08 -58.69
N ASN F 9 17.94 -12.26 -59.68
CA ASN F 9 18.85 -11.97 -60.78
C ASN F 9 19.98 -11.07 -60.31
N LEU F 10 20.87 -10.72 -61.25
CA LEU F 10 21.93 -9.75 -61.03
C LEU F 10 22.04 -8.72 -62.14
N ASP F 11 21.30 -8.87 -63.23
CA ASP F 11 21.29 -7.94 -64.36
C ASP F 11 20.76 -6.54 -64.06
N PRO F 12 19.81 -6.33 -63.13
CA PRO F 12 19.34 -4.95 -62.88
C PRO F 12 20.43 -4.00 -62.43
N LEU F 13 21.55 -4.51 -61.93
CA LEU F 13 22.69 -3.70 -61.53
C LEU F 13 23.78 -3.67 -62.59
N LYS F 14 23.93 -4.74 -63.35
CA LYS F 14 24.80 -4.70 -64.52
C LYS F 14 24.27 -3.67 -65.51
N GLY F 15 25.19 -2.99 -66.18
CA GLY F 15 24.84 -1.81 -66.94
C GLY F 15 24.67 -0.56 -66.10
N LYS F 16 24.93 -0.65 -64.80
CA LYS F 16 24.84 0.50 -63.89
C LYS F 16 26.03 0.47 -62.94
N THR F 17 26.59 1.64 -62.70
CA THR F 17 27.69 1.79 -61.75
C THR F 17 27.17 1.67 -60.31
N ILE F 18 28.04 1.19 -59.42
CA ILE F 18 27.76 1.10 -57.99
C ILE F 18 28.81 1.94 -57.27
N GLY F 19 28.36 2.78 -56.33
CA GLY F 19 29.26 3.64 -55.59
C GLY F 19 29.46 3.22 -54.14
N VAL F 20 30.58 2.59 -53.84
CA VAL F 20 30.88 2.20 -52.47
C VAL F 20 31.31 3.44 -51.71
N ILE F 21 30.63 3.71 -50.60
CA ILE F 21 31.00 4.76 -49.67
C ILE F 21 31.44 4.10 -48.38
N GLY F 22 32.49 4.64 -47.79
CA GLY F 22 33.07 4.01 -46.62
C GLY F 22 33.94 2.84 -47.00
N TYR F 23 35.06 2.69 -46.30
CA TYR F 23 35.99 1.59 -46.50
C TYR F 23 36.41 1.05 -45.15
N GLY F 24 35.48 1.00 -44.21
CA GLY F 24 35.77 0.57 -42.86
C GLY F 24 35.96 -0.92 -42.77
N ASN F 25 35.59 -1.48 -41.63
CA ASN F 25 35.66 -2.91 -41.43
C ASN F 25 34.47 -3.64 -42.05
N GLN F 26 33.53 -2.92 -42.65
CA GLN F 26 32.46 -3.47 -43.47
C GLN F 26 32.55 -3.04 -44.92
N GLY F 27 33.11 -1.86 -45.18
CA GLY F 27 33.22 -1.36 -46.54
C GLY F 27 34.04 -2.28 -47.43
N ARG F 28 35.20 -2.71 -46.95
CA ARG F 28 36.08 -3.55 -47.75
C ARG F 28 35.42 -4.87 -48.11
N VAL F 29 34.49 -5.35 -47.30
CA VAL F 29 33.97 -6.70 -47.48
C VAL F 29 32.99 -6.75 -48.65
N GLN F 30 31.93 -5.94 -48.58
CA GLN F 30 31.01 -5.83 -49.70
C GLN F 30 31.68 -5.23 -50.93
N ALA F 31 32.76 -4.47 -50.74
CA ALA F 31 33.49 -3.91 -51.88
C ALA F 31 34.22 -5.00 -52.65
N THR F 32 35.10 -5.74 -51.97
CA THR F 32 35.94 -6.72 -52.64
C THR F 32 35.12 -7.85 -53.25
N ILE F 33 34.08 -8.30 -52.53
CA ILE F 33 33.24 -9.38 -53.05
C ILE F 33 32.58 -8.97 -54.35
N MET F 34 32.29 -7.67 -54.51
CA MET F 34 31.67 -7.21 -55.75
C MET F 34 32.71 -7.00 -56.85
N ARG F 35 33.96 -6.69 -56.48
CA ARG F 35 35.01 -6.63 -57.49
C ARG F 35 35.48 -8.01 -57.88
N GLU F 36 35.44 -8.96 -56.94
CA GLU F 36 35.72 -10.36 -57.27
C GLU F 36 34.63 -10.94 -58.18
N ASN F 37 33.46 -10.31 -58.22
CA ASN F 37 32.37 -10.71 -59.12
C ASN F 37 32.37 -9.93 -60.42
N GLY F 38 33.43 -9.17 -60.69
CA GLY F 38 33.55 -8.46 -61.96
C GLY F 38 32.49 -7.39 -62.15
N LEU F 39 32.57 -6.31 -61.37
CA LEU F 39 31.56 -5.26 -61.39
C LEU F 39 32.25 -3.91 -61.29
N ASN F 40 31.82 -2.97 -62.14
CA ASN F 40 32.36 -1.61 -62.14
C ASN F 40 31.88 -0.90 -60.87
N VAL F 41 32.82 -0.64 -59.95
CA VAL F 41 32.52 -0.03 -58.66
C VAL F 41 33.58 1.00 -58.35
N ILE F 42 33.18 2.08 -57.67
CA ILE F 42 34.10 3.11 -57.19
C ILE F 42 33.98 3.18 -55.68
N VAL F 43 34.94 3.89 -55.08
CA VAL F 43 35.16 3.88 -53.63
C VAL F 43 35.29 5.33 -53.19
N GLY F 44 34.20 5.93 -52.73
CA GLY F 44 34.25 7.28 -52.21
C GLY F 44 34.58 7.29 -50.72
N ASN F 45 35.46 8.24 -50.35
CA ASN F 45 35.98 8.28 -48.99
C ASN F 45 36.57 9.66 -48.73
N VAL F 46 36.82 9.94 -47.45
CA VAL F 46 37.80 10.93 -47.05
C VAL F 46 39.16 10.25 -47.03
N LYS F 47 40.22 11.03 -47.24
CA LYS F 47 41.56 10.50 -47.43
C LYS F 47 42.27 10.37 -46.08
N ASP F 48 42.55 9.14 -45.69
CA ASP F 48 43.24 8.82 -44.45
C ASP F 48 44.03 7.53 -44.69
N LYS F 49 44.43 6.85 -43.61
CA LYS F 49 45.12 5.58 -43.77
C LYS F 49 44.25 4.54 -44.49
N TYR F 50 42.92 4.67 -44.37
CA TYR F 50 42.03 3.76 -45.09
C TYR F 50 42.05 4.03 -46.58
N TYR F 51 42.36 5.26 -47.00
CA TYR F 51 42.50 5.56 -48.42
C TYR F 51 43.76 4.95 -48.99
N GLU F 52 44.90 5.30 -48.39
CA GLU F 52 46.20 4.83 -48.87
C GLU F 52 46.24 3.31 -48.97
N LEU F 53 45.69 2.62 -47.97
CA LEU F 53 45.28 1.24 -48.14
C LEU F 53 44.44 1.08 -49.40
N ALA F 54 43.31 1.78 -49.46
CA ALA F 54 42.32 1.58 -50.52
C ALA F 54 42.83 1.96 -51.89
N LYS F 55 43.93 2.73 -51.98
CA LYS F 55 44.58 2.96 -53.26
C LYS F 55 45.57 1.87 -53.59
N LYS F 56 46.14 1.24 -52.57
CA LYS F 56 47.00 0.08 -52.78
C LYS F 56 46.21 -1.14 -53.23
N GLU F 57 44.88 -1.14 -53.04
CA GLU F 57 44.03 -2.26 -53.42
C GLU F 57 43.44 -2.10 -54.82
N GLY F 58 43.89 -1.11 -55.59
CA GLY F 58 43.51 -0.99 -56.98
C GLY F 58 42.24 -0.22 -57.24
N PHE F 59 41.42 0.03 -56.22
CA PHE F 59 40.14 0.70 -56.41
C PHE F 59 40.34 2.12 -56.92
N GLU F 60 39.30 2.64 -57.55
CA GLU F 60 39.24 4.04 -57.94
C GLU F 60 38.63 4.83 -56.80
N VAL F 61 39.35 5.85 -56.33
CA VAL F 61 38.82 6.77 -55.32
C VAL F 61 38.53 8.10 -55.97
N TYR F 62 37.35 8.64 -55.66
CA TYR F 62 36.99 10.02 -55.90
C TYR F 62 36.52 10.58 -54.56
N GLU F 63 36.37 11.90 -54.49
CA GLU F 63 35.68 12.46 -53.35
C GLU F 63 34.21 12.05 -53.37
N ILE F 64 33.54 12.24 -52.24
CA ILE F 64 32.21 11.68 -52.01
C ILE F 64 31.24 12.25 -53.03
N ASP F 65 31.07 13.57 -53.03
CA ASP F 65 30.15 14.21 -53.96
C ASP F 65 30.54 14.02 -55.41
N GLU F 66 31.78 13.63 -55.69
CA GLU F 66 32.15 13.23 -57.04
C GLU F 66 31.76 11.77 -57.28
N ALA F 67 31.87 10.94 -56.24
CA ALA F 67 31.57 9.53 -56.40
C ALA F 67 30.08 9.30 -56.58
N VAL F 68 29.26 9.88 -55.70
CA VAL F 68 27.82 9.64 -55.75
C VAL F 68 27.20 10.29 -56.99
N ARG F 69 27.87 11.29 -57.56
CA ARG F 69 27.45 11.84 -58.84
C ARG F 69 27.80 10.89 -59.97
N ARG F 70 28.97 10.26 -59.90
CA ARG F 70 29.43 9.42 -60.99
C ARG F 70 28.52 8.23 -61.22
N SER F 71 27.88 7.72 -60.17
CA SER F 71 27.30 6.39 -60.17
C SER F 71 25.78 6.46 -60.20
N ASP F 72 25.17 5.27 -60.08
CA ASP F 72 23.73 5.08 -60.15
C ASP F 72 23.14 4.65 -58.81
N VAL F 73 23.88 3.87 -58.02
CA VAL F 73 23.47 3.48 -56.69
C VAL F 73 24.71 3.51 -55.80
N ALA F 74 24.48 3.50 -54.50
CA ALA F 74 25.58 3.54 -53.55
C ALA F 74 25.22 2.81 -52.27
N LEU F 75 26.25 2.30 -51.61
CA LEU F 75 26.13 1.55 -50.36
C LEU F 75 26.78 2.40 -49.28
N LEU F 76 25.95 3.15 -48.55
CA LEU F 76 26.42 4.16 -47.61
C LEU F 76 26.89 3.47 -46.32
N LEU F 77 28.08 2.87 -46.42
CA LEU F 77 28.63 2.06 -45.33
C LEU F 77 29.49 2.92 -44.40
N ILE F 78 28.82 3.91 -43.82
CA ILE F 78 29.38 4.74 -42.75
C ILE F 78 28.50 4.54 -41.52
N PRO F 79 28.96 4.90 -40.33
CA PRO F 79 28.19 4.57 -39.12
C PRO F 79 26.85 5.28 -39.09
N ASP F 80 26.05 4.89 -38.09
CA ASP F 80 24.78 5.56 -37.82
C ASP F 80 24.95 6.86 -37.05
N GLU F 81 26.19 7.26 -36.74
CA GLU F 81 26.47 8.40 -35.88
C GLU F 81 26.81 9.66 -36.67
N VAL F 82 27.59 9.54 -37.74
CA VAL F 82 28.01 10.69 -38.54
C VAL F 82 27.55 10.53 -39.99
N MET F 83 26.42 9.87 -40.19
CA MET F 83 25.77 9.87 -41.49
C MET F 83 24.92 11.12 -41.69
N LYS F 84 24.38 11.66 -40.60
CA LYS F 84 23.51 12.83 -40.69
C LYS F 84 24.28 14.04 -41.21
N GLU F 85 25.50 14.23 -40.73
CA GLU F 85 26.29 15.38 -41.15
C GLU F 85 26.65 15.30 -42.63
N VAL F 86 26.91 14.11 -43.14
CA VAL F 86 27.39 13.96 -44.51
C VAL F 86 26.25 14.00 -45.52
N TYR F 87 25.05 13.58 -45.12
CA TYR F 87 23.88 13.74 -45.98
C TYR F 87 23.42 15.19 -46.00
N GLU F 88 23.40 15.83 -44.84
CA GLU F 88 22.94 17.21 -44.75
C GLU F 88 23.88 18.15 -45.49
N LYS F 89 25.19 17.93 -45.36
CA LYS F 89 26.16 18.90 -45.85
C LYS F 89 26.52 18.65 -47.31
N LYS F 90 26.98 17.44 -47.63
CA LYS F 90 27.59 17.17 -48.92
C LYS F 90 26.61 16.54 -49.93
N ILE F 91 26.05 15.38 -49.60
CA ILE F 91 25.40 14.56 -50.61
C ILE F 91 24.07 15.17 -51.04
N ALA F 92 23.15 15.32 -50.10
CA ALA F 92 21.74 15.60 -50.40
C ALA F 92 21.52 16.81 -51.30
N PRO F 93 22.31 17.88 -51.21
CA PRO F 93 22.18 18.96 -52.20
C PRO F 93 22.52 18.52 -53.63
N VAL F 94 23.19 17.38 -53.79
CA VAL F 94 23.50 16.88 -55.12
C VAL F 94 22.38 16.00 -55.67
N LEU F 95 21.65 15.29 -54.80
CA LEU F 95 20.74 14.26 -55.26
C LEU F 95 19.50 14.82 -55.95
N GLN F 96 19.21 16.11 -55.78
CA GLN F 96 18.17 16.74 -56.59
C GLN F 96 18.57 16.91 -58.04
N GLY F 97 19.86 16.73 -58.37
CA GLY F 97 20.32 16.81 -59.74
C GLY F 97 20.30 15.46 -60.44
N LYS F 98 19.41 14.56 -60.01
CA LYS F 98 19.28 13.25 -60.61
C LYS F 98 17.80 12.92 -60.77
N LYS F 99 17.53 11.95 -61.64
CA LYS F 99 16.17 11.56 -62.00
C LYS F 99 15.81 10.15 -61.57
N GLU F 100 16.80 9.26 -61.47
CA GLU F 100 16.63 7.96 -60.83
C GLU F 100 17.90 7.68 -60.04
N PHE F 101 17.71 7.20 -58.82
CA PHE F 101 18.85 6.91 -57.96
C PHE F 101 18.40 6.02 -56.83
N VAL F 102 19.38 5.40 -56.17
CA VAL F 102 19.16 4.53 -55.02
C VAL F 102 20.23 4.84 -53.99
N LEU F 103 19.89 4.60 -52.72
CA LEU F 103 20.79 4.90 -51.61
C LEU F 103 20.69 3.72 -50.63
N ASP F 104 21.62 2.78 -50.76
CA ASP F 104 21.56 1.53 -50.01
C ASP F 104 22.21 1.74 -48.66
N PHE F 105 21.42 1.57 -47.61
CA PHE F 105 21.90 1.75 -46.24
C PHE F 105 22.31 0.39 -45.68
N ALA F 106 22.86 0.43 -44.46
CA ALA F 106 23.29 -0.76 -43.74
C ALA F 106 22.61 -0.91 -42.39
N SER F 107 22.38 0.19 -41.68
CA SER F 107 21.64 0.18 -40.43
C SER F 107 20.69 1.37 -40.43
N GLY F 108 19.40 1.08 -40.26
CA GLY F 108 18.36 2.07 -40.45
C GLY F 108 18.01 2.87 -39.23
N TYR F 109 18.95 3.01 -38.30
CA TYR F 109 18.75 3.88 -37.16
C TYR F 109 18.54 5.34 -37.57
N ASN F 110 19.04 5.73 -38.74
CA ASN F 110 18.99 7.11 -39.20
C ASN F 110 17.88 7.36 -40.22
N VAL F 111 16.96 6.43 -40.39
CA VAL F 111 15.84 6.59 -41.31
C VAL F 111 14.53 6.38 -40.55
N ALA F 112 14.40 5.24 -39.87
CA ALA F 112 13.16 4.92 -39.19
C ALA F 112 12.82 5.93 -38.12
N PHE F 113 13.83 6.56 -37.52
CA PHE F 113 13.64 7.64 -36.57
C PHE F 113 13.64 9.01 -37.24
N GLY F 114 13.53 9.07 -38.55
CA GLY F 114 13.36 10.33 -39.25
C GLY F 114 14.51 11.30 -39.16
N LEU F 115 15.68 10.86 -38.73
CA LEU F 115 16.82 11.78 -38.65
C LEU F 115 17.30 12.21 -40.03
N ILE F 116 17.06 11.39 -41.05
CA ILE F 116 17.36 11.71 -42.43
C ILE F 116 16.09 11.51 -43.24
N ARG F 117 15.89 12.36 -44.24
CA ARG F 117 14.69 12.36 -45.07
C ARG F 117 15.10 12.56 -46.52
N PRO F 118 15.30 11.48 -47.27
CA PRO F 118 15.68 11.62 -48.68
C PRO F 118 14.53 12.15 -49.51
N PRO F 119 14.80 12.67 -50.72
CA PRO F 119 13.72 13.29 -51.51
C PRO F 119 12.76 12.30 -52.14
N LYS F 120 11.86 12.82 -52.98
CA LYS F 120 10.75 12.06 -53.55
C LYS F 120 11.14 11.29 -54.81
N SER F 121 12.14 11.77 -55.54
CA SER F 121 12.55 11.17 -56.81
C SER F 121 13.64 10.12 -56.61
N VAL F 122 13.66 9.47 -55.45
CA VAL F 122 14.77 8.61 -55.04
C VAL F 122 14.20 7.33 -54.42
N ASP F 123 14.92 6.23 -54.62
CA ASP F 123 14.62 4.96 -53.99
C ASP F 123 15.51 4.78 -52.77
N THR F 124 14.96 4.15 -51.73
CA THR F 124 15.70 3.84 -50.52
C THR F 124 15.51 2.38 -50.18
N ILE F 125 16.60 1.74 -49.73
CA ILE F 125 16.58 0.30 -49.45
C ILE F 125 17.47 0.02 -48.26
N MET F 126 17.53 -1.25 -47.86
CA MET F 126 18.29 -1.67 -46.69
C MET F 126 18.88 -3.04 -46.99
N VAL F 127 20.17 -3.20 -46.71
CA VAL F 127 20.84 -4.48 -46.83
C VAL F 127 21.75 -4.64 -45.62
N ALA F 128 21.27 -5.38 -44.61
CA ALA F 128 21.97 -5.50 -43.34
C ALA F 128 22.62 -6.86 -43.23
N PRO F 129 23.95 -6.98 -43.27
CA PRO F 129 24.57 -8.26 -42.93
C PRO F 129 24.31 -8.63 -41.47
N ARG F 130 23.61 -9.74 -41.27
CA ARG F 130 23.44 -10.34 -39.95
C ARG F 130 24.56 -11.36 -39.73
N MET F 131 25.75 -10.83 -39.48
CA MET F 131 26.96 -11.62 -39.40
C MET F 131 28.02 -10.79 -38.70
N VAL F 132 29.07 -11.46 -38.22
CA VAL F 132 30.18 -10.77 -37.56
C VAL F 132 30.82 -9.76 -38.49
N GLY F 133 30.76 -9.99 -39.80
CA GLY F 133 31.36 -9.11 -40.79
C GLY F 133 32.76 -9.53 -41.20
N GLU F 134 33.63 -9.84 -40.25
CA GLU F 134 34.98 -10.28 -40.59
C GLU F 134 34.97 -11.73 -41.07
N GLY F 135 34.15 -12.58 -40.45
CA GLY F 135 34.04 -13.97 -40.87
C GLY F 135 33.50 -14.15 -42.27
N ILE F 136 32.86 -13.12 -42.84
CA ILE F 136 32.36 -13.22 -44.21
C ILE F 136 33.52 -13.44 -45.18
N MET F 137 34.64 -12.76 -44.95
CA MET F 137 35.81 -13.00 -45.76
C MET F 137 36.39 -14.39 -45.49
N ASP F 138 36.34 -14.84 -44.24
CA ASP F 138 36.66 -16.23 -43.93
C ASP F 138 35.66 -17.19 -44.56
N LEU F 139 34.47 -16.70 -44.93
CA LEU F 139 33.44 -17.51 -45.56
C LEU F 139 33.42 -17.36 -47.08
N HIS F 140 33.85 -16.21 -47.62
CA HIS F 140 33.88 -16.07 -49.08
C HIS F 140 34.99 -16.90 -49.70
N LYS F 141 36.07 -17.14 -48.96
CA LYS F 141 37.08 -18.11 -49.39
C LYS F 141 36.62 -19.55 -49.20
N GLN F 142 35.41 -19.77 -48.66
CA GLN F 142 34.79 -21.08 -48.58
C GLN F 142 33.76 -21.28 -49.68
N GLY F 143 32.90 -20.29 -49.90
CA GLY F 143 31.86 -20.32 -50.90
C GLY F 143 30.45 -20.41 -50.37
N LYS F 144 30.26 -20.41 -49.05
CA LYS F 144 28.94 -20.45 -48.43
C LYS F 144 28.56 -19.05 -47.98
N GLY F 145 27.37 -18.62 -48.37
CA GLY F 145 26.94 -17.26 -48.10
C GLY F 145 26.51 -17.02 -46.66
N TYR F 146 25.51 -16.14 -46.46
CA TYR F 146 25.10 -15.76 -45.12
C TYR F 146 23.77 -15.02 -45.16
N PRO F 147 23.12 -14.77 -44.00
CA PRO F 147 21.83 -14.08 -44.02
C PRO F 147 21.97 -12.57 -44.22
N VAL F 148 20.88 -11.97 -44.71
CA VAL F 148 20.74 -10.52 -44.80
C VAL F 148 19.31 -10.14 -44.43
N LEU F 149 19.07 -8.84 -44.44
CA LEU F 149 17.74 -8.28 -44.26
C LEU F 149 17.45 -7.29 -45.38
N LEU F 150 16.18 -7.09 -45.68
CA LEU F 150 15.75 -6.25 -46.78
C LEU F 150 14.57 -5.41 -46.35
N GLY F 151 14.43 -4.25 -46.98
CA GLY F 151 13.36 -3.34 -46.64
C GLY F 151 13.32 -2.16 -47.60
N VAL F 152 12.24 -1.40 -47.49
CA VAL F 152 12.00 -0.25 -48.36
C VAL F 152 11.39 0.86 -47.51
N LYS F 153 11.82 2.10 -47.79
CA LYS F 153 11.19 3.29 -47.23
C LYS F 153 10.40 4.05 -48.29
N GLN F 154 10.85 4.06 -49.54
CA GLN F 154 10.12 4.71 -50.61
C GLN F 154 10.52 4.09 -51.94
N ASP F 155 9.56 4.02 -52.86
CA ASP F 155 9.78 3.49 -54.20
C ASP F 155 9.11 4.39 -55.21
N ALA F 156 9.87 4.83 -56.22
CA ALA F 156 9.35 5.60 -57.33
C ALA F 156 9.95 5.09 -58.64
N SER F 157 10.08 3.77 -58.74
CA SER F 157 10.55 3.11 -59.96
C SER F 157 9.77 1.84 -60.28
N GLY F 158 8.94 1.34 -59.36
CA GLY F 158 8.38 0.01 -59.48
C GLY F 158 9.39 -1.11 -59.34
N LYS F 159 10.65 -0.81 -59.03
CA LYS F 159 11.72 -1.80 -58.97
C LYS F 159 12.59 -1.55 -57.75
N ALA F 160 11.96 -1.18 -56.63
CA ALA F 160 12.71 -1.09 -55.38
C ALA F 160 13.14 -2.46 -54.88
N TRP F 161 12.48 -3.52 -55.35
CA TRP F 161 12.75 -4.87 -54.90
C TRP F 161 13.66 -5.63 -55.86
N ASP F 162 13.51 -5.43 -57.18
CA ASP F 162 14.41 -6.09 -58.12
C ASP F 162 15.83 -5.55 -58.02
N TYR F 163 16.01 -4.38 -57.39
CA TYR F 163 17.34 -3.95 -57.01
C TYR F 163 17.79 -4.63 -55.73
N ALA F 164 16.99 -4.51 -54.67
CA ALA F 164 17.38 -4.99 -53.36
C ALA F 164 17.59 -6.50 -53.37
N LYS F 165 16.67 -7.24 -53.96
CA LYS F 165 16.83 -8.68 -54.10
C LYS F 165 18.11 -9.01 -54.88
N ALA F 166 18.46 -8.14 -55.83
CA ALA F 166 19.59 -8.41 -56.72
C ALA F 166 20.92 -7.97 -56.13
N ILE F 167 20.92 -6.97 -55.23
CA ILE F 167 22.16 -6.57 -54.59
C ILE F 167 22.73 -7.71 -53.75
N ALA F 168 21.86 -8.34 -52.94
CA ALA F 168 22.32 -9.35 -51.99
C ALA F 168 23.02 -10.51 -52.66
N LYS F 169 22.71 -10.79 -53.92
CA LYS F 169 23.46 -11.83 -54.63
C LYS F 169 24.89 -11.40 -54.89
N GLY F 170 25.16 -10.10 -54.91
CA GLY F 170 26.47 -9.59 -55.24
C GLY F 170 27.40 -9.35 -54.07
N ILE F 171 26.93 -9.56 -52.83
CA ILE F 171 27.75 -9.38 -51.64
C ILE F 171 27.93 -10.71 -50.92
N GLY F 172 27.92 -11.80 -51.68
CA GLY F 172 28.22 -13.10 -51.12
C GLY F 172 27.21 -13.60 -50.12
N ALA F 173 25.97 -13.12 -50.21
CA ALA F 173 24.90 -13.52 -49.30
C ALA F 173 23.98 -14.57 -49.88
N ILE F 174 23.73 -14.54 -51.19
CA ILE F 174 22.89 -15.52 -51.86
C ILE F 174 23.45 -15.77 -53.26
N PRO F 175 23.10 -16.91 -53.88
CA PRO F 175 22.41 -18.08 -53.34
C PRO F 175 23.35 -18.94 -52.50
N GLY F 176 22.83 -19.48 -51.41
CA GLY F 176 23.58 -20.31 -50.50
C GLY F 176 23.25 -19.98 -49.06
N GLY F 177 22.93 -18.72 -48.81
CA GLY F 177 22.31 -18.29 -47.57
C GLY F 177 20.84 -18.11 -47.77
N ILE F 178 20.26 -17.13 -47.07
CA ILE F 178 18.92 -16.67 -47.34
C ILE F 178 18.89 -15.15 -47.18
N ALA F 179 17.71 -14.57 -47.43
CA ALA F 179 17.46 -13.16 -47.23
C ALA F 179 16.04 -13.03 -46.71
N VAL F 180 15.85 -12.13 -45.76
CA VAL F 180 14.58 -11.99 -45.07
C VAL F 180 14.04 -10.59 -45.32
N ILE F 181 12.72 -10.49 -45.38
CA ILE F 181 12.03 -9.28 -45.81
C ILE F 181 11.49 -8.58 -44.57
N SER F 182 11.89 -7.33 -44.39
CA SER F 182 11.57 -6.58 -43.19
C SER F 182 11.47 -5.10 -43.59
N SER F 183 11.53 -4.21 -42.61
CA SER F 183 11.48 -2.78 -42.82
C SER F 183 12.70 -2.15 -42.16
N PHE F 184 12.76 -0.82 -42.19
CA PHE F 184 13.73 -0.10 -41.38
C PHE F 184 13.28 -0.05 -39.93
N GLU F 185 11.97 0.09 -39.71
CA GLU F 185 11.43 0.24 -38.37
C GLU F 185 11.68 -1.01 -37.54
N GLU F 186 11.64 -2.18 -38.18
CA GLU F 186 12.00 -3.43 -37.52
C GLU F 186 13.50 -3.66 -37.49
N GLU F 187 14.24 -3.11 -38.44
CA GLU F 187 15.70 -3.26 -38.46
C GLU F 187 16.32 -2.64 -37.21
N ALA F 188 15.91 -1.41 -36.89
CA ALA F 188 16.53 -0.70 -35.79
C ALA F 188 16.12 -1.28 -34.45
N LEU F 189 14.93 -1.86 -34.36
CA LEU F 189 14.46 -2.39 -33.08
C LEU F 189 15.25 -3.62 -32.68
N LEU F 190 15.31 -4.62 -33.56
CA LEU F 190 16.05 -5.84 -33.26
C LEU F 190 17.53 -5.55 -33.10
N ASP F 191 18.04 -4.57 -33.85
CA ASP F 191 19.44 -4.18 -33.74
C ASP F 191 19.72 -3.38 -32.48
N LEU F 192 18.68 -2.83 -31.83
CA LEU F 192 18.80 -2.09 -30.59
C LEU F 192 18.35 -2.87 -29.37
N MET F 193 17.29 -3.67 -29.51
CA MET F 193 16.77 -4.44 -28.38
C MET F 193 17.77 -5.47 -27.88
N SER F 194 18.77 -5.82 -28.70
CA SER F 194 19.82 -6.70 -28.23
C SER F 194 20.86 -5.94 -27.43
N GLU F 195 21.11 -4.69 -27.79
CA GLU F 195 22.09 -3.85 -27.10
C GLU F 195 21.51 -3.11 -25.91
N HIS F 196 20.33 -3.51 -25.44
CA HIS F 196 19.64 -2.84 -24.34
C HIS F 196 19.17 -3.83 -23.28
N THR F 197 18.85 -5.06 -23.70
CA THR F 197 18.00 -5.93 -22.90
C THR F 197 18.72 -7.17 -22.40
N TRP F 198 19.32 -7.99 -23.28
CA TRP F 198 20.00 -9.20 -22.85
C TRP F 198 21.52 -9.07 -22.82
N VAL F 199 22.08 -7.99 -23.34
CA VAL F 199 23.50 -7.70 -23.19
C VAL F 199 23.78 -7.20 -21.78
N PRO F 200 23.17 -6.10 -21.32
CA PRO F 200 23.56 -5.57 -20.01
C PRO F 200 23.09 -6.43 -18.85
N ILE F 201 21.91 -7.02 -18.96
CA ILE F 201 21.41 -7.91 -17.92
C ILE F 201 22.32 -9.12 -17.74
N LEU F 202 23.09 -9.48 -18.76
CA LEU F 202 24.16 -10.45 -18.58
C LEU F 202 25.30 -9.83 -17.78
N PHE F 203 25.83 -8.71 -18.25
CA PHE F 203 26.92 -8.05 -17.54
C PHE F 203 26.47 -7.51 -16.19
N GLY F 204 25.16 -7.31 -16.01
CA GLY F 204 24.65 -6.82 -14.74
C GLY F 204 24.53 -7.90 -13.69
N ALA F 205 24.53 -9.17 -14.09
CA ALA F 205 24.41 -10.28 -13.16
C ALA F 205 25.78 -10.74 -12.67
N ILE F 206 26.73 -10.89 -13.58
CA ILE F 206 28.11 -11.20 -13.20
C ILE F 206 28.64 -10.16 -12.23
N LYS F 207 28.33 -8.89 -12.47
CA LYS F 207 28.73 -7.83 -11.55
C LYS F 207 28.09 -8.01 -10.17
N ALA F 208 26.96 -8.72 -10.10
CA ALA F 208 26.25 -8.95 -8.86
C ALA F 208 26.29 -10.40 -8.41
N CYS F 209 26.86 -11.30 -9.21
CA CYS F 209 27.27 -12.61 -8.71
C CYS F 209 28.69 -12.59 -8.19
N TYR F 210 29.46 -11.54 -8.48
CA TYR F 210 30.77 -11.31 -7.89
C TYR F 210 30.65 -10.47 -6.63
N ASP F 211 29.87 -9.39 -6.69
CA ASP F 211 29.71 -8.50 -5.55
C ASP F 211 28.98 -9.14 -4.38
N ILE F 212 28.39 -10.32 -4.58
CA ILE F 212 27.67 -11.03 -3.53
C ILE F 212 28.55 -12.18 -3.02
N ALA F 213 29.36 -12.74 -3.91
CA ALA F 213 30.20 -13.86 -3.51
C ALA F 213 31.41 -13.41 -2.71
N VAL F 214 31.96 -12.23 -3.03
CA VAL F 214 33.16 -11.75 -2.36
C VAL F 214 32.80 -11.03 -1.07
N LYS F 215 31.97 -10.00 -1.17
CA LYS F 215 31.78 -9.06 -0.07
C LYS F 215 30.80 -9.55 1.00
N GLU F 216 30.10 -10.65 0.76
CA GLU F 216 29.04 -11.10 1.66
C GLU F 216 29.17 -12.57 2.06
N TYR F 217 29.81 -13.37 1.20
CA TYR F 217 29.87 -14.82 1.39
C TYR F 217 31.30 -15.36 1.46
N GLY F 218 32.30 -14.49 1.56
CA GLY F 218 33.65 -14.92 1.87
C GLY F 218 34.28 -15.83 0.85
N VAL F 219 34.61 -15.29 -0.32
CA VAL F 219 35.13 -16.05 -1.44
C VAL F 219 36.41 -15.40 -1.94
N SER F 220 37.31 -16.22 -2.45
CA SER F 220 38.54 -15.72 -3.06
C SER F 220 38.21 -15.01 -4.36
N PRO F 221 38.66 -13.76 -4.56
CA PRO F 221 38.39 -13.11 -5.85
C PRO F 221 38.98 -13.83 -7.04
N GLU F 222 40.15 -14.46 -6.90
CA GLU F 222 40.78 -15.12 -8.02
C GLU F 222 39.99 -16.33 -8.52
N ALA F 223 39.12 -16.89 -7.68
CA ALA F 223 38.30 -18.03 -8.07
C ALA F 223 36.94 -17.63 -8.62
N ALA F 224 36.38 -16.51 -8.14
CA ALA F 224 35.05 -16.10 -8.57
C ALA F 224 35.01 -15.80 -10.05
N LEU F 225 36.12 -15.31 -10.61
CA LEU F 225 36.16 -14.99 -12.03
C LEU F 225 36.40 -16.24 -12.88
N LEU F 226 37.15 -17.21 -12.35
CA LEU F 226 37.48 -18.39 -13.13
C LEU F 226 36.27 -19.25 -13.44
N GLU F 227 35.17 -19.08 -12.70
CA GLU F 227 33.95 -19.83 -12.95
C GLU F 227 32.99 -19.08 -13.86
N PHE F 228 32.96 -17.75 -13.77
CA PHE F 228 31.99 -16.99 -14.56
C PHE F 228 32.45 -16.78 -15.99
N TYR F 229 33.55 -16.05 -16.18
CA TYR F 229 33.90 -15.57 -17.52
C TYR F 229 35.40 -15.50 -17.80
N ALA F 230 36.25 -16.02 -16.92
CA ALA F 230 37.66 -16.18 -17.29
C ALA F 230 37.88 -17.36 -18.23
N SER F 231 36.90 -18.26 -18.33
CA SER F 231 36.99 -19.44 -19.17
C SER F 231 36.17 -19.24 -20.44
N GLY F 232 36.45 -20.07 -21.44
CA GLY F 232 35.69 -20.08 -22.68
C GLY F 232 34.37 -20.81 -22.61
N GLU F 233 33.89 -21.16 -21.42
CA GLU F 233 32.64 -21.91 -21.30
C GLU F 233 31.46 -21.15 -21.88
N LEU F 234 31.54 -19.81 -21.93
CA LEU F 234 30.51 -19.06 -22.65
C LEU F 234 30.54 -19.40 -24.13
N ALA F 235 31.73 -19.52 -24.72
CA ALA F 235 31.84 -19.94 -26.11
C ALA F 235 31.35 -21.37 -26.30
N GLU F 236 31.51 -22.22 -25.28
CA GLU F 236 30.96 -23.56 -25.34
C GLU F 236 29.45 -23.56 -25.14
N ILE F 237 28.88 -22.44 -24.70
CA ILE F 237 27.43 -22.27 -24.70
C ILE F 237 26.97 -21.59 -25.99
N ALA F 238 27.83 -20.78 -26.61
CA ALA F 238 27.45 -20.03 -27.80
C ALA F 238 27.66 -20.83 -29.08
N ARG F 239 28.78 -21.55 -29.17
CA ARG F 239 29.02 -22.41 -30.33
C ARG F 239 27.95 -23.48 -30.45
N LEU F 240 27.48 -24.01 -29.31
CA LEU F 240 26.49 -25.07 -29.34
C LEU F 240 25.09 -24.54 -29.64
N ILE F 241 24.75 -23.36 -29.10
CA ILE F 241 23.46 -22.75 -29.42
C ILE F 241 23.37 -22.41 -30.89
N ALA F 242 24.51 -22.15 -31.54
CA ALA F 242 24.49 -21.83 -32.96
C ALA F 242 24.41 -23.08 -33.83
N GLU F 243 24.85 -24.22 -33.32
CA GLU F 243 24.90 -25.47 -34.08
C GLU F 243 23.72 -26.39 -33.78
N GLU F 244 23.27 -26.41 -32.52
CA GLU F 244 22.40 -27.48 -32.04
C GLU F 244 20.98 -27.02 -31.74
N GLY F 245 20.82 -25.87 -31.08
CA GLY F 245 19.51 -25.42 -30.64
C GLY F 245 19.54 -24.87 -29.24
N ILE F 246 18.92 -23.69 -29.04
CA ILE F 246 18.97 -23.03 -27.75
C ILE F 246 18.28 -23.82 -26.64
N PHE F 247 17.50 -24.85 -26.98
CA PHE F 247 16.98 -25.81 -26.02
C PHE F 247 17.39 -27.23 -26.39
N ASN F 248 18.54 -27.37 -27.05
CA ASN F 248 19.12 -28.67 -27.36
C ASN F 248 20.61 -28.73 -27.14
N GLN F 249 21.21 -27.68 -26.58
CA GLN F 249 22.60 -27.72 -26.11
C GLN F 249 22.70 -28.25 -24.70
N MET F 250 21.58 -28.64 -24.09
CA MET F 250 21.51 -28.92 -22.67
C MET F 250 21.59 -30.41 -22.35
N VAL F 251 21.33 -31.28 -23.33
CA VAL F 251 21.55 -32.70 -23.12
C VAL F 251 23.02 -32.96 -22.89
N HIS F 252 23.90 -32.16 -23.49
CA HIS F 252 25.33 -32.34 -23.33
C HIS F 252 25.78 -32.07 -21.90
N HIS F 253 25.08 -31.20 -21.20
CA HIS F 253 25.34 -30.94 -19.79
C HIS F 253 24.70 -32.04 -18.95
N SER F 254 24.69 -31.86 -17.64
CA SER F 254 24.14 -32.84 -16.69
C SER F 254 22.78 -32.37 -16.20
N THR F 255 22.16 -33.21 -15.36
CA THR F 255 20.83 -32.90 -14.86
C THR F 255 20.86 -31.80 -13.80
N THR F 256 21.86 -31.82 -12.92
CA THR F 256 22.02 -30.74 -11.95
C THR F 256 22.18 -29.37 -12.61
N SER F 257 22.66 -29.34 -13.85
CA SER F 257 22.76 -28.11 -14.62
C SER F 257 21.51 -27.83 -15.43
N GLN F 258 20.73 -28.88 -15.74
CA GLN F 258 19.50 -28.73 -16.50
C GLN F 258 18.33 -28.31 -15.61
N TYR F 259 18.20 -28.94 -14.45
CA TYR F 259 17.03 -28.73 -13.61
C TYR F 259 17.02 -27.32 -13.03
N GLY F 260 18.16 -26.86 -12.50
CA GLY F 260 18.23 -25.54 -11.92
C GLY F 260 17.99 -24.44 -12.94
N THR F 261 18.37 -24.69 -14.20
CA THR F 261 18.14 -23.73 -15.26
C THR F 261 16.66 -23.53 -15.50
N LEU F 262 15.95 -24.60 -15.83
CA LEU F 262 14.57 -24.50 -16.30
C LEU F 262 13.63 -24.03 -15.20
N THR F 263 13.82 -24.51 -13.97
CA THR F 263 12.97 -24.09 -12.86
C THR F 263 13.07 -22.60 -12.59
N ARG F 264 14.17 -21.96 -12.97
CA ARG F 264 14.40 -20.55 -12.75
C ARG F 264 14.26 -19.71 -14.00
N MET F 265 14.18 -20.33 -15.17
CA MET F 265 13.92 -19.59 -16.40
C MET F 265 12.46 -19.16 -16.48
N PHE F 266 11.55 -20.02 -16.06
CA PHE F 266 10.13 -19.71 -16.02
C PHE F 266 9.73 -18.97 -14.76
N LYS F 267 10.58 -18.97 -13.73
CA LYS F 267 10.31 -18.19 -12.53
C LYS F 267 10.64 -16.72 -12.71
N TYR F 268 11.37 -16.35 -13.76
CA TYR F 268 11.81 -14.99 -14.01
C TYR F 268 11.44 -14.50 -15.40
N TYR F 269 10.73 -15.31 -16.19
CA TYR F 269 10.20 -14.84 -17.46
C TYR F 269 9.20 -13.69 -17.27
N ASP F 270 8.59 -13.59 -16.09
CA ASP F 270 7.61 -12.55 -15.81
C ASP F 270 8.23 -11.31 -15.18
N VAL F 271 9.55 -11.17 -15.24
CA VAL F 271 10.24 -9.97 -14.78
C VAL F 271 11.07 -9.34 -15.90
N VAL F 272 11.82 -10.15 -16.64
CA VAL F 272 12.51 -9.65 -17.82
C VAL F 272 11.52 -9.28 -18.92
N ARG F 273 10.30 -9.80 -18.85
CA ARG F 273 9.23 -9.32 -19.71
C ARG F 273 8.95 -7.85 -19.44
N ARG F 274 8.76 -7.49 -18.17
CA ARG F 274 8.47 -6.11 -17.82
C ARG F 274 9.67 -5.20 -18.06
N ILE F 275 10.89 -5.74 -17.96
CA ILE F 275 12.07 -4.95 -18.28
C ILE F 275 12.11 -4.62 -19.76
N VAL F 276 11.67 -5.56 -20.60
CA VAL F 276 11.78 -5.41 -22.04
C VAL F 276 10.62 -4.62 -22.61
N GLU F 277 9.40 -4.84 -22.10
CA GLU F 277 8.25 -4.05 -22.51
C GLU F 277 8.52 -2.56 -22.35
N ASN F 278 9.12 -2.17 -21.23
CA ASN F 278 9.46 -0.76 -21.03
C ASN F 278 10.58 -0.33 -21.96
N GLU F 279 11.51 -1.24 -22.26
CA GLU F 279 12.68 -0.88 -23.07
C GLU F 279 12.38 -0.88 -24.57
N ALA F 280 11.23 -1.41 -25.00
CA ALA F 280 10.83 -1.37 -26.39
C ALA F 280 9.87 -0.23 -26.68
N LYS F 281 9.01 0.09 -25.73
CA LYS F 281 8.20 1.30 -25.84
C LYS F 281 9.06 2.55 -25.80
N TYR F 282 10.21 2.48 -25.15
CA TYR F 282 11.16 3.59 -25.10
C TYR F 282 12.00 3.70 -26.37
N ILE F 283 11.75 2.87 -27.38
CA ILE F 283 12.46 2.90 -28.66
C ILE F 283 11.49 3.08 -29.81
N TRP F 284 10.36 2.36 -29.78
CA TRP F 284 9.33 2.49 -30.80
C TRP F 284 8.84 3.91 -30.92
N ASP F 285 8.79 4.65 -29.82
CA ASP F 285 8.37 6.05 -29.81
C ASP F 285 9.49 7.01 -30.13
N GLY F 286 10.68 6.52 -30.50
CA GLY F 286 11.78 7.39 -30.80
C GLY F 286 12.32 8.17 -29.62
N SER F 287 12.02 7.75 -28.41
CA SER F 287 12.53 8.41 -27.21
C SER F 287 13.95 7.97 -26.85
N PHE F 288 14.67 7.31 -27.77
CA PHE F 288 16.08 7.01 -27.59
C PHE F 288 16.97 7.90 -28.43
N ALA F 289 16.53 8.21 -29.66
CA ALA F 289 17.30 9.13 -30.50
C ALA F 289 17.36 10.50 -29.85
N LYS F 290 16.27 10.93 -29.21
CA LYS F 290 16.31 12.17 -28.45
C LYS F 290 17.28 12.08 -27.28
N GLU F 291 17.51 10.86 -26.77
CA GLU F 291 18.45 10.67 -25.68
C GLU F 291 19.89 10.55 -26.20
N TRP F 292 20.06 9.99 -27.39
CA TRP F 292 21.40 9.79 -27.96
C TRP F 292 21.84 10.95 -28.83
N SER F 293 20.92 11.65 -29.49
CA SER F 293 21.29 12.79 -30.32
C SER F 293 21.62 14.01 -29.49
N LEU F 294 21.15 14.08 -28.24
CA LEU F 294 21.50 15.19 -27.37
C LEU F 294 22.87 14.99 -26.74
N GLU F 295 23.24 13.74 -26.48
CA GLU F 295 24.53 13.46 -25.87
C GLU F 295 25.67 13.90 -26.77
N GLN F 296 25.53 13.71 -28.09
CA GLN F 296 26.57 14.14 -29.02
C GLN F 296 26.76 15.65 -28.97
N GLN F 297 25.72 16.39 -28.64
CA GLN F 297 25.76 17.84 -28.64
C GLN F 297 26.41 18.43 -27.40
N ALA F 298 26.29 17.75 -26.26
CA ALA F 298 26.75 18.28 -24.99
C ALA F 298 28.26 18.12 -24.78
N GLY F 299 28.85 17.07 -25.33
CA GLY F 299 30.27 16.80 -25.18
C GLY F 299 30.60 15.39 -24.72
N TYR F 300 29.62 14.48 -24.81
CA TYR F 300 29.74 13.15 -24.27
C TYR F 300 30.09 13.17 -22.77
N PRO F 301 29.24 13.78 -21.93
CA PRO F 301 29.58 13.89 -20.51
C PRO F 301 29.31 12.64 -19.69
N VAL F 302 28.26 11.89 -20.03
CA VAL F 302 27.92 10.69 -19.27
C VAL F 302 28.72 9.49 -19.77
N PHE F 303 28.84 9.37 -21.09
CA PHE F 303 29.60 8.28 -21.67
C PHE F 303 31.06 8.28 -21.22
N TYR F 304 31.58 9.44 -20.82
CA TYR F 304 32.93 9.51 -20.27
C TYR F 304 32.96 9.04 -18.83
N ARG F 305 31.89 9.27 -18.07
CA ARG F 305 31.90 8.92 -16.65
C ARG F 305 31.69 7.42 -16.46
N LEU F 306 30.67 6.87 -17.11
CA LEU F 306 30.31 5.48 -16.89
C LEU F 306 31.38 4.52 -17.39
N TRP F 307 32.28 4.98 -18.27
CA TRP F 307 33.47 4.18 -18.55
C TRP F 307 34.40 4.14 -17.34
N GLU F 308 34.48 5.23 -16.59
CA GLU F 308 35.42 5.32 -15.48
C GLU F 308 34.92 4.63 -14.22
N LEU F 309 33.63 4.30 -14.15
CA LEU F 309 33.13 3.50 -13.04
C LEU F 309 33.34 2.02 -13.30
N ALA F 310 33.10 1.59 -14.54
CA ALA F 310 33.36 0.20 -14.91
C ALA F 310 34.84 -0.12 -14.83
N THR F 311 35.68 0.71 -15.45
CA THR F 311 37.11 0.45 -15.53
C THR F 311 37.87 0.83 -14.27
N GLN F 312 37.18 1.18 -13.20
CA GLN F 312 37.80 1.41 -11.89
C GLN F 312 36.97 0.77 -10.79
N SER F 313 36.21 -0.27 -11.13
CA SER F 313 35.27 -0.89 -10.21
C SER F 313 36.02 -1.84 -9.28
N GLU F 314 35.25 -2.63 -8.53
CA GLU F 314 35.84 -3.65 -7.67
C GLU F 314 36.15 -4.93 -8.43
N MET F 315 35.50 -5.15 -9.58
CA MET F 315 35.66 -6.37 -10.35
C MET F 315 36.82 -6.29 -11.33
N ALA F 316 36.86 -5.24 -12.14
CA ALA F 316 37.89 -5.13 -13.16
C ALA F 316 39.27 -4.98 -12.54
N LYS F 317 39.36 -4.29 -11.40
CA LYS F 317 40.62 -4.17 -10.67
C LYS F 317 41.25 -5.53 -10.42
N ALA F 318 40.51 -6.42 -9.77
CA ALA F 318 41.01 -7.75 -9.45
C ALA F 318 40.93 -8.71 -10.64
N GLU F 319 40.41 -8.27 -11.78
CA GLU F 319 40.46 -9.03 -13.02
C GLU F 319 41.69 -8.68 -13.84
N LYS F 320 42.02 -7.38 -13.89
CA LYS F 320 43.16 -6.93 -14.69
C LYS F 320 44.46 -7.54 -14.20
N GLU F 321 44.53 -7.91 -12.93
CA GLU F 321 45.72 -8.54 -12.36
C GLU F 321 45.76 -10.04 -12.60
N LEU F 322 44.60 -10.71 -12.61
CA LEU F 322 44.60 -12.15 -12.84
C LEU F 322 45.06 -12.48 -14.25
N TYR F 323 44.78 -11.62 -15.23
CA TYR F 323 45.30 -11.83 -16.57
C TYR F 323 46.81 -11.66 -16.58
N LYS F 324 47.32 -10.72 -15.80
CA LYS F 324 48.76 -10.61 -15.59
C LYS F 324 49.33 -11.86 -14.93
N LEU F 325 48.52 -12.54 -14.12
CA LEU F 325 48.88 -13.80 -13.51
C LEU F 325 48.60 -15.01 -14.40
N LEU F 326 48.13 -14.79 -15.64
CA LEU F 326 48.00 -15.84 -16.63
C LEU F 326 48.94 -15.62 -17.81
N GLY F 327 48.86 -14.45 -18.44
CA GLY F 327 49.63 -14.13 -19.63
C GLY F 327 48.79 -13.69 -20.81
N ARG F 328 47.51 -13.40 -20.58
CA ARG F 328 46.63 -12.91 -21.63
C ARG F 328 46.88 -11.42 -21.84
N LYS F 329 46.10 -10.80 -22.73
CA LYS F 329 46.24 -9.37 -22.96
C LYS F 329 45.77 -8.61 -21.73
N VAL F 330 46.71 -8.19 -20.88
CA VAL F 330 46.37 -7.19 -19.87
C VAL F 330 46.14 -5.86 -20.58
N LYS F 331 45.37 -4.99 -19.92
CA LYS F 331 44.86 -3.78 -20.56
C LYS F 331 46.01 -2.93 -21.13
N ASN F 332 45.83 -2.52 -22.38
CA ASN F 332 46.88 -1.83 -23.13
C ASN F 332 47.34 -0.54 -22.43
N ASP G 2 -13.86 44.90 -15.29
CA ASP G 2 -12.85 45.80 -14.76
C ASP G 2 -11.81 46.14 -15.81
N LYS G 3 -11.12 45.10 -16.29
CA LYS G 3 -10.09 45.25 -17.31
C LYS G 3 -10.65 45.38 -18.72
N THR G 4 -11.97 45.47 -18.87
CA THR G 4 -12.57 45.57 -20.20
C THR G 4 -12.11 46.83 -20.90
N VAL G 5 -11.74 46.66 -22.17
CA VAL G 5 -11.28 47.76 -23.02
C VAL G 5 -11.96 47.60 -24.37
N LEU G 6 -12.59 48.69 -24.83
CA LEU G 6 -13.50 48.62 -25.97
C LEU G 6 -13.14 49.61 -27.07
N ASP G 7 -12.68 50.80 -26.68
CA ASP G 7 -12.36 51.86 -27.63
C ASP G 7 -11.02 52.47 -27.26
N ALA G 8 -10.42 53.12 -28.25
CA ALA G 8 -9.21 53.91 -28.07
C ALA G 8 -8.90 54.59 -29.38
N ASN G 9 -8.23 55.74 -29.29
CA ASN G 9 -8.01 56.56 -30.47
C ASN G 9 -6.92 55.99 -31.36
N LEU G 10 -6.96 56.38 -32.63
CA LEU G 10 -5.93 56.10 -33.60
C LEU G 10 -4.95 57.25 -33.78
N ASP G 11 -5.07 58.31 -32.98
CA ASP G 11 -4.28 59.53 -33.15
C ASP G 11 -2.77 59.38 -32.93
N PRO G 12 -2.25 58.46 -32.10
CA PRO G 12 -0.79 58.42 -31.95
C PRO G 12 -0.07 58.01 -33.22
N LEU G 13 -0.67 57.14 -34.02
CA LEU G 13 0.01 56.53 -35.15
C LEU G 13 -0.04 57.40 -36.41
N LYS G 14 -0.95 58.36 -36.48
CA LYS G 14 -0.91 59.31 -37.58
C LYS G 14 0.40 60.09 -37.52
N GLY G 15 1.29 59.82 -38.47
CA GLY G 15 2.65 60.33 -38.42
C GLY G 15 3.68 59.30 -38.05
N LYS G 16 3.35 58.02 -38.09
CA LYS G 16 4.26 56.94 -37.74
C LYS G 16 4.16 55.84 -38.79
N THR G 17 5.30 55.24 -39.10
CA THR G 17 5.37 54.14 -40.04
C THR G 17 5.11 52.80 -39.34
N ILE G 18 4.47 51.89 -40.04
CA ILE G 18 4.19 50.54 -39.57
C ILE G 18 4.86 49.57 -40.53
N GLY G 19 5.76 48.75 -40.01
CA GLY G 19 6.43 47.75 -40.82
C GLY G 19 5.91 46.35 -40.61
N VAL G 20 5.05 45.87 -41.49
CA VAL G 20 4.56 44.50 -41.38
C VAL G 20 5.70 43.54 -41.67
N ILE G 21 5.81 42.50 -40.85
CA ILE G 21 6.77 41.43 -41.04
C ILE G 21 6.00 40.13 -41.19
N GLY G 22 6.41 39.33 -42.17
CA GLY G 22 5.66 38.15 -42.51
C GLY G 22 4.45 38.51 -43.36
N TYR G 23 4.15 37.66 -44.33
CA TYR G 23 2.96 37.81 -45.17
C TYR G 23 2.27 36.46 -45.30
N GLY G 24 2.30 35.68 -44.23
CA GLY G 24 1.68 34.37 -44.22
C GLY G 24 0.18 34.47 -44.22
N ASN G 25 -0.48 33.47 -43.63
CA ASN G 25 -1.93 33.57 -43.50
C ASN G 25 -2.36 34.45 -42.35
N GLN G 26 -1.42 35.16 -41.70
CA GLN G 26 -1.70 36.27 -40.80
C GLN G 26 -1.48 37.63 -41.45
N GLY G 27 -0.31 37.84 -42.05
CA GLY G 27 0.08 39.16 -42.51
C GLY G 27 -0.87 39.74 -43.54
N ARG G 28 -1.47 38.89 -44.36
CA ARG G 28 -2.41 39.37 -45.35
C ARG G 28 -3.69 39.92 -44.73
N VAL G 29 -3.92 39.65 -43.45
CA VAL G 29 -5.16 40.08 -42.79
C VAL G 29 -4.94 41.39 -42.05
N GLN G 30 -4.03 41.38 -41.07
CA GLN G 30 -3.77 42.58 -40.27
C GLN G 30 -3.20 43.72 -41.09
N ALA G 31 -2.51 43.42 -42.20
CA ALA G 31 -1.96 44.47 -43.03
C ALA G 31 -3.04 45.11 -43.90
N THR G 32 -3.87 44.29 -44.52
CA THR G 32 -4.91 44.79 -45.40
C THR G 32 -5.92 45.63 -44.64
N ILE G 33 -6.36 45.14 -43.47
CA ILE G 33 -7.31 45.92 -42.67
C ILE G 33 -6.67 47.24 -42.22
N MET G 34 -5.33 47.28 -42.13
CA MET G 34 -4.64 48.53 -41.83
C MET G 34 -4.29 49.33 -43.08
N ARG G 35 -4.34 48.73 -44.27
CA ARG G 35 -4.08 49.49 -45.48
C ARG G 35 -5.29 50.32 -45.89
N GLU G 36 -6.45 49.68 -45.98
CA GLU G 36 -7.68 50.39 -46.33
C GLU G 36 -8.23 51.21 -45.16
N ASN G 37 -7.52 51.27 -44.03
CA ASN G 37 -7.77 52.22 -42.97
C ASN G 37 -6.85 53.44 -43.07
N GLY G 38 -6.16 53.61 -44.20
CA GLY G 38 -5.34 54.78 -44.43
C GLY G 38 -4.18 54.95 -43.48
N LEU G 39 -3.20 54.04 -43.54
CA LEU G 39 -1.94 54.20 -42.82
C LEU G 39 -0.81 53.72 -43.71
N ASN G 40 0.23 54.55 -43.88
CA ASN G 40 1.41 54.15 -44.64
C ASN G 40 2.08 52.96 -43.97
N VAL G 41 2.00 51.79 -44.62
CA VAL G 41 2.48 50.53 -44.07
C VAL G 41 3.35 49.87 -45.14
N ILE G 42 4.36 49.13 -44.70
CA ILE G 42 5.25 48.39 -45.60
C ILE G 42 5.29 46.92 -45.19
N VAL G 43 6.06 46.13 -45.94
CA VAL G 43 6.15 44.69 -45.77
C VAL G 43 7.61 44.28 -45.83
N GLY G 44 7.95 43.21 -45.10
CA GLY G 44 9.28 42.63 -45.16
C GLY G 44 9.23 41.12 -45.05
N ASN G 45 9.95 40.43 -45.95
CA ASN G 45 9.93 38.98 -46.01
C ASN G 45 11.20 38.51 -46.70
N VAL G 46 11.42 37.20 -46.64
CA VAL G 46 12.29 36.51 -47.59
C VAL G 46 11.51 36.43 -48.89
N LYS G 47 12.19 36.12 -49.99
CA LYS G 47 11.58 36.12 -51.32
C LYS G 47 11.17 34.70 -51.70
N ASP G 48 9.88 34.49 -51.83
CA ASP G 48 9.29 33.21 -52.19
C ASP G 48 7.99 33.51 -52.94
N LYS G 49 7.09 32.52 -53.03
CA LYS G 49 5.80 32.75 -53.65
C LYS G 49 4.99 33.84 -52.95
N TYR G 50 5.29 34.11 -51.68
CA TYR G 50 4.52 35.09 -50.92
C TYR G 50 4.95 36.52 -51.25
N TYR G 51 6.19 36.73 -51.69
CA TYR G 51 6.60 38.05 -52.14
C TYR G 51 5.99 38.37 -53.49
N GLU G 52 6.09 37.43 -54.44
CA GLU G 52 5.52 37.63 -55.77
C GLU G 52 4.03 37.93 -55.68
N LEU G 53 3.31 37.15 -54.87
CA LEU G 53 1.95 37.53 -54.47
C LEU G 53 1.92 38.94 -53.91
N ALA G 54 2.75 39.19 -52.89
CA ALA G 54 2.77 40.50 -52.25
C ALA G 54 3.37 41.58 -53.13
N LYS G 55 4.05 41.20 -54.21
CA LYS G 55 4.49 42.16 -55.21
C LYS G 55 3.35 42.58 -56.12
N LYS G 56 2.29 41.76 -56.20
CA LYS G 56 1.12 42.01 -57.01
C LYS G 56 0.07 42.86 -56.31
N GLU G 57 0.45 43.59 -55.25
CA GLU G 57 -0.49 44.28 -54.39
C GLU G 57 -0.06 45.70 -54.04
N GLY G 58 1.02 46.20 -54.65
CA GLY G 58 1.46 47.56 -54.41
C GLY G 58 2.26 47.75 -53.13
N PHE G 59 2.36 46.73 -52.29
CA PHE G 59 3.10 46.86 -51.04
C PHE G 59 4.58 47.14 -51.32
N GLU G 60 5.15 48.04 -50.52
CA GLU G 60 6.56 48.39 -50.64
C GLU G 60 7.41 47.37 -49.88
N VAL G 61 7.50 46.17 -50.48
CA VAL G 61 8.34 45.14 -49.89
C VAL G 61 9.80 45.58 -49.91
N TYR G 62 10.46 45.35 -48.79
CA TYR G 62 11.89 45.52 -48.64
C TYR G 62 12.43 44.25 -47.98
N GLU G 63 13.74 44.13 -47.89
CA GLU G 63 14.29 43.12 -47.02
C GLU G 63 13.98 43.47 -45.56
N ILE G 64 14.19 42.51 -44.67
CA ILE G 64 13.73 42.62 -43.30
C ILE G 64 14.46 43.78 -42.62
N ASP G 65 15.78 43.66 -42.52
CA ASP G 65 16.57 44.70 -41.87
C ASP G 65 16.51 46.04 -42.58
N GLU G 66 16.06 46.08 -43.83
CA GLU G 66 15.84 47.35 -44.50
C GLU G 66 14.57 48.02 -44.00
N ALA G 67 13.55 47.22 -43.72
CA ALA G 67 12.29 47.78 -43.22
C ALA G 67 12.43 48.29 -41.79
N VAL G 68 13.24 47.61 -40.98
CA VAL G 68 13.27 47.84 -39.55
C VAL G 68 14.29 48.94 -39.23
N ARG G 69 14.85 49.57 -40.27
CA ARG G 69 15.41 50.91 -40.14
C ARG G 69 14.60 51.96 -40.87
N ARG G 70 13.69 51.53 -41.76
CA ARG G 70 12.76 52.46 -42.40
C ARG G 70 11.67 52.89 -41.43
N SER G 71 11.11 51.94 -40.70
CA SER G 71 9.83 52.12 -40.03
C SER G 71 10.02 52.48 -38.55
N ASP G 72 8.90 52.57 -37.85
CA ASP G 72 8.83 52.96 -36.45
C ASP G 72 8.30 51.84 -35.56
N VAL G 73 7.38 51.03 -36.07
CA VAL G 73 6.80 49.91 -35.35
C VAL G 73 6.65 48.77 -36.34
N ALA G 74 6.67 47.54 -35.82
CA ALA G 74 6.53 46.36 -36.66
C ALA G 74 5.75 45.29 -35.93
N LEU G 75 4.99 44.52 -36.70
CA LEU G 75 4.16 43.42 -36.21
C LEU G 75 4.82 42.13 -36.66
N LEU G 76 5.58 41.52 -35.76
CA LEU G 76 6.44 40.38 -36.09
C LEU G 76 5.57 39.13 -36.23
N LEU G 77 4.84 39.08 -37.34
CA LEU G 77 3.88 38.01 -37.61
C LEU G 77 4.57 36.83 -38.31
N ILE G 78 5.52 36.26 -37.58
CA ILE G 78 6.18 35.01 -37.98
C ILE G 78 5.95 34.00 -36.87
N PRO G 79 6.12 32.71 -37.15
CA PRO G 79 5.73 31.69 -36.16
C PRO G 79 6.54 31.79 -34.88
N ASP G 80 6.06 31.08 -33.87
CA ASP G 80 6.77 30.98 -32.60
C ASP G 80 8.00 30.07 -32.70
N GLU G 81 8.21 29.39 -33.83
CA GLU G 81 9.36 28.52 -34.01
C GLU G 81 10.62 29.31 -34.35
N VAL G 82 10.59 30.08 -35.44
CA VAL G 82 11.80 30.64 -36.03
C VAL G 82 11.83 32.16 -35.89
N MET G 83 11.20 32.70 -34.84
CA MET G 83 11.44 34.09 -34.51
C MET G 83 12.78 34.26 -33.82
N LYS G 84 13.26 33.21 -33.16
CA LYS G 84 14.52 33.31 -32.42
C LYS G 84 15.70 33.53 -33.36
N GLU G 85 15.74 32.77 -34.46
CA GLU G 85 16.86 32.89 -35.39
C GLU G 85 16.90 34.26 -36.06
N VAL G 86 15.74 34.83 -36.37
CA VAL G 86 15.70 36.08 -37.12
C VAL G 86 15.95 37.29 -36.23
N TYR G 87 15.60 37.20 -34.94
CA TYR G 87 15.96 38.25 -34.00
C TYR G 87 17.44 38.20 -33.65
N GLU G 88 17.96 36.99 -33.43
CA GLU G 88 19.37 36.84 -33.07
C GLU G 88 20.29 37.25 -34.20
N LYS G 89 19.92 36.91 -35.43
CA LYS G 89 20.83 37.07 -36.57
C LYS G 89 20.71 38.45 -37.20
N LYS G 90 19.51 38.83 -37.63
CA LYS G 90 19.32 40.01 -38.46
C LYS G 90 18.88 41.25 -37.65
N ILE G 91 17.75 41.16 -36.96
CA ILE G 91 17.10 42.37 -36.45
C ILE G 91 17.88 42.95 -35.28
N ALA G 92 18.04 42.16 -34.21
CA ALA G 92 18.49 42.72 -32.94
C ALA G 92 19.82 43.46 -33.00
N PRO G 93 20.77 43.14 -33.89
CA PRO G 93 21.94 44.03 -34.04
C PRO G 93 21.61 45.40 -34.61
N VAL G 94 20.36 45.62 -35.06
CA VAL G 94 19.96 46.92 -35.58
C VAL G 94 19.28 47.78 -34.52
N LEU G 95 18.57 47.18 -33.57
CA LEU G 95 17.75 47.94 -32.65
C LEU G 95 18.58 48.79 -31.69
N GLN G 96 19.86 48.47 -31.52
CA GLN G 96 20.75 49.41 -30.84
C GLN G 96 20.99 50.67 -31.66
N GLY G 97 20.75 50.61 -32.96
CA GLY G 97 20.68 51.80 -33.79
C GLY G 97 19.37 52.55 -33.70
N LYS G 98 18.47 52.14 -32.81
CA LYS G 98 17.20 52.79 -32.59
C LYS G 98 17.17 53.41 -31.21
N LYS G 99 16.32 54.43 -31.07
CA LYS G 99 16.15 55.16 -29.82
C LYS G 99 14.71 55.39 -29.44
N GLU G 100 13.76 55.25 -30.37
CA GLU G 100 12.33 55.39 -30.11
C GLU G 100 11.67 54.35 -31.00
N PHE G 101 11.41 53.16 -30.45
CA PHE G 101 11.00 52.04 -31.29
C PHE G 101 10.13 51.09 -30.47
N VAL G 102 9.40 50.25 -31.22
CA VAL G 102 8.46 49.28 -30.66
C VAL G 102 8.60 48.00 -31.46
N LEU G 103 8.14 46.90 -30.87
CA LEU G 103 8.20 45.60 -31.52
C LEU G 103 6.96 44.82 -31.10
N ASP G 104 5.99 44.73 -32.01
CA ASP G 104 4.69 44.15 -31.72
C ASP G 104 4.69 42.67 -32.09
N PHE G 105 4.36 41.82 -31.12
CA PHE G 105 4.36 40.39 -31.29
C PHE G 105 2.93 39.90 -31.50
N ALA G 106 2.80 38.61 -31.76
CA ALA G 106 1.52 37.94 -31.96
C ALA G 106 1.34 36.73 -31.07
N SER G 107 2.41 36.01 -30.78
CA SER G 107 2.38 34.87 -29.87
C SER G 107 3.58 34.96 -28.95
N GLY G 108 3.31 35.03 -27.65
CA GLY G 108 4.34 35.34 -26.68
C GLY G 108 5.09 34.14 -26.12
N TYR G 109 5.10 33.05 -26.87
CA TYR G 109 5.86 31.87 -26.47
C TYR G 109 7.35 32.14 -26.41
N ASN G 110 7.85 33.13 -27.15
CA ASN G 110 9.26 33.44 -27.23
C ASN G 110 9.67 34.64 -26.40
N VAL G 111 8.82 35.09 -25.46
CA VAL G 111 9.14 36.20 -24.58
C VAL G 111 8.98 35.76 -23.14
N ALA G 112 7.80 35.23 -22.81
CA ALA G 112 7.54 34.85 -21.43
C ALA G 112 8.49 33.75 -20.96
N PHE G 113 8.96 32.92 -21.87
CA PHE G 113 9.97 31.91 -21.58
C PHE G 113 11.39 32.40 -21.82
N GLY G 114 11.58 33.69 -22.01
CA GLY G 114 12.91 34.26 -22.09
C GLY G 114 13.76 33.81 -23.25
N LEU G 115 13.17 33.21 -24.29
CA LEU G 115 13.97 32.79 -25.43
C LEU G 115 14.49 33.98 -26.23
N ILE G 116 13.77 35.10 -26.19
CA ILE G 116 14.21 36.35 -26.80
C ILE G 116 14.21 37.42 -25.73
N ARG G 117 15.17 38.33 -25.82
CA ARG G 117 15.37 39.39 -24.83
C ARG G 117 15.68 40.69 -25.55
N PRO G 118 14.67 41.54 -25.79
CA PRO G 118 14.94 42.84 -26.40
C PRO G 118 15.61 43.77 -25.41
N PRO G 119 16.26 44.85 -25.87
CA PRO G 119 16.94 45.76 -24.94
C PRO G 119 15.98 46.62 -24.15
N LYS G 120 16.54 47.57 -23.38
CA LYS G 120 15.78 48.41 -22.47
C LYS G 120 15.43 49.78 -23.04
N SER G 121 15.99 50.13 -24.20
CA SER G 121 15.59 51.34 -24.93
C SER G 121 14.43 51.07 -25.89
N VAL G 122 13.62 50.05 -25.62
CA VAL G 122 12.63 49.53 -26.55
C VAL G 122 11.35 49.20 -25.80
N ASP G 123 10.23 49.34 -26.49
CA ASP G 123 8.92 48.96 -25.99
C ASP G 123 8.51 47.64 -26.61
N THR G 124 7.91 46.76 -25.81
CA THR G 124 7.41 45.48 -26.27
C THR G 124 5.93 45.36 -25.90
N ILE G 125 5.16 44.77 -26.81
CA ILE G 125 3.72 44.68 -26.65
C ILE G 125 3.23 43.37 -27.25
N MET G 126 1.93 43.10 -27.12
CA MET G 126 1.33 41.87 -27.60
C MET G 126 -0.05 42.21 -28.14
N VAL G 127 -0.35 41.70 -29.33
CA VAL G 127 -1.69 41.82 -29.91
C VAL G 127 -2.05 40.48 -30.54
N ALA G 128 -2.83 39.69 -29.81
CA ALA G 128 -3.14 38.33 -30.21
C ALA G 128 -4.58 38.24 -30.70
N PRO G 129 -4.83 38.02 -31.99
CA PRO G 129 -6.20 37.71 -32.41
C PRO G 129 -6.66 36.38 -31.82
N ARG G 130 -7.79 36.41 -31.12
CA ARG G 130 -8.47 35.21 -30.66
C ARG G 130 -9.56 34.89 -31.67
N MET G 131 -9.13 34.36 -32.81
CA MET G 131 -10.00 34.13 -33.95
C MET G 131 -9.19 33.36 -34.98
N VAL G 132 -9.90 32.66 -35.88
CA VAL G 132 -9.23 31.72 -36.78
C VAL G 132 -8.29 32.45 -37.73
N GLY G 133 -8.61 33.69 -38.10
CA GLY G 133 -7.72 34.55 -38.84
C GLY G 133 -8.22 34.93 -40.22
N GLU G 134 -8.77 33.97 -40.96
CA GLU G 134 -9.40 34.27 -42.24
C GLU G 134 -10.88 34.57 -42.09
N GLY G 135 -11.53 33.97 -41.08
CA GLY G 135 -12.86 34.39 -40.71
C GLY G 135 -12.96 35.86 -40.40
N ILE G 136 -11.85 36.47 -39.96
CA ILE G 136 -11.81 37.93 -39.81
C ILE G 136 -12.15 38.59 -41.15
N MET G 137 -11.54 38.11 -42.23
CA MET G 137 -11.78 38.69 -43.54
C MET G 137 -13.19 38.36 -44.02
N ASP G 138 -13.72 37.22 -43.60
CA ASP G 138 -15.13 36.92 -43.89
C ASP G 138 -16.09 37.77 -43.07
N LEU G 139 -15.58 38.46 -42.04
CA LEU G 139 -16.40 39.21 -41.09
C LEU G 139 -16.12 40.70 -41.10
N HIS G 140 -14.86 41.10 -41.32
CA HIS G 140 -14.49 42.51 -41.21
C HIS G 140 -15.24 43.35 -42.24
N LYS G 141 -15.59 42.76 -43.38
CA LYS G 141 -16.44 43.46 -44.35
C LYS G 141 -17.76 43.86 -43.72
N GLN G 142 -18.26 43.07 -42.77
CA GLN G 142 -19.49 43.41 -42.06
C GLN G 142 -19.32 44.62 -41.14
N GLY G 143 -18.09 44.99 -40.82
CA GLY G 143 -17.83 46.00 -39.81
C GLY G 143 -17.94 45.50 -38.38
N LYS G 144 -18.14 44.20 -38.18
CA LYS G 144 -18.19 43.60 -36.85
C LYS G 144 -16.80 43.09 -36.51
N GLY G 145 -16.20 43.63 -35.46
CA GLY G 145 -14.82 43.29 -35.12
C GLY G 145 -14.67 41.95 -34.44
N TYR G 146 -13.73 41.85 -33.50
CA TYR G 146 -13.42 40.56 -32.89
C TYR G 146 -12.58 40.74 -31.63
N PRO G 147 -12.36 39.69 -30.83
CA PRO G 147 -11.56 39.84 -29.62
C PRO G 147 -10.07 39.92 -29.91
N VAL G 148 -9.35 40.56 -28.99
CA VAL G 148 -7.89 40.56 -28.99
C VAL G 148 -7.39 40.38 -27.57
N LEU G 149 -6.07 40.38 -27.40
CA LEU G 149 -5.43 40.39 -26.09
C LEU G 149 -4.28 41.38 -26.12
N LEU G 150 -3.96 41.92 -24.95
CA LEU G 150 -2.96 42.97 -24.83
C LEU G 150 -2.06 42.70 -23.64
N GLY G 151 -0.84 43.22 -23.72
CA GLY G 151 0.13 43.01 -22.67
C GLY G 151 1.39 43.81 -22.91
N VAL G 152 2.23 43.86 -21.88
CA VAL G 152 3.46 44.64 -21.89
C VAL G 152 4.55 43.85 -21.18
N LYS G 153 5.78 44.00 -21.66
CA LYS G 153 6.98 43.52 -20.97
C LYS G 153 7.84 44.67 -20.47
N GLN G 154 8.21 45.60 -21.36
CA GLN G 154 8.95 46.80 -20.99
C GLN G 154 8.23 48.02 -21.54
N ASP G 155 8.18 49.07 -20.73
CA ASP G 155 7.66 50.38 -21.14
C ASP G 155 8.68 51.41 -20.72
N ALA G 156 9.70 51.61 -21.56
CA ALA G 156 10.71 52.64 -21.36
C ALA G 156 10.42 53.88 -22.18
N SER G 157 9.14 54.13 -22.48
CA SER G 157 8.71 55.30 -23.22
C SER G 157 7.47 55.96 -22.62
N GLY G 158 6.88 55.40 -21.57
CA GLY G 158 5.74 55.98 -20.92
C GLY G 158 4.41 55.82 -21.64
N LYS G 159 4.42 55.42 -22.92
CA LYS G 159 3.21 55.35 -23.73
C LYS G 159 3.13 54.02 -24.44
N ALA G 160 3.39 52.93 -23.71
CA ALA G 160 3.18 51.60 -24.27
C ALA G 160 1.70 51.33 -24.50
N TRP G 161 0.87 51.67 -23.51
CA TRP G 161 -0.55 51.38 -23.61
C TRP G 161 -1.25 52.27 -24.63
N ASP G 162 -0.78 53.50 -24.82
CA ASP G 162 -1.37 54.37 -25.82
C ASP G 162 -1.06 53.88 -27.23
N TYR G 163 -0.05 53.03 -27.39
CA TYR G 163 0.20 52.37 -28.67
C TYR G 163 -0.66 51.12 -28.79
N ALA G 164 -0.59 50.23 -27.80
CA ALA G 164 -1.26 48.94 -27.88
C ALA G 164 -2.77 49.10 -28.00
N LYS G 165 -3.35 49.94 -27.15
CA LYS G 165 -4.77 50.24 -27.26
C LYS G 165 -5.12 50.83 -28.62
N ALA G 166 -4.18 51.55 -29.23
CA ALA G 166 -4.46 52.23 -30.47
C ALA G 166 -4.23 51.33 -31.68
N ILE G 167 -3.38 50.31 -31.53
CA ILE G 167 -3.14 49.38 -32.65
C ILE G 167 -4.42 48.62 -32.97
N ALA G 168 -5.06 48.05 -31.94
CA ALA G 168 -6.20 47.18 -32.14
C ALA G 168 -7.35 47.88 -32.87
N LYS G 169 -7.41 49.21 -32.82
CA LYS G 169 -8.42 49.93 -33.57
C LYS G 169 -8.18 49.87 -35.08
N GLY G 170 -6.97 49.51 -35.51
CA GLY G 170 -6.62 49.54 -36.92
C GLY G 170 -6.58 48.18 -37.60
N ILE G 171 -6.74 47.11 -36.83
CA ILE G 171 -6.73 45.75 -37.37
C ILE G 171 -8.14 45.15 -37.26
N GLY G 172 -9.16 46.01 -37.30
CA GLY G 172 -10.53 45.54 -37.34
C GLY G 172 -11.05 44.94 -36.06
N ALA G 173 -10.39 45.18 -34.92
CA ALA G 173 -10.82 44.59 -33.65
C ALA G 173 -11.74 45.50 -32.86
N ILE G 174 -11.54 46.81 -32.94
CA ILE G 174 -12.34 47.77 -32.18
C ILE G 174 -12.42 49.08 -32.96
N PRO G 175 -13.37 49.97 -32.66
CA PRO G 175 -14.57 49.76 -31.86
C PRO G 175 -15.55 48.83 -32.55
N GLY G 176 -16.18 47.94 -31.77
CA GLY G 176 -17.14 47.00 -32.30
C GLY G 176 -17.05 45.64 -31.64
N GLY G 177 -15.88 45.29 -31.13
CA GLY G 177 -15.66 44.02 -30.47
C GLY G 177 -15.32 44.18 -29.01
N ILE G 178 -14.26 43.51 -28.58
CA ILE G 178 -13.76 43.62 -27.20
C ILE G 178 -12.25 43.51 -27.25
N ALA G 179 -11.59 44.17 -26.30
CA ALA G 179 -10.16 44.05 -26.11
C ALA G 179 -9.88 43.83 -24.63
N VAL G 180 -9.08 42.80 -24.35
CA VAL G 180 -8.85 42.33 -22.99
C VAL G 180 -7.38 42.55 -22.66
N ILE G 181 -7.10 42.74 -21.37
CA ILE G 181 -5.79 43.15 -20.89
C ILE G 181 -5.18 42.00 -20.10
N SER G 182 -4.00 41.58 -20.52
CA SER G 182 -3.31 40.42 -19.95
C SER G 182 -1.81 40.68 -20.05
N SER G 183 -1.03 39.62 -19.90
CA SER G 183 0.42 39.66 -20.02
C SER G 183 0.85 38.70 -21.13
N PHE G 184 2.16 38.56 -21.30
CA PHE G 184 2.71 37.48 -22.12
C PHE G 184 2.63 36.15 -21.39
N GLU G 185 2.90 36.18 -20.08
CA GLU G 185 2.95 34.96 -19.28
C GLU G 185 1.61 34.27 -19.25
N GLU G 186 0.51 35.04 -19.28
CA GLU G 186 -0.82 34.46 -19.41
C GLU G 186 -1.17 34.14 -20.85
N GLU G 187 -0.57 34.85 -21.81
CA GLU G 187 -0.84 34.59 -23.22
C GLU G 187 -0.40 33.19 -23.60
N ALA G 188 0.82 32.83 -23.23
CA ALA G 188 1.38 31.54 -23.66
C ALA G 188 0.71 30.39 -22.95
N LEU G 189 0.24 30.61 -21.71
CA LEU G 189 -0.38 29.52 -20.98
C LEU G 189 -1.71 29.11 -21.59
N LEU G 190 -2.61 30.08 -21.76
CA LEU G 190 -3.92 29.77 -22.33
C LEU G 190 -3.78 29.29 -23.76
N ASP G 191 -2.83 29.85 -24.50
CA ASP G 191 -2.56 29.40 -25.87
C ASP G 191 -2.00 27.98 -25.91
N LEU G 192 -1.35 27.53 -24.83
CA LEU G 192 -0.76 26.20 -24.75
C LEU G 192 -1.64 25.20 -24.03
N MET G 193 -2.27 25.61 -22.92
CA MET G 193 -3.08 24.68 -22.13
C MET G 193 -4.28 24.14 -22.91
N SER G 194 -4.67 24.79 -24.00
CA SER G 194 -5.68 24.22 -24.87
C SER G 194 -5.08 23.16 -25.78
N GLU G 195 -3.82 23.33 -26.17
CA GLU G 195 -3.14 22.39 -27.05
C GLU G 195 -2.50 21.23 -26.30
N HIS G 196 -2.81 21.06 -25.02
CA HIS G 196 -2.18 20.05 -24.18
C HIS G 196 -3.21 19.22 -23.41
N THR G 197 -4.34 19.84 -23.06
CA THR G 197 -5.20 19.31 -22.00
C THR G 197 -6.55 18.80 -22.53
N TRP G 198 -7.34 19.65 -23.18
CA TRP G 198 -8.66 19.23 -23.66
C TRP G 198 -8.69 18.88 -25.13
N VAL G 199 -7.63 19.14 -25.87
CA VAL G 199 -7.51 18.68 -27.25
C VAL G 199 -7.18 17.18 -27.27
N PRO G 200 -6.08 16.72 -26.67
CA PRO G 200 -5.73 15.31 -26.82
C PRO G 200 -6.64 14.38 -26.04
N ILE G 201 -7.11 14.80 -24.87
CA ILE G 201 -8.04 13.99 -24.10
C ILE G 201 -9.34 13.78 -24.85
N LEU G 202 -9.67 14.66 -25.80
CA LEU G 202 -10.75 14.38 -26.73
C LEU G 202 -10.33 13.29 -27.72
N PHE G 203 -9.21 13.50 -28.40
CA PHE G 203 -8.73 12.51 -29.36
C PHE G 203 -8.31 11.22 -28.67
N GLY G 204 -8.00 11.28 -27.37
CA GLY G 204 -7.61 10.09 -26.65
C GLY G 204 -8.78 9.22 -26.22
N ALA G 205 -9.98 9.77 -26.22
CA ALA G 205 -11.17 9.03 -25.85
C ALA G 205 -11.80 8.34 -27.04
N ILE G 206 -11.93 9.05 -28.16
CA ILE G 206 -12.42 8.44 -29.39
C ILE G 206 -11.53 7.26 -29.77
N LYS G 207 -10.22 7.40 -29.62
CA LYS G 207 -9.31 6.30 -29.89
C LYS G 207 -9.57 5.12 -28.97
N ALA G 208 -10.15 5.37 -27.79
CA ALA G 208 -10.45 4.32 -26.81
C ALA G 208 -11.93 4.03 -26.67
N CYS G 209 -12.79 4.81 -27.33
CA CYS G 209 -14.18 4.42 -27.52
C CYS G 209 -14.36 3.60 -28.79
N TYR G 210 -13.35 3.61 -29.68
CA TYR G 210 -13.31 2.74 -30.85
C TYR G 210 -12.59 1.44 -30.53
N ASP G 211 -11.43 1.54 -29.88
CA ASP G 211 -10.65 0.35 -29.54
C ASP G 211 -11.34 -0.55 -28.52
N ILE G 212 -12.42 -0.09 -27.90
CA ILE G 212 -13.17 -0.88 -26.93
C ILE G 212 -14.44 -1.40 -27.60
N ALA G 213 -14.99 -0.62 -28.52
CA ALA G 213 -16.22 -1.03 -29.19
C ALA G 213 -15.96 -2.11 -30.23
N VAL G 214 -14.82 -2.03 -30.92
CA VAL G 214 -14.52 -2.98 -31.99
C VAL G 214 -13.86 -4.24 -31.43
N LYS G 215 -12.72 -4.07 -30.78
CA LYS G 215 -11.86 -5.20 -30.45
C LYS G 215 -12.33 -6.00 -29.25
N GLU G 216 -13.35 -5.54 -28.51
CA GLU G 216 -13.79 -6.21 -27.30
C GLU G 216 -15.29 -6.50 -27.31
N TYR G 217 -16.09 -5.61 -27.89
CA TYR G 217 -17.54 -5.68 -27.79
C TYR G 217 -18.22 -5.97 -29.12
N GLY G 218 -17.47 -6.37 -30.15
CA GLY G 218 -18.07 -6.89 -31.36
C GLY G 218 -18.94 -5.91 -32.12
N VAL G 219 -18.31 -4.89 -32.71
CA VAL G 219 -19.03 -3.83 -33.41
C VAL G 219 -18.44 -3.68 -34.81
N SER G 220 -19.31 -3.29 -35.74
CA SER G 220 -18.87 -3.02 -37.10
C SER G 220 -18.01 -1.75 -37.11
N PRO G 221 -16.79 -1.79 -37.67
CA PRO G 221 -16.00 -0.56 -37.74
C PRO G 221 -16.66 0.57 -38.51
N GLU G 222 -17.40 0.26 -39.57
CA GLU G 222 -17.99 1.32 -40.39
C GLU G 222 -19.05 2.10 -39.63
N ALA G 223 -19.64 1.52 -38.59
CA ALA G 223 -20.66 2.21 -37.79
C ALA G 223 -20.07 2.95 -36.60
N ALA G 224 -18.96 2.46 -36.05
CA ALA G 224 -18.38 3.09 -34.87
C ALA G 224 -17.92 4.51 -35.16
N LEU G 225 -17.50 4.79 -36.39
CA LEU G 225 -17.04 6.12 -36.75
C LEU G 225 -18.21 7.05 -37.07
N LEU G 226 -19.29 6.51 -37.63
CA LEU G 226 -20.42 7.35 -38.01
C LEU G 226 -21.11 7.97 -36.82
N GLU G 227 -20.90 7.44 -35.62
CA GLU G 227 -21.49 8.00 -34.41
C GLU G 227 -20.55 8.97 -33.71
N PHE G 228 -19.24 8.76 -33.80
CA PHE G 228 -18.31 9.61 -33.07
C PHE G 228 -18.01 10.90 -33.82
N TYR G 229 -17.36 10.80 -34.99
CA TYR G 229 -16.76 11.97 -35.61
C TYR G 229 -16.78 11.95 -37.13
N ALA G 230 -17.71 11.24 -37.75
CA ALA G 230 -17.99 11.38 -39.18
C ALA G 230 -19.36 12.00 -39.43
N SER G 231 -20.00 12.55 -38.40
CA SER G 231 -21.33 13.11 -38.47
C SER G 231 -21.27 14.59 -38.10
N GLY G 232 -22.43 15.23 -38.01
CA GLY G 232 -22.50 16.64 -37.68
C GLY G 232 -22.60 16.92 -36.20
N GLU G 233 -22.16 15.97 -35.37
CA GLU G 233 -22.23 16.16 -33.92
C GLU G 233 -21.26 17.24 -33.47
N LEU G 234 -19.96 17.02 -33.68
CA LEU G 234 -18.98 18.04 -33.32
C LEU G 234 -19.14 19.29 -34.16
N ALA G 235 -19.63 19.15 -35.39
CA ALA G 235 -19.73 20.30 -36.29
C ALA G 235 -20.81 21.28 -35.87
N GLU G 236 -21.71 20.87 -34.98
CA GLU G 236 -22.81 21.71 -34.52
C GLU G 236 -22.95 21.73 -33.00
N ILE G 237 -22.26 20.85 -32.28
CA ILE G 237 -22.17 21.04 -30.83
C ILE G 237 -21.39 22.31 -30.52
N ALA G 238 -20.41 22.64 -31.35
CA ALA G 238 -19.56 23.79 -31.11
C ALA G 238 -20.23 25.10 -31.51
N ARG G 239 -20.96 25.09 -32.62
CA ARG G 239 -21.70 26.27 -33.04
C ARG G 239 -22.73 26.66 -32.00
N LEU G 240 -23.34 25.67 -31.33
CA LEU G 240 -24.31 25.96 -30.29
C LEU G 240 -23.63 26.46 -29.02
N ILE G 241 -22.50 25.85 -28.65
CA ILE G 241 -21.75 26.30 -27.48
C ILE G 241 -21.27 27.74 -27.68
N ALA G 242 -21.03 28.15 -28.92
CA ALA G 242 -20.50 29.48 -29.17
C ALA G 242 -21.58 30.54 -29.09
N GLU G 243 -22.78 30.23 -29.57
CA GLU G 243 -23.84 31.22 -29.76
C GLU G 243 -24.91 31.20 -28.67
N GLU G 244 -24.96 30.15 -27.84
CA GLU G 244 -25.99 30.02 -26.82
C GLU G 244 -25.42 30.01 -25.40
N GLY G 245 -24.46 29.13 -25.14
CA GLY G 245 -23.95 28.93 -23.80
C GLY G 245 -23.60 27.47 -23.56
N ILE G 246 -22.43 27.23 -22.98
CA ILE G 246 -21.91 25.88 -22.84
C ILE G 246 -22.77 25.02 -21.93
N PHE G 247 -23.51 25.63 -21.01
CA PHE G 247 -24.47 24.93 -20.16
C PHE G 247 -25.89 25.40 -20.44
N ASN G 248 -26.14 25.83 -21.68
CA ASN G 248 -27.45 26.31 -22.09
C ASN G 248 -27.87 25.81 -23.46
N GLN G 249 -27.04 25.05 -24.16
CA GLN G 249 -27.44 24.38 -25.39
C GLN G 249 -28.23 23.12 -25.12
N MET G 250 -27.98 22.47 -23.98
CA MET G 250 -28.39 21.11 -23.72
C MET G 250 -29.89 20.95 -23.53
N VAL G 251 -30.64 22.05 -23.48
CA VAL G 251 -32.10 21.95 -23.52
C VAL G 251 -32.55 21.47 -24.89
N HIS G 252 -31.78 21.76 -25.93
CA HIS G 252 -32.11 21.30 -27.27
C HIS G 252 -32.06 19.78 -27.38
N HIS G 253 -31.11 19.15 -26.69
CA HIS G 253 -31.04 17.70 -26.64
C HIS G 253 -32.12 17.15 -25.70
N SER G 254 -32.11 15.84 -25.52
CA SER G 254 -33.11 15.15 -24.72
C SER G 254 -32.56 14.83 -23.32
N THR G 255 -33.45 14.33 -22.47
CA THR G 255 -33.07 14.06 -21.08
C THR G 255 -32.10 12.89 -20.97
N THR G 256 -32.28 11.85 -21.78
CA THR G 256 -31.32 10.74 -21.81
C THR G 256 -29.92 11.21 -22.20
N SER G 257 -29.82 12.33 -22.92
CA SER G 257 -28.54 12.92 -23.27
C SER G 257 -28.06 13.91 -22.23
N GLN G 258 -28.98 14.51 -21.48
CA GLN G 258 -28.65 15.48 -20.45
C GLN G 258 -28.21 14.79 -19.17
N TYR G 259 -28.94 13.76 -18.75
CA TYR G 259 -28.69 13.15 -17.44
C TYR G 259 -27.36 12.41 -17.42
N GLY G 260 -27.08 11.62 -18.46
CA GLY G 260 -25.83 10.89 -18.50
C GLY G 260 -24.62 11.80 -18.57
N THR G 261 -24.77 12.97 -19.17
CA THR G 261 -23.68 13.93 -19.23
C THR G 261 -23.29 14.43 -17.85
N LEU G 262 -24.27 15.02 -17.14
CA LEU G 262 -23.97 15.73 -15.91
C LEU G 262 -23.55 14.80 -14.79
N THR G 263 -24.15 13.62 -14.70
CA THR G 263 -23.78 12.68 -13.65
C THR G 263 -22.35 12.20 -13.79
N ARG G 264 -21.80 12.26 -15.01
CA ARG G 264 -20.44 11.81 -15.30
C ARG G 264 -19.47 12.96 -15.49
N MET G 265 -19.96 14.20 -15.57
CA MET G 265 -19.07 15.35 -15.62
C MET G 265 -18.50 15.67 -14.24
N PHE G 266 -19.35 15.64 -13.22
CA PHE G 266 -18.91 15.84 -11.84
C PHE G 266 -18.28 14.60 -11.23
N LYS G 267 -18.39 13.45 -11.89
CA LYS G 267 -17.73 12.24 -11.42
C LYS G 267 -16.29 12.14 -11.88
N TYR G 268 -15.91 12.92 -12.90
CA TYR G 268 -14.57 12.89 -13.47
C TYR G 268 -13.92 14.27 -13.47
N TYR G 269 -14.52 15.26 -12.80
CA TYR G 269 -13.87 16.55 -12.62
C TYR G 269 -12.62 16.46 -11.76
N ASP G 270 -12.49 15.39 -10.97
CA ASP G 270 -11.38 15.25 -10.03
C ASP G 270 -10.25 14.37 -10.55
N VAL G 271 -10.34 13.88 -11.79
CA VAL G 271 -9.25 13.15 -12.42
C VAL G 271 -8.76 13.81 -13.69
N VAL G 272 -9.45 14.83 -14.19
CA VAL G 272 -8.88 15.76 -15.17
C VAL G 272 -8.29 16.98 -14.48
N ARG G 273 -8.70 17.28 -13.25
CA ARG G 273 -8.02 18.28 -12.45
C ARG G 273 -6.56 17.88 -12.24
N ARG G 274 -6.32 16.65 -11.82
CA ARG G 274 -4.97 16.17 -11.58
C ARG G 274 -4.19 16.00 -12.87
N ILE G 275 -4.87 15.92 -14.01
CA ILE G 275 -4.17 15.90 -15.30
C ILE G 275 -3.71 17.31 -15.66
N VAL G 276 -4.50 18.32 -15.32
CA VAL G 276 -4.24 19.68 -15.76
C VAL G 276 -3.30 20.41 -14.81
N GLU G 277 -3.47 20.22 -13.51
CA GLU G 277 -2.53 20.76 -12.54
C GLU G 277 -1.10 20.33 -12.85
N ASN G 278 -0.91 19.06 -13.19
CA ASN G 278 0.40 18.57 -13.54
C ASN G 278 0.87 19.10 -14.88
N GLU G 279 -0.08 19.40 -15.78
CA GLU G 279 0.27 19.89 -17.11
C GLU G 279 0.45 21.39 -17.19
N ALA G 280 0.08 22.13 -16.13
CA ALA G 280 0.29 23.57 -16.07
C ALA G 280 1.53 23.93 -15.28
N LYS G 281 1.84 23.15 -14.24
CA LYS G 281 3.11 23.29 -13.55
C LYS G 281 4.27 22.92 -14.47
N TYR G 282 4.03 22.07 -15.45
CA TYR G 282 5.03 21.69 -16.44
C TYR G 282 5.20 22.75 -17.53
N ILE G 283 4.48 23.87 -17.45
CA ILE G 283 4.58 24.95 -18.42
C ILE G 283 4.95 26.26 -17.74
N TRP G 284 4.34 26.53 -16.59
CA TRP G 284 4.66 27.72 -15.80
C TRP G 284 6.13 27.78 -15.46
N ASP G 285 6.76 26.63 -15.23
CA ASP G 285 8.17 26.56 -14.91
C ASP G 285 9.06 26.54 -16.15
N GLY G 286 8.50 26.70 -17.34
CA GLY G 286 9.31 26.66 -18.54
C GLY G 286 9.90 25.33 -18.87
N SER G 287 9.40 24.25 -18.27
CA SER G 287 9.89 22.91 -18.57
C SER G 287 9.29 22.33 -19.85
N PHE G 288 8.61 23.13 -20.67
CA PHE G 288 8.17 22.71 -22.00
C PHE G 288 9.07 23.27 -23.08
N ALA G 289 9.57 24.48 -22.91
CA ALA G 289 10.49 25.04 -23.89
C ALA G 289 11.77 24.22 -23.93
N LYS G 290 12.24 23.75 -22.78
CA LYS G 290 13.37 22.83 -22.76
C LYS G 290 13.06 21.54 -23.49
N GLU G 291 11.79 21.16 -23.57
CA GLU G 291 11.39 19.95 -24.28
C GLU G 291 11.24 20.21 -25.77
N TRP G 292 10.69 21.37 -26.12
CA TRP G 292 10.42 21.68 -27.53
C TRP G 292 11.61 22.33 -28.21
N SER G 293 12.43 23.07 -27.47
CA SER G 293 13.60 23.70 -28.06
C SER G 293 14.74 22.72 -28.31
N LEU G 294 14.73 21.58 -27.61
CA LEU G 294 15.72 20.55 -27.84
C LEU G 294 15.36 19.67 -29.02
N GLU G 295 14.07 19.45 -29.24
CA GLU G 295 13.62 18.60 -30.34
C GLU G 295 14.03 19.19 -31.69
N GLN G 296 14.03 20.53 -31.79
CA GLN G 296 14.43 21.15 -33.05
C GLN G 296 15.90 20.91 -33.33
N GLN G 297 16.71 20.73 -32.29
CA GLN G 297 18.15 20.52 -32.48
C GLN G 297 18.46 19.12 -32.95
N ALA G 298 17.75 18.12 -32.43
CA ALA G 298 18.11 16.73 -32.67
C ALA G 298 17.78 16.28 -34.09
N GLY G 299 16.71 16.83 -34.68
CA GLY G 299 16.29 16.47 -36.02
C GLY G 299 14.84 16.04 -36.10
N TYR G 300 14.03 16.40 -35.12
CA TYR G 300 12.65 15.98 -35.02
C TYR G 300 12.51 14.44 -35.05
N PRO G 301 13.13 13.74 -34.10
CA PRO G 301 13.08 12.26 -34.13
C PRO G 301 11.79 11.67 -33.61
N VAL G 302 11.20 12.27 -32.58
CA VAL G 302 9.96 11.75 -32.01
C VAL G 302 8.76 12.26 -32.80
N PHE G 303 8.81 13.52 -33.18
CA PHE G 303 7.76 14.14 -33.99
C PHE G 303 7.54 13.40 -35.30
N TYR G 304 8.56 12.71 -35.81
CA TYR G 304 8.41 11.94 -37.04
C TYR G 304 7.77 10.58 -36.78
N ARG G 305 7.96 10.03 -35.60
CA ARG G 305 7.45 8.69 -35.32
C ARG G 305 5.96 8.72 -35.05
N LEU G 306 5.53 9.67 -34.23
CA LEU G 306 4.16 9.67 -33.73
C LEU G 306 3.15 10.00 -34.83
N TRP G 307 3.59 10.53 -35.97
CA TRP G 307 2.74 10.55 -37.15
C TRP G 307 2.57 9.16 -37.74
N GLU G 308 3.58 8.30 -37.64
CA GLU G 308 3.53 6.99 -38.26
C GLU G 308 2.81 5.96 -37.41
N LEU G 309 2.56 6.27 -36.15
CA LEU G 309 1.67 5.45 -35.33
C LEU G 309 0.23 5.87 -35.49
N ALA G 310 -0.03 7.17 -35.49
CA ALA G 310 -1.39 7.67 -35.71
C ALA G 310 -1.88 7.32 -37.10
N THR G 311 -1.11 7.68 -38.13
CA THR G 311 -1.53 7.49 -39.51
C THR G 311 -1.33 6.06 -40.01
N GLN G 312 -1.01 5.11 -39.13
CA GLN G 312 -0.97 3.70 -39.48
C GLN G 312 -1.65 2.85 -38.42
N SER G 313 -2.55 3.43 -37.63
CA SER G 313 -3.20 2.74 -36.54
C SER G 313 -4.35 1.88 -37.09
N GLU G 314 -5.18 1.38 -36.19
CA GLU G 314 -6.36 0.61 -36.57
C GLU G 314 -7.57 1.49 -36.82
N MET G 315 -7.57 2.73 -36.33
CA MET G 315 -8.68 3.64 -36.54
C MET G 315 -8.59 4.30 -37.91
N ALA G 316 -7.45 4.91 -38.21
CA ALA G 316 -7.31 5.66 -39.46
C ALA G 316 -7.40 4.73 -40.67
N LYS G 317 -6.82 3.54 -40.56
CA LYS G 317 -6.90 2.54 -41.63
C LYS G 317 -8.35 2.30 -42.05
N ALA G 318 -9.19 1.93 -41.09
CA ALA G 318 -10.59 1.64 -41.38
C ALA G 318 -11.44 2.90 -41.50
N GLU G 319 -10.86 4.08 -41.27
CA GLU G 319 -11.55 5.34 -41.55
C GLU G 319 -11.27 5.80 -42.96
N LYS G 320 -10.02 5.68 -43.40
CA LYS G 320 -9.62 6.15 -44.72
C LYS G 320 -10.40 5.44 -45.81
N GLU G 321 -10.75 4.18 -45.58
CA GLU G 321 -11.56 3.44 -46.56
C GLU G 321 -12.99 3.95 -46.57
N LEU G 322 -13.53 4.35 -45.42
CA LEU G 322 -14.92 4.76 -45.36
C LEU G 322 -15.17 6.03 -46.16
N TYR G 323 -14.25 7.00 -46.08
CA TYR G 323 -14.40 8.21 -46.87
C TYR G 323 -14.27 7.92 -48.35
N LYS G 324 -13.49 6.89 -48.71
CA LYS G 324 -13.46 6.39 -50.07
C LYS G 324 -14.79 5.77 -50.46
N LEU G 325 -15.49 5.19 -49.49
CA LEU G 325 -16.84 4.66 -49.66
C LEU G 325 -17.91 5.73 -49.52
N LEU G 326 -17.53 6.99 -49.31
CA LEU G 326 -18.47 8.11 -49.22
C LEU G 326 -18.23 9.15 -50.30
N GLY G 327 -16.98 9.58 -50.49
CA GLY G 327 -16.63 10.50 -51.56
C GLY G 327 -16.18 11.86 -51.06
N ARG G 328 -15.55 11.90 -49.88
CA ARG G 328 -15.10 13.16 -49.31
C ARG G 328 -13.80 13.62 -49.96
N LYS G 329 -13.37 14.83 -49.59
CA LYS G 329 -12.09 15.40 -50.01
C LYS G 329 -11.07 14.94 -48.98
N VAL G 330 -10.23 13.96 -49.35
CA VAL G 330 -9.53 13.13 -48.38
C VAL G 330 -8.23 12.63 -48.99
N LYS G 331 -7.34 12.18 -48.12
CA LYS G 331 -6.05 11.58 -48.48
C LYS G 331 -6.22 10.45 -49.48
N LYS H 3 -19.01 -5.40 -44.66
CA LYS H 3 -20.39 -5.38 -45.10
C LYS H 3 -20.91 -3.96 -45.27
N THR H 4 -21.76 -3.77 -46.28
CA THR H 4 -22.48 -2.53 -46.49
C THR H 4 -23.53 -2.76 -47.56
N VAL H 5 -24.64 -2.04 -47.45
CA VAL H 5 -25.67 -2.00 -48.48
C VAL H 5 -25.73 -0.57 -49.00
N LEU H 6 -25.85 -0.43 -50.32
CA LEU H 6 -25.84 0.85 -51.00
C LEU H 6 -27.08 1.10 -51.83
N ASP H 7 -28.01 0.15 -51.88
CA ASP H 7 -29.23 0.28 -52.67
C ASP H 7 -30.12 -0.92 -52.37
N ALA H 8 -31.41 -0.72 -52.53
CA ALA H 8 -32.40 -1.78 -52.41
C ALA H 8 -33.73 -1.26 -52.93
N ASN H 9 -34.45 -2.11 -53.63
CA ASN H 9 -35.64 -1.67 -54.33
C ASN H 9 -36.71 -1.18 -53.37
N LEU H 10 -37.47 -0.18 -53.82
CA LEU H 10 -38.64 0.31 -53.11
C LEU H 10 -39.88 -0.52 -53.42
N ASP H 11 -39.75 -1.60 -54.19
CA ASP H 11 -40.91 -2.37 -54.63
C ASP H 11 -41.68 -3.11 -53.53
N PRO H 12 -41.13 -3.48 -52.35
CA PRO H 12 -42.04 -4.11 -51.38
C PRO H 12 -43.08 -3.16 -50.84
N LEU H 13 -42.75 -1.86 -50.83
CA LEU H 13 -43.59 -0.83 -50.22
C LEU H 13 -44.42 -0.08 -51.25
N LYS H 14 -44.88 -0.78 -52.29
CA LYS H 14 -45.87 -0.25 -53.23
C LYS H 14 -47.10 -1.14 -53.07
N GLY H 15 -47.95 -0.79 -52.11
CA GLY H 15 -49.11 -1.57 -51.78
C GLY H 15 -49.33 -1.79 -50.30
N LYS H 16 -48.52 -1.14 -49.45
CA LYS H 16 -48.68 -1.20 -48.00
C LYS H 16 -48.65 0.21 -47.43
N THR H 17 -49.28 0.36 -46.27
CA THR H 17 -49.51 1.66 -45.65
C THR H 17 -48.46 1.95 -44.59
N ILE H 18 -47.89 3.15 -44.64
CA ILE H 18 -46.90 3.62 -43.69
C ILE H 18 -47.58 4.61 -42.77
N GLY H 19 -47.47 4.40 -41.46
CA GLY H 19 -47.96 5.36 -40.48
C GLY H 19 -46.86 5.89 -39.58
N VAL H 20 -46.49 7.15 -39.73
CA VAL H 20 -45.47 7.74 -38.89
C VAL H 20 -46.12 8.27 -37.61
N ILE H 21 -45.47 8.03 -36.48
CA ILE H 21 -45.88 8.57 -35.19
C ILE H 21 -44.89 9.66 -34.81
N GLY H 22 -45.40 10.70 -34.18
CA GLY H 22 -44.59 11.84 -33.81
C GLY H 22 -44.36 12.76 -34.98
N TYR H 23 -44.30 14.06 -34.69
CA TYR H 23 -44.13 15.08 -35.71
C TYR H 23 -43.14 16.13 -35.24
N GLY H 24 -42.05 15.69 -34.63
CA GLY H 24 -41.11 16.56 -33.95
C GLY H 24 -39.90 16.91 -34.78
N ASN H 25 -38.73 16.86 -34.14
CA ASN H 25 -37.49 17.18 -34.83
C ASN H 25 -37.20 16.18 -35.95
N GLN H 26 -37.75 14.97 -35.85
CA GLN H 26 -37.51 13.89 -36.80
C GLN H 26 -38.75 13.48 -37.57
N GLY H 27 -39.93 13.75 -37.03
CA GLY H 27 -41.15 13.30 -37.68
C GLY H 27 -41.37 13.94 -39.04
N ARG H 28 -41.25 15.27 -39.12
CA ARG H 28 -41.57 15.96 -40.37
C ARG H 28 -40.64 15.56 -41.51
N VAL H 29 -39.43 15.11 -41.20
CA VAL H 29 -38.42 14.94 -42.23
C VAL H 29 -38.48 13.54 -42.85
N GLN H 30 -38.67 12.51 -42.03
CA GLN H 30 -38.95 11.19 -42.58
C GLN H 30 -40.38 11.08 -43.10
N ALA H 31 -41.26 12.02 -42.72
CA ALA H 31 -42.62 12.03 -43.26
C ALA H 31 -42.66 12.74 -44.60
N THR H 32 -42.15 13.97 -44.65
CA THR H 32 -42.25 14.78 -45.86
C THR H 32 -41.49 14.14 -47.02
N ILE H 33 -40.30 13.61 -46.76
CA ILE H 33 -39.52 12.98 -47.82
C ILE H 33 -40.29 11.79 -48.38
N MET H 34 -40.91 11.00 -47.52
CA MET H 34 -41.70 9.87 -48.00
C MET H 34 -43.04 10.31 -48.57
N ARG H 35 -43.43 11.57 -48.40
CA ARG H 35 -44.63 12.07 -49.08
C ARG H 35 -44.33 12.38 -50.54
N GLU H 36 -43.20 13.02 -50.80
CA GLU H 36 -42.80 13.36 -52.16
C GLU H 36 -42.22 12.18 -52.93
N ASN H 37 -42.14 11.00 -52.34
CA ASN H 37 -41.65 9.80 -53.00
C ASN H 37 -42.77 8.81 -53.28
N GLY H 38 -43.98 9.32 -53.54
CA GLY H 38 -45.10 8.49 -53.97
C GLY H 38 -45.45 7.35 -53.04
N LEU H 39 -45.90 7.67 -51.83
CA LEU H 39 -46.21 6.66 -50.82
C LEU H 39 -47.36 7.16 -49.97
N ASN H 40 -48.51 6.48 -50.03
CA ASN H 40 -49.63 6.83 -49.17
C ASN H 40 -49.23 6.65 -47.72
N VAL H 41 -49.05 7.76 -47.01
CA VAL H 41 -48.56 7.78 -45.64
C VAL H 41 -49.52 8.63 -44.80
N ILE H 42 -49.63 8.28 -43.52
CA ILE H 42 -50.48 9.00 -42.59
C ILE H 42 -49.67 9.39 -41.36
N VAL H 43 -50.33 10.05 -40.42
CA VAL H 43 -49.70 10.61 -39.23
C VAL H 43 -50.61 10.34 -38.04
N GLY H 44 -49.99 10.14 -36.88
CA GLY H 44 -50.73 9.95 -35.65
C GLY H 44 -50.07 10.61 -34.46
N ASN H 45 -50.86 11.31 -33.64
CA ASN H 45 -50.34 12.13 -32.55
C ASN H 45 -51.50 12.56 -31.66
N VAL H 46 -51.14 13.08 -30.49
CA VAL H 46 -52.07 13.89 -29.72
C VAL H 46 -52.34 15.20 -30.47
N LYS H 47 -53.53 15.74 -30.30
CA LYS H 47 -53.91 17.01 -30.92
C LYS H 47 -53.34 18.16 -30.09
N ASP H 48 -52.27 18.77 -30.59
CA ASP H 48 -51.55 19.82 -29.88
C ASP H 48 -50.99 20.79 -30.93
N LYS H 49 -50.02 21.61 -30.53
CA LYS H 49 -49.46 22.59 -31.45
C LYS H 49 -48.74 21.95 -32.63
N TYR H 50 -48.25 20.72 -32.46
CA TYR H 50 -47.59 20.02 -33.57
C TYR H 50 -48.61 19.37 -34.51
N TYR H 51 -49.82 19.10 -34.00
CA TYR H 51 -50.93 18.69 -34.85
C TYR H 51 -51.36 19.84 -35.75
N GLU H 52 -51.40 21.06 -35.21
CA GLU H 52 -52.10 22.15 -35.88
C GLU H 52 -51.50 22.47 -37.24
N LEU H 53 -50.18 22.66 -37.31
CA LEU H 53 -49.55 22.79 -38.62
C LEU H 53 -49.69 21.51 -39.42
N ALA H 54 -49.66 20.36 -38.74
CA ALA H 54 -49.85 19.09 -39.42
C ALA H 54 -51.26 18.92 -39.95
N LYS H 55 -52.22 19.70 -39.44
CA LYS H 55 -53.53 19.80 -40.05
C LYS H 55 -53.50 20.74 -41.25
N LYS H 56 -52.58 21.70 -41.24
CA LYS H 56 -52.39 22.66 -42.32
C LYS H 56 -51.58 22.08 -43.48
N GLU H 57 -51.18 20.81 -43.42
CA GLU H 57 -50.29 20.20 -44.39
C GLU H 57 -50.93 19.06 -45.16
N GLY H 58 -52.25 18.88 -45.05
CA GLY H 58 -52.95 17.89 -45.82
C GLY H 58 -52.85 16.47 -45.31
N PHE H 59 -51.99 16.22 -44.31
CA PHE H 59 -51.82 14.88 -43.79
C PHE H 59 -53.11 14.37 -43.16
N GLU H 60 -53.20 13.05 -43.06
CA GLU H 60 -54.32 12.40 -42.39
C GLU H 60 -53.99 12.17 -40.92
N VAL H 61 -53.66 13.27 -40.24
CA VAL H 61 -53.34 13.23 -38.82
C VAL H 61 -54.55 12.73 -38.05
N TYR H 62 -54.38 11.58 -37.39
CA TYR H 62 -55.44 10.84 -36.74
C TYR H 62 -54.99 10.51 -35.31
N GLU H 63 -55.86 9.87 -34.55
CA GLU H 63 -55.43 9.33 -33.27
C GLU H 63 -54.51 8.13 -33.50
N ILE H 64 -53.78 7.77 -32.45
CA ILE H 64 -52.71 6.78 -32.60
C ILE H 64 -53.28 5.42 -32.96
N ASP H 65 -54.09 4.85 -32.05
CA ASP H 65 -54.62 3.51 -32.27
C ASP H 65 -55.54 3.41 -33.47
N GLU H 66 -55.97 4.54 -34.05
CA GLU H 66 -56.72 4.49 -35.29
C GLU H 66 -55.78 4.40 -36.48
N ALA H 67 -54.58 4.95 -36.35
CA ALA H 67 -53.57 4.80 -37.40
C ALA H 67 -53.08 3.36 -37.51
N VAL H 68 -53.19 2.59 -36.42
CA VAL H 68 -52.55 1.28 -36.34
C VAL H 68 -53.53 0.14 -36.58
N ARG H 69 -54.84 0.39 -36.47
CA ARG H 69 -55.81 -0.49 -37.11
C ARG H 69 -55.89 -0.24 -38.61
N ARG H 70 -55.47 0.93 -39.06
CA ARG H 70 -55.50 1.26 -40.48
C ARG H 70 -54.36 0.59 -41.22
N SER H 71 -53.13 0.87 -40.80
CA SER H 71 -51.95 0.45 -41.52
C SER H 71 -51.41 -0.88 -40.99
N ASP H 72 -50.49 -1.45 -41.76
CA ASP H 72 -49.73 -2.62 -41.35
C ASP H 72 -48.29 -2.29 -40.98
N VAL H 73 -47.83 -1.07 -41.26
CA VAL H 73 -46.45 -0.67 -41.00
C VAL H 73 -46.46 0.73 -40.40
N ALA H 74 -45.47 1.00 -39.54
CA ALA H 74 -45.39 2.30 -38.90
C ALA H 74 -43.95 2.60 -38.49
N LEU H 75 -43.69 3.89 -38.28
CA LEU H 75 -42.39 4.40 -37.85
C LEU H 75 -42.65 5.18 -36.56
N LEU H 76 -42.10 4.68 -35.45
CA LEU H 76 -42.45 5.16 -34.12
C LEU H 76 -41.43 6.21 -33.66
N LEU H 77 -41.51 7.37 -34.30
CA LEU H 77 -40.58 8.47 -34.05
C LEU H 77 -41.03 9.30 -32.85
N ILE H 78 -40.98 8.66 -31.69
CA ILE H 78 -41.21 9.32 -30.40
C ILE H 78 -39.98 9.06 -29.54
N PRO H 79 -39.78 9.83 -28.48
CA PRO H 79 -38.54 9.72 -27.71
C PRO H 79 -38.39 8.35 -27.05
N ASP H 80 -37.18 8.09 -26.58
CA ASP H 80 -36.90 6.87 -25.83
C ASP H 80 -37.45 6.92 -24.40
N GLU H 81 -37.97 8.06 -23.96
CA GLU H 81 -38.51 8.18 -22.60
C GLU H 81 -39.93 7.62 -22.52
N VAL H 82 -40.84 8.16 -23.34
CA VAL H 82 -42.27 7.90 -23.20
C VAL H 82 -42.77 7.00 -24.32
N MET H 83 -41.90 6.17 -24.88
CA MET H 83 -42.36 5.12 -25.76
C MET H 83 -42.96 3.96 -24.97
N LYS H 84 -42.49 3.75 -23.74
CA LYS H 84 -42.96 2.64 -22.93
C LYS H 84 -44.42 2.83 -22.53
N GLU H 85 -44.77 4.02 -22.07
CA GLU H 85 -46.15 4.28 -21.65
C GLU H 85 -47.13 4.12 -22.79
N VAL H 86 -46.73 4.49 -24.01
CA VAL H 86 -47.65 4.48 -25.14
C VAL H 86 -47.76 3.08 -25.73
N TYR H 87 -46.74 2.24 -25.58
CA TYR H 87 -46.83 0.86 -26.03
C TYR H 87 -47.70 0.03 -25.08
N GLU H 88 -47.47 0.17 -23.77
CA GLU H 88 -48.20 -0.64 -22.81
C GLU H 88 -49.68 -0.26 -22.77
N LYS H 89 -49.98 1.03 -22.90
CA LYS H 89 -51.33 1.53 -22.68
C LYS H 89 -52.16 1.50 -23.97
N LYS H 90 -51.70 2.19 -25.01
CA LYS H 90 -52.50 2.40 -26.21
C LYS H 90 -52.27 1.36 -27.30
N ILE H 91 -51.02 1.15 -27.74
CA ILE H 91 -50.80 0.41 -28.97
C ILE H 91 -50.87 -1.09 -28.74
N ALA H 92 -50.01 -1.61 -27.87
CA ALA H 92 -49.73 -3.05 -27.85
C ALA H 92 -50.96 -3.94 -27.66
N PRO H 93 -52.01 -3.55 -26.94
CA PRO H 93 -53.24 -4.37 -26.94
C PRO H 93 -53.90 -4.48 -28.31
N VAL H 94 -53.50 -3.66 -29.29
CA VAL H 94 -54.03 -3.75 -30.63
C VAL H 94 -53.25 -4.74 -31.49
N LEU H 95 -51.93 -4.86 -31.28
CA LEU H 95 -51.10 -5.60 -32.22
C LEU H 95 -51.36 -7.10 -32.18
N GLN H 96 -51.96 -7.60 -31.10
CA GLN H 96 -52.46 -8.97 -31.12
C GLN H 96 -53.53 -9.15 -32.20
N GLY H 97 -54.30 -8.08 -32.47
CA GLY H 97 -55.30 -8.10 -33.50
C GLY H 97 -54.78 -7.89 -34.91
N LYS H 98 -53.46 -7.88 -35.10
CA LYS H 98 -52.84 -7.74 -36.41
C LYS H 98 -52.10 -9.03 -36.70
N LYS H 99 -52.60 -9.80 -37.66
CA LYS H 99 -52.01 -11.09 -37.97
C LYS H 99 -50.63 -10.91 -38.60
N GLU H 100 -50.36 -9.74 -39.17
CA GLU H 100 -49.03 -9.41 -39.68
C GLU H 100 -48.82 -7.91 -39.51
N PHE H 101 -47.60 -7.53 -39.14
CA PHE H 101 -47.30 -6.14 -38.85
C PHE H 101 -45.79 -5.95 -38.82
N VAL H 102 -45.38 -4.69 -38.91
CA VAL H 102 -43.99 -4.29 -38.77
C VAL H 102 -43.95 -3.00 -37.96
N LEU H 103 -42.90 -2.86 -37.15
CA LEU H 103 -42.79 -1.75 -36.20
C LEU H 103 -41.36 -1.21 -36.29
N ASP H 104 -41.22 0.00 -36.80
CA ASP H 104 -39.93 0.58 -37.16
C ASP H 104 -39.54 1.62 -36.13
N PHE H 105 -38.61 1.27 -35.26
CA PHE H 105 -38.11 2.17 -34.24
C PHE H 105 -37.06 3.09 -34.84
N ALA H 106 -36.61 4.05 -34.03
CA ALA H 106 -35.59 5.02 -34.41
C ALA H 106 -34.27 4.76 -33.69
N SER H 107 -34.30 4.63 -32.37
CA SER H 107 -33.13 4.32 -31.58
C SER H 107 -33.53 3.31 -30.52
N GLY H 108 -32.70 2.29 -30.35
CA GLY H 108 -33.10 1.10 -29.62
C GLY H 108 -32.73 1.08 -28.16
N TYR H 109 -32.82 2.22 -27.48
CA TYR H 109 -32.66 2.22 -26.03
C TYR H 109 -33.78 1.46 -25.33
N ASN H 110 -34.94 1.35 -25.96
CA ASN H 110 -36.12 0.76 -25.33
C ASN H 110 -36.39 -0.67 -25.78
N VAL H 111 -35.43 -1.31 -26.45
CA VAL H 111 -35.54 -2.69 -26.89
C VAL H 111 -34.37 -3.54 -26.39
N ALA H 112 -33.15 -3.08 -26.64
CA ALA H 112 -31.98 -3.84 -26.25
C ALA H 112 -31.91 -4.03 -24.73
N PHE H 113 -32.47 -3.10 -23.98
CA PHE H 113 -32.59 -3.23 -22.53
C PHE H 113 -33.89 -3.84 -22.09
N GLY H 114 -34.66 -4.41 -23.02
CA GLY H 114 -35.84 -5.17 -22.66
C GLY H 114 -36.96 -4.38 -22.01
N LEU H 115 -36.93 -3.05 -22.11
CA LEU H 115 -38.01 -2.27 -21.52
C LEU H 115 -39.32 -2.46 -22.25
N ILE H 116 -39.27 -2.73 -23.55
CA ILE H 116 -40.44 -3.05 -24.36
C ILE H 116 -40.22 -4.42 -24.99
N ARG H 117 -41.31 -5.18 -25.11
CA ARG H 117 -41.27 -6.54 -25.64
C ARG H 117 -42.44 -6.73 -26.59
N PRO H 118 -42.25 -6.51 -27.89
CA PRO H 118 -43.32 -6.77 -28.84
C PRO H 118 -43.63 -8.26 -28.94
N PRO H 119 -44.79 -8.64 -29.47
CA PRO H 119 -45.10 -10.08 -29.58
C PRO H 119 -44.24 -10.80 -30.60
N LYS H 120 -44.49 -12.09 -30.78
CA LYS H 120 -43.67 -12.95 -31.63
C LYS H 120 -44.26 -13.18 -33.02
N SER H 121 -45.49 -12.71 -33.27
CA SER H 121 -46.07 -12.71 -34.60
C SER H 121 -45.80 -11.41 -35.34
N VAL H 122 -44.69 -10.73 -35.00
CA VAL H 122 -44.42 -9.37 -35.41
C VAL H 122 -42.96 -9.28 -35.85
N ASP H 123 -42.68 -8.34 -36.75
CA ASP H 123 -41.36 -8.12 -37.31
C ASP H 123 -40.86 -6.77 -36.84
N THR H 124 -39.74 -6.76 -36.11
CA THR H 124 -39.15 -5.54 -35.59
C THR H 124 -37.93 -5.15 -36.43
N ILE H 125 -37.81 -3.85 -36.71
CA ILE H 125 -36.75 -3.34 -37.56
C ILE H 125 -36.26 -2.02 -36.97
N MET H 126 -35.31 -1.38 -37.66
CA MET H 126 -34.57 -0.27 -37.10
C MET H 126 -34.00 0.62 -38.19
N VAL H 127 -34.24 1.92 -38.09
CA VAL H 127 -33.66 2.90 -39.01
C VAL H 127 -33.25 4.13 -38.21
N ALA H 128 -31.95 4.29 -37.97
CA ALA H 128 -31.43 5.36 -37.14
C ALA H 128 -30.69 6.37 -38.00
N PRO H 129 -31.22 7.58 -38.22
CA PRO H 129 -30.42 8.62 -38.88
C PRO H 129 -29.23 9.01 -38.02
N ARG H 130 -28.03 8.89 -38.60
CA ARG H 130 -26.81 9.41 -37.98
C ARG H 130 -26.52 10.77 -38.62
N MET H 131 -27.28 11.77 -38.19
CA MET H 131 -27.23 13.09 -38.80
C MET H 131 -27.81 14.08 -37.80
N VAL H 132 -27.65 15.37 -38.11
CA VAL H 132 -28.10 16.41 -37.19
C VAL H 132 -29.62 16.43 -37.10
N GLY H 133 -30.31 16.10 -38.20
CA GLY H 133 -31.76 15.98 -38.21
C GLY H 133 -32.47 16.98 -39.09
N GLU H 134 -32.03 18.25 -39.04
CA GLU H 134 -32.68 19.29 -39.83
C GLU H 134 -32.01 19.47 -41.18
N GLY H 135 -30.67 19.41 -41.21
CA GLY H 135 -29.93 19.49 -42.46
C GLY H 135 -30.29 18.40 -43.46
N ILE H 136 -30.93 17.32 -43.01
CA ILE H 136 -31.33 16.25 -43.93
C ILE H 136 -32.27 16.80 -45.00
N MET H 137 -33.16 17.71 -44.63
CA MET H 137 -34.09 18.29 -45.60
C MET H 137 -33.33 19.09 -46.65
N ASP H 138 -32.37 19.91 -46.22
CA ASP H 138 -31.48 20.59 -47.17
C ASP H 138 -30.67 19.58 -47.96
N LEU H 139 -30.43 18.40 -47.40
CA LEU H 139 -29.73 17.33 -48.09
C LEU H 139 -30.66 16.43 -48.89
N HIS H 140 -31.98 16.62 -48.78
CA HIS H 140 -32.91 15.95 -49.67
C HIS H 140 -33.06 16.72 -50.98
N LYS H 141 -33.11 18.05 -50.88
CA LYS H 141 -33.19 18.88 -52.08
C LYS H 141 -31.95 18.68 -52.95
N GLN H 142 -30.77 18.66 -52.32
CA GLN H 142 -29.53 18.45 -53.06
C GLN H 142 -29.51 17.09 -53.75
N GLY H 143 -30.17 16.09 -53.16
CA GLY H 143 -30.10 14.72 -53.64
C GLY H 143 -28.96 13.90 -53.09
N LYS H 144 -28.13 14.48 -52.22
CA LYS H 144 -27.07 13.75 -51.52
C LYS H 144 -27.64 13.23 -50.20
N GLY H 145 -27.69 11.92 -50.04
CA GLY H 145 -28.31 11.34 -48.88
C GLY H 145 -27.46 11.41 -47.64
N TYR H 146 -27.46 10.36 -46.82
CA TYR H 146 -26.79 10.40 -45.53
C TYR H 146 -26.73 8.97 -45.00
N PRO H 147 -25.95 8.73 -43.93
CA PRO H 147 -25.86 7.38 -43.39
C PRO H 147 -27.07 7.03 -42.54
N VAL H 148 -27.29 5.72 -42.38
CA VAL H 148 -28.29 5.17 -41.47
C VAL H 148 -27.70 3.92 -40.82
N LEU H 149 -28.49 3.34 -39.92
CA LEU H 149 -28.17 2.06 -39.31
C LEU H 149 -29.38 1.14 -39.40
N LEU H 150 -29.12 -0.15 -39.42
CA LEU H 150 -30.14 -1.17 -39.61
C LEU H 150 -29.93 -2.28 -38.60
N GLY H 151 -31.01 -2.97 -38.28
CA GLY H 151 -30.95 -4.05 -37.31
C GLY H 151 -32.27 -4.77 -37.21
N VAL H 152 -32.21 -5.92 -36.54
CA VAL H 152 -33.38 -6.78 -36.36
C VAL H 152 -33.36 -7.34 -34.94
N LYS H 153 -34.53 -7.45 -34.34
CA LYS H 153 -34.74 -8.12 -33.06
C LYS H 153 -35.46 -9.44 -33.23
N GLN H 154 -36.52 -9.47 -34.03
CA GLN H 154 -37.29 -10.68 -34.28
C GLN H 154 -37.83 -10.63 -35.70
N ASP H 155 -37.77 -11.76 -36.40
CA ASP H 155 -38.29 -11.88 -37.75
C ASP H 155 -39.18 -13.10 -37.83
N ALA H 156 -40.39 -12.91 -38.36
CA ALA H 156 -41.33 -14.00 -38.59
C ALA H 156 -41.99 -13.84 -39.95
N SER H 157 -41.24 -13.34 -40.94
CA SER H 157 -41.69 -13.22 -42.32
C SER H 157 -40.66 -13.70 -43.33
N GLY H 158 -39.42 -13.95 -42.92
CA GLY H 158 -38.33 -14.16 -43.85
C GLY H 158 -37.91 -12.93 -44.63
N LYS H 159 -38.53 -11.78 -44.38
CA LYS H 159 -38.28 -10.56 -45.15
C LYS H 159 -38.21 -9.36 -44.21
N ALA H 160 -37.56 -9.55 -43.05
CA ALA H 160 -37.27 -8.41 -42.19
C ALA H 160 -36.28 -7.45 -42.84
N TRP H 161 -35.45 -7.95 -43.75
CA TRP H 161 -34.39 -7.15 -44.33
C TRP H 161 -34.84 -6.44 -45.59
N ASP H 162 -35.69 -7.08 -46.41
CA ASP H 162 -36.19 -6.42 -47.61
C ASP H 162 -37.13 -5.27 -47.27
N TYR H 163 -37.64 -5.22 -46.03
CA TYR H 163 -38.35 -4.04 -45.56
C TYR H 163 -37.37 -2.97 -45.12
N ALA H 164 -36.45 -3.32 -44.22
CA ALA H 164 -35.53 -2.36 -43.65
C ALA H 164 -34.65 -1.72 -44.72
N LYS H 165 -34.05 -2.54 -45.58
CA LYS H 165 -33.23 -2.01 -46.67
C LYS H 165 -34.05 -1.11 -47.57
N ALA H 166 -35.33 -1.46 -47.79
CA ALA H 166 -36.16 -0.72 -48.72
C ALA H 166 -36.71 0.56 -48.11
N ILE H 167 -36.83 0.64 -46.78
CA ILE H 167 -37.27 1.87 -46.13
C ILE H 167 -36.27 2.98 -46.37
N ALA H 168 -34.99 2.71 -46.10
CA ALA H 168 -33.96 3.74 -46.16
C ALA H 168 -33.84 4.36 -47.55
N LYS H 169 -34.27 3.66 -48.60
CA LYS H 169 -34.28 4.26 -49.92
C LYS H 169 -35.30 5.40 -50.00
N GLY H 170 -36.32 5.38 -49.14
CA GLY H 170 -37.42 6.32 -49.22
C GLY H 170 -37.40 7.46 -48.24
N ILE H 171 -36.39 7.55 -47.38
CA ILE H 171 -36.26 8.66 -46.44
C ILE H 171 -35.00 9.46 -46.77
N GLY H 172 -34.61 9.47 -48.05
CA GLY H 172 -33.52 10.29 -48.48
C GLY H 172 -32.14 9.84 -48.05
N ALA H 173 -31.99 8.58 -47.64
CA ALA H 173 -30.70 8.07 -47.17
C ALA H 173 -29.91 7.38 -48.25
N ILE H 174 -30.56 6.64 -49.15
CA ILE H 174 -29.89 5.92 -50.23
C ILE H 174 -30.80 5.92 -51.45
N PRO H 175 -30.23 5.65 -52.64
CA PRO H 175 -28.81 5.65 -53.01
C PRO H 175 -28.24 7.06 -53.02
N GLY H 176 -27.00 7.18 -52.57
CA GLY H 176 -26.31 8.46 -52.50
C GLY H 176 -25.52 8.58 -51.22
N GLY H 177 -26.00 7.95 -50.16
CA GLY H 177 -25.27 7.76 -48.94
C GLY H 177 -24.83 6.32 -48.83
N ILE H 178 -24.81 5.81 -47.60
CA ILE H 178 -24.69 4.40 -47.35
C ILE H 178 -25.66 4.01 -46.23
N ALA H 179 -25.63 2.73 -45.88
CA ALA H 179 -26.47 2.20 -44.81
C ALA H 179 -25.72 1.03 -44.20
N VAL H 180 -25.53 1.07 -42.89
CA VAL H 180 -24.65 0.13 -42.19
C VAL H 180 -25.51 -0.82 -41.39
N ILE H 181 -25.01 -2.05 -41.26
CA ILE H 181 -25.76 -3.16 -40.67
C ILE H 181 -25.27 -3.38 -39.25
N SER H 182 -26.18 -3.29 -38.29
CA SER H 182 -25.87 -3.39 -36.88
C SER H 182 -27.07 -4.01 -36.18
N SER H 183 -27.13 -3.86 -34.87
CA SER H 183 -28.22 -4.38 -34.05
C SER H 183 -28.76 -3.25 -33.18
N PHE H 184 -29.78 -3.58 -32.37
CA PHE H 184 -30.23 -2.67 -31.34
C PHE H 184 -29.21 -2.58 -30.21
N GLU H 185 -28.58 -3.70 -29.89
CA GLU H 185 -27.63 -3.76 -28.78
C GLU H 185 -26.39 -2.94 -29.06
N GLU H 186 -25.97 -2.90 -30.33
CA GLU H 186 -24.76 -2.16 -30.69
C GLU H 186 -25.01 -0.66 -30.81
N GLU H 187 -26.24 -0.25 -31.11
CA GLU H 187 -26.53 1.17 -31.32
C GLU H 187 -26.78 1.88 -30.00
N ALA H 188 -27.49 1.23 -29.08
CA ALA H 188 -27.74 1.82 -27.77
C ALA H 188 -26.45 1.95 -26.97
N LEU H 189 -25.38 1.28 -27.37
CA LEU H 189 -24.07 1.52 -26.77
C LEU H 189 -23.41 2.74 -27.40
N LEU H 190 -23.30 2.74 -28.73
CA LEU H 190 -22.64 3.84 -29.42
C LEU H 190 -23.42 5.14 -29.24
N ASP H 191 -24.75 5.07 -29.24
CA ASP H 191 -25.57 6.25 -29.05
C ASP H 191 -25.73 6.64 -27.58
N LEU H 192 -25.05 5.95 -26.67
CA LEU H 192 -24.95 6.33 -25.27
C LEU H 192 -23.52 6.61 -24.85
N MET H 193 -22.58 5.76 -25.25
CA MET H 193 -21.19 5.91 -24.86
C MET H 193 -20.53 7.16 -25.41
N SER H 194 -21.19 7.87 -26.34
CA SER H 194 -20.76 9.22 -26.69
C SER H 194 -21.23 10.21 -25.65
N GLU H 195 -22.42 10.00 -25.10
CA GLU H 195 -23.01 10.88 -24.11
C GLU H 195 -22.60 10.52 -22.68
N HIS H 196 -21.49 9.81 -22.52
CA HIS H 196 -20.93 9.46 -21.23
C HIS H 196 -19.45 9.69 -21.11
N THR H 197 -18.71 9.65 -22.22
CA THR H 197 -17.26 9.47 -22.20
C THR H 197 -16.49 10.68 -22.76
N TRP H 198 -16.76 11.11 -23.99
CA TRP H 198 -16.03 12.21 -24.59
C TRP H 198 -16.82 13.51 -24.60
N VAL H 199 -18.10 13.48 -24.26
CA VAL H 199 -18.87 14.71 -24.06
C VAL H 199 -18.51 15.30 -22.70
N PRO H 200 -18.69 14.59 -21.58
CA PRO H 200 -18.45 15.22 -20.28
C PRO H 200 -16.99 15.47 -20.00
N ILE H 201 -16.10 14.54 -20.37
CA ILE H 201 -14.69 14.73 -20.14
C ILE H 201 -14.16 15.93 -20.92
N LEU H 202 -14.85 16.34 -21.98
CA LEU H 202 -14.56 17.63 -22.60
C LEU H 202 -15.00 18.77 -21.70
N PHE H 203 -16.28 18.79 -21.33
CA PHE H 203 -16.78 19.84 -20.45
C PHE H 203 -16.16 19.77 -19.07
N GLY H 204 -15.64 18.60 -18.68
CA GLY H 204 -14.99 18.47 -17.40
C GLY H 204 -13.58 19.00 -17.34
N ALA H 205 -12.98 19.28 -18.50
CA ALA H 205 -11.64 19.83 -18.58
C ALA H 205 -11.65 21.35 -18.65
N ILE H 206 -12.51 21.92 -19.50
CA ILE H 206 -12.69 23.36 -19.54
C ILE H 206 -13.06 23.90 -18.17
N LYS H 207 -13.93 23.17 -17.45
CA LYS H 207 -14.30 23.56 -16.10
C LYS H 207 -13.10 23.52 -15.14
N ALA H 208 -12.04 22.78 -15.51
CA ALA H 208 -10.85 22.67 -14.70
C ALA H 208 -9.61 23.27 -15.36
N CYS H 209 -9.71 23.71 -16.62
CA CYS H 209 -8.72 24.61 -17.18
C CYS H 209 -9.06 26.07 -16.92
N TYR H 210 -10.27 26.35 -16.43
CA TYR H 210 -10.67 27.66 -15.95
C TYR H 210 -10.43 27.78 -14.45
N ASP H 211 -10.91 26.80 -13.68
CA ASP H 211 -10.77 26.82 -12.23
C ASP H 211 -9.33 26.77 -11.76
N ILE H 212 -8.38 26.48 -12.65
CA ILE H 212 -6.96 26.44 -12.32
C ILE H 212 -6.33 27.75 -12.79
N ALA H 213 -6.86 28.34 -13.85
CA ALA H 213 -6.27 29.55 -14.41
C ALA H 213 -6.68 30.79 -13.64
N VAL H 214 -7.94 30.87 -13.21
CA VAL H 214 -8.41 32.05 -12.48
C VAL H 214 -7.98 31.98 -11.01
N LYS H 215 -8.12 30.81 -10.41
CA LYS H 215 -7.95 30.69 -8.97
C LYS H 215 -6.49 30.66 -8.58
N GLU H 216 -5.71 29.76 -9.19
CA GLU H 216 -4.38 29.43 -8.72
C GLU H 216 -3.25 30.09 -9.50
N TYR H 217 -3.53 30.64 -10.69
CA TYR H 217 -2.49 31.20 -11.55
C TYR H 217 -2.77 32.63 -11.99
N GLY H 218 -3.75 33.30 -11.39
CA GLY H 218 -3.91 34.73 -11.58
C GLY H 218 -4.17 35.18 -13.00
N VAL H 219 -5.36 34.87 -13.52
CA VAL H 219 -5.71 35.15 -14.91
C VAL H 219 -7.03 35.90 -14.94
N SER H 220 -7.18 36.74 -15.95
CA SER H 220 -8.41 37.48 -16.16
C SER H 220 -9.53 36.52 -16.56
N PRO H 221 -10.69 36.53 -15.89
CA PRO H 221 -11.79 35.67 -16.37
C PRO H 221 -12.25 35.97 -17.79
N GLU H 222 -12.25 37.24 -18.20
CA GLU H 222 -12.74 37.59 -19.52
C GLU H 222 -11.86 37.03 -20.62
N ALA H 223 -10.59 36.74 -20.33
CA ALA H 223 -9.67 36.19 -21.33
C ALA H 223 -9.66 34.67 -21.34
N ALA H 224 -9.89 34.04 -20.19
CA ALA H 224 -9.83 32.59 -20.11
C ALA H 224 -10.90 31.95 -20.99
N LEU H 225 -12.05 32.61 -21.13
CA LEU H 225 -13.12 32.08 -21.96
C LEU H 225 -12.88 32.34 -23.43
N LEU H 226 -12.23 33.46 -23.77
CA LEU H 226 -12.03 33.82 -25.16
C LEU H 226 -11.10 32.87 -25.89
N GLU H 227 -10.29 32.11 -25.16
CA GLU H 227 -9.36 31.16 -25.76
C GLU H 227 -9.98 29.79 -25.88
N PHE H 228 -10.59 29.30 -24.81
CA PHE H 228 -11.13 27.94 -24.79
C PHE H 228 -12.24 27.74 -25.82
N TYR H 229 -13.40 28.38 -25.60
CA TYR H 229 -14.60 28.03 -26.33
C TYR H 229 -15.54 29.18 -26.67
N ALA H 230 -15.15 30.43 -26.44
CA ALA H 230 -15.94 31.57 -26.91
C ALA H 230 -15.49 32.10 -28.25
N SER H 231 -14.60 31.40 -28.94
CA SER H 231 -13.99 31.86 -30.17
C SER H 231 -14.56 31.08 -31.36
N GLY H 232 -14.02 31.37 -32.54
CA GLY H 232 -14.28 30.58 -33.72
C GLY H 232 -13.47 29.30 -33.81
N GLU H 233 -12.65 29.01 -32.80
CA GLU H 233 -11.81 27.82 -32.82
C GLU H 233 -12.66 26.55 -32.86
N LEU H 234 -13.43 26.32 -31.79
CA LEU H 234 -14.14 25.05 -31.63
C LEU H 234 -15.15 24.80 -32.74
N ALA H 235 -15.64 25.85 -33.39
CA ALA H 235 -16.64 25.70 -34.44
C ALA H 235 -16.06 25.27 -35.78
N GLU H 236 -14.73 25.14 -35.89
CA GLU H 236 -14.08 24.82 -37.16
C GLU H 236 -13.03 23.71 -37.04
N ILE H 237 -12.60 23.37 -35.83
CA ILE H 237 -11.82 22.15 -35.63
C ILE H 237 -12.67 20.90 -35.79
N ALA H 238 -13.99 21.04 -35.81
CA ALA H 238 -14.90 19.95 -36.13
C ALA H 238 -15.21 19.90 -37.62
N ARG H 239 -15.32 21.05 -38.26
CA ARG H 239 -15.50 21.09 -39.71
C ARG H 239 -14.33 20.44 -40.43
N LEU H 240 -13.13 20.57 -39.87
CA LEU H 240 -11.95 19.98 -40.48
C LEU H 240 -11.85 18.49 -40.18
N ILE H 241 -12.16 18.10 -38.94
CA ILE H 241 -12.17 16.69 -38.56
C ILE H 241 -13.20 15.93 -39.37
N ALA H 242 -14.30 16.58 -39.74
CA ALA H 242 -15.38 15.90 -40.44
C ALA H 242 -15.06 15.69 -41.92
N GLU H 243 -14.36 16.66 -42.53
CA GLU H 243 -14.22 16.70 -43.99
C GLU H 243 -12.79 16.49 -44.47
N GLU H 244 -11.82 16.24 -43.57
CA GLU H 244 -10.44 15.96 -43.97
C GLU H 244 -9.85 14.71 -43.35
N GLY H 245 -10.12 14.44 -42.08
CA GLY H 245 -9.47 13.35 -41.37
C GLY H 245 -9.01 13.77 -39.99
N ILE H 246 -9.36 12.97 -38.97
CA ILE H 246 -9.06 13.33 -37.59
C ILE H 246 -7.57 13.40 -37.29
N PHE H 247 -6.72 12.79 -38.13
CA PHE H 247 -5.28 12.91 -38.01
C PHE H 247 -4.68 13.50 -39.28
N ASN H 248 -5.45 14.36 -39.97
CA ASN H 248 -4.98 15.04 -41.17
C ASN H 248 -5.39 16.51 -41.21
N GLN H 249 -6.07 17.02 -40.18
CA GLN H 249 -6.28 18.46 -40.07
C GLN H 249 -5.05 19.17 -39.55
N MET H 250 -4.22 18.46 -38.79
CA MET H 250 -3.13 19.05 -38.01
C MET H 250 -2.03 19.67 -38.86
N VAL H 251 -2.00 19.38 -40.16
CA VAL H 251 -1.01 20.03 -41.02
C VAL H 251 -1.28 21.52 -41.12
N HIS H 252 -2.52 21.94 -40.84
CA HIS H 252 -2.86 23.35 -40.90
C HIS H 252 -2.31 24.10 -39.69
N HIS H 253 -2.37 23.48 -38.51
CA HIS H 253 -1.75 24.08 -37.34
C HIS H 253 -0.23 24.01 -37.46
N SER H 254 0.45 24.57 -36.46
CA SER H 254 1.90 24.61 -36.44
C SER H 254 2.46 23.49 -35.57
N THR H 255 3.79 23.35 -35.57
CA THR H 255 4.40 22.24 -34.86
C THR H 255 4.29 22.40 -33.35
N THR H 256 4.31 23.63 -32.85
CA THR H 256 4.09 23.86 -31.43
C THR H 256 2.71 23.37 -31.00
N SER H 257 1.75 23.33 -31.92
CA SER H 257 0.42 22.80 -31.66
C SER H 257 0.31 21.31 -31.95
N GLN H 258 1.15 20.79 -32.84
CA GLN H 258 1.13 19.37 -33.15
C GLN H 258 1.89 18.55 -32.11
N TYR H 259 3.07 19.02 -31.71
CA TYR H 259 3.93 18.23 -30.85
C TYR H 259 3.33 18.06 -29.47
N GLY H 260 2.81 19.14 -28.89
CA GLY H 260 2.20 19.05 -27.58
C GLY H 260 0.97 18.16 -27.57
N THR H 261 0.25 18.11 -28.68
CA THR H 261 -0.92 17.25 -28.78
C THR H 261 -0.54 15.79 -28.68
N LEU H 262 0.33 15.33 -29.59
CA LEU H 262 0.59 13.90 -29.73
C LEU H 262 1.34 13.34 -28.53
N THR H 263 2.29 14.09 -27.99
CA THR H 263 3.04 13.61 -26.83
C THR H 263 2.15 13.39 -25.62
N ARG H 264 1.01 14.08 -25.55
CA ARG H 264 0.09 14.00 -24.44
C ARG H 264 -1.15 13.17 -24.75
N MET H 265 -1.36 12.81 -26.01
CA MET H 265 -2.46 11.91 -26.36
C MET H 265 -2.12 10.48 -25.99
N PHE H 266 -0.92 10.02 -26.35
CA PHE H 266 -0.47 8.69 -25.99
C PHE H 266 -0.03 8.60 -24.54
N LYS H 267 0.09 9.72 -23.83
CA LYS H 267 0.39 9.70 -22.41
C LYS H 267 -0.85 9.50 -21.55
N TYR H 268 -2.04 9.69 -22.12
CA TYR H 268 -3.29 9.60 -21.39
C TYR H 268 -4.28 8.64 -22.05
N TYR H 269 -3.88 7.93 -23.10
CA TYR H 269 -4.70 6.87 -23.65
C TYR H 269 -4.92 5.74 -22.66
N ASP H 270 -4.03 5.59 -21.67
CA ASP H 270 -4.14 4.54 -20.67
C ASP H 270 -4.90 4.97 -19.43
N VAL H 271 -5.63 6.09 -19.50
CA VAL H 271 -6.50 6.53 -18.41
C VAL H 271 -7.94 6.69 -18.90
N VAL H 272 -8.15 7.35 -20.04
CA VAL H 272 -9.47 7.41 -20.63
C VAL H 272 -9.90 6.04 -21.12
N ARG H 273 -8.94 5.16 -21.42
CA ARG H 273 -9.25 3.75 -21.63
C ARG H 273 -9.80 3.13 -20.35
N ARG H 274 -9.13 3.39 -19.22
CA ARG H 274 -9.56 2.88 -17.93
C ARG H 274 -10.87 3.50 -17.48
N ILE H 275 -11.24 4.65 -18.03
CA ILE H 275 -12.51 5.28 -17.71
C ILE H 275 -13.64 4.68 -18.55
N VAL H 276 -13.36 4.42 -19.83
CA VAL H 276 -14.42 3.99 -20.74
C VAL H 276 -14.75 2.52 -20.53
N GLU H 277 -13.77 1.70 -20.17
CA GLU H 277 -14.02 0.30 -19.84
C GLU H 277 -15.07 0.20 -18.73
N ASN H 278 -14.99 1.06 -17.72
CA ASN H 278 -15.96 1.04 -16.64
C ASN H 278 -17.31 1.55 -17.12
N GLU H 279 -17.31 2.52 -18.03
CA GLU H 279 -18.57 3.12 -18.47
C GLU H 279 -19.30 2.26 -19.48
N ALA H 280 -18.60 1.33 -20.14
CA ALA H 280 -19.25 0.43 -21.08
C ALA H 280 -19.80 -0.80 -20.38
N LYS H 281 -19.07 -1.31 -19.38
CA LYS H 281 -19.59 -2.40 -18.57
C LYS H 281 -20.80 -1.96 -17.76
N TYR H 282 -20.89 -0.66 -17.44
CA TYR H 282 -22.04 -0.12 -16.75
C TYR H 282 -23.23 0.14 -17.66
N ILE H 283 -23.13 -0.20 -18.95
CA ILE H 283 -24.21 -0.04 -19.91
C ILE H 283 -24.56 -1.36 -20.57
N TRP H 284 -23.54 -2.15 -20.92
CA TRP H 284 -23.76 -3.47 -21.51
C TRP H 284 -24.59 -4.36 -20.59
N ASP H 285 -24.43 -4.21 -19.29
CA ASP H 285 -25.18 -4.98 -18.31
C ASP H 285 -26.53 -4.37 -17.97
N GLY H 286 -26.95 -3.32 -18.66
CA GLY H 286 -28.22 -2.69 -18.38
C GLY H 286 -28.30 -2.01 -17.04
N SER H 287 -27.16 -1.71 -16.41
CA SER H 287 -27.14 -1.01 -15.14
C SER H 287 -27.28 0.49 -15.28
N PHE H 288 -27.69 0.99 -16.45
CA PHE H 288 -28.00 2.40 -16.64
C PHE H 288 -29.50 2.63 -16.75
N ALA H 289 -30.23 1.71 -17.39
CA ALA H 289 -31.67 1.83 -17.44
C ALA H 289 -32.27 1.75 -16.04
N LYS H 290 -31.70 0.91 -15.19
CA LYS H 290 -32.11 0.88 -13.79
C LYS H 290 -31.80 2.20 -13.10
N GLU H 291 -30.78 2.92 -13.57
CA GLU H 291 -30.43 4.20 -12.99
C GLU H 291 -31.30 5.32 -13.56
N TRP H 292 -31.73 5.19 -14.81
CA TRP H 292 -32.51 6.21 -15.47
C TRP H 292 -34.01 5.96 -15.39
N SER H 293 -34.44 4.71 -15.29
CA SER H 293 -35.86 4.41 -15.14
C SER H 293 -36.36 4.67 -13.73
N LEU H 294 -35.45 4.72 -12.75
CA LEU H 294 -35.84 5.02 -11.38
C LEU H 294 -35.95 6.52 -11.15
N GLU H 295 -35.10 7.29 -11.82
CA GLU H 295 -35.13 8.74 -11.68
C GLU H 295 -36.47 9.30 -12.14
N GLN H 296 -37.03 8.76 -13.22
CA GLN H 296 -38.33 9.21 -13.69
C GLN H 296 -39.42 8.95 -12.66
N GLN H 297 -39.23 7.93 -11.82
CA GLN H 297 -40.24 7.51 -10.87
C GLN H 297 -40.18 8.26 -9.54
N ALA H 298 -39.08 8.96 -9.26
CA ALA H 298 -38.90 9.63 -7.99
C ALA H 298 -39.31 11.09 -8.03
N GLY H 299 -39.20 11.75 -9.17
CA GLY H 299 -39.57 13.15 -9.31
C GLY H 299 -38.51 14.00 -9.99
N TYR H 300 -37.52 13.35 -10.61
CA TYR H 300 -36.34 14.01 -11.14
C TYR H 300 -35.63 14.85 -10.07
N PRO H 301 -35.18 14.22 -8.97
CA PRO H 301 -34.58 15.00 -7.88
C PRO H 301 -33.11 15.37 -8.08
N VAL H 302 -32.33 14.47 -8.68
CA VAL H 302 -30.93 14.76 -8.95
C VAL H 302 -30.80 15.55 -10.23
N PHE H 303 -31.64 15.23 -11.21
CA PHE H 303 -31.67 15.95 -12.47
C PHE H 303 -31.90 17.44 -12.26
N TYR H 304 -32.68 17.81 -11.26
CA TYR H 304 -33.02 19.21 -11.03
C TYR H 304 -31.89 19.97 -10.34
N ARG H 305 -31.09 19.27 -9.54
CA ARG H 305 -30.03 19.94 -8.79
C ARG H 305 -28.88 20.30 -9.69
N LEU H 306 -28.47 19.39 -10.56
CA LEU H 306 -27.22 19.54 -11.30
C LEU H 306 -27.30 20.60 -12.39
N TRP H 307 -28.50 21.01 -12.82
CA TRP H 307 -28.60 22.24 -13.59
C TRP H 307 -28.39 23.46 -12.70
N GLU H 308 -28.66 23.33 -11.40
CA GLU H 308 -28.62 24.47 -10.52
C GLU H 308 -27.22 24.73 -9.99
N LEU H 309 -26.32 23.76 -10.12
CA LEU H 309 -24.89 23.97 -9.87
C LEU H 309 -24.19 24.46 -11.13
N ALA H 310 -24.47 23.82 -12.27
CA ALA H 310 -23.85 24.23 -13.52
C ALA H 310 -24.23 25.66 -13.89
N THR H 311 -25.50 26.02 -13.70
CA THR H 311 -25.99 27.34 -14.08
C THR H 311 -25.86 28.36 -12.95
N GLN H 312 -25.12 28.03 -11.89
CA GLN H 312 -24.81 28.99 -10.83
C GLN H 312 -23.35 28.86 -10.39
N SER H 313 -22.50 28.29 -11.23
CA SER H 313 -21.12 28.02 -10.86
C SER H 313 -20.29 29.28 -10.98
N GLU H 314 -18.97 29.12 -10.89
CA GLU H 314 -18.06 30.25 -11.02
C GLU H 314 -17.77 30.58 -12.48
N MET H 315 -18.00 29.64 -13.39
CA MET H 315 -17.67 29.81 -14.80
C MET H 315 -18.81 30.46 -15.57
N ALA H 316 -20.02 29.90 -15.47
CA ALA H 316 -21.14 30.41 -16.24
C ALA H 316 -21.51 31.83 -15.80
N LYS H 317 -21.34 32.13 -14.52
CA LYS H 317 -21.59 33.48 -14.02
C LYS H 317 -20.82 34.53 -14.83
N ALA H 318 -19.54 34.28 -15.06
CA ALA H 318 -18.69 35.22 -15.77
C ALA H 318 -18.72 35.01 -17.28
N GLU H 319 -19.37 33.96 -17.77
CA GLU H 319 -19.64 33.79 -19.19
C GLU H 319 -20.96 34.41 -19.58
N LYS H 320 -21.96 34.29 -18.70
CA LYS H 320 -23.27 34.85 -18.94
C LYS H 320 -23.21 36.37 -19.09
N GLU H 321 -22.19 37.00 -18.51
CA GLU H 321 -22.01 38.45 -18.59
C GLU H 321 -21.15 38.86 -19.78
N LEU H 322 -20.16 38.04 -20.15
CA LEU H 322 -19.33 38.39 -21.29
C LEU H 322 -20.12 38.43 -22.57
N TYR H 323 -21.15 37.58 -22.70
CA TYR H 323 -21.98 37.61 -23.89
C TYR H 323 -22.87 38.85 -23.89
N LYS H 324 -23.26 39.32 -22.69
CA LYS H 324 -23.90 40.62 -22.57
C LYS H 324 -23.00 41.73 -23.09
N LEU H 325 -21.68 41.53 -23.00
CA LEU H 325 -20.69 42.43 -23.56
C LEU H 325 -20.31 42.07 -25.00
N LEU H 326 -21.10 41.23 -25.67
CA LEU H 326 -20.96 40.93 -27.09
C LEU H 326 -22.25 41.14 -27.86
N GLY H 327 -23.40 40.86 -27.24
CA GLY H 327 -24.69 41.03 -27.89
C GLY H 327 -25.37 39.72 -28.27
N ARG H 328 -25.27 38.72 -27.40
CA ARG H 328 -25.93 37.44 -27.58
C ARG H 328 -26.87 37.18 -26.40
N LYS H 329 -27.82 36.28 -26.61
CA LYS H 329 -28.89 36.07 -25.65
C LYS H 329 -28.36 35.48 -24.35
N VAL H 330 -29.26 35.38 -23.37
CA VAL H 330 -28.93 34.95 -22.01
C VAL H 330 -30.10 34.10 -21.51
N LYS H 331 -29.77 33.05 -20.76
CA LYS H 331 -30.78 32.23 -20.09
C LYS H 331 -30.30 31.84 -18.69
N LYS I 3 0.46 48.65 12.29
CA LYS I 3 1.25 48.20 11.14
C LYS I 3 2.73 48.41 11.39
N THR I 4 3.15 49.67 11.37
CA THR I 4 4.56 50.05 11.45
C THR I 4 4.68 51.21 12.42
N VAL I 5 5.47 51.02 13.47
CA VAL I 5 5.72 52.04 14.48
C VAL I 5 7.13 52.59 14.26
N LEU I 6 7.27 53.92 14.42
CA LEU I 6 8.53 54.61 14.17
C LEU I 6 8.93 55.58 15.27
N ASP I 7 8.04 55.93 16.20
CA ASP I 7 8.35 56.95 17.20
C ASP I 7 7.21 56.99 18.21
N ALA I 8 7.52 57.50 19.39
CA ALA I 8 6.53 57.74 20.43
C ALA I 8 7.22 58.59 21.51
N ASN I 9 6.44 59.01 22.50
CA ASN I 9 6.94 59.87 23.54
C ASN I 9 7.86 59.10 24.49
N LEU I 10 8.36 59.81 25.50
CA LEU I 10 9.13 59.21 26.58
C LEU I 10 8.68 59.66 27.97
N ASP I 11 7.79 60.64 28.06
CA ASP I 11 7.25 61.16 29.32
C ASP I 11 6.43 60.17 30.15
N PRO I 12 5.70 59.20 29.57
CA PRO I 12 4.93 58.27 30.43
C PRO I 12 5.78 57.49 31.41
N LEU I 13 7.08 57.38 31.17
CA LEU I 13 8.00 56.70 32.07
C LEU I 13 8.76 57.68 32.96
N LYS I 14 9.04 58.88 32.47
CA LYS I 14 9.57 59.92 33.33
C LYS I 14 8.57 60.23 34.44
N GLY I 15 9.09 60.47 35.64
CA GLY I 15 8.26 60.52 36.82
C GLY I 15 7.96 59.18 37.43
N LYS I 16 8.55 58.10 36.91
CA LYS I 16 8.35 56.76 37.45
C LYS I 16 9.68 56.02 37.44
N THR I 17 9.97 55.33 38.54
CA THR I 17 11.17 54.50 38.63
C THR I 17 11.03 53.27 37.74
N ILE I 18 12.15 52.87 37.14
CA ILE I 18 12.25 51.64 36.36
C ILE I 18 13.11 50.66 37.15
N GLY I 19 12.67 49.41 37.21
CA GLY I 19 13.44 48.36 37.89
C GLY I 19 14.07 47.35 36.96
N VAL I 20 15.36 47.48 36.71
CA VAL I 20 16.05 46.51 35.88
C VAL I 20 16.29 45.26 36.72
N ILE I 21 15.87 44.11 36.19
CA ILE I 21 16.13 42.81 36.78
C ILE I 21 17.03 42.05 35.84
N GLY I 22 17.99 41.32 36.40
CA GLY I 22 18.97 40.65 35.59
C GLY I 22 20.04 41.60 35.10
N TYR I 23 21.27 41.13 35.05
CA TYR I 23 22.40 41.91 34.54
C TYR I 23 23.26 41.03 33.66
N GLY I 24 22.62 40.16 32.88
CA GLY I 24 23.33 39.22 32.04
C GLY I 24 23.94 39.88 30.84
N ASN I 25 24.01 39.13 29.75
CA ASN I 25 24.53 39.66 28.50
C ASN I 25 23.49 40.44 27.72
N GLN I 26 22.28 40.60 28.28
CA GLN I 26 21.24 41.48 27.75
C GLN I 26 20.79 42.52 28.77
N GLY I 27 20.95 42.22 30.06
CA GLY I 27 20.58 43.17 31.09
C GLY I 27 21.38 44.46 31.03
N ARG I 28 22.71 44.33 30.87
CA ARG I 28 23.57 45.51 30.89
C ARG I 28 23.25 46.45 29.72
N VAL I 29 22.72 45.93 28.63
CA VAL I 29 22.60 46.73 27.41
C VAL I 29 21.43 47.69 27.53
N GLN I 30 20.24 47.17 27.79
CA GLN I 30 19.09 48.03 28.06
C GLN I 30 19.27 48.83 29.35
N ALA I 31 20.11 48.36 30.26
CA ALA I 31 20.36 49.09 31.50
C ALA I 31 21.17 50.36 31.22
N THR I 32 22.36 50.19 30.63
CA THR I 32 23.25 51.32 30.43
C THR I 32 22.66 52.36 29.50
N ILE I 33 22.00 51.92 28.43
CA ILE I 33 21.42 52.86 27.47
C ILE I 33 20.38 53.75 28.15
N MET I 34 19.69 53.21 29.16
CA MET I 34 18.70 54.02 29.87
C MET I 34 19.34 54.93 30.90
N ARG I 35 20.51 54.56 31.42
CA ARG I 35 21.24 55.47 32.28
C ARG I 35 21.97 56.53 31.48
N GLU I 36 22.44 56.17 30.28
CA GLU I 36 23.01 57.16 29.38
C GLU I 36 21.96 58.17 28.92
N ASN I 37 20.67 57.81 28.99
CA ASN I 37 19.58 58.70 28.68
C ASN I 37 19.07 59.46 29.92
N GLY I 38 19.76 59.36 31.04
CA GLY I 38 19.39 60.12 32.22
C GLY I 38 18.05 59.71 32.81
N LEU I 39 17.99 58.51 33.38
CA LEU I 39 16.75 57.95 33.89
C LEU I 39 17.01 57.24 35.22
N ASN I 40 16.16 57.51 36.21
CA ASN I 40 16.28 56.87 37.51
C ASN I 40 15.91 55.40 37.39
N VAL I 41 16.91 54.53 37.44
CA VAL I 41 16.72 53.08 37.31
C VAL I 41 17.55 52.39 38.39
N ILE I 42 17.03 51.26 38.86
CA ILE I 42 17.73 50.40 39.82
C ILE I 42 17.96 49.04 39.18
N VAL I 43 18.78 48.23 39.84
CA VAL I 43 19.29 46.98 39.28
C VAL I 43 19.10 45.89 40.33
N GLY I 44 18.01 45.14 40.21
CA GLY I 44 17.79 44.02 41.10
C GLY I 44 18.45 42.76 40.59
N ASN I 45 19.07 42.02 41.50
CA ASN I 45 19.88 40.86 41.14
C ASN I 45 20.10 39.99 42.37
N VAL I 46 20.57 38.77 42.11
CA VAL I 46 21.29 38.00 43.10
C VAL I 46 22.77 38.40 43.04
N LYS I 47 23.47 38.22 44.14
CA LYS I 47 24.84 38.73 44.28
C LYS I 47 25.85 37.68 43.84
N ASP I 48 26.55 37.95 42.76
CA ASP I 48 27.56 37.08 42.20
C ASP I 48 28.61 37.98 41.53
N LYS I 49 29.43 37.41 40.63
CA LYS I 49 30.39 38.21 39.91
C LYS I 49 29.71 39.28 39.06
N TYR I 50 28.46 39.05 38.65
CA TYR I 50 27.73 40.05 37.90
C TYR I 50 27.31 41.22 38.78
N TYR I 51 27.19 40.99 40.09
CA TYR I 51 26.89 42.09 41.01
C TYR I 51 28.11 42.96 41.21
N GLU I 52 29.22 42.35 41.64
CA GLU I 52 30.46 43.09 41.93
C GLU I 52 30.88 43.92 40.73
N LEU I 53 30.80 43.35 39.53
CA LEU I 53 30.76 44.16 38.31
C LEU I 53 29.73 45.27 38.44
N ALA I 54 28.47 44.90 38.63
CA ALA I 54 27.37 45.85 38.58
C ALA I 54 27.42 46.90 39.69
N LYS I 55 28.20 46.67 40.75
CA LYS I 55 28.44 47.70 41.75
C LYS I 55 29.61 48.61 41.34
N LYS I 56 30.55 48.07 40.57
CA LYS I 56 31.63 48.87 40.01
C LYS I 56 31.12 49.82 38.93
N GLU I 57 29.93 49.58 38.38
CA GLU I 57 29.35 50.42 37.34
C GLU I 57 28.43 51.50 37.87
N GLY I 58 28.38 51.70 39.20
CA GLY I 58 27.66 52.80 39.78
C GLY I 58 26.20 52.55 40.06
N PHE I 59 25.62 51.49 39.51
CA PHE I 59 24.20 51.25 39.67
C PHE I 59 23.85 50.99 41.14
N GLU I 60 22.59 51.24 41.48
CA GLU I 60 22.06 50.93 42.80
C GLU I 60 21.48 49.53 42.77
N VAL I 61 22.09 48.62 43.52
CA VAL I 61 21.57 47.27 43.66
C VAL I 61 20.78 47.16 44.96
N TYR I 62 19.60 46.56 44.85
CA TYR I 62 18.84 46.06 45.98
C TYR I 62 18.55 44.60 45.69
N GLU I 63 18.07 43.88 46.70
CA GLU I 63 17.52 42.56 46.44
C GLU I 63 16.27 42.69 45.57
N ILE I 64 15.84 41.56 45.01
CA ILE I 64 14.82 41.56 43.98
C ILE I 64 13.51 42.10 44.53
N ASP I 65 12.98 41.44 45.56
CA ASP I 65 11.71 41.86 46.14
C ASP I 65 11.78 43.24 46.76
N GLU I 66 12.99 43.74 47.05
CA GLU I 66 13.15 45.13 47.44
C GLU I 66 13.15 46.03 46.21
N ALA I 67 13.70 45.54 45.10
CA ALA I 67 13.78 46.36 43.89
C ALA I 67 12.41 46.53 43.26
N VAL I 68 11.69 45.43 43.04
CA VAL I 68 10.41 45.52 42.35
C VAL I 68 9.37 46.23 43.20
N ARG I 69 9.57 46.27 44.52
CA ARG I 69 8.74 47.12 45.37
C ARG I 69 9.12 48.59 45.20
N ARG I 70 10.43 48.87 45.14
CA ARG I 70 10.89 50.25 45.02
C ARG I 70 10.43 50.88 43.71
N SER I 71 10.31 50.08 42.65
CA SER I 71 10.13 50.58 41.31
C SER I 71 8.65 50.60 40.92
N ASP I 72 8.39 51.16 39.74
CA ASP I 72 7.05 51.27 39.17
C ASP I 72 6.83 50.31 38.01
N VAL I 73 7.87 50.05 37.23
CA VAL I 73 7.85 49.05 36.18
C VAL I 73 9.21 48.34 36.22
N ALA I 74 9.28 47.20 35.54
CA ALA I 74 10.51 46.42 35.56
C ALA I 74 10.67 45.65 34.26
N LEU I 75 11.92 45.39 33.92
CA LEU I 75 12.31 44.67 32.71
C LEU I 75 12.93 43.35 33.17
N LEU I 76 12.11 42.30 33.17
CA LEU I 76 12.48 41.02 33.77
C LEU I 76 13.42 40.29 32.80
N LEU I 77 14.67 40.75 32.76
CA LEU I 77 15.67 40.24 31.83
C LEU I 77 16.43 39.07 32.44
N ILE I 78 15.67 38.03 32.77
CA ILE I 78 16.21 36.74 33.17
C ILE I 78 15.72 35.72 32.15
N PRO I 79 16.34 34.54 32.05
CA PRO I 79 15.98 33.61 30.97
C PRO I 79 14.54 33.14 31.03
N ASP I 80 14.13 32.40 30.01
CA ASP I 80 12.81 31.77 29.99
C ASP I 80 12.78 30.46 30.77
N GLU I 81 13.86 30.09 31.46
CA GLU I 81 14.02 28.80 32.09
C GLU I 81 13.82 28.85 33.60
N VAL I 82 14.33 29.89 34.26
CA VAL I 82 14.22 30.04 35.71
C VAL I 82 13.49 31.33 36.06
N MET I 83 12.59 31.77 35.18
CA MET I 83 11.69 32.86 35.53
C MET I 83 10.51 32.35 36.35
N LYS I 84 10.10 31.11 36.12
CA LYS I 84 8.94 30.56 36.82
C LYS I 84 9.20 30.45 38.31
N GLU I 85 10.40 30.02 38.69
CA GLU I 85 10.71 29.88 40.11
C GLU I 85 10.72 31.23 40.82
N VAL I 86 11.18 32.27 40.14
CA VAL I 86 11.37 33.56 40.81
C VAL I 86 10.05 34.34 40.87
N TYR I 87 9.14 34.12 39.93
CA TYR I 87 7.82 34.72 40.03
C TYR I 87 6.98 34.00 41.06
N GLU I 88 7.03 32.67 41.07
CA GLU I 88 6.24 31.88 42.01
C GLU I 88 6.68 32.14 43.45
N LYS I 89 8.00 32.20 43.66
CA LYS I 89 8.53 32.22 45.03
C LYS I 89 8.60 33.64 45.58
N LYS I 90 9.31 34.52 44.91
CA LYS I 90 9.64 35.82 45.47
C LYS I 90 8.66 36.92 45.05
N ILE I 91 8.57 37.20 43.76
CA ILE I 91 7.94 38.43 43.29
C ILE I 91 6.44 38.41 43.52
N ALA I 92 5.75 37.46 42.89
CA ALA I 92 4.29 37.49 42.75
C ALA I 92 3.53 37.67 44.06
N PRO I 93 3.98 37.11 45.20
CA PRO I 93 3.32 37.44 46.47
C PRO I 93 3.44 38.90 46.85
N VAL I 94 4.35 39.65 46.23
CA VAL I 94 4.46 41.08 46.51
C VAL I 94 3.53 41.91 45.62
N LEU I 95 3.26 41.45 44.40
CA LEU I 95 2.59 42.31 43.42
C LEU I 95 1.12 42.54 43.74
N GLN I 96 0.53 41.75 44.63
CA GLN I 96 -0.81 42.06 45.12
C GLN I 96 -0.81 43.27 46.05
N GLY I 97 0.35 43.73 46.51
CA GLY I 97 0.44 44.91 47.34
C GLY I 97 0.65 46.18 46.53
N LYS I 98 0.18 46.19 45.29
CA LYS I 98 0.29 47.34 44.42
C LYS I 98 -1.02 47.54 43.68
N LYS I 99 -1.21 48.77 43.17
CA LYS I 99 -2.44 49.19 42.51
C LYS I 99 -2.26 49.48 41.04
N GLU I 100 -1.07 49.91 40.63
CA GLU I 100 -0.71 49.98 39.23
C GLU I 100 0.73 49.50 39.11
N PHE I 101 0.99 48.67 38.10
CA PHE I 101 2.33 48.14 37.90
C PHE I 101 2.41 47.56 36.49
N VAL I 102 3.64 47.36 36.05
CA VAL I 102 3.92 46.77 34.74
C VAL I 102 5.07 45.79 34.91
N LEU I 103 5.12 44.80 34.03
CA LEU I 103 6.12 43.75 34.09
C LEU I 103 6.57 43.48 32.65
N ASP I 104 7.69 44.08 32.27
CA ASP I 104 8.15 44.07 30.88
C ASP I 104 9.02 42.84 30.66
N PHE I 105 8.53 41.92 29.83
CA PHE I 105 9.24 40.69 29.55
C PHE I 105 10.14 40.90 28.33
N ALA I 106 10.92 39.87 28.02
CA ALA I 106 11.84 39.86 26.89
C ALA I 106 11.52 38.77 25.88
N SER I 107 11.20 37.57 26.35
CA SER I 107 10.76 36.49 25.49
C SER I 107 9.58 35.79 26.16
N GLY I 108 8.46 35.70 25.45
CA GLY I 108 7.20 35.30 26.03
C GLY I 108 6.93 33.82 26.01
N TYR I 109 8.00 33.01 26.05
CA TYR I 109 7.82 31.57 26.19
C TYR I 109 7.12 31.20 27.50
N ASN I 110 7.22 32.06 28.52
CA ASN I 110 6.67 31.77 29.84
C ASN I 110 5.34 32.45 30.09
N VAL I 111 4.70 33.00 29.06
CA VAL I 111 3.40 33.65 29.19
C VAL I 111 2.41 33.00 28.23
N ALA I 112 2.77 32.97 26.95
CA ALA I 112 1.86 32.45 25.93
C ALA I 112 1.51 31.00 26.18
N PHE I 113 2.41 30.24 26.79
CA PHE I 113 2.15 28.87 27.20
C PHE I 113 1.61 28.77 28.63
N GLY I 114 1.19 29.89 29.22
CA GLY I 114 0.51 29.86 30.48
C GLY I 114 1.31 29.37 31.68
N LEU I 115 2.64 29.31 31.54
CA LEU I 115 3.47 28.84 32.65
C LEU I 115 3.47 29.87 33.78
N ILE I 116 3.27 31.14 33.47
CA ILE I 116 3.13 32.21 34.46
C ILE I 116 1.81 32.92 34.19
N ARG I 117 1.16 33.35 35.28
CA ARG I 117 -0.15 33.99 35.21
C ARG I 117 -0.16 35.18 36.15
N PRO I 118 0.15 36.37 35.66
CA PRO I 118 0.13 37.55 36.53
C PRO I 118 -1.28 37.93 36.92
N PRO I 119 -1.45 38.75 37.97
CA PRO I 119 -2.80 39.06 38.44
C PRO I 119 -3.57 40.04 37.56
N LYS I 120 -4.75 40.45 38.04
CA LYS I 120 -5.70 41.25 37.27
C LYS I 120 -5.40 42.74 37.33
N SER I 121 -4.78 43.21 38.41
CA SER I 121 -4.51 44.62 38.61
C SER I 121 -3.16 45.05 38.05
N VAL I 122 -2.69 44.36 37.01
CA VAL I 122 -1.32 44.50 36.52
C VAL I 122 -1.35 44.56 35.00
N ASP I 123 -0.43 45.33 34.43
CA ASP I 123 -0.21 45.38 33.00
C ASP I 123 0.95 44.47 32.63
N THR I 124 0.85 43.83 31.47
CA THR I 124 1.91 42.97 30.94
C THR I 124 2.22 43.39 29.52
N ILE I 125 3.50 43.40 29.18
CA ILE I 125 3.97 43.87 27.88
C ILE I 125 5.15 43.03 27.44
N MET I 126 5.66 43.31 26.24
CA MET I 126 6.74 42.55 25.64
C MET I 126 7.61 43.53 24.85
N VAL I 127 8.92 43.45 25.08
CA VAL I 127 9.88 44.23 24.30
C VAL I 127 11.06 43.31 23.97
N ALA I 128 11.05 42.76 22.75
CA ALA I 128 12.02 41.76 22.35
C ALA I 128 13.05 42.38 21.41
N PRO I 129 14.30 42.55 21.81
CA PRO I 129 15.32 42.92 20.81
C PRO I 129 15.53 41.84 19.77
N ARG I 130 15.14 42.14 18.52
CA ARG I 130 15.47 41.28 17.39
C ARG I 130 16.81 41.73 16.82
N MET I 131 17.87 41.34 17.51
CA MET I 131 19.21 41.80 17.21
C MET I 131 20.19 40.84 17.87
N VAL I 132 21.46 40.96 17.46
CA VAL I 132 22.50 40.07 17.98
C VAL I 132 22.69 40.25 19.49
N GLY I 133 22.30 41.41 20.02
CA GLY I 133 22.41 41.67 21.45
C GLY I 133 23.69 42.39 21.82
N GLU I 134 24.84 41.83 21.41
CA GLU I 134 26.12 42.44 21.73
C GLU I 134 26.41 43.62 20.82
N GLY I 135 26.11 43.50 19.53
CA GLY I 135 26.36 44.57 18.58
C GLY I 135 25.56 45.84 18.85
N ILE I 136 24.53 45.75 19.69
CA ILE I 136 23.74 46.95 20.02
C ILE I 136 24.62 47.98 20.69
N MET I 137 25.53 47.54 21.56
CA MET I 137 26.49 48.45 22.15
C MET I 137 27.49 48.95 21.10
N ASP I 138 27.87 48.08 20.16
CA ASP I 138 28.64 48.53 19.00
C ASP I 138 27.83 49.48 18.12
N LEU I 139 26.50 49.47 18.25
CA LEU I 139 25.61 50.36 17.52
C LEU I 139 25.20 51.60 18.29
N HIS I 140 25.14 51.53 19.63
CA HIS I 140 24.78 52.73 20.39
C HIS I 140 25.91 53.75 20.39
N LYS I 141 27.16 53.30 20.23
CA LYS I 141 28.27 54.21 19.99
C LYS I 141 28.29 54.71 18.54
N GLN I 142 27.35 54.29 17.70
CA GLN I 142 27.15 54.81 16.35
C GLN I 142 25.99 55.79 16.30
N GLY I 143 24.87 55.45 16.94
CA GLY I 143 23.68 56.28 16.97
C GLY I 143 22.52 55.77 16.16
N LYS I 144 22.65 54.61 15.51
CA LYS I 144 21.58 54.00 14.73
C LYS I 144 20.93 52.90 15.55
N GLY I 145 19.60 52.94 15.66
CA GLY I 145 18.89 52.00 16.51
C GLY I 145 18.75 50.62 15.92
N TYR I 146 17.63 49.94 16.19
CA TYR I 146 17.44 48.56 15.77
C TYR I 146 15.98 48.13 15.92
N PRO I 147 15.58 46.98 15.40
CA PRO I 147 14.18 46.57 15.51
C PRO I 147 13.83 46.00 16.88
N VAL I 148 12.54 46.05 17.20
CA VAL I 148 11.98 45.42 18.38
C VAL I 148 10.63 44.82 18.02
N LEU I 149 10.03 44.16 19.01
CA LEU I 149 8.67 43.65 18.92
C LEU I 149 7.87 44.12 20.13
N LEU I 150 6.56 44.20 19.96
CA LEU I 150 5.67 44.70 20.99
C LEU I 150 4.43 43.84 21.07
N GLY I 151 3.83 43.81 22.25
CA GLY I 151 2.66 42.99 22.48
C GLY I 151 2.08 43.24 23.85
N VAL I 152 0.87 42.71 24.05
CA VAL I 152 0.12 42.88 25.28
C VAL I 152 -0.56 41.56 25.60
N LYS I 153 -0.54 41.18 26.88
CA LYS I 153 -1.33 40.08 27.41
C LYS I 153 -2.54 40.58 28.19
N GLN I 154 -2.40 41.68 28.91
CA GLN I 154 -3.51 42.25 29.66
C GLN I 154 -3.26 43.72 29.89
N ASP I 155 -4.33 44.52 29.84
CA ASP I 155 -4.28 45.94 30.12
C ASP I 155 -5.40 46.30 31.08
N ALA I 156 -5.06 47.06 32.12
CA ALA I 156 -6.05 47.60 33.04
C ALA I 156 -5.73 49.05 33.39
N SER I 157 -5.21 49.80 32.42
CA SER I 157 -4.90 51.21 32.58
C SER I 157 -5.34 52.07 31.40
N GLY I 158 -5.72 51.47 30.27
CA GLY I 158 -5.86 52.19 29.03
C GLY I 158 -4.58 52.70 28.43
N LYS I 159 -3.43 52.35 29.02
CA LYS I 159 -2.13 52.85 28.57
C LYS I 159 -1.11 51.72 28.57
N ALA I 160 -1.55 50.53 28.15
CA ALA I 160 -0.59 49.45 27.94
C ALA I 160 0.30 49.71 26.75
N TRP I 161 -0.11 50.60 25.85
CA TRP I 161 0.62 50.89 24.62
C TRP I 161 1.46 52.16 24.74
N ASP I 162 0.95 53.18 25.44
CA ASP I 162 1.75 54.39 25.63
C ASP I 162 2.95 54.12 26.54
N TYR I 163 2.94 53.02 27.29
CA TYR I 163 4.15 52.56 27.96
C TYR I 163 5.04 51.81 26.99
N ALA I 164 4.51 50.78 26.35
CA ALA I 164 5.31 49.91 25.50
C ALA I 164 5.93 50.68 24.33
N LYS I 165 5.12 51.50 23.65
CA LYS I 165 5.65 52.35 22.60
C LYS I 165 6.74 53.27 23.12
N ALA I 166 6.62 53.67 24.39
CA ALA I 166 7.54 54.65 24.95
C ALA I 166 8.81 54.01 25.54
N ILE I 167 8.74 52.74 25.96
CA ILE I 167 9.93 52.07 26.46
C ILE I 167 10.96 51.94 25.35
N ALA I 168 10.53 51.49 24.17
CA ALA I 168 11.45 51.19 23.09
C ALA I 168 12.28 52.39 22.66
N LYS I 169 11.78 53.60 22.88
CA LYS I 169 12.59 54.78 22.60
C LYS I 169 13.75 54.89 23.59
N GLY I 170 13.64 54.28 24.75
CA GLY I 170 14.63 54.41 25.79
C GLY I 170 15.69 53.33 25.82
N ILE I 171 15.61 52.34 24.93
CA ILE I 171 16.59 51.27 24.86
C ILE I 171 17.30 51.32 23.50
N GLY I 172 17.43 52.51 22.94
CA GLY I 172 18.21 52.69 21.74
C GLY I 172 17.63 52.02 20.51
N ALA I 173 16.33 51.73 20.52
CA ALA I 173 15.67 51.07 19.40
C ALA I 173 14.97 52.03 18.45
N ILE I 174 14.42 53.14 18.97
CA ILE I 174 13.76 54.14 18.15
C ILE I 174 14.01 55.51 18.76
N PRO I 175 13.87 56.58 17.96
CA PRO I 175 13.69 56.65 16.51
C PRO I 175 15.01 56.41 15.77
N GLY I 176 14.92 55.69 14.66
CA GLY I 176 16.07 55.36 13.84
C GLY I 176 15.99 53.93 13.35
N GLY I 177 15.40 53.07 14.16
CA GLY I 177 14.98 51.75 13.75
C GLY I 177 13.51 51.73 13.46
N ILE I 178 12.86 50.61 13.76
CA ILE I 178 11.42 50.53 13.79
C ILE I 178 11.00 49.64 14.96
N ALA I 179 9.69 49.52 15.14
CA ALA I 179 9.10 48.63 16.12
C ALA I 179 7.87 48.02 15.49
N VAL I 180 7.65 46.73 15.74
CA VAL I 180 6.59 45.97 15.09
C VAL I 180 5.63 45.48 16.16
N ILE I 181 4.36 45.36 15.79
CA ILE I 181 3.29 45.08 16.74
C ILE I 181 2.86 43.63 16.57
N SER I 182 2.94 42.87 17.66
CA SER I 182 2.68 41.45 17.65
C SER I 182 2.08 41.08 19.01
N SER I 183 2.09 39.80 19.33
CA SER I 183 1.60 39.27 20.59
C SER I 183 2.73 38.48 21.26
N PHE I 184 2.40 37.86 22.39
CA PHE I 184 3.29 36.86 22.97
C PHE I 184 3.19 35.55 22.21
N GLU I 185 1.98 35.22 21.77
CA GLU I 185 1.75 33.94 21.10
C GLU I 185 2.53 33.86 19.79
N GLU I 186 2.68 34.99 19.11
CA GLU I 186 3.51 35.04 17.91
C GLU I 186 4.98 35.22 18.24
N GLU I 187 5.30 35.81 19.39
CA GLU I 187 6.69 35.99 19.78
C GLU I 187 7.38 34.65 19.98
N ALA I 188 6.73 33.74 20.70
CA ALA I 188 7.35 32.48 21.02
C ALA I 188 7.44 31.56 19.81
N LEU I 189 6.50 31.69 18.88
CA LEU I 189 6.51 30.81 17.72
C LEU I 189 7.67 31.14 16.79
N LEU I 190 7.78 32.41 16.41
CA LEU I 190 8.83 32.80 15.48
C LEU I 190 10.20 32.60 16.09
N ASP I 191 10.33 32.81 17.39
CA ASP I 191 11.60 32.57 18.07
C ASP I 191 11.91 31.08 18.21
N LEU I 192 10.89 30.24 18.30
CA LEU I 192 11.07 28.79 18.40
C LEU I 192 11.13 28.11 17.06
N MET I 193 10.36 28.57 16.07
CA MET I 193 10.36 27.94 14.76
C MET I 193 11.71 28.07 14.06
N SER I 194 12.55 29.01 14.49
CA SER I 194 13.91 29.09 13.96
C SER I 194 14.81 28.09 14.65
N GLU I 195 14.58 27.84 15.93
CA GLU I 195 15.40 26.91 16.70
C GLU I 195 14.91 25.47 16.59
N HIS I 196 14.06 25.18 15.61
CA HIS I 196 13.51 23.84 15.40
C HIS I 196 13.57 23.38 13.96
N THR I 197 13.54 24.30 12.99
CA THR I 197 13.19 23.96 11.61
C THR I 197 14.32 24.17 10.62
N TRP I 198 14.89 25.38 10.53
CA TRP I 198 15.95 25.65 9.58
C TRP I 198 17.34 25.67 10.20
N VAL I 199 17.44 25.62 11.52
CA VAL I 199 18.72 25.45 12.20
C VAL I 199 19.17 23.99 12.10
N PRO I 200 18.39 23.02 12.59
CA PRO I 200 18.90 21.65 12.59
C PRO I 200 18.98 21.03 11.22
N ILE I 201 18.01 21.32 10.34
CA ILE I 201 18.04 20.83 8.98
C ILE I 201 19.27 21.32 8.23
N LEU I 202 19.85 22.45 8.65
CA LEU I 202 21.15 22.84 8.14
C LEU I 202 22.23 21.93 8.70
N PHE I 203 22.32 21.82 10.03
CA PHE I 203 23.31 20.95 10.64
C PHE I 203 23.04 19.48 10.33
N GLY I 204 21.81 19.14 9.95
CA GLY I 204 21.49 17.77 9.60
C GLY I 204 21.90 17.37 8.20
N ALA I 205 22.20 18.34 7.35
CA ALA I 205 22.62 18.07 5.98
C ALA I 205 24.12 17.97 5.86
N ILE I 206 24.84 18.90 6.49
CA ILE I 206 26.30 18.82 6.55
C ILE I 206 26.74 17.50 7.17
N LYS I 207 26.04 17.06 8.21
CA LYS I 207 26.33 15.77 8.81
C LYS I 207 26.12 14.63 7.83
N ALA I 208 25.25 14.83 6.83
CA ALA I 208 24.93 13.81 5.84
C ALA I 208 25.52 14.12 4.47
N CYS I 209 26.08 15.31 4.26
CA CYS I 209 26.93 15.55 3.11
C CYS I 209 28.38 15.17 3.40
N TYR I 210 28.74 14.98 4.67
CA TYR I 210 30.02 14.43 5.07
C TYR I 210 29.96 12.92 5.16
N ASP I 211 28.93 12.39 5.82
CA ASP I 211 28.79 10.95 6.00
C ASP I 211 28.57 10.21 4.68
N ILE I 212 28.30 10.91 3.59
CA ILE I 212 28.08 10.31 2.28
C ILE I 212 29.34 10.48 1.45
N ALA I 213 30.06 11.58 1.67
CA ALA I 213 31.25 11.85 0.86
C ALA I 213 32.44 11.00 1.33
N VAL I 214 32.54 10.75 2.63
CA VAL I 214 33.67 10.01 3.16
C VAL I 214 33.43 8.51 3.06
N LYS I 215 32.33 8.03 3.64
CA LYS I 215 32.14 6.61 3.87
C LYS I 215 31.61 5.85 2.65
N GLU I 216 31.22 6.55 1.59
CA GLU I 216 30.56 5.92 0.45
C GLU I 216 31.19 6.31 -0.89
N TYR I 217 31.81 7.49 -0.95
CA TYR I 217 32.33 8.04 -2.21
C TYR I 217 33.82 8.34 -2.16
N GLY I 218 34.53 7.89 -1.14
CA GLY I 218 35.98 7.92 -1.15
C GLY I 218 36.59 9.31 -1.22
N VAL I 219 36.45 10.08 -0.14
CA VAL I 219 36.91 11.47 -0.09
C VAL I 219 37.81 11.65 1.12
N SER I 220 38.76 12.56 0.99
CA SER I 220 39.63 12.92 2.10
C SER I 220 38.82 13.68 3.14
N PRO I 221 38.83 13.28 4.42
CA PRO I 221 38.11 14.06 5.43
C PRO I 221 38.59 15.49 5.57
N GLU I 222 39.88 15.74 5.39
CA GLU I 222 40.40 17.09 5.58
C GLU I 222 39.87 18.06 4.53
N ALA I 223 39.43 17.57 3.37
CA ALA I 223 38.88 18.42 2.32
C ALA I 223 37.38 18.60 2.43
N ALA I 224 36.67 17.59 2.94
CA ALA I 224 35.22 17.68 3.01
C ALA I 224 34.76 18.81 3.90
N LEU I 225 35.52 19.12 4.95
CA LEU I 225 35.15 20.22 5.84
C LEU I 225 35.54 21.57 5.28
N LEU I 226 36.62 21.63 4.51
CA LEU I 226 37.09 22.90 3.99
C LEU I 226 36.13 23.52 2.99
N GLU I 227 35.24 22.72 2.42
CA GLU I 227 34.25 23.21 1.47
C GLU I 227 32.93 23.57 2.13
N PHE I 228 32.54 22.85 3.18
CA PHE I 228 31.24 23.09 3.80
C PHE I 228 31.28 24.28 4.77
N TYR I 229 32.05 24.14 5.87
CA TYR I 229 31.94 25.09 6.97
C TYR I 229 33.26 25.38 7.69
N ALA I 230 34.40 24.97 7.16
CA ALA I 230 35.67 25.46 7.69
C ALA I 230 36.00 26.84 7.19
N SER I 231 35.31 27.32 6.16
CA SER I 231 35.55 28.63 5.55
C SER I 231 34.48 29.61 5.99
N GLY I 232 34.79 30.89 5.82
CA GLY I 232 33.84 31.96 6.08
C GLY I 232 32.85 32.21 4.97
N GLU I 233 32.72 31.30 4.02
CA GLU I 233 31.80 31.48 2.90
C GLU I 233 30.35 31.64 3.37
N LEU I 234 29.99 31.02 4.50
CA LEU I 234 28.65 31.21 5.03
C LEU I 234 28.44 32.65 5.45
N ALA I 235 29.47 33.28 6.04
CA ALA I 235 29.37 34.69 6.39
C ALA I 235 29.18 35.56 5.15
N GLU I 236 29.76 35.16 4.03
CA GLU I 236 29.53 35.87 2.77
C GLU I 236 28.18 35.55 2.16
N ILE I 237 27.49 34.53 2.66
CA ILE I 237 26.09 34.32 2.32
C ILE I 237 25.18 35.04 3.30
N ALA I 238 25.62 35.20 4.55
CA ALA I 238 24.81 35.85 5.57
C ALA I 238 24.96 37.36 5.54
N ARG I 239 26.18 37.86 5.36
CA ARG I 239 26.37 39.30 5.22
C ARG I 239 25.65 39.84 4.00
N LEU I 240 25.65 39.09 2.90
CA LEU I 240 25.01 39.55 1.68
C LEU I 240 23.50 39.40 1.77
N ILE I 241 23.02 38.33 2.40
CA ILE I 241 21.58 38.17 2.57
C ILE I 241 21.02 39.27 3.46
N ALA I 242 21.83 39.79 4.39
CA ALA I 242 21.37 40.86 5.27
C ALA I 242 21.43 42.23 4.60
N GLU I 243 22.26 42.39 3.57
CA GLU I 243 22.47 43.67 2.93
C GLU I 243 21.69 43.83 1.63
N GLU I 244 21.50 42.76 0.87
CA GLU I 244 21.06 42.83 -0.52
C GLU I 244 19.65 42.28 -0.72
N GLY I 245 19.40 41.06 -0.28
CA GLY I 245 18.15 40.38 -0.55
C GLY I 245 18.37 38.89 -0.74
N ILE I 246 17.54 38.08 -0.08
CA ILE I 246 17.72 36.64 -0.07
C ILE I 246 17.59 36.00 -1.44
N PHE I 247 17.03 36.72 -2.42
CA PHE I 247 17.05 36.30 -3.82
C PHE I 247 17.73 37.35 -4.69
N ASN I 248 18.68 38.08 -4.12
CA ASN I 248 19.48 39.06 -4.83
C ASN I 248 20.96 39.00 -4.49
N GLN I 249 21.37 38.08 -3.62
CA GLN I 249 22.77 37.79 -3.39
C GLN I 249 23.35 36.83 -4.43
N MET I 250 22.55 36.41 -5.41
CA MET I 250 22.91 35.31 -6.29
C MET I 250 23.50 35.78 -7.60
N VAL I 251 23.29 37.05 -7.97
CA VAL I 251 23.97 37.59 -9.15
C VAL I 251 25.46 37.60 -8.93
N HIS I 252 25.91 37.77 -7.69
CA HIS I 252 27.33 37.84 -7.39
C HIS I 252 28.02 36.50 -7.65
N HIS I 253 27.28 35.40 -7.55
CA HIS I 253 27.78 34.07 -7.90
C HIS I 253 27.61 33.84 -9.40
N SER I 254 27.91 32.62 -9.85
CA SER I 254 27.82 32.23 -11.24
C SER I 254 26.54 31.45 -11.49
N THR I 255 26.23 31.19 -12.76
CA THR I 255 24.98 30.54 -13.09
C THR I 255 24.95 29.09 -12.65
N THR I 256 26.08 28.39 -12.76
CA THR I 256 26.17 27.01 -12.29
C THR I 256 25.89 26.91 -10.79
N SER I 257 26.13 27.97 -10.03
CA SER I 257 25.77 28.04 -8.63
C SER I 257 24.33 28.47 -8.43
N GLN I 258 23.77 29.17 -9.42
CA GLN I 258 22.38 29.63 -9.38
C GLN I 258 21.42 28.55 -9.86
N TYR I 259 21.75 27.90 -10.96
CA TYR I 259 20.79 26.99 -11.60
C TYR I 259 20.52 25.77 -10.74
N GLY I 260 21.57 25.16 -10.19
CA GLY I 260 21.37 24.01 -9.35
C GLY I 260 20.61 24.34 -8.07
N THR I 261 20.74 25.57 -7.59
CA THR I 261 20.02 26.00 -6.40
C THR I 261 18.52 26.05 -6.66
N LEU I 262 18.11 26.84 -7.65
CA LEU I 262 16.70 27.12 -7.86
C LEU I 262 15.94 25.88 -8.33
N THR I 263 16.54 25.07 -9.18
CA THR I 263 15.89 23.85 -9.63
C THR I 263 15.64 22.87 -8.48
N ARG I 264 16.37 23.00 -7.37
CA ARG I 264 16.24 22.12 -6.22
C ARG I 264 15.58 22.79 -5.03
N MET I 265 15.42 24.12 -5.06
CA MET I 265 14.70 24.80 -4.00
C MET I 265 13.20 24.57 -4.13
N PHE I 266 12.69 24.54 -5.36
CA PHE I 266 11.29 24.26 -5.62
C PHE I 266 11.00 22.77 -5.71
N LYS I 267 12.02 21.93 -5.86
CA LYS I 267 11.83 20.49 -5.84
C LYS I 267 11.68 19.95 -4.44
N TYR I 268 12.04 20.73 -3.42
CA TYR I 268 12.00 20.29 -2.03
C TYR I 268 11.20 21.24 -1.15
N TYR I 269 10.57 22.26 -1.72
CA TYR I 269 9.67 23.10 -0.95
C TYR I 269 8.47 22.30 -0.44
N ASP I 270 8.12 21.21 -1.11
CA ASP I 270 6.99 20.38 -0.73
C ASP I 270 7.36 19.26 0.24
N VAL I 271 8.54 19.33 0.86
CA VAL I 271 8.95 18.39 1.90
C VAL I 271 9.28 19.11 3.20
N VAL I 272 10.04 20.20 3.13
CA VAL I 272 10.27 21.02 4.30
C VAL I 272 8.99 21.73 4.73
N ARG I 273 8.02 21.85 3.84
CA ARG I 273 6.69 22.29 4.24
C ARG I 273 6.08 21.31 5.23
N ARG I 274 6.10 20.03 4.89
CA ARG I 274 5.51 19.02 5.77
C ARG I 274 6.31 18.86 7.05
N ILE I 275 7.62 19.13 7.01
CA ILE I 275 8.43 19.08 8.22
C ILE I 275 8.04 20.22 9.15
N VAL I 276 7.70 21.37 8.59
CA VAL I 276 7.44 22.56 9.40
C VAL I 276 5.99 22.60 9.88
N GLU I 277 5.06 22.17 9.04
CA GLU I 277 3.67 22.07 9.46
C GLU I 277 3.52 21.22 10.71
N ASN I 278 4.24 20.09 10.76
CA ASN I 278 4.19 19.25 11.95
C ASN I 278 4.90 19.91 13.12
N GLU I 279 5.95 20.68 12.84
CA GLU I 279 6.74 21.29 13.91
C GLU I 279 6.13 22.56 14.46
N ALA I 280 5.11 23.12 13.79
CA ALA I 280 4.41 24.29 14.29
C ALA I 280 3.13 23.91 15.03
N LYS I 281 2.45 22.87 14.56
CA LYS I 281 1.32 22.32 15.31
C LYS I 281 1.79 21.72 16.63
N TYR I 282 3.04 21.27 16.70
CA TYR I 282 3.62 20.74 17.93
C TYR I 282 4.07 21.84 18.88
N ILE I 283 3.85 23.11 18.55
CA ILE I 283 4.21 24.25 19.39
C ILE I 283 2.99 25.10 19.69
N TRP I 284 2.15 25.34 18.67
CA TRP I 284 0.92 26.10 18.85
C TRP I 284 0.03 25.48 19.92
N ASP I 285 0.03 24.16 20.02
CA ASP I 285 -0.76 23.44 21.01
C ASP I 285 -0.06 23.31 22.36
N GLY I 286 1.10 23.96 22.54
CA GLY I 286 1.80 23.86 23.80
C GLY I 286 2.35 22.49 24.11
N SER I 287 2.48 21.62 23.11
CA SER I 287 3.05 20.30 23.32
C SER I 287 4.58 20.30 23.32
N PHE I 288 5.22 21.46 23.43
CA PHE I 288 6.67 21.54 23.61
C PHE I 288 7.03 21.91 25.04
N ALA I 289 6.26 22.77 25.69
CA ALA I 289 6.51 23.09 27.08
C ALA I 289 6.34 21.86 27.95
N LYS I 290 5.37 21.01 27.62
CA LYS I 290 5.23 19.73 28.30
C LYS I 290 6.44 18.84 28.05
N GLU I 291 7.13 19.03 26.93
CA GLU I 291 8.32 18.26 26.62
C GLU I 291 9.56 18.86 27.27
N TRP I 292 9.59 20.17 27.40
CA TRP I 292 10.75 20.86 27.96
C TRP I 292 10.65 21.11 29.46
N SER I 293 9.43 21.26 29.99
CA SER I 293 9.27 21.42 31.43
C SER I 293 9.43 20.12 32.19
N LEU I 294 9.27 18.98 31.52
CA LEU I 294 9.47 17.70 32.17
C LEU I 294 10.95 17.32 32.20
N GLU I 295 11.70 17.71 31.17
CA GLU I 295 13.12 17.41 31.13
C GLU I 295 13.86 18.05 32.30
N GLN I 296 13.50 19.28 32.66
CA GLN I 296 14.12 19.94 33.80
C GLN I 296 13.87 19.18 35.09
N GLN I 297 12.75 18.46 35.17
CA GLN I 297 12.33 17.79 36.39
C GLN I 297 12.88 16.38 36.53
N ALA I 298 13.47 15.82 35.48
CA ALA I 298 14.00 14.47 35.51
C ALA I 298 15.49 14.41 35.81
N GLY I 299 16.24 15.43 35.42
CA GLY I 299 17.68 15.48 35.66
C GLY I 299 18.48 15.85 34.44
N TYR I 300 17.82 16.34 33.40
CA TYR I 300 18.43 16.54 32.08
C TYR I 300 19.10 15.26 31.58
N PRO I 301 18.33 14.17 31.40
CA PRO I 301 18.94 12.90 30.99
C PRO I 301 19.23 12.78 29.50
N VAL I 302 18.39 13.40 28.66
CA VAL I 302 18.56 13.30 27.22
C VAL I 302 19.51 14.37 26.72
N PHE I 303 19.37 15.59 27.25
CA PHE I 303 20.25 16.69 26.88
C PHE I 303 21.71 16.38 27.19
N TYR I 304 21.97 15.50 28.16
CA TYR I 304 23.33 15.08 28.45
C TYR I 304 23.84 14.06 27.45
N ARG I 305 22.95 13.22 26.92
CA ARG I 305 23.38 12.16 26.02
C ARG I 305 23.66 12.71 24.63
N LEU I 306 22.71 13.47 24.09
CA LEU I 306 22.80 13.95 22.71
C LEU I 306 23.95 14.92 22.51
N TRP I 307 24.49 15.50 23.59
CA TRP I 307 25.76 16.20 23.47
C TRP I 307 26.89 15.21 23.21
N GLU I 308 26.85 14.05 23.87
CA GLU I 308 27.96 13.10 23.79
C GLU I 308 27.97 12.34 22.48
N LEU I 309 26.87 12.35 21.73
CA LEU I 309 26.87 11.75 20.40
C LEU I 309 27.43 12.73 19.36
N ALA I 310 27.05 14.00 19.48
CA ALA I 310 27.59 15.02 18.60
C ALA I 310 29.09 15.20 18.82
N THR I 311 29.49 15.41 20.07
CA THR I 311 30.88 15.70 20.41
C THR I 311 31.77 14.47 20.44
N GLN I 312 31.28 13.30 20.02
CA GLN I 312 32.09 12.11 19.86
C GLN I 312 31.75 11.41 18.53
N SER I 313 31.26 12.18 17.57
CA SER I 313 30.78 11.62 16.31
C SER I 313 31.95 11.32 15.39
N GLU I 314 31.63 11.01 14.13
CA GLU I 314 32.65 10.80 13.12
C GLU I 314 33.14 12.11 12.52
N MET I 315 32.33 13.17 12.61
CA MET I 315 32.64 14.46 11.99
C MET I 315 33.47 15.34 12.90
N ALA I 316 33.03 15.54 14.14
CA ALA I 316 33.72 16.44 15.05
C ALA I 316 35.11 15.92 15.39
N LYS I 317 35.26 14.59 15.49
CA LYS I 317 36.56 13.99 15.72
C LYS I 317 37.59 14.48 14.71
N ALA I 318 37.30 14.30 13.42
CA ALA I 318 38.21 14.72 12.37
C ALA I 318 38.13 16.22 12.07
N GLU I 319 37.26 16.95 12.76
CA GLU I 319 37.23 18.41 12.70
C GLU I 319 38.08 19.02 13.79
N LYS I 320 38.02 18.45 14.99
CA LYS I 320 38.77 18.98 16.12
C LYS I 320 40.27 18.95 15.86
N GLU I 321 40.73 18.04 15.02
CA GLU I 321 42.14 17.93 14.68
C GLU I 321 42.54 18.90 13.57
N LEU I 322 41.66 19.16 12.61
CA LEU I 322 42.01 20.06 11.53
C LEU I 322 42.21 21.49 12.04
N TYR I 323 41.48 21.88 13.07
CA TYR I 323 41.71 23.18 13.68
C TYR I 323 43.06 23.22 14.38
N LYS I 324 43.46 22.11 14.98
CA LYS I 324 44.81 21.97 15.51
C LYS I 324 45.84 22.06 14.40
N LEU I 325 45.48 21.64 13.19
CA LEU I 325 46.32 21.76 12.01
C LEU I 325 46.19 23.11 11.31
N LEU I 326 45.40 24.04 11.85
CA LEU I 326 45.34 25.42 11.36
C LEU I 326 45.89 26.39 12.41
N GLY I 327 45.33 26.36 13.61
CA GLY I 327 45.70 27.27 14.68
C GLY I 327 44.54 28.02 15.29
N ARG I 328 43.31 27.61 14.96
CA ARG I 328 42.12 28.22 15.53
C ARG I 328 41.88 27.65 16.93
N LYS I 329 40.77 28.06 17.55
CA LYS I 329 40.45 27.56 18.88
C LYS I 329 40.07 26.08 18.79
N VAL I 330 41.03 25.20 19.07
CA VAL I 330 40.67 23.82 19.36
C VAL I 330 39.92 23.78 20.68
N LYS I 331 39.10 22.74 20.84
CA LYS I 331 38.14 22.68 21.95
C LYS I 331 38.85 22.84 23.30
N ASN I 332 38.29 23.71 24.13
CA ASN I 332 38.89 24.09 25.41
C ASN I 332 39.13 22.89 26.31
N LYS J 3 49.44 12.60 3.27
CA LYS J 3 48.14 12.98 3.80
C LYS J 3 47.95 14.49 3.69
N THR J 4 48.60 15.22 4.60
CA THR J 4 48.48 16.66 4.70
C THR J 4 49.77 17.31 4.21
N VAL J 5 49.63 18.33 3.36
CA VAL J 5 50.75 19.06 2.79
C VAL J 5 50.85 20.41 3.47
N LEU J 6 52.08 20.87 3.72
CA LEU J 6 52.34 22.12 4.40
C LEU J 6 53.37 23.01 3.73
N ASP J 7 54.16 22.51 2.79
CA ASP J 7 55.25 23.29 2.22
C ASP J 7 55.84 22.53 1.05
N ALA J 8 56.49 23.26 0.16
CA ALA J 8 57.25 22.70 -0.96
C ALA J 8 58.11 23.82 -1.55
N ASN J 9 58.94 23.44 -2.52
CA ASN J 9 59.87 24.39 -3.12
C ASN J 9 59.13 25.37 -4.02
N LEU J 10 59.90 26.26 -4.64
CA LEU J 10 59.40 27.19 -5.66
C LEU J 10 60.28 27.24 -6.90
N ASP J 11 61.44 26.60 -6.92
CA ASP J 11 62.35 26.56 -8.06
C ASP J 11 61.81 25.84 -9.30
N PRO J 12 60.94 24.82 -9.21
CA PRO J 12 60.44 24.19 -10.44
C PRO J 12 59.71 25.13 -11.37
N LEU J 13 59.23 26.27 -10.87
CA LEU J 13 58.57 27.27 -11.68
C LEU J 13 59.49 28.43 -12.05
N LYS J 14 60.44 28.76 -11.18
CA LYS J 14 61.50 29.69 -11.56
C LYS J 14 62.29 29.13 -12.73
N GLY J 15 62.73 30.01 -13.61
CA GLY J 15 63.26 29.58 -14.88
C GLY J 15 62.22 29.23 -15.91
N LYS J 16 60.94 29.47 -15.60
CA LYS J 16 59.86 29.20 -16.53
C LYS J 16 58.83 30.33 -16.44
N THR J 17 58.28 30.68 -17.58
CA THR J 17 57.21 31.68 -17.65
C THR J 17 55.88 31.07 -17.19
N ILE J 18 55.06 31.90 -16.55
CA ILE J 18 53.71 31.54 -16.14
C ILE J 18 52.75 32.38 -16.95
N GLY J 19 51.70 31.76 -17.48
CA GLY J 19 50.69 32.47 -18.24
C GLY J 19 49.36 32.61 -17.53
N VAL J 20 49.09 33.78 -16.96
CA VAL J 20 47.81 34.01 -16.31
C VAL J 20 46.78 34.25 -17.40
N ILE J 21 45.70 33.47 -17.37
CA ILE J 21 44.55 33.65 -18.23
C ILE J 21 43.37 34.05 -17.36
N GLY J 22 42.58 34.99 -17.86
CA GLY J 22 41.49 35.54 -17.08
C GLY J 22 42.00 36.56 -16.08
N TYR J 23 41.24 37.63 -15.92
CA TYR J 23 41.55 38.70 -14.97
C TYR J 23 40.29 39.09 -14.23
N GLY J 24 39.47 38.10 -13.91
CA GLY J 24 38.20 38.33 -13.24
C GLY J 24 38.40 38.69 -11.78
N ASN J 25 37.43 38.31 -10.96
CA ASN J 25 37.53 38.54 -9.54
C ASN J 25 38.36 37.47 -8.83
N GLN J 26 38.93 36.52 -9.57
CA GLN J 26 39.92 35.57 -9.08
C GLN J 26 41.25 35.71 -9.81
N GLY J 27 41.22 36.18 -11.05
CA GLY J 27 42.44 36.33 -11.82
C GLY J 27 43.42 37.30 -11.20
N ARG J 28 42.93 38.47 -10.79
CA ARG J 28 43.81 39.51 -10.25
C ARG J 28 44.52 39.05 -8.99
N VAL J 29 43.92 38.12 -8.24
CA VAL J 29 44.44 37.77 -6.92
C VAL J 29 45.68 36.90 -7.04
N GLN J 30 45.53 35.75 -7.71
CA GLN J 30 46.69 34.90 -7.98
C GLN J 30 47.68 35.58 -8.92
N ALA J 31 47.23 36.54 -9.72
CA ALA J 31 48.14 37.28 -10.60
C ALA J 31 49.07 38.17 -9.78
N THR J 32 48.49 39.07 -9.00
CA THR J 32 49.28 40.06 -8.27
C THR J 32 50.21 39.40 -7.25
N ILE J 33 49.71 38.39 -6.54
CA ILE J 33 50.50 37.74 -5.51
C ILE J 33 51.75 37.11 -6.11
N MET J 34 51.66 36.66 -7.36
CA MET J 34 52.83 36.08 -8.02
C MET J 34 53.74 37.14 -8.63
N ARG J 35 53.24 38.35 -8.87
CA ARG J 35 54.11 39.46 -9.26
C ARG J 35 54.73 40.10 -8.03
N GLU J 36 53.99 40.15 -6.93
CA GLU J 36 54.55 40.60 -5.67
C GLU J 36 55.65 39.67 -5.17
N ASN J 37 55.68 38.43 -5.66
CA ASN J 37 56.74 37.48 -5.35
C ASN J 37 57.85 37.47 -6.39
N GLY J 38 57.85 38.43 -7.33
CA GLY J 38 58.92 38.56 -8.28
C GLY J 38 59.03 37.39 -9.23
N LEU J 39 58.04 37.24 -10.12
CA LEU J 39 57.98 36.11 -11.06
C LEU J 39 57.47 36.62 -12.40
N ASN J 40 58.18 36.28 -13.48
CA ASN J 40 57.78 36.70 -14.82
C ASN J 40 56.47 36.02 -15.20
N VAL J 41 55.39 36.80 -15.26
CA VAL J 41 54.06 36.30 -15.61
C VAL J 41 53.44 37.25 -16.63
N ILE J 42 52.62 36.67 -17.52
CA ILE J 42 51.88 37.44 -18.51
C ILE J 42 50.39 37.21 -18.27
N VAL J 43 49.58 38.05 -18.93
CA VAL J 43 48.16 38.17 -18.63
C VAL J 43 47.42 38.11 -19.97
N GLY J 44 46.93 36.93 -20.33
CA GLY J 44 46.17 36.79 -21.57
C GLY J 44 44.68 37.00 -21.31
N ASN J 45 44.05 37.76 -22.20
CA ASN J 45 42.65 38.14 -22.04
C ASN J 45 42.09 38.55 -23.39
N VAL J 46 40.76 38.68 -23.43
CA VAL J 46 40.10 39.52 -24.41
C VAL J 46 40.10 40.95 -23.88
N LYS J 47 40.03 41.92 -24.79
CA LYS J 47 40.20 43.32 -24.44
C LYS J 47 38.85 43.94 -24.10
N ASP J 48 38.69 44.33 -22.84
CA ASP J 48 37.47 44.95 -22.34
C ASP J 48 37.90 45.91 -21.22
N LYS J 49 36.95 46.30 -20.36
CA LYS J 49 37.28 47.15 -19.22
C LYS J 49 38.28 46.47 -18.28
N TYR J 50 38.27 45.12 -18.26
CA TYR J 50 39.23 44.41 -17.43
C TYR J 50 40.64 44.48 -18.01
N TYR J 51 40.76 44.70 -19.32
CA TYR J 51 42.07 44.89 -19.92
C TYR J 51 42.61 46.27 -19.60
N GLU J 52 41.86 47.32 -19.96
CA GLU J 52 42.29 48.69 -19.74
C GLU J 52 42.67 48.92 -18.28
N LEU J 53 41.88 48.37 -17.36
CA LEU J 53 42.33 48.18 -15.99
C LEU J 53 43.67 47.46 -15.98
N ALA J 54 43.71 46.25 -16.55
CA ALA J 54 44.88 45.39 -16.43
C ALA J 54 46.10 45.93 -17.16
N LYS J 55 45.92 46.92 -18.03
CA LYS J 55 47.07 47.60 -18.63
C LYS J 55 47.54 48.76 -17.77
N LYS J 56 46.65 49.31 -16.95
CA LYS J 56 47.04 50.32 -15.98
C LYS J 56 47.89 49.75 -14.85
N GLU J 57 47.97 48.42 -14.71
CA GLU J 57 48.70 47.77 -13.65
C GLU J 57 50.08 47.29 -14.06
N GLY J 58 50.51 47.59 -15.30
CA GLY J 58 51.84 47.26 -15.75
C GLY J 58 52.00 45.88 -16.35
N PHE J 59 51.00 45.01 -16.18
CA PHE J 59 51.10 43.66 -16.71
C PHE J 59 51.24 43.68 -18.22
N GLU J 60 51.90 42.64 -18.75
CA GLU J 60 52.01 42.46 -20.19
C GLU J 60 50.79 41.66 -20.65
N VAL J 61 50.02 42.24 -21.57
CA VAL J 61 48.90 41.55 -22.18
C VAL J 61 49.28 41.14 -23.61
N TYR J 62 48.99 39.89 -23.93
CA TYR J 62 48.96 39.38 -25.29
C TYR J 62 47.59 38.75 -25.50
N GLU J 63 47.29 38.42 -26.74
CA GLU J 63 46.10 37.61 -26.99
C GLU J 63 46.32 36.19 -26.46
N ILE J 64 45.23 35.45 -26.34
CA ILE J 64 45.22 34.17 -25.64
C ILE J 64 46.15 33.19 -26.33
N ASP J 65 45.89 32.89 -27.59
CA ASP J 65 46.72 31.94 -28.33
C ASP J 65 48.15 32.44 -28.51
N GLU J 66 48.41 33.72 -28.26
CA GLU J 66 49.78 34.22 -28.21
C GLU J 66 50.36 34.03 -26.81
N ALA J 67 49.53 34.20 -25.79
CA ALA J 67 50.01 34.12 -24.41
C ALA J 67 50.39 32.69 -24.05
N VAL J 68 49.50 31.73 -24.32
CA VAL J 68 49.76 30.36 -23.91
C VAL J 68 50.89 29.76 -24.73
N ARG J 69 51.18 30.32 -25.91
CA ARG J 69 52.39 29.96 -26.64
C ARG J 69 53.62 30.51 -25.96
N ARG J 70 53.55 31.75 -25.48
CA ARG J 70 54.71 32.38 -24.86
C ARG J 70 55.15 31.66 -23.59
N SER J 71 54.20 31.13 -22.84
CA SER J 71 54.45 30.68 -21.48
C SER J 71 54.83 29.20 -21.45
N ASP J 72 55.01 28.69 -20.24
CA ASP J 72 55.33 27.30 -19.97
C ASP J 72 54.22 26.59 -19.21
N VAL J 73 53.53 27.32 -18.33
CA VAL J 73 52.33 26.83 -17.66
C VAL J 73 51.35 27.99 -17.63
N ALA J 74 50.08 27.67 -17.34
CA ALA J 74 49.06 28.69 -17.32
C ALA J 74 47.97 28.34 -16.33
N LEU J 75 47.35 29.38 -15.79
CA LEU J 75 46.29 29.27 -14.78
C LEU J 75 45.00 29.74 -15.45
N LEU J 76 44.23 28.77 -15.95
CA LEU J 76 43.06 29.05 -16.78
C LEU J 76 41.91 29.51 -15.89
N LEU J 77 42.02 30.74 -15.41
CA LEU J 77 41.06 31.31 -14.46
C LEU J 77 39.90 31.98 -15.19
N ILE J 78 39.21 31.19 -16.00
CA ILE J 78 37.95 31.58 -16.63
C ILE J 78 36.89 30.64 -16.08
N PRO J 79 35.60 30.97 -16.19
CA PRO J 79 34.57 30.15 -15.54
C PRO J 79 34.50 28.73 -16.06
N ASP J 80 33.67 27.92 -15.41
CA ASP J 80 33.41 26.55 -15.85
C ASP J 80 32.39 26.49 -16.98
N GLU J 81 31.95 27.64 -17.50
CA GLU J 81 30.84 27.74 -18.43
C GLU J 81 31.28 28.00 -19.87
N VAL J 82 32.27 28.87 -20.05
CA VAL J 82 32.76 29.23 -21.39
C VAL J 82 34.24 28.90 -21.49
N MET J 83 34.69 27.87 -20.78
CA MET J 83 36.02 27.32 -20.98
C MET J 83 36.03 26.34 -22.14
N LYS J 84 34.91 25.66 -22.39
CA LYS J 84 34.85 24.66 -23.45
C LYS J 84 35.02 25.31 -24.81
N GLU J 85 34.39 26.47 -25.02
CA GLU J 85 34.51 27.14 -26.31
C GLU J 85 35.94 27.61 -26.57
N VAL J 86 36.65 28.06 -25.54
CA VAL J 86 37.97 28.65 -25.74
C VAL J 86 39.05 27.59 -25.88
N TYR J 87 38.88 26.43 -25.25
CA TYR J 87 39.80 25.32 -25.48
C TYR J 87 39.58 24.70 -26.85
N GLU J 88 38.32 24.52 -27.24
CA GLU J 88 38.01 23.90 -28.53
C GLU J 88 38.46 24.79 -29.68
N LYS J 89 38.28 26.10 -29.55
CA LYS J 89 38.47 27.00 -30.68
C LYS J 89 39.92 27.49 -30.78
N LYS J 90 40.43 28.10 -29.71
CA LYS J 90 41.70 28.81 -29.77
C LYS J 90 42.88 27.98 -29.28
N ILE J 91 42.85 27.53 -28.03
CA ILE J 91 44.06 27.02 -27.38
C ILE J 91 44.45 25.67 -27.94
N ALA J 92 43.57 24.68 -27.81
CA ALA J 92 43.92 23.27 -28.02
C ALA J 92 44.57 22.98 -29.36
N PRO J 93 44.19 23.64 -30.47
CA PRO J 93 44.97 23.46 -31.71
C PRO J 93 46.40 23.93 -31.62
N VAL J 94 46.75 24.74 -30.61
CA VAL J 94 48.12 25.18 -30.42
C VAL J 94 48.93 24.20 -29.57
N LEU J 95 48.28 23.52 -28.62
CA LEU J 95 49.02 22.76 -27.62
C LEU J 95 49.68 21.51 -28.19
N GLN J 96 49.29 21.07 -29.39
CA GLN J 96 50.04 20.03 -30.07
C GLN J 96 51.38 20.52 -30.59
N GLY J 97 51.62 21.83 -30.61
CA GLY J 97 52.89 22.39 -31.02
C GLY J 97 53.85 22.58 -29.87
N LYS J 98 53.70 21.77 -28.81
CA LYS J 98 54.57 21.82 -27.65
C LYS J 98 54.94 20.41 -27.23
N LYS J 99 55.99 20.32 -26.43
CA LYS J 99 56.56 19.04 -25.99
C LYS J 99 56.47 18.84 -24.49
N GLU J 100 56.46 19.90 -23.69
CA GLU J 100 56.11 19.84 -22.29
C GLU J 100 55.29 21.07 -21.97
N PHE J 101 54.20 20.88 -21.23
CA PHE J 101 53.34 22.00 -20.88
C PHE J 101 52.44 21.56 -19.74
N VAL J 102 51.82 22.55 -19.12
CA VAL J 102 50.89 22.35 -18.02
C VAL J 102 49.71 23.30 -18.21
N LEU J 103 48.56 22.92 -17.66
CA LEU J 103 47.34 23.69 -17.79
C LEU J 103 46.64 23.65 -16.43
N ASP J 104 46.85 24.69 -15.64
CA ASP J 104 46.40 24.73 -14.26
C ASP J 104 44.97 25.25 -14.21
N PHE J 105 44.06 24.39 -13.78
CA PHE J 105 42.66 24.74 -13.70
C PHE J 105 42.34 25.28 -12.31
N ALA J 106 41.10 25.72 -12.13
CA ALA J 106 40.60 26.23 -10.87
C ALA J 106 39.35 25.52 -10.39
N SER J 107 38.48 25.11 -11.31
CA SER J 107 37.31 24.31 -10.98
C SER J 107 37.18 23.21 -12.01
N GLY J 108 37.20 21.96 -11.55
CA GLY J 108 37.29 20.81 -12.42
C GLY J 108 35.95 20.28 -12.90
N TYR J 109 34.95 21.14 -12.95
CA TYR J 109 33.66 20.74 -13.53
C TYR J 109 33.81 20.38 -15.01
N ASN J 110 34.81 20.94 -15.69
CA ASN J 110 34.99 20.77 -17.11
C ASN J 110 36.03 19.71 -17.46
N VAL J 111 36.46 18.90 -16.49
CA VAL J 111 37.44 17.84 -16.73
C VAL J 111 36.85 16.52 -16.25
N ALA J 112 36.44 16.47 -14.99
CA ALA J 112 35.96 15.23 -14.41
C ALA J 112 34.73 14.70 -15.13
N PHE J 113 33.93 15.59 -15.71
CA PHE J 113 32.80 15.20 -16.55
C PHE J 113 33.16 15.09 -18.02
N GLY J 114 34.45 15.07 -18.35
CA GLY J 114 34.90 14.80 -19.69
C GLY J 114 34.50 15.81 -20.75
N LEU J 115 34.07 17.00 -20.34
CA LEU J 115 33.69 18.02 -21.31
C LEU J 115 34.91 18.55 -22.06
N ILE J 116 36.10 18.46 -21.47
CA ILE J 116 37.35 18.81 -22.12
C ILE J 116 38.29 17.63 -21.97
N ARG J 117 39.11 17.41 -23.00
CA ARG J 117 40.02 16.27 -23.05
C ARG J 117 41.36 16.77 -23.59
N PRO J 118 42.29 17.13 -22.71
CA PRO J 118 43.59 17.60 -23.19
C PRO J 118 44.41 16.46 -23.77
N PRO J 119 45.46 16.76 -24.54
CA PRO J 119 46.22 15.68 -25.20
C PRO J 119 47.12 14.88 -24.28
N LYS J 120 47.92 14.00 -24.87
CA LYS J 120 48.73 13.03 -24.15
C LYS J 120 50.07 13.59 -23.69
N SER J 121 50.61 14.57 -24.43
CA SER J 121 51.92 15.13 -24.15
C SER J 121 51.85 16.30 -23.17
N VAL J 122 50.83 16.33 -22.32
CA VAL J 122 50.51 17.49 -21.50
C VAL J 122 50.21 17.04 -20.08
N ASP J 123 50.57 17.89 -19.12
CA ASP J 123 50.23 17.70 -17.72
C ASP J 123 49.01 18.52 -17.37
N THR J 124 48.18 17.99 -16.48
CA THR J 124 46.98 18.68 -16.01
C THR J 124 46.97 18.63 -14.49
N ILE J 125 46.56 19.74 -13.88
CA ILE J 125 46.59 19.87 -12.43
C ILE J 125 45.39 20.71 -11.99
N MET J 126 45.24 20.88 -10.68
CA MET J 126 44.13 21.61 -10.09
C MET J 126 44.64 22.38 -8.89
N VAL J 127 44.28 23.65 -8.82
CA VAL J 127 44.59 24.48 -7.65
C VAL J 127 43.36 25.31 -7.34
N ALA J 128 42.57 24.86 -6.37
CA ALA J 128 41.29 25.47 -6.05
C ALA J 128 41.39 26.26 -4.76
N PRO J 129 41.33 27.60 -4.80
CA PRO J 129 41.19 28.33 -3.53
C PRO J 129 39.89 28.03 -2.82
N ARG J 130 39.96 27.36 -1.68
CA ARG J 130 38.80 27.18 -0.80
C ARG J 130 38.74 28.36 0.15
N MET J 131 38.30 29.49 -0.40
CA MET J 131 38.32 30.76 0.31
C MET J 131 37.37 31.70 -0.39
N VAL J 132 37.03 32.79 0.30
CA VAL J 132 36.09 33.77 -0.25
C VAL J 132 36.62 34.40 -1.52
N GLY J 133 37.94 34.43 -1.70
CA GLY J 133 38.54 35.00 -2.89
C GLY J 133 38.90 36.46 -2.71
N GLU J 134 37.93 37.28 -2.31
CA GLU J 134 38.21 38.70 -2.11
C GLU J 134 39.04 38.93 -0.86
N GLY J 135 38.72 38.23 0.24
CA GLY J 135 39.47 38.38 1.47
C GLY J 135 40.92 37.96 1.38
N ILE J 136 41.30 37.22 0.33
CA ILE J 136 42.69 36.81 0.18
C ILE J 136 43.58 38.03 0.01
N MET J 137 43.08 39.06 -0.67
CA MET J 137 43.81 40.32 -0.74
C MET J 137 43.80 41.02 0.61
N ASP J 138 42.70 40.90 1.36
CA ASP J 138 42.68 41.37 2.74
C ASP J 138 43.56 40.52 3.64
N LEU J 139 44.02 39.34 3.16
CA LEU J 139 44.87 38.44 3.92
C LEU J 139 46.31 38.43 3.45
N HIS J 140 46.59 38.83 2.19
CA HIS J 140 47.98 38.94 1.76
C HIS J 140 48.65 40.18 2.31
N LYS J 141 47.88 41.23 2.60
CA LYS J 141 48.39 42.35 3.37
C LYS J 141 48.53 42.02 4.86
N GLN J 142 48.15 40.82 5.28
CA GLN J 142 48.36 40.33 6.64
C GLN J 142 49.59 39.42 6.71
N GLY J 143 49.68 38.45 5.80
CA GLY J 143 50.76 37.51 5.74
C GLY J 143 50.39 36.07 6.10
N LYS J 144 49.13 35.80 6.43
CA LYS J 144 48.66 34.46 6.75
C LYS J 144 47.95 33.89 5.52
N GLY J 145 48.34 32.69 5.12
CA GLY J 145 47.82 32.10 3.90
C GLY J 145 46.42 31.54 4.03
N TYR J 146 46.15 30.44 3.32
CA TYR J 146 44.79 29.90 3.26
C TYR J 146 44.80 28.50 2.67
N PRO J 147 43.69 27.75 2.72
CA PRO J 147 43.68 26.39 2.17
C PRO J 147 43.57 26.37 0.65
N VAL J 148 44.02 25.26 0.07
CA VAL J 148 43.83 24.96 -1.34
C VAL J 148 43.53 23.49 -1.49
N LEU J 149 43.30 23.08 -2.73
CA LEU J 149 43.14 21.68 -3.11
C LEU J 149 44.06 21.37 -4.27
N LEU J 150 44.43 20.10 -4.40
CA LEU J 150 45.37 19.66 -5.41
C LEU J 150 44.89 18.36 -6.02
N GLY J 151 45.30 18.13 -7.27
CA GLY J 151 44.87 16.95 -7.98
C GLY J 151 45.58 16.83 -9.31
N VAL J 152 45.42 15.65 -9.92
CA VAL J 152 46.05 15.33 -11.18
C VAL J 152 45.06 14.54 -12.03
N LYS J 153 45.03 14.84 -13.32
CA LYS J 153 44.31 14.05 -14.31
C LYS J 153 45.25 13.24 -15.19
N GLN J 154 46.42 13.78 -15.51
CA GLN J 154 47.41 13.04 -16.28
C GLN J 154 48.80 13.58 -15.97
N ASP J 155 49.78 12.68 -15.96
CA ASP J 155 51.17 13.02 -15.72
C ASP J 155 52.02 12.29 -16.75
N ALA J 156 52.65 13.06 -17.64
CA ALA J 156 53.60 12.53 -18.63
C ALA J 156 54.93 13.25 -18.53
N SER J 157 55.30 13.66 -17.31
CA SER J 157 56.59 14.29 -17.04
C SER J 157 57.25 13.78 -15.77
N GLY J 158 56.57 12.94 -14.97
CA GLY J 158 57.08 12.54 -13.68
C GLY J 158 57.07 13.61 -12.62
N LYS J 159 56.65 14.83 -12.93
CA LYS J 159 56.69 15.96 -12.01
C LYS J 159 55.37 16.73 -12.05
N ALA J 160 54.26 16.00 -12.06
CA ALA J 160 52.96 16.66 -11.94
C ALA J 160 52.76 17.21 -10.54
N TRP J 161 53.48 16.68 -9.55
CA TRP J 161 53.30 17.07 -8.15
C TRP J 161 54.31 18.13 -7.72
N ASP J 162 55.55 18.05 -8.18
CA ASP J 162 56.53 19.07 -7.85
C ASP J 162 56.18 20.41 -8.49
N TYR J 163 55.31 20.42 -9.49
CA TYR J 163 54.73 21.68 -9.96
C TYR J 163 53.57 22.10 -9.06
N ALA J 164 52.59 21.22 -8.89
CA ALA J 164 51.37 21.57 -8.16
C ALA J 164 51.67 21.95 -6.73
N LYS J 165 52.49 21.15 -6.04
CA LYS J 165 52.91 21.49 -4.69
C LYS J 165 53.64 22.83 -4.66
N ALA J 166 54.31 23.19 -5.76
CA ALA J 166 55.13 24.38 -5.78
C ALA J 166 54.34 25.62 -6.18
N ILE J 167 53.27 25.45 -6.97
CA ILE J 167 52.44 26.59 -7.36
C ILE J 167 51.80 27.23 -6.13
N ALA J 168 51.21 26.40 -5.26
CA ALA J 168 50.44 26.91 -4.13
C ALA J 168 51.26 27.80 -3.22
N LYS J 169 52.58 27.63 -3.16
CA LYS J 169 53.41 28.54 -2.38
C LYS J 169 53.46 29.92 -3.01
N GLY J 170 53.20 30.02 -4.31
CA GLY J 170 53.31 31.28 -5.01
C GLY J 170 52.04 32.11 -5.08
N ILE J 171 50.92 31.58 -4.57
CA ILE J 171 49.64 32.29 -4.59
C ILE J 171 49.20 32.55 -3.16
N GLY J 172 50.15 32.73 -2.25
CA GLY J 172 49.84 33.12 -0.89
C GLY J 172 49.10 32.08 -0.08
N ALA J 173 49.20 30.80 -0.45
CA ALA J 173 48.50 29.73 0.26
C ALA J 173 49.38 28.99 1.26
N ILE J 174 50.67 28.85 0.96
CA ILE J 174 51.60 28.15 1.84
C ILE J 174 52.98 28.79 1.72
N PRO J 175 53.87 28.56 2.70
CA PRO J 175 53.63 28.02 4.04
C PRO J 175 52.90 29.02 4.92
N GLY J 176 51.98 28.53 5.74
CA GLY J 176 51.18 29.35 6.62
C GLY J 176 49.75 28.88 6.66
N GLY J 177 49.29 28.33 5.55
CA GLY J 177 48.03 27.59 5.49
C GLY J 177 48.31 26.11 5.41
N ILE J 178 47.47 25.41 4.65
CA ILE J 178 47.75 24.04 4.26
C ILE J 178 47.28 23.82 2.84
N ALA J 179 47.52 22.62 2.33
CA ALA J 179 47.05 22.20 1.02
C ALA J 179 46.65 20.75 1.14
N VAL J 180 45.53 20.38 0.51
CA VAL J 180 44.95 19.06 0.65
C VAL J 180 44.98 18.38 -0.71
N ILE J 181 45.13 17.06 -0.68
CA ILE J 181 45.36 16.27 -1.87
C ILE J 181 44.06 15.55 -2.23
N SER J 182 43.59 15.79 -3.45
CA SER J 182 42.31 15.28 -3.91
C SER J 182 42.43 15.05 -5.42
N SER J 183 41.30 14.91 -6.08
CA SER J 183 41.21 14.72 -7.53
C SER J 183 40.33 15.82 -8.11
N PHE J 184 40.09 15.72 -9.42
CA PHE J 184 39.06 16.53 -10.05
C PHE J 184 37.68 15.98 -9.73
N GLU J 185 37.56 14.66 -9.69
CA GLU J 185 36.28 14.02 -9.49
C GLU J 185 35.70 14.35 -8.12
N GLU J 186 36.57 14.50 -7.12
CA GLU J 186 36.15 14.95 -5.80
C GLU J 186 36.02 16.46 -5.71
N GLU J 187 36.74 17.20 -6.56
CA GLU J 187 36.66 18.65 -6.55
C GLU J 187 35.26 19.11 -6.96
N ALA J 188 34.74 18.54 -8.04
CA ALA J 188 33.46 18.99 -8.56
C ALA J 188 32.30 18.56 -7.67
N LEU J 189 32.43 17.42 -6.99
CA LEU J 189 31.34 16.94 -6.16
C LEU J 189 31.14 17.84 -4.95
N LEU J 190 32.20 18.09 -4.19
CA LEU J 190 32.08 18.94 -3.02
C LEU J 190 31.72 20.37 -3.41
N ASP J 191 32.22 20.82 -4.55
CA ASP J 191 31.87 22.16 -5.04
C ASP J 191 30.45 22.23 -5.57
N LEU J 192 29.82 21.09 -5.83
CA LEU J 192 28.44 21.03 -6.32
C LEU J 192 27.46 20.57 -5.26
N MET J 193 27.87 19.64 -4.39
CA MET J 193 26.98 19.15 -3.35
C MET J 193 26.59 20.23 -2.36
N SER J 194 27.34 21.33 -2.30
CA SER J 194 26.95 22.45 -1.47
C SER J 194 25.90 23.30 -2.16
N GLU J 195 26.00 23.45 -3.48
CA GLU J 195 25.07 24.25 -4.25
C GLU J 195 23.83 23.48 -4.68
N HIS J 196 23.56 22.32 -4.06
CA HIS J 196 22.42 21.49 -4.41
C HIS J 196 21.63 21.07 -3.18
N THR J 197 22.31 20.92 -2.03
CA THR J 197 21.75 20.18 -0.90
C THR J 197 21.46 21.06 0.30
N TRP J 198 22.45 21.73 0.88
CA TRP J 198 22.23 22.52 2.09
C TRP J 198 22.07 24.00 1.82
N VAL J 199 22.29 24.46 0.59
CA VAL J 199 21.96 25.83 0.20
C VAL J 199 20.45 25.95 -0.01
N PRO J 200 19.84 25.17 -0.92
CA PRO J 200 18.42 25.40 -1.20
C PRO J 200 17.50 24.95 -0.07
N ILE J 201 17.84 23.84 0.59
CA ILE J 201 17.04 23.38 1.72
C ILE J 201 17.04 24.40 2.84
N LEU J 202 18.03 25.28 2.90
CA LEU J 202 17.95 26.44 3.78
C LEU J 202 16.93 27.44 3.26
N PHE J 203 17.11 27.88 2.01
CA PHE J 203 16.19 28.84 1.42
C PHE J 203 14.80 28.23 1.21
N GLY J 204 14.71 26.90 1.19
CA GLY J 204 13.42 26.25 1.04
C GLY J 204 12.62 26.16 2.32
N ALA J 205 13.27 26.37 3.47
CA ALA J 205 12.59 26.32 4.75
C ALA J 205 12.09 27.69 5.18
N ILE J 206 12.92 28.72 5.03
CA ILE J 206 12.49 30.09 5.28
C ILE J 206 11.27 30.43 4.43
N LYS J 207 11.28 29.99 3.17
CA LYS J 207 10.13 30.21 2.30
C LYS J 207 8.88 29.50 2.85
N ALA J 208 9.07 28.44 3.63
CA ALA J 208 7.97 27.68 4.20
C ALA J 208 7.81 27.87 5.70
N CYS J 209 8.73 28.58 6.35
CA CYS J 209 8.47 29.09 7.68
C CYS J 209 7.82 30.47 7.64
N TYR J 210 7.82 31.12 6.48
CA TYR J 210 7.07 32.34 6.25
C TYR J 210 5.68 32.03 5.71
N ASP J 211 5.60 31.16 4.70
CA ASP J 211 4.32 30.81 4.09
C ASP J 211 3.39 30.09 5.05
N ILE J 212 3.87 29.64 6.21
CA ILE J 212 3.05 28.94 7.20
C ILE J 212 2.71 29.92 8.32
N ALA J 213 3.60 30.86 8.60
CA ALA J 213 3.37 31.80 9.68
C ALA J 213 2.38 32.89 9.28
N VAL J 214 2.41 33.31 8.02
CA VAL J 214 1.55 34.40 7.58
C VAL J 214 0.18 33.87 7.18
N LYS J 215 0.14 32.91 6.25
CA LYS J 215 -1.10 32.53 5.59
C LYS J 215 -1.94 31.55 6.39
N GLU J 216 -1.43 30.99 7.49
CA GLU J 216 -2.12 29.93 8.22
C GLU J 216 -2.22 30.21 9.71
N TYR J 217 -1.29 31.01 10.26
CA TYR J 217 -1.19 31.23 11.69
C TYR J 217 -1.28 32.70 12.08
N GLY J 218 -1.65 33.58 11.15
CA GLY J 218 -1.99 34.95 11.50
C GLY J 218 -0.85 35.76 12.11
N VAL J 219 0.15 36.08 11.30
CA VAL J 219 1.35 36.78 11.76
C VAL J 219 1.57 38.01 10.89
N SER J 220 2.14 39.03 11.49
CA SER J 220 2.51 40.23 10.76
C SER J 220 3.68 39.93 9.83
N PRO J 221 3.59 40.23 8.53
CA PRO J 221 4.75 39.98 7.65
C PRO J 221 6.00 40.73 8.06
N GLU J 222 5.88 41.95 8.57
CA GLU J 222 7.05 42.73 8.91
C GLU J 222 7.85 42.12 10.04
N ALA J 223 7.23 41.28 10.87
CA ALA J 223 7.92 40.62 11.97
C ALA J 223 8.52 39.28 11.59
N ALA J 224 7.88 38.56 10.66
CA ALA J 224 8.34 37.23 10.30
C ALA J 224 9.73 37.27 9.68
N LEU J 225 10.06 38.35 8.97
CA LEU J 225 11.37 38.46 8.36
C LEU J 225 12.43 38.91 9.35
N LEU J 226 12.04 39.72 10.34
CA LEU J 226 13.00 40.25 11.29
C LEU J 226 13.60 39.16 12.18
N GLU J 227 12.93 38.02 12.28
CA GLU J 227 13.43 36.92 13.10
C GLU J 227 14.25 35.93 12.28
N PHE J 228 13.91 35.73 11.00
CA PHE J 228 14.60 34.73 10.20
C PHE J 228 15.93 35.26 9.66
N TYR J 229 15.88 36.28 8.79
CA TYR J 229 17.04 36.66 8.02
C TYR J 229 17.17 38.16 7.74
N ALA J 230 16.33 39.01 8.33
CA ALA J 230 16.59 40.44 8.27
C ALA J 230 17.69 40.87 9.22
N SER J 231 18.06 40.01 10.16
CA SER J 231 19.09 40.29 11.15
C SER J 231 20.40 39.62 10.77
N GLY J 232 21.48 40.07 11.41
CA GLY J 232 22.78 39.47 11.22
C GLY J 232 23.04 38.27 12.10
N GLU J 233 21.97 37.70 12.69
CA GLU J 233 22.14 36.56 13.58
C GLU J 233 22.76 35.36 12.85
N LEU J 234 22.54 35.23 11.54
CA LEU J 234 23.18 34.14 10.81
C LEU J 234 24.69 34.33 10.80
N ALA J 235 25.16 35.57 10.68
CA ALA J 235 26.58 35.85 10.78
C ALA J 235 27.13 35.47 12.15
N GLU J 236 26.31 35.62 13.20
CA GLU J 236 26.71 35.17 14.52
C GLU J 236 26.58 33.67 14.70
N ILE J 237 26.02 32.97 13.72
CA ILE J 237 26.11 31.52 13.66
C ILE J 237 27.25 31.08 12.75
N ALA J 238 27.57 31.88 11.73
CA ALA J 238 28.62 31.54 10.78
C ALA J 238 30.00 31.94 11.27
N ARG J 239 30.12 33.13 11.86
CA ARG J 239 31.39 33.55 12.44
C ARG J 239 31.81 32.62 13.56
N LEU J 240 30.85 32.16 14.38
CA LEU J 240 31.18 31.30 15.50
C LEU J 240 31.45 29.87 15.03
N ILE J 241 30.72 29.40 14.02
CA ILE J 241 30.96 28.07 13.47
C ILE J 241 32.35 28.00 12.85
N ALA J 242 32.84 29.13 12.33
CA ALA J 242 34.16 29.15 11.72
C ALA J 242 35.27 29.25 12.74
N GLU J 243 34.98 29.79 13.93
CA GLU J 243 35.99 30.05 14.96
C GLU J 243 36.03 28.96 16.02
N GLU J 244 34.90 28.37 16.38
CA GLU J 244 34.77 27.57 17.58
C GLU J 244 34.56 26.08 17.29
N GLY J 245 33.58 25.75 16.46
CA GLY J 245 33.19 24.38 16.25
C GLY J 245 31.70 24.25 16.03
N ILE J 246 31.31 23.50 15.01
CA ILE J 246 29.91 23.41 14.61
C ILE J 246 29.02 22.78 15.68
N PHE J 247 29.61 22.10 16.66
CA PHE J 247 28.89 21.63 17.84
C PHE J 247 29.51 22.21 19.11
N ASN J 248 30.06 23.42 19.02
CA ASN J 248 30.62 24.13 20.17
C ASN J 248 30.24 25.61 20.18
N GLN J 249 29.49 26.09 19.19
CA GLN J 249 28.94 27.43 19.21
C GLN J 249 27.65 27.52 20.02
N MET J 250 27.19 26.41 20.58
CA MET J 250 25.85 26.32 21.17
C MET J 250 25.85 26.56 22.67
N VAL J 251 27.01 26.45 23.33
CA VAL J 251 27.10 26.82 24.74
C VAL J 251 26.78 28.31 24.91
N HIS J 252 27.10 29.11 23.90
CA HIS J 252 26.86 30.55 23.98
C HIS J 252 25.37 30.86 23.99
N HIS J 253 24.56 30.01 23.39
CA HIS J 253 23.11 30.13 23.43
C HIS J 253 22.59 29.52 24.73
N SER J 254 21.27 29.38 24.85
CA SER J 254 20.62 28.81 26.01
C SER J 254 20.09 27.41 25.70
N THR J 255 19.69 26.70 26.74
CA THR J 255 19.28 25.31 26.58
C THR J 255 17.96 25.19 25.82
N THR J 256 17.06 26.15 25.97
CA THR J 256 15.85 26.18 25.15
C THR J 256 16.17 26.23 23.66
N SER J 257 17.33 26.78 23.30
CA SER J 257 17.78 26.81 21.92
C SER J 257 18.61 25.59 21.56
N GLN J 258 19.22 24.94 22.56
CA GLN J 258 20.00 23.74 22.31
C GLN J 258 19.11 22.50 22.23
N TYR J 259 18.17 22.37 23.17
CA TYR J 259 17.40 21.13 23.27
C TYR J 259 16.51 20.92 22.06
N GLY J 260 15.83 21.97 21.62
CA GLY J 260 14.99 21.85 20.44
C GLY J 260 15.78 21.54 19.19
N THR J 261 17.01 22.04 19.12
CA THR J 261 17.87 21.78 17.97
C THR J 261 18.23 20.30 17.89
N LEU J 262 18.86 19.78 18.94
CA LEU J 262 19.44 18.44 18.88
C LEU J 262 18.37 17.37 18.79
N THR J 263 17.25 17.54 19.48
CA THR J 263 16.16 16.58 19.39
C THR J 263 15.58 16.48 17.99
N ARG J 264 15.76 17.51 17.17
CA ARG J 264 15.23 17.56 15.82
C ARG J 264 16.31 17.41 14.75
N MET J 265 17.58 17.50 15.13
CA MET J 265 18.65 17.25 14.16
C MET J 265 18.79 15.76 13.87
N PHE J 266 18.61 14.92 14.89
CA PHE J 266 18.64 13.48 14.73
C PHE J 266 17.31 12.90 14.31
N LYS J 267 16.22 13.67 14.46
CA LYS J 267 14.92 13.23 13.98
C LYS J 267 14.76 13.39 12.48
N TYR J 268 15.64 14.15 11.83
CA TYR J 268 15.56 14.44 10.41
C TYR J 268 16.85 14.12 9.67
N TYR J 269 17.85 13.56 10.35
CA TYR J 269 19.04 13.07 9.68
C TYR J 269 18.73 11.94 8.71
N ASP J 270 17.61 11.23 8.91
CA ASP J 270 17.22 10.13 8.06
C ASP J 270 16.29 10.56 6.93
N VAL J 271 16.19 11.86 6.65
CA VAL J 271 15.43 12.37 5.51
C VAL J 271 16.31 13.20 4.59
N VAL J 272 17.13 14.08 5.15
CA VAL J 272 18.12 14.80 4.34
C VAL J 272 19.22 13.86 3.87
N ARG J 273 19.37 12.69 4.50
CA ARG J 273 20.22 11.64 3.97
C ARG J 273 19.69 11.15 2.63
N ARG J 274 18.39 10.85 2.57
CA ARG J 274 17.80 10.35 1.33
C ARG J 274 17.75 11.45 0.26
N ILE J 275 17.64 12.70 0.68
CA ILE J 275 17.66 13.81 -0.27
C ILE J 275 19.03 13.92 -0.92
N VAL J 276 20.08 13.66 -0.14
CA VAL J 276 21.45 13.87 -0.61
C VAL J 276 21.96 12.66 -1.37
N GLU J 277 21.62 11.46 -0.92
CA GLU J 277 21.97 10.25 -1.66
C GLU J 277 21.48 10.32 -3.10
N ASN J 278 20.26 10.79 -3.31
CA ASN J 278 19.75 10.93 -4.67
C ASN J 278 20.45 12.05 -5.41
N GLU J 279 20.87 13.10 -4.68
CA GLU J 279 21.48 14.25 -5.35
C GLU J 279 22.94 14.03 -5.67
N ALA J 280 23.59 13.05 -5.04
CA ALA J 280 24.98 12.75 -5.33
C ALA J 280 25.11 11.71 -6.43
N LYS J 281 24.20 10.73 -6.45
CA LYS J 281 24.14 9.79 -7.55
C LYS J 281 23.76 10.49 -8.85
N TYR J 282 23.02 11.60 -8.76
CA TYR J 282 22.67 12.41 -9.92
C TYR J 282 23.81 13.31 -10.39
N ILE J 283 24.98 13.25 -9.76
CA ILE J 283 26.14 14.04 -10.13
C ILE J 283 27.32 13.14 -10.44
N TRP J 284 27.54 12.10 -9.62
CA TRP J 284 28.61 11.14 -9.85
C TRP J 284 28.50 10.50 -11.22
N ASP J 285 27.28 10.29 -11.71
CA ASP J 285 27.04 9.70 -13.01
C ASP J 285 27.06 10.71 -14.14
N GLY J 286 27.39 11.98 -13.85
CA GLY J 286 27.41 12.98 -14.90
C GLY J 286 26.05 13.33 -15.46
N SER J 287 24.97 13.00 -14.75
CA SER J 287 23.63 13.35 -15.19
C SER J 287 23.24 14.78 -14.84
N PHE J 288 24.19 15.64 -14.47
CA PHE J 288 23.94 17.05 -14.27
C PHE J 288 24.51 17.88 -15.42
N ALA J 289 25.67 17.49 -15.94
CA ALA J 289 26.23 18.20 -17.09
C ALA J 289 25.31 18.06 -18.29
N LYS J 290 24.70 16.89 -18.47
CA LYS J 290 23.70 16.72 -19.50
C LYS J 290 22.48 17.61 -19.25
N GLU J 291 22.23 17.96 -17.99
CA GLU J 291 21.12 18.84 -17.65
C GLU J 291 21.50 20.30 -17.80
N TRP J 292 22.76 20.63 -17.55
CA TRP J 292 23.22 22.01 -17.60
C TRP J 292 23.82 22.39 -18.94
N SER J 293 24.42 21.44 -19.67
CA SER J 293 24.96 21.73 -20.99
C SER J 293 23.87 21.88 -22.03
N LEU J 294 22.68 21.34 -21.77
CA LEU J 294 21.56 21.51 -22.68
C LEU J 294 20.85 22.84 -22.46
N GLU J 295 20.84 23.32 -21.21
CA GLU J 295 20.20 24.59 -20.92
C GLU J 295 20.90 25.74 -21.65
N GLN J 296 22.23 25.75 -21.65
CA GLN J 296 22.96 26.73 -22.45
C GLN J 296 22.63 26.59 -23.93
N GLN J 297 22.31 25.38 -24.35
CA GLN J 297 22.14 25.05 -25.76
C GLN J 297 20.74 25.34 -26.28
N ALA J 298 19.81 25.72 -25.40
CA ALA J 298 18.42 25.96 -25.76
C ALA J 298 18.05 27.43 -25.78
N GLY J 299 18.63 28.23 -24.90
CA GLY J 299 18.29 29.65 -24.79
C GLY J 299 18.07 30.12 -23.37
N TYR J 300 18.43 29.30 -22.38
CA TYR J 300 18.15 29.57 -20.97
C TYR J 300 16.65 29.81 -20.72
N PRO J 301 15.79 28.84 -21.05
CA PRO J 301 14.35 29.05 -20.88
C PRO J 301 13.83 28.84 -19.47
N VAL J 302 14.40 27.87 -18.75
CA VAL J 302 13.97 27.59 -17.39
C VAL J 302 14.66 28.52 -16.41
N PHE J 303 15.94 28.79 -16.67
CA PHE J 303 16.72 29.69 -15.82
C PHE J 303 16.13 31.09 -15.78
N TYR J 304 15.42 31.51 -16.83
CA TYR J 304 14.82 32.82 -16.87
C TYR J 304 13.52 32.88 -16.09
N ARG J 305 12.78 31.78 -16.04
CA ARG J 305 11.47 31.81 -15.39
C ARG J 305 11.62 31.84 -13.88
N LEU J 306 12.53 31.03 -13.34
CA LEU J 306 12.57 30.78 -11.91
C LEU J 306 13.07 31.98 -11.12
N TRP J 307 13.66 32.99 -11.76
CA TRP J 307 13.80 34.28 -11.09
C TRP J 307 12.44 34.94 -10.93
N GLU J 308 11.61 34.88 -11.95
CA GLU J 308 10.38 35.66 -11.99
C GLU J 308 9.33 35.10 -11.05
N LEU J 309 9.54 33.88 -10.52
CA LEU J 309 8.75 33.36 -9.43
C LEU J 309 9.35 33.77 -8.09
N ALA J 310 10.67 33.65 -7.95
CA ALA J 310 11.33 34.07 -6.72
C ALA J 310 11.22 35.57 -6.51
N THR J 311 11.58 36.35 -7.53
CA THR J 311 11.59 37.80 -7.45
C THR J 311 10.19 38.42 -7.63
N GLN J 312 9.13 37.60 -7.67
CA GLN J 312 7.76 38.10 -7.65
C GLN J 312 6.89 37.29 -6.71
N SER J 313 7.50 36.65 -5.70
CA SER J 313 6.78 35.75 -4.82
C SER J 313 6.01 36.54 -3.78
N GLU J 314 5.49 35.83 -2.77
CA GLU J 314 4.81 36.48 -1.66
C GLU J 314 5.80 37.00 -0.63
N MET J 315 7.01 36.45 -0.59
CA MET J 315 7.99 36.80 0.42
C MET J 315 8.82 38.00 0.02
N ALA J 316 9.42 37.97 -1.18
CA ALA J 316 10.29 39.06 -1.61
C ALA J 316 9.53 40.36 -1.77
N LYS J 317 8.26 40.30 -2.20
CA LYS J 317 7.41 41.48 -2.30
C LYS J 317 7.40 42.25 -0.98
N ALA J 318 7.01 41.58 0.10
CA ALA J 318 6.94 42.20 1.41
C ALA J 318 8.30 42.31 2.09
N GLU J 319 9.36 41.81 1.46
CA GLU J 319 10.72 42.03 1.93
C GLU J 319 11.33 43.28 1.30
N LYS J 320 11.12 43.47 0.00
CA LYS J 320 11.67 44.59 -0.72
C LYS J 320 11.19 45.93 -0.16
N GLU J 321 10.03 45.95 0.50
CA GLU J 321 9.48 47.16 1.10
C GLU J 321 10.03 47.40 2.51
N LEU J 322 10.28 46.33 3.27
CA LEU J 322 10.80 46.51 4.61
C LEU J 322 12.20 47.11 4.59
N TYR J 323 13.00 46.78 3.58
CA TYR J 323 14.30 47.42 3.44
C TYR J 323 14.15 48.89 3.10
N LYS J 324 13.14 49.24 2.31
CA LYS J 324 12.79 50.64 2.08
C LYS J 324 12.36 51.30 3.38
N LEU J 325 11.78 50.53 4.30
CA LEU J 325 11.41 51.01 5.62
C LEU J 325 12.55 50.94 6.63
N LEU J 326 13.75 50.54 6.21
CA LEU J 326 14.95 50.61 7.04
C LEU J 326 15.97 51.59 6.47
N GLY J 327 16.35 51.41 5.21
CA GLY J 327 17.34 52.24 4.55
C GLY J 327 18.49 51.45 3.94
N ARG J 328 18.35 50.12 3.87
CA ARG J 328 19.35 49.28 3.25
C ARG J 328 19.22 49.34 1.73
N LYS J 329 20.03 48.56 1.02
CA LYS J 329 19.93 48.54 -0.44
C LYS J 329 18.63 47.88 -0.85
N VAL J 330 17.62 48.69 -1.18
CA VAL J 330 16.47 48.18 -1.90
C VAL J 330 16.92 47.85 -3.33
N LYS J 331 16.16 46.95 -3.97
CA LYS J 331 16.59 46.38 -5.25
C LYS J 331 16.88 47.45 -6.28
N ASN J 332 18.03 47.32 -6.94
CA ASN J 332 18.53 48.33 -7.86
C ASN J 332 17.55 48.60 -9.01
N LYS K 3 -25.97 -8.72 42.00
CA LYS K 3 -26.69 -8.31 40.81
C LYS K 3 -27.35 -6.96 41.00
N THR K 4 -28.40 -6.94 41.82
CA THR K 4 -29.24 -5.77 42.02
C THR K 4 -29.53 -5.63 43.50
N VAL K 5 -29.13 -4.50 44.08
CA VAL K 5 -29.35 -4.20 45.49
C VAL K 5 -30.49 -3.18 45.59
N LEU K 6 -31.34 -3.37 46.60
CA LEU K 6 -32.52 -2.52 46.79
C LEU K 6 -32.73 -2.04 48.21
N ASP K 7 -32.02 -2.59 49.20
CA ASP K 7 -32.27 -2.24 50.60
C ASP K 7 -31.20 -2.91 51.45
N ALA K 8 -30.99 -2.34 52.63
CA ALA K 8 -30.10 -2.91 53.65
C ALA K 8 -30.36 -2.15 54.95
N ASN K 9 -29.72 -2.61 56.01
CA ASN K 9 -29.93 -2.02 57.33
C ASN K 9 -29.26 -0.64 57.40
N LEU K 10 -29.37 -0.02 58.58
CA LEU K 10 -28.69 1.22 58.91
C LEU K 10 -28.00 1.19 60.26
N ASP K 11 -28.19 0.15 61.06
CA ASP K 11 -27.57 -0.01 62.37
C ASP K 11 -26.05 -0.16 62.36
N PRO K 12 -25.40 -0.74 61.34
CA PRO K 12 -23.93 -0.85 61.40
C PRO K 12 -23.21 0.47 61.50
N LEU K 13 -23.87 1.58 61.14
CA LEU K 13 -23.31 2.91 61.25
C LEU K 13 -23.79 3.64 62.50
N LYS K 14 -25.02 3.38 62.94
CA LYS K 14 -25.46 3.85 64.24
C LYS K 14 -24.57 3.27 65.33
N GLY K 15 -24.31 4.09 66.35
CA GLY K 15 -23.30 3.76 67.32
C GLY K 15 -21.89 4.09 66.88
N LYS K 16 -21.73 4.76 65.74
CA LYS K 16 -20.42 5.16 65.24
C LYS K 16 -20.52 6.55 64.62
N THR K 17 -19.52 7.37 64.89
CA THR K 17 -19.43 8.70 64.27
C THR K 17 -19.06 8.59 62.79
N ILE K 18 -19.63 9.48 61.99
CA ILE K 18 -19.30 9.63 60.58
C ILE K 18 -18.57 10.96 60.42
N GLY K 19 -17.47 10.93 59.65
CA GLY K 19 -16.71 12.14 59.39
C GLY K 19 -16.85 12.65 57.97
N VAL K 20 -17.67 13.68 57.76
CA VAL K 20 -17.79 14.28 56.44
C VAL K 20 -16.55 15.13 56.19
N ILE K 21 -15.89 14.85 55.07
CA ILE K 21 -14.77 15.65 54.60
C ILE K 21 -15.19 16.32 53.30
N GLY K 22 -14.82 17.58 53.15
CA GLY K 22 -15.25 18.35 52.00
C GLY K 22 -16.66 18.84 52.14
N TYR K 23 -16.90 20.04 51.65
CA TYR K 23 -18.20 20.69 51.73
C TYR K 23 -18.49 21.39 50.41
N GLY K 24 -18.08 20.76 49.31
CA GLY K 24 -18.24 21.34 47.99
C GLY K 24 -19.69 21.31 47.55
N ASN K 25 -19.88 21.18 46.24
CA ASN K 25 -21.21 21.06 45.69
C ASN K 25 -21.74 19.64 45.76
N GLN K 26 -21.00 18.72 46.38
CA GLN K 26 -21.43 17.36 46.68
C GLN K 26 -21.34 17.03 48.16
N GLY K 27 -20.47 17.74 48.89
CA GLY K 27 -20.36 17.51 50.31
C GLY K 27 -21.63 17.84 51.08
N ARG K 28 -22.22 19.00 50.77
CA ARG K 28 -23.40 19.45 51.50
C ARG K 28 -24.57 18.49 51.32
N VAL K 29 -24.62 17.76 50.21
CA VAL K 29 -25.81 16.98 49.88
C VAL K 29 -25.87 15.72 50.73
N GLN K 30 -24.82 14.90 50.66
CA GLN K 30 -24.73 13.74 51.55
C GLN K 30 -24.59 14.15 53.01
N ALA K 31 -24.14 15.36 53.29
CA ALA K 31 -24.03 15.84 54.67
C ALA K 31 -25.40 16.09 55.27
N THR K 32 -26.18 16.97 54.63
CA THR K 32 -27.46 17.38 55.19
C THR K 32 -28.43 16.21 55.27
N ILE K 33 -28.45 15.35 54.25
CA ILE K 33 -29.38 14.23 54.23
C ILE K 33 -29.14 13.32 55.42
N MET K 34 -27.88 13.21 55.87
CA MET K 34 -27.59 12.36 57.01
C MET K 34 -27.90 13.07 58.32
N ARG K 35 -27.84 14.41 58.35
CA ARG K 35 -28.28 15.13 59.53
C ARG K 35 -29.80 15.21 59.59
N GLU K 36 -30.46 15.26 58.44
CA GLU K 36 -31.91 15.14 58.39
C GLU K 36 -32.38 13.76 58.81
N ASN K 37 -31.50 12.76 58.76
CA ASN K 37 -31.80 11.41 59.22
C ASN K 37 -31.34 11.15 60.65
N GLY K 38 -30.96 12.20 61.39
CA GLY K 38 -30.60 12.04 62.78
C GLY K 38 -29.38 11.18 63.01
N LEU K 39 -28.20 11.67 62.62
CA LEU K 39 -26.95 10.92 62.74
C LEU K 39 -25.85 11.85 63.22
N ASN K 40 -25.07 11.40 64.20
CA ASN K 40 -23.95 12.17 64.69
C ASN K 40 -22.85 12.22 63.63
N VAL K 41 -22.69 13.37 62.98
CA VAL K 41 -21.72 13.56 61.92
C VAL K 41 -20.99 14.87 62.15
N ILE K 42 -19.72 14.91 61.75
CA ILE K 42 -18.90 16.11 61.81
C ILE K 42 -18.43 16.45 60.40
N VAL K 43 -17.92 17.67 60.24
CA VAL K 43 -17.62 18.24 58.94
C VAL K 43 -16.22 18.84 58.95
N GLY K 44 -15.23 18.07 58.49
CA GLY K 44 -13.87 18.55 58.42
C GLY K 44 -13.58 19.26 57.10
N ASN K 45 -12.85 20.36 57.19
CA ASN K 45 -12.60 21.22 56.04
C ASN K 45 -11.37 22.07 56.31
N VAL K 46 -10.89 22.71 55.25
CA VAL K 46 -10.07 23.91 55.37
C VAL K 46 -11.03 25.08 55.49
N LYS K 47 -10.55 26.20 56.02
CA LYS K 47 -11.44 27.30 56.40
C LYS K 47 -11.46 28.36 55.30
N ASP K 48 -12.60 28.53 54.68
CA ASP K 48 -12.82 29.48 53.59
C ASP K 48 -14.28 29.92 53.67
N LYS K 49 -14.79 30.50 52.58
CA LYS K 49 -16.20 30.90 52.55
C LYS K 49 -17.13 29.70 52.75
N TYR K 50 -16.68 28.50 52.37
CA TYR K 50 -17.48 27.31 52.58
C TYR K 50 -17.56 26.92 54.05
N TYR K 51 -16.56 27.29 54.85
CA TYR K 51 -16.62 27.03 56.28
C TYR K 51 -17.64 27.93 56.95
N GLU K 52 -17.49 29.24 56.77
CA GLU K 52 -18.39 30.21 57.40
C GLU K 52 -19.83 29.92 57.06
N LEU K 53 -20.12 29.64 55.79
CA LEU K 53 -21.36 28.98 55.41
C LEU K 53 -21.60 27.76 56.29
N ALA K 54 -20.65 26.82 56.29
CA ALA K 54 -20.82 25.54 56.97
C ALA K 54 -20.92 25.68 58.49
N LYS K 55 -20.51 26.82 59.05
CA LYS K 55 -20.73 27.09 60.47
C LYS K 55 -22.07 27.73 60.71
N LYS K 56 -22.59 28.46 59.73
CA LYS K 56 -23.94 28.99 59.80
C LYS K 56 -25.00 27.90 59.73
N GLU K 57 -24.65 26.72 59.26
CA GLU K 57 -25.59 25.60 59.14
C GLU K 57 -25.55 24.66 60.34
N GLY K 58 -24.88 25.03 61.42
CA GLY K 58 -24.96 24.30 62.66
C GLY K 58 -23.98 23.15 62.80
N PHE K 59 -23.35 22.73 61.71
CA PHE K 59 -22.45 21.59 61.78
C PHE K 59 -21.26 21.87 62.69
N GLU K 60 -20.65 20.79 63.17
CA GLU K 60 -19.45 20.87 63.98
C GLU K 60 -18.24 20.75 63.06
N VAL K 61 -17.48 21.82 62.92
CA VAL K 61 -16.24 21.79 62.15
C VAL K 61 -15.07 21.57 63.10
N TYR K 62 -14.18 20.66 62.71
CA TYR K 62 -12.85 20.54 63.26
C TYR K 62 -11.89 20.58 62.08
N GLU K 63 -10.60 20.71 62.37
CA GLU K 63 -9.62 20.50 61.33
C GLU K 63 -9.65 19.04 60.88
N ILE K 64 -9.01 18.77 59.74
CA ILE K 64 -9.15 17.49 59.06
C ILE K 64 -8.61 16.37 59.96
N ASP K 65 -7.33 16.44 60.29
CA ASP K 65 -6.72 15.41 61.11
C ASP K 65 -7.32 15.33 62.50
N GLU K 66 -8.02 16.36 62.94
CA GLU K 66 -8.81 16.26 64.17
C GLU K 66 -10.12 15.56 63.90
N ALA K 67 -10.70 15.77 62.70
CA ALA K 67 -11.99 15.19 62.37
C ALA K 67 -11.86 13.69 62.14
N VAL K 68 -10.92 13.28 61.29
CA VAL K 68 -10.80 11.87 60.96
C VAL K 68 -10.32 11.05 62.14
N ARG K 69 -9.67 11.69 63.12
CA ARG K 69 -9.39 11.03 64.38
C ARG K 69 -10.65 10.91 65.23
N ARG K 70 -11.46 11.97 65.27
CA ARG K 70 -12.67 11.96 66.07
C ARG K 70 -13.65 10.91 65.59
N SER K 71 -13.67 10.64 64.28
CA SER K 71 -14.72 9.86 63.65
C SER K 71 -14.29 8.40 63.50
N ASP K 72 -15.24 7.58 63.04
CA ASP K 72 -15.05 6.15 62.82
C ASP K 72 -14.97 5.80 61.35
N VAL K 73 -15.73 6.51 60.51
CA VAL K 73 -15.64 6.39 59.06
C VAL K 73 -15.76 7.80 58.49
N ALA K 74 -15.41 7.94 57.22
CA ALA K 74 -15.44 9.26 56.60
C ALA K 74 -15.73 9.14 55.12
N LEU K 75 -16.32 10.20 54.59
CA LEU K 75 -16.72 10.31 53.19
C LEU K 75 -15.84 11.39 52.57
N LEU K 76 -14.75 10.96 51.94
CA LEU K 76 -13.70 11.86 51.45
C LEU K 76 -14.19 12.54 50.17
N LEU K 77 -15.08 13.51 50.35
CA LEU K 77 -15.74 14.19 49.24
C LEU K 77 -14.94 15.42 48.81
N ILE K 78 -13.70 15.16 48.43
CA ILE K 78 -12.83 16.13 47.78
C ILE K 78 -12.52 15.60 46.39
N PRO K 79 -12.05 16.46 45.48
CA PRO K 79 -11.87 16.03 44.09
C PRO K 79 -10.84 14.92 43.97
N ASP K 80 -10.75 14.39 42.76
CA ASP K 80 -9.74 13.39 42.43
C ASP K 80 -8.39 14.02 42.10
N GLU K 81 -8.25 15.33 42.24
CA GLU K 81 -7.06 16.06 41.80
C GLU K 81 -6.12 16.41 42.95
N VAL K 82 -6.67 16.82 44.10
CA VAL K 82 -5.87 17.20 45.26
C VAL K 82 -6.22 16.33 46.46
N MET K 83 -6.62 15.09 46.19
CA MET K 83 -6.76 14.11 47.26
C MET K 83 -5.42 13.48 47.61
N LYS K 84 -4.53 13.38 46.63
CA LYS K 84 -3.24 12.74 46.86
C LYS K 84 -2.40 13.54 47.85
N GLU K 85 -2.42 14.86 47.74
CA GLU K 85 -1.64 15.69 48.65
C GLU K 85 -2.15 15.57 50.08
N VAL K 86 -3.45 15.46 50.27
CA VAL K 86 -4.02 15.49 51.61
C VAL K 86 -3.92 14.14 52.30
N TYR K 87 -3.94 13.04 51.54
CA TYR K 87 -3.70 11.73 52.13
C TYR K 87 -2.21 11.57 52.45
N GLU K 88 -1.34 11.99 51.55
CA GLU K 88 0.10 11.84 51.77
C GLU K 88 0.57 12.69 52.94
N LYS K 89 0.06 13.92 53.03
CA LYS K 89 0.61 14.87 54.00
C LYS K 89 -0.06 14.75 55.36
N LYS K 90 -1.38 14.89 55.41
CA LYS K 90 -2.08 15.02 56.68
C LYS K 90 -2.63 13.69 57.20
N ILE K 91 -3.52 13.06 56.46
CA ILE K 91 -4.35 12.00 57.01
C ILE K 91 -3.52 10.74 57.29
N ALA K 92 -2.94 10.17 56.24
CA ALA K 92 -2.39 8.81 56.28
C ALA K 92 -1.40 8.56 57.42
N PRO K 93 -0.56 9.52 57.82
CA PRO K 93 0.25 9.30 59.03
C PRO K 93 -0.58 9.14 60.30
N VAL K 94 -1.85 9.52 60.28
CA VAL K 94 -2.71 9.32 61.44
C VAL K 94 -3.37 7.94 61.44
N LEU K 95 -3.65 7.39 60.27
CA LEU K 95 -4.49 6.21 60.19
C LEU K 95 -3.81 4.95 60.71
N GLN K 96 -2.48 4.96 60.87
CA GLN K 96 -1.82 3.86 61.54
C GLN K 96 -2.10 3.85 63.04
N GLY K 97 -2.65 4.93 63.58
CA GLY K 97 -3.02 4.98 64.99
C GLY K 97 -4.43 4.53 65.25
N LYS K 98 -4.96 3.65 64.39
CA LYS K 98 -6.30 3.11 64.53
C LYS K 98 -6.28 1.62 64.24
N LYS K 99 -7.32 0.93 64.70
CA LYS K 99 -7.43 -0.52 64.62
C LYS K 99 -8.56 -0.98 63.72
N GLU K 100 -9.63 -0.20 63.61
CA GLU K 100 -10.66 -0.39 62.61
C GLU K 100 -11.06 0.97 62.08
N PHE K 101 -11.18 1.08 60.77
CA PHE K 101 -11.55 2.34 60.15
C PHE K 101 -12.01 2.06 58.73
N VAL K 102 -12.69 3.05 58.16
CA VAL K 102 -13.18 3.00 56.79
C VAL K 102 -12.93 4.36 56.15
N LEU K 103 -12.79 4.36 54.84
CA LEU K 103 -12.50 5.57 54.07
C LEU K 103 -13.35 5.52 52.81
N ASP K 104 -14.50 6.20 52.86
CA ASP K 104 -15.50 6.12 51.80
C ASP K 104 -15.18 7.15 50.73
N PHE K 105 -14.82 6.67 49.55
CA PHE K 105 -14.47 7.56 48.44
C PHE K 105 -15.72 7.86 47.63
N ALA K 106 -15.56 8.72 46.63
CA ALA K 106 -16.63 9.12 45.72
C ALA K 106 -16.33 8.81 44.27
N SER K 107 -15.08 9.00 43.84
CA SER K 107 -14.64 8.62 42.50
C SER K 107 -13.26 8.00 42.62
N GLY K 108 -13.12 6.78 42.12
CA GLY K 108 -11.95 5.97 42.37
C GLY K 108 -10.84 6.13 41.36
N TYR K 109 -10.74 7.32 40.76
CA TYR K 109 -9.61 7.63 39.90
C TYR K 109 -8.28 7.58 40.65
N ASN K 110 -8.31 7.79 41.97
CA ASN K 110 -7.11 7.86 42.78
C ASN K 110 -6.81 6.57 43.54
N VAL K 111 -7.51 5.47 43.21
CA VAL K 111 -7.28 4.18 43.86
C VAL K 111 -6.97 3.14 42.81
N ALA K 112 -7.85 3.02 41.81
CA ALA K 112 -7.68 1.98 40.80
C ALA K 112 -6.40 2.16 40.02
N PHE K 113 -5.93 3.40 39.88
CA PHE K 113 -4.64 3.68 39.26
C PHE K 113 -3.50 3.75 40.28
N GLY K 114 -3.73 3.28 41.51
CA GLY K 114 -2.67 3.14 42.48
C GLY K 114 -2.00 4.42 42.93
N LEU K 115 -2.63 5.57 42.67
CA LEU K 115 -2.05 6.83 43.11
C LEU K 115 -2.08 6.97 44.63
N ILE K 116 -3.03 6.32 45.29
CA ILE K 116 -3.11 6.25 46.74
C ILE K 116 -3.16 4.79 47.14
N ARG K 117 -2.53 4.48 48.28
CA ARG K 117 -2.41 3.11 48.77
C ARG K 117 -2.67 3.12 50.27
N PRO K 118 -3.90 2.87 50.70
CA PRO K 118 -4.17 2.86 52.13
C PRO K 118 -3.57 1.64 52.80
N PRO K 119 -3.44 1.63 54.14
CA PRO K 119 -2.77 0.51 54.81
C PRO K 119 -3.60 -0.76 54.89
N LYS K 120 -3.07 -1.75 55.61
CA LYS K 120 -3.63 -3.10 55.67
C LYS K 120 -4.74 -3.23 56.71
N SER K 121 -4.71 -2.41 57.76
CA SER K 121 -5.67 -2.50 58.86
C SER K 121 -6.89 -1.63 58.62
N VAL K 122 -7.24 -1.40 57.36
CA VAL K 122 -8.24 -0.40 56.98
C VAL K 122 -9.15 -0.99 55.91
N ASP K 123 -10.42 -0.57 55.94
CA ASP K 123 -11.39 -0.92 54.91
C ASP K 123 -11.51 0.24 53.94
N THR K 124 -11.72 -0.09 52.67
CA THR K 124 -11.91 0.90 51.61
C THR K 124 -13.16 0.54 50.83
N ILE K 125 -13.95 1.56 50.48
CA ILE K 125 -15.23 1.37 49.82
C ILE K 125 -15.45 2.50 48.82
N MET K 126 -16.57 2.44 48.10
CA MET K 126 -16.89 3.40 47.06
C MET K 126 -18.39 3.61 47.08
N VAL K 127 -18.80 4.89 47.08
CA VAL K 127 -20.21 5.24 46.96
C VAL K 127 -20.31 6.43 46.00
N ALA K 128 -20.65 6.13 44.75
CA ALA K 128 -20.64 7.13 43.69
C ALA K 128 -22.08 7.52 43.34
N PRO K 129 -22.52 8.74 43.65
CA PRO K 129 -23.79 9.19 43.09
C PRO K 129 -23.77 9.29 41.58
N ARG K 130 -24.52 8.42 40.90
CA ARG K 130 -24.75 8.55 39.47
C ARG K 130 -25.99 9.40 39.25
N MET K 131 -25.80 10.70 39.42
CA MET K 131 -26.89 11.66 39.40
C MET K 131 -26.29 13.03 39.13
N VAL K 132 -27.18 13.98 38.82
CA VAL K 132 -26.74 15.34 38.51
C VAL K 132 -26.07 16.00 39.70
N GLY K 133 -26.36 15.53 40.92
CA GLY K 133 -25.76 16.07 42.12
C GLY K 133 -26.60 17.14 42.77
N GLU K 134 -26.97 18.16 42.00
CA GLU K 134 -27.78 19.26 42.55
C GLU K 134 -29.25 18.86 42.66
N GLY K 135 -29.78 18.16 41.66
CA GLY K 135 -31.17 17.73 41.69
C GLY K 135 -31.52 16.77 42.81
N ILE K 136 -30.50 16.18 43.45
CA ILE K 136 -30.77 15.26 44.56
C ILE K 136 -31.48 16.01 45.69
N MET K 137 -31.07 17.26 45.95
CA MET K 137 -31.79 18.07 46.92
C MET K 137 -33.18 18.43 46.40
N ASP K 138 -33.30 18.67 45.09
CA ASP K 138 -34.63 18.82 44.49
C ASP K 138 -35.42 17.52 44.56
N LEU K 139 -34.75 16.38 44.77
CA LEU K 139 -35.38 15.08 44.92
C LEU K 139 -35.58 14.66 46.36
N HIS K 140 -34.72 15.11 47.28
CA HIS K 140 -34.92 14.75 48.68
C HIS K 140 -36.13 15.44 49.28
N LYS K 141 -36.48 16.63 48.76
CA LYS K 141 -37.75 17.26 49.11
C LYS K 141 -38.93 16.62 48.38
N GLN K 142 -38.70 15.58 47.57
CA GLN K 142 -39.76 14.78 46.96
C GLN K 142 -39.94 13.45 47.68
N GLY K 143 -38.84 12.78 48.00
CA GLY K 143 -38.85 11.50 48.70
C GLY K 143 -38.45 10.32 47.85
N LYS K 144 -38.10 10.53 46.58
CA LYS K 144 -37.67 9.45 45.69
C LYS K 144 -36.15 9.48 45.59
N GLY K 145 -35.51 8.34 45.80
CA GLY K 145 -34.07 8.28 45.84
C GLY K 145 -33.41 8.31 44.48
N TYR K 146 -32.28 7.61 44.32
CA TYR K 146 -31.51 7.67 43.08
C TYR K 146 -30.48 6.55 43.03
N PRO K 147 -29.82 6.32 41.89
CA PRO K 147 -28.84 5.23 41.82
C PRO K 147 -27.51 5.57 42.47
N VAL K 148 -26.77 4.52 42.83
CA VAL K 148 -25.41 4.64 43.31
C VAL K 148 -24.59 3.48 42.74
N LEU K 149 -23.31 3.48 43.07
CA LEU K 149 -22.40 2.38 42.77
C LEU K 149 -21.67 1.98 44.04
N LEU K 150 -21.21 0.73 44.06
CA LEU K 150 -20.57 0.17 45.23
C LEU K 150 -19.37 -0.67 44.80
N GLY K 151 -18.40 -0.77 45.69
CA GLY K 151 -17.19 -1.50 45.40
C GLY K 151 -16.30 -1.59 46.61
N VAL K 152 -15.29 -2.45 46.50
CA VAL K 152 -14.34 -2.71 47.56
C VAL K 152 -12.95 -2.83 46.97
N LYS K 153 -11.96 -2.31 47.68
CA LYS K 153 -10.54 -2.51 47.37
C LYS K 153 -9.87 -3.43 48.37
N GLN K 154 -10.22 -3.32 49.65
CA GLN K 154 -9.67 -4.20 50.67
C GLN K 154 -10.67 -4.31 51.82
N ASP K 155 -10.71 -5.49 52.42
CA ASP K 155 -11.58 -5.78 53.57
C ASP K 155 -10.78 -6.53 54.62
N ALA K 156 -10.81 -6.02 55.85
CA ALA K 156 -10.21 -6.69 57.00
C ALA K 156 -11.13 -6.63 58.20
N SER K 157 -12.44 -6.75 57.95
CA SER K 157 -13.45 -6.79 59.00
C SER K 157 -14.53 -7.83 58.76
N GLY K 158 -14.58 -8.45 57.58
CA GLY K 158 -15.72 -9.25 57.19
C GLY K 158 -17.00 -8.47 56.97
N LYS K 159 -16.96 -7.14 57.04
CA LYS K 159 -18.15 -6.30 56.94
C LYS K 159 -17.86 -5.09 56.07
N ALA K 160 -17.11 -5.29 55.00
CA ALA K 160 -16.92 -4.22 54.02
C ALA K 160 -18.21 -3.92 53.28
N TRP K 161 -19.14 -4.88 53.25
CA TRP K 161 -20.38 -4.74 52.50
C TRP K 161 -21.54 -4.31 53.38
N ASP K 162 -21.60 -4.79 54.63
CA ASP K 162 -22.66 -4.34 55.53
C ASP K 162 -22.50 -2.88 55.91
N TYR K 163 -21.30 -2.32 55.71
CA TYR K 163 -21.14 -0.88 55.79
C TYR K 163 -21.60 -0.21 54.50
N ALA K 164 -21.04 -0.63 53.37
CA ALA K 164 -21.30 0.01 52.09
C ALA K 164 -22.77 -0.06 51.72
N LYS K 165 -23.37 -1.25 51.84
CA LYS K 165 -24.80 -1.39 51.60
C LYS K 165 -25.61 -0.49 52.53
N ALA K 166 -25.10 -0.25 53.73
CA ALA K 166 -25.84 0.50 54.74
C ALA K 166 -25.63 2.01 54.62
N ILE K 167 -24.50 2.45 54.09
CA ILE K 167 -24.28 3.88 53.89
C ILE K 167 -25.31 4.44 52.91
N ALA K 168 -25.50 3.77 51.78
CA ALA K 168 -26.34 4.29 50.71
C ALA K 168 -27.76 4.54 51.16
N LYS K 169 -28.25 3.84 52.19
CA LYS K 169 -29.57 4.13 52.71
C LYS K 169 -29.62 5.49 53.39
N GLY K 170 -28.48 5.99 53.85
CA GLY K 170 -28.42 7.23 54.60
C GLY K 170 -28.15 8.47 53.79
N ILE K 171 -27.96 8.35 52.48
CA ILE K 171 -27.71 9.50 51.60
C ILE K 171 -28.84 9.63 50.59
N GLY K 172 -30.03 9.21 50.97
CA GLY K 172 -31.20 9.40 50.14
C GLY K 172 -31.18 8.62 48.85
N ALA K 173 -30.42 7.53 48.80
CA ALA K 173 -30.30 6.72 47.60
C ALA K 173 -31.19 5.48 47.62
N ILE K 174 -31.39 4.89 48.78
CA ILE K 174 -32.26 3.71 48.93
C ILE K 174 -32.95 3.77 50.29
N PRO K 175 -34.07 3.06 50.44
CA PRO K 175 -34.87 2.35 49.44
C PRO K 175 -35.73 3.32 48.63
N GLY K 176 -35.85 3.04 47.34
CA GLY K 176 -36.62 3.86 46.42
C GLY K 176 -35.90 4.01 45.10
N GLY K 177 -34.58 4.02 45.15
CA GLY K 177 -33.74 3.88 43.98
C GLY K 177 -33.24 2.45 43.89
N ILE K 178 -32.01 2.30 43.39
CA ILE K 178 -31.29 1.05 43.48
C ILE K 178 -29.82 1.34 43.76
N ALA K 179 -29.05 0.27 43.90
CA ALA K 179 -27.61 0.36 44.07
C ALA K 179 -27.01 -0.81 43.31
N VAL K 180 -25.89 -0.55 42.63
CA VAL K 180 -25.28 -1.51 41.73
C VAL K 180 -23.89 -1.84 42.26
N ILE K 181 -23.45 -3.08 42.01
CA ILE K 181 -22.24 -3.61 42.61
C ILE K 181 -21.16 -3.64 41.53
N SER K 182 -20.05 -2.98 41.81
CA SER K 182 -18.98 -2.80 40.85
C SER K 182 -17.67 -2.74 41.62
N SER K 183 -16.63 -2.24 40.98
CA SER K 183 -15.31 -2.08 41.58
C SER K 183 -14.88 -0.62 41.42
N PHE K 184 -13.65 -0.33 41.86
CA PHE K 184 -13.03 0.95 41.53
C PHE K 184 -12.55 0.95 40.09
N GLU K 185 -12.04 -0.18 39.63
CA GLU K 185 -11.46 -0.27 38.29
C GLU K 185 -12.51 -0.02 37.23
N GLU K 186 -13.74 -0.46 37.47
CA GLU K 186 -14.85 -0.17 36.58
C GLU K 186 -15.45 1.19 36.83
N GLU K 187 -15.31 1.72 38.04
CA GLU K 187 -15.83 3.06 38.34
C GLU K 187 -15.13 4.12 37.51
N ALA K 188 -13.81 4.04 37.44
CA ALA K 188 -13.04 5.07 36.77
C ALA K 188 -13.14 4.96 35.26
N LEU K 189 -13.35 3.77 34.72
CA LEU K 189 -13.45 3.62 33.28
C LEU K 189 -14.73 4.25 32.76
N LEU K 190 -15.87 3.86 33.34
CA LEU K 190 -17.15 4.38 32.87
C LEU K 190 -17.24 5.89 33.09
N ASP K 191 -16.67 6.38 34.18
CA ASP K 191 -16.69 7.82 34.45
C ASP K 191 -15.74 8.58 33.54
N LEU K 192 -14.63 7.96 33.14
CA LEU K 192 -13.67 8.58 32.24
C LEU K 192 -14.10 8.41 30.78
N MET K 193 -14.45 7.19 30.38
CA MET K 193 -14.72 6.90 28.98
C MET K 193 -15.95 7.61 28.44
N SER K 194 -16.74 8.25 29.30
CA SER K 194 -17.75 9.19 28.83
C SER K 194 -17.12 10.55 28.55
N GLU K 195 -16.12 10.93 29.34
CA GLU K 195 -15.44 12.21 29.19
C GLU K 195 -14.31 12.17 28.16
N HIS K 196 -14.27 11.13 27.31
CA HIS K 196 -13.24 10.95 26.31
C HIS K 196 -13.78 10.60 24.94
N THR K 197 -14.95 9.97 24.85
CA THR K 197 -15.36 9.24 23.65
C THR K 197 -16.59 9.84 22.98
N TRP K 198 -17.70 9.98 23.70
CA TRP K 198 -18.92 10.51 23.10
C TRP K 198 -19.19 11.96 23.45
N VAL K 199 -18.44 12.54 24.38
CA VAL K 199 -18.50 13.97 24.65
C VAL K 199 -17.77 14.73 23.55
N PRO K 200 -16.48 14.49 23.31
CA PRO K 200 -15.78 15.33 22.32
C PRO K 200 -16.21 15.08 20.90
N ILE K 201 -16.48 13.81 20.55
CA ILE K 201 -16.96 13.49 19.21
C ILE K 201 -18.28 14.17 18.92
N LEU K 202 -19.05 14.52 19.93
CA LEU K 202 -20.20 15.40 19.73
C LEU K 202 -19.74 16.81 19.43
N PHE K 203 -18.93 17.40 20.31
CA PHE K 203 -18.43 18.75 20.07
C PHE K 203 -17.49 18.80 18.88
N GLY K 204 -16.93 17.66 18.47
CA GLY K 204 -16.06 17.65 17.31
C GLY K 204 -16.79 17.61 15.99
N ALA K 205 -18.08 17.29 16.00
CA ALA K 205 -18.87 17.24 14.78
C ALA K 205 -19.56 18.58 14.50
N ILE K 206 -20.14 19.18 15.54
CA ILE K 206 -20.71 20.52 15.41
C ILE K 206 -19.65 21.50 14.92
N LYS K 207 -18.43 21.39 15.44
CA LYS K 207 -17.33 22.22 14.98
C LYS K 207 -17.04 21.99 13.50
N ALA K 208 -17.37 20.80 12.98
CA ALA K 208 -17.12 20.45 11.60
C ALA K 208 -18.40 20.38 10.75
N CYS K 209 -19.57 20.49 11.38
CA CYS K 209 -20.79 20.77 10.64
C CYS K 209 -21.01 22.27 10.48
N TYR K 210 -20.28 23.10 11.23
CA TYR K 210 -20.26 24.54 11.05
C TYR K 210 -19.16 24.93 10.09
N ASP K 211 -17.96 24.39 10.28
CA ASP K 211 -16.82 24.74 9.44
C ASP K 211 -16.99 24.27 8.00
N ILE K 212 -17.99 23.44 7.71
CA ILE K 212 -18.25 22.94 6.37
C ILE K 212 -19.42 23.70 5.76
N ALA K 213 -20.36 24.12 6.61
CA ALA K 213 -21.54 24.81 6.12
C ALA K 213 -21.22 26.27 5.79
N VAL K 214 -20.35 26.90 6.57
CA VAL K 214 -20.03 28.31 6.36
C VAL K 214 -18.96 28.47 5.29
N LYS K 215 -17.80 27.85 5.51
CA LYS K 215 -16.60 28.16 4.74
C LYS K 215 -16.55 27.46 3.39
N GLU K 216 -17.48 26.54 3.10
CA GLU K 216 -17.41 25.74 1.88
C GLU K 216 -18.73 25.71 1.12
N TYR K 217 -19.85 25.90 1.81
CA TYR K 217 -21.18 25.75 1.22
C TYR K 217 -22.04 27.00 1.31
N GLY K 218 -21.46 28.14 1.70
CA GLY K 218 -22.15 29.42 1.60
C GLY K 218 -23.40 29.52 2.44
N VAL K 219 -23.24 29.58 3.76
CA VAL K 219 -24.36 29.62 4.69
C VAL K 219 -24.18 30.79 5.64
N SER K 220 -25.30 31.34 6.08
CA SER K 220 -25.27 32.42 7.06
C SER K 220 -24.83 31.87 8.41
N PRO K 221 -23.81 32.45 9.06
CA PRO K 221 -23.44 31.96 10.39
C PRO K 221 -24.55 32.03 11.42
N GLU K 222 -25.40 33.05 11.36
CA GLU K 222 -26.44 33.21 12.36
C GLU K 222 -27.47 32.09 12.32
N ALA K 223 -27.60 31.41 11.17
CA ALA K 223 -28.55 30.31 11.04
C ALA K 223 -27.94 28.96 11.36
N ALA K 224 -26.65 28.78 11.12
CA ALA K 224 -26.02 27.49 11.34
C ALA K 224 -26.05 27.09 12.80
N LEU K 225 -25.98 28.08 13.71
CA LEU K 225 -26.03 27.78 15.14
C LEU K 225 -27.45 27.54 15.62
N LEU K 226 -28.43 28.21 15.01
CA LEU K 226 -29.81 28.09 15.46
C LEU K 226 -30.37 26.69 15.23
N GLU K 227 -29.76 25.92 14.33
CA GLU K 227 -30.21 24.57 14.05
C GLU K 227 -29.47 23.52 14.88
N PHE K 228 -28.20 23.75 15.19
CA PHE K 228 -27.41 22.74 15.90
C PHE K 228 -27.68 22.79 17.40
N TYR K 229 -27.31 23.91 18.06
CA TYR K 229 -27.27 23.94 19.51
C TYR K 229 -27.64 25.28 20.13
N ALA K 230 -28.17 26.24 19.36
CA ALA K 230 -28.75 27.42 19.99
C ALA K 230 -30.15 27.15 20.52
N SER K 231 -30.75 26.02 20.17
CA SER K 231 -32.10 25.65 20.59
C SER K 231 -32.04 24.60 21.68
N GLY K 232 -33.18 24.42 22.35
CA GLY K 232 -33.31 23.39 23.36
C GLY K 232 -33.70 22.03 22.81
N GLU K 233 -33.53 21.84 21.49
CA GLU K 233 -33.90 20.57 20.87
C GLU K 233 -33.10 19.40 21.45
N LEU K 234 -31.87 19.67 21.90
CA LEU K 234 -31.09 18.62 22.53
C LEU K 234 -31.74 18.18 23.84
N ALA K 235 -32.29 19.14 24.59
CA ALA K 235 -33.02 18.80 25.81
C ALA K 235 -34.23 17.94 25.50
N GLU K 236 -34.87 18.17 24.35
CA GLU K 236 -35.98 17.32 23.91
C GLU K 236 -35.48 16.01 23.32
N ILE K 237 -34.17 15.84 23.14
CA ILE K 237 -33.59 14.52 22.88
C ILE K 237 -33.07 13.89 24.17
N ALA K 238 -32.65 14.69 25.15
CA ALA K 238 -32.11 14.16 26.39
C ALA K 238 -33.21 13.83 27.39
N ARG K 239 -34.23 14.68 27.47
CA ARG K 239 -35.36 14.40 28.35
C ARG K 239 -36.11 13.16 27.90
N LEU K 240 -36.21 12.94 26.59
CA LEU K 240 -36.98 11.81 26.08
C LEU K 240 -36.20 10.52 26.17
N ILE K 241 -34.89 10.56 25.90
CA ILE K 241 -34.05 9.37 26.07
C ILE K 241 -34.04 8.94 27.53
N ALA K 242 -34.18 9.88 28.46
CA ALA K 242 -34.19 9.53 29.88
C ALA K 242 -35.54 8.96 30.31
N GLU K 243 -36.62 9.30 29.62
CA GLU K 243 -37.97 8.90 30.00
C GLU K 243 -38.48 7.68 29.24
N GLU K 244 -38.10 7.54 27.96
CA GLU K 244 -38.76 6.62 27.05
C GLU K 244 -37.88 5.45 26.63
N GLY K 245 -36.67 5.73 26.14
CA GLY K 245 -35.82 4.70 25.57
C GLY K 245 -35.03 5.24 24.40
N ILE K 246 -33.73 4.95 24.39
CA ILE K 246 -32.83 5.52 23.39
C ILE K 246 -33.15 5.06 21.97
N PHE K 247 -33.97 4.02 21.80
CA PHE K 247 -34.49 3.62 20.51
C PHE K 247 -36.01 3.57 20.53
N ASN K 248 -36.64 4.42 21.34
CA ASN K 248 -38.08 4.52 21.43
C ASN K 248 -38.60 5.95 21.45
N GLN K 249 -37.71 6.94 21.47
CA GLN K 249 -38.13 8.33 21.27
C GLN K 249 -38.46 8.63 19.82
N MET K 250 -37.95 7.81 18.89
CA MET K 250 -37.96 8.15 17.48
C MET K 250 -39.35 8.13 16.86
N VAL K 251 -40.33 7.50 17.51
CA VAL K 251 -41.69 7.54 16.98
C VAL K 251 -42.23 8.96 17.02
N HIS K 252 -41.73 9.78 17.96
CA HIS K 252 -42.22 11.14 18.09
C HIS K 252 -41.76 12.02 16.92
N HIS K 253 -40.63 11.67 16.30
CA HIS K 253 -40.16 12.35 15.10
C HIS K 253 -40.80 11.71 13.87
N SER K 254 -40.36 12.15 12.69
CA SER K 254 -40.87 11.67 11.41
C SER K 254 -39.89 10.70 10.78
N THR K 255 -40.33 10.06 9.69
CA THR K 255 -39.51 9.01 9.08
C THR K 255 -38.28 9.58 8.39
N THR K 256 -38.40 10.76 7.77
CA THR K 256 -37.23 11.42 7.20
C THR K 256 -36.15 11.69 8.24
N SER K 257 -36.53 11.85 9.51
CA SER K 257 -35.60 11.99 10.60
C SER K 257 -35.13 10.65 11.15
N GLN K 258 -35.93 9.60 10.95
CA GLN K 258 -35.61 8.27 11.42
C GLN K 258 -34.71 7.52 10.43
N TYR K 259 -35.05 7.59 9.14
CA TYR K 259 -34.36 6.76 8.16
C TYR K 259 -32.91 7.18 7.99
N GLY K 260 -32.65 8.48 7.92
CA GLY K 260 -31.29 8.95 7.78
C GLY K 260 -30.44 8.62 8.99
N THR K 261 -31.05 8.58 10.18
CA THR K 261 -30.33 8.25 11.40
C THR K 261 -29.84 6.81 11.36
N LEU K 262 -30.76 5.87 11.21
CA LEU K 262 -30.44 4.46 11.36
C LEU K 262 -29.52 3.96 10.24
N THR K 263 -29.73 4.42 9.01
CA THR K 263 -28.87 4.02 7.92
C THR K 263 -27.43 4.47 8.11
N ARG K 264 -27.20 5.49 8.94
CA ARG K 264 -25.87 6.02 9.19
C ARG K 264 -25.35 5.68 10.57
N MET K 265 -26.19 5.17 11.46
CA MET K 265 -25.71 4.72 12.76
C MET K 265 -24.95 3.41 12.63
N PHE K 266 -25.42 2.51 11.76
CA PHE K 266 -24.75 1.26 11.49
C PHE K 266 -23.66 1.38 10.44
N LYS K 267 -23.64 2.46 9.68
CA LYS K 267 -22.58 2.70 8.72
C LYS K 267 -21.31 3.22 9.38
N TYR K 268 -21.40 3.71 10.62
CA TYR K 268 -20.28 4.29 11.34
C TYR K 268 -20.06 3.63 12.69
N TYR K 269 -20.80 2.57 13.02
CA TYR K 269 -20.51 1.82 14.22
C TYR K 269 -19.14 1.15 14.15
N ASP K 270 -18.63 0.91 12.95
CA ASP K 270 -17.34 0.27 12.75
C ASP K 270 -16.19 1.26 12.67
N VAL K 271 -16.40 2.51 13.07
CA VAL K 271 -15.34 3.51 13.15
C VAL K 271 -15.22 4.08 14.56
N VAL K 272 -16.34 4.42 15.19
CA VAL K 272 -16.31 4.83 16.59
C VAL K 272 -15.97 3.65 17.50
N ARG K 273 -16.13 2.42 17.00
CA ARG K 273 -15.60 1.26 17.70
C ARG K 273 -14.07 1.35 17.81
N ARG K 274 -13.41 1.62 16.68
CA ARG K 274 -11.95 1.69 16.68
C ARG K 274 -11.47 2.91 17.45
N ILE K 275 -12.27 3.98 17.50
CA ILE K 275 -11.90 5.15 18.28
C ILE K 275 -11.95 4.81 19.76
N VAL K 276 -12.90 3.99 20.17
CA VAL K 276 -13.12 3.72 21.59
C VAL K 276 -12.22 2.59 22.08
N GLU K 277 -12.00 1.58 21.24
CA GLU K 277 -11.05 0.53 21.59
C GLU K 277 -9.69 1.09 21.94
N ASN K 278 -9.21 2.07 21.17
CA ASN K 278 -7.94 2.70 21.48
C ASN K 278 -8.03 3.56 22.73
N GLU K 279 -9.19 4.19 22.95
CA GLU K 279 -9.35 5.09 24.07
C GLU K 279 -9.65 4.37 25.38
N ALA K 280 -9.86 3.05 25.35
CA ALA K 280 -10.05 2.25 26.55
C ALA K 280 -8.78 1.53 26.94
N LYS K 281 -8.03 1.03 25.96
CA LYS K 281 -6.71 0.48 26.23
C LYS K 281 -5.76 1.55 26.74
N TYR K 282 -5.99 2.81 26.38
CA TYR K 282 -5.20 3.92 26.88
C TYR K 282 -5.60 4.36 28.27
N ILE K 283 -6.55 3.67 28.91
CA ILE K 283 -6.98 3.97 30.27
C ILE K 283 -6.84 2.75 31.17
N TRP K 284 -7.21 1.57 30.66
CA TRP K 284 -7.07 0.33 31.40
C TRP K 284 -5.63 0.10 31.83
N ASP K 285 -4.67 0.52 31.01
CA ASP K 285 -3.25 0.37 31.30
C ASP K 285 -2.71 1.52 32.15
N GLY K 286 -3.56 2.43 32.61
CA GLY K 286 -3.09 3.55 33.41
C GLY K 286 -2.22 4.54 32.66
N SER K 287 -2.27 4.53 31.34
CA SER K 287 -1.51 5.48 30.53
C SER K 287 -2.19 6.83 30.40
N PHE K 288 -3.20 7.13 31.21
CA PHE K 288 -3.80 8.45 31.28
C PHE K 288 -3.39 9.20 32.53
N ALA K 289 -3.28 8.50 33.66
CA ALA K 289 -2.80 9.14 34.88
C ALA K 289 -1.39 9.66 34.70
N LYS K 290 -0.56 8.91 33.98
CA LYS K 290 0.77 9.40 33.63
C LYS K 290 0.69 10.63 32.73
N GLU K 291 -0.40 10.77 31.97
CA GLU K 291 -0.58 11.93 31.12
C GLU K 291 -1.16 13.11 31.89
N TRP K 292 -1.99 12.82 32.89
CA TRP K 292 -2.66 13.86 33.67
C TRP K 292 -1.90 14.23 34.93
N SER K 293 -1.14 13.30 35.51
CA SER K 293 -0.34 13.62 36.69
C SER K 293 0.92 14.40 36.35
N LEU K 294 1.35 14.35 35.09
CA LEU K 294 2.52 15.11 34.66
C LEU K 294 2.14 16.55 34.32
N GLU K 295 0.95 16.73 33.77
CA GLU K 295 0.49 18.07 33.42
C GLU K 295 0.40 18.97 34.65
N GLN K 296 -0.06 18.42 35.78
CA GLN K 296 -0.10 19.21 37.01
C GLN K 296 1.29 19.62 37.45
N GLN K 297 2.30 18.84 37.11
CA GLN K 297 3.67 19.07 37.56
C GLN K 297 4.45 20.02 36.66
N ALA K 298 3.90 20.39 35.50
CA ALA K 298 4.60 21.25 34.56
C ALA K 298 4.16 22.70 34.62
N GLY K 299 2.91 22.95 34.97
CA GLY K 299 2.37 24.30 35.04
C GLY K 299 1.05 24.48 34.33
N TYR K 300 0.42 23.37 33.95
CA TYR K 300 -0.76 23.39 33.09
C TYR K 300 -0.48 24.16 31.79
N PRO K 301 0.49 23.70 30.98
CA PRO K 301 0.84 24.46 29.77
C PRO K 301 -0.08 24.20 28.58
N VAL K 302 -0.60 22.98 28.47
CA VAL K 302 -1.46 22.65 27.33
C VAL K 302 -2.91 23.01 27.63
N PHE K 303 -3.35 22.74 28.85
CA PHE K 303 -4.71 23.09 29.25
C PHE K 303 -4.97 24.59 29.15
N TYR K 304 -3.93 25.41 29.23
CA TYR K 304 -4.08 26.84 29.05
C TYR K 304 -4.20 27.21 27.58
N ARG K 305 -3.55 26.46 26.70
CA ARG K 305 -3.55 26.82 25.28
C ARG K 305 -4.85 26.40 24.63
N LEU K 306 -5.25 25.15 24.82
CA LEU K 306 -6.42 24.62 24.14
C LEU K 306 -7.72 25.30 24.57
N TRP K 307 -7.72 25.99 25.70
CA TRP K 307 -8.83 26.90 25.99
C TRP K 307 -8.81 28.09 25.04
N GLU K 308 -7.62 28.61 24.74
CA GLU K 308 -7.53 29.83 23.95
C GLU K 308 -7.77 29.59 22.47
N LEU K 309 -7.76 28.34 22.02
CA LEU K 309 -8.15 28.03 20.65
C LEU K 309 -9.65 27.86 20.53
N ALA K 310 -10.27 27.18 21.50
CA ALA K 310 -11.71 27.05 21.51
C ALA K 310 -12.40 28.41 21.67
N THR K 311 -11.95 29.18 22.66
CA THR K 311 -12.58 30.44 23.00
C THR K 311 -12.13 31.60 22.11
N GLN K 312 -11.39 31.33 21.04
CA GLN K 312 -11.04 32.33 20.05
C GLN K 312 -11.19 31.78 18.63
N SER K 313 -12.01 30.76 18.45
CA SER K 313 -12.16 30.10 17.16
C SER K 313 -13.07 30.92 16.25
N GLU K 314 -13.46 30.32 15.12
CA GLU K 314 -14.39 30.95 14.21
C GLU K 314 -15.84 30.73 14.61
N MET K 315 -16.10 29.70 15.43
CA MET K 315 -17.46 29.35 15.83
C MET K 315 -17.90 30.16 17.05
N ALA K 316 -17.10 30.15 18.11
CA ALA K 316 -17.48 30.84 19.33
C ALA K 316 -17.55 32.35 19.13
N LYS K 317 -16.66 32.88 18.28
CA LYS K 317 -16.70 34.30 17.94
C LYS K 317 -18.09 34.73 17.46
N ALA K 318 -18.59 34.05 16.43
CA ALA K 318 -19.90 34.36 15.88
C ALA K 318 -21.04 33.77 16.69
N GLU K 319 -20.74 33.03 17.76
CA GLU K 319 -21.75 32.57 18.71
C GLU K 319 -21.92 33.56 19.85
N LYS K 320 -20.81 34.10 20.35
CA LYS K 320 -20.85 35.02 21.47
C LYS K 320 -21.66 36.27 21.15
N GLU K 321 -21.74 36.63 19.86
CA GLU K 321 -22.50 37.80 19.43
C GLU K 321 -23.97 37.48 19.23
N LEU K 322 -24.31 36.28 18.78
CA LEU K 322 -25.71 35.93 18.59
C LEU K 322 -26.47 35.91 19.91
N TYR K 323 -25.80 35.52 20.99
CA TYR K 323 -26.44 35.58 22.30
C TYR K 323 -26.66 37.02 22.72
N LYS K 324 -25.73 37.91 22.38
CA LYS K 324 -25.93 39.35 22.56
C LYS K 324 -27.11 39.83 21.72
N LEU K 325 -27.37 39.18 20.59
CA LEU K 325 -28.52 39.48 19.75
C LEU K 325 -29.78 38.74 20.16
N LEU K 326 -29.73 37.98 21.27
CA LEU K 326 -30.92 37.38 21.86
C LEU K 326 -31.21 37.96 23.25
N GLY K 327 -30.23 37.92 24.15
CA GLY K 327 -30.38 38.38 25.51
C GLY K 327 -30.02 37.34 26.55
N ARG K 328 -29.41 36.23 26.14
CA ARG K 328 -28.96 35.21 27.06
C ARG K 328 -27.65 35.66 27.72
N LYS K 329 -27.07 34.78 28.54
CA LYS K 329 -25.81 35.11 29.18
C LYS K 329 -24.70 35.16 28.14
N VAL K 330 -24.36 36.35 27.68
CA VAL K 330 -23.10 36.52 26.97
C VAL K 330 -21.96 36.35 27.96
N LYS K 331 -20.79 35.99 27.43
CA LYS K 331 -19.67 35.56 28.27
C LYS K 331 -19.32 36.63 29.31
N ASN K 332 -19.17 36.18 30.56
CA ASN K 332 -18.96 37.08 31.70
C ASN K 332 -17.72 37.95 31.51
N LYS L 3 -28.95 40.56 6.73
CA LYS L 3 -28.14 40.01 7.81
C LYS L 3 -29.03 39.51 8.94
N THR L 4 -29.60 40.44 9.69
CA THR L 4 -30.35 40.16 10.90
C THR L 4 -31.66 40.95 10.85
N VAL L 5 -32.78 40.24 10.90
CA VAL L 5 -34.10 40.84 10.88
C VAL L 5 -34.68 40.80 12.28
N LEU L 6 -35.39 41.87 12.66
CA LEU L 6 -35.94 42.02 14.01
C LEU L 6 -37.39 42.47 14.03
N ASP L 7 -37.96 42.96 12.93
CA ASP L 7 -39.30 43.52 12.95
C ASP L 7 -39.73 43.81 11.52
N ALA L 8 -41.04 43.87 11.32
CA ALA L 8 -41.63 44.28 10.05
C ALA L 8 -43.11 44.51 10.30
N ASN L 9 -43.80 45.00 9.27
CA ASN L 9 -45.21 45.34 9.40
C ASN L 9 -46.07 44.09 9.48
N LEU L 10 -47.38 44.30 9.57
CA LEU L 10 -48.37 43.23 9.50
C LEU L 10 -49.52 43.54 8.55
N ASP L 11 -49.60 44.76 8.01
CA ASP L 11 -50.65 45.17 7.07
C ASP L 11 -50.65 44.43 5.74
N PRO L 12 -49.52 43.97 5.18
CA PRO L 12 -49.59 43.25 3.89
C PRO L 12 -50.45 41.99 3.94
N LEU L 13 -50.71 41.45 5.13
CA LEU L 13 -51.56 40.28 5.30
C LEU L 13 -52.96 40.65 5.78
N LYS L 14 -53.09 41.73 6.55
CA LYS L 14 -54.41 42.28 6.80
C LYS L 14 -55.05 42.73 5.50
N GLY L 15 -56.38 42.67 5.46
CA GLY L 15 -57.07 42.82 4.20
C GLY L 15 -56.99 41.61 3.30
N LYS L 16 -56.44 40.50 3.79
CA LYS L 16 -56.31 39.27 3.02
C LYS L 16 -56.57 38.08 3.92
N THR L 17 -57.09 37.02 3.32
CA THR L 17 -57.35 35.76 4.01
C THR L 17 -56.08 34.91 4.05
N ILE L 18 -55.96 34.11 5.12
CA ILE L 18 -54.87 33.15 5.29
C ILE L 18 -55.49 31.77 5.36
N GLY L 19 -54.90 30.82 4.64
CA GLY L 19 -55.38 29.44 4.65
C GLY L 19 -54.47 28.47 5.37
N VAL L 20 -54.79 28.11 6.60
CA VAL L 20 -54.01 27.14 7.33
C VAL L 20 -54.32 25.75 6.79
N ILE L 21 -53.29 25.03 6.39
CA ILE L 21 -53.40 23.63 5.98
C ILE L 21 -52.66 22.80 7.00
N GLY L 22 -53.24 21.65 7.33
CA GLY L 22 -52.67 20.83 8.37
C GLY L 22 -53.03 21.36 9.74
N TYR L 23 -53.28 20.45 10.67
CA TYR L 23 -53.60 20.78 12.06
C TYR L 23 -52.85 19.85 12.99
N GLY L 24 -51.63 19.50 12.61
CA GLY L 24 -50.84 18.55 13.37
C GLY L 24 -50.31 19.14 14.64
N ASN L 25 -49.13 18.68 15.03
CA ASN L 25 -48.46 19.20 16.21
C ASN L 25 -47.70 20.50 15.92
N GLN L 26 -47.77 21.00 14.68
CA GLN L 26 -47.28 22.32 14.30
C GLN L 26 -48.40 23.19 13.74
N GLY L 27 -49.43 22.58 13.16
CA GLY L 27 -50.53 23.35 12.61
C GLY L 27 -51.25 24.19 13.64
N ARG L 28 -51.59 23.57 14.77
CA ARG L 28 -52.37 24.26 15.79
C ARG L 28 -51.64 25.47 16.36
N VAL L 29 -50.30 25.46 16.33
CA VAL L 29 -49.53 26.48 17.02
C VAL L 29 -49.57 27.79 16.25
N GLN L 30 -49.12 27.75 14.99
CA GLN L 30 -49.24 28.92 14.12
C GLN L 30 -50.69 29.27 13.82
N ALA L 31 -51.61 28.32 13.96
CA ALA L 31 -53.02 28.61 13.73
C ALA L 31 -53.60 29.46 14.86
N THR L 32 -53.51 28.97 16.09
CA THR L 32 -54.13 29.66 17.22
C THR L 32 -53.51 31.03 17.44
N ILE L 33 -52.18 31.13 17.32
CA ILE L 33 -51.51 32.40 17.56
C ILE L 33 -52.01 33.47 16.58
N MET L 34 -52.37 33.07 15.36
CA MET L 34 -52.87 34.04 14.39
C MET L 34 -54.34 34.36 14.63
N ARG L 35 -55.07 33.46 15.28
CA ARG L 35 -56.44 33.78 15.71
C ARG L 35 -56.42 34.57 17.00
N GLU L 36 -55.45 34.32 17.87
CA GLU L 36 -55.26 35.14 19.05
C GLU L 36 -54.83 36.56 18.69
N ASN L 37 -54.31 36.76 17.47
CA ASN L 37 -53.96 38.07 16.96
C ASN L 37 -55.07 38.69 16.12
N GLY L 38 -56.26 38.09 16.12
CA GLY L 38 -57.40 38.65 15.42
C GLY L 38 -57.21 38.73 13.92
N LEU L 39 -57.21 37.57 13.26
CA LEU L 39 -56.95 37.49 11.82
C LEU L 39 -57.89 36.46 11.20
N ASN L 40 -58.51 36.83 10.09
CA ASN L 40 -59.41 35.93 9.37
C ASN L 40 -58.59 34.79 8.74
N VAL L 41 -58.69 33.60 9.32
CA VAL L 41 -57.96 32.43 8.87
C VAL L 41 -58.92 31.25 8.83
N ILE L 42 -58.68 30.33 7.88
CA ILE L 42 -59.44 29.09 7.77
C ILE L 42 -58.47 27.93 7.93
N VAL L 43 -59.04 26.73 8.06
CA VAL L 43 -58.31 25.53 8.46
C VAL L 43 -58.69 24.42 7.48
N GLY L 44 -57.89 24.22 6.45
CA GLY L 44 -58.12 23.12 5.52
C GLY L 44 -57.46 21.84 6.01
N ASN L 45 -58.18 20.73 5.87
CA ASN L 45 -57.75 19.45 6.42
C ASN L 45 -58.52 18.33 5.75
N VAL L 46 -58.03 17.11 5.95
CA VAL L 46 -58.83 15.91 5.82
C VAL L 46 -59.53 15.69 7.15
N LYS L 47 -60.59 14.88 7.14
CA LYS L 47 -61.48 14.74 8.29
C LYS L 47 -61.12 13.50 9.09
N ASP L 48 -60.60 13.71 10.30
CA ASP L 48 -60.20 12.66 11.21
C ASP L 48 -60.40 13.20 12.63
N LYS L 49 -59.75 12.57 13.62
CA LYS L 49 -59.85 13.07 14.99
C LYS L 49 -59.29 14.48 15.10
N TYR L 50 -58.37 14.87 14.22
CA TYR L 50 -57.83 16.22 14.25
C TYR L 50 -58.87 17.24 13.77
N TYR L 51 -59.81 16.81 12.94
CA TYR L 51 -60.90 17.70 12.53
C TYR L 51 -61.85 17.95 13.70
N GLU L 52 -62.43 16.86 14.23
CA GLU L 52 -63.42 16.96 15.29
C GLU L 52 -62.90 17.77 16.47
N LEU L 53 -61.64 17.54 16.84
CA LEU L 53 -60.90 18.51 17.65
C LEU L 53 -61.00 19.90 17.05
N ALA L 54 -60.54 20.04 15.80
CA ALA L 54 -60.41 21.35 15.19
C ALA L 54 -61.75 22.03 14.95
N LYS L 55 -62.85 21.28 14.96
CA LYS L 55 -64.18 21.88 14.92
C LYS L 55 -64.64 22.31 16.30
N LYS L 56 -64.17 21.62 17.34
CA LYS L 56 -64.42 22.03 18.71
C LYS L 56 -63.69 23.32 19.08
N GLU L 57 -62.68 23.71 18.29
CA GLU L 57 -61.89 24.90 18.57
C GLU L 57 -62.41 26.13 17.81
N GLY L 58 -63.58 26.04 17.19
CA GLY L 58 -64.23 27.19 16.59
C GLY L 58 -63.81 27.52 15.17
N PHE L 59 -62.71 26.94 14.70
CA PHE L 59 -62.22 27.27 13.37
C PHE L 59 -63.21 26.85 12.30
N GLU L 60 -63.11 27.50 11.14
CA GLU L 60 -63.83 27.08 9.95
C GLU L 60 -62.99 26.03 9.24
N VAL L 61 -63.60 24.88 8.92
CA VAL L 61 -62.97 23.89 8.06
C VAL L 61 -63.71 23.84 6.74
N TYR L 62 -62.93 23.82 5.67
CA TYR L 62 -63.37 23.44 4.34
C TYR L 62 -62.45 22.34 3.86
N GLU L 63 -62.81 21.69 2.76
CA GLU L 63 -61.87 20.78 2.13
C GLU L 63 -60.69 21.56 1.54
N ILE L 64 -59.63 20.84 1.20
CA ILE L 64 -58.35 21.44 0.86
C ILE L 64 -58.51 22.29 -0.39
N ASP L 65 -58.92 21.68 -1.50
CA ASP L 65 -59.07 22.43 -2.74
C ASP L 65 -60.16 23.49 -2.66
N GLU L 66 -61.01 23.46 -1.62
CA GLU L 66 -61.92 24.56 -1.36
C GLU L 66 -61.25 25.62 -0.51
N ALA L 67 -60.38 25.20 0.42
CA ALA L 67 -59.73 26.15 1.33
C ALA L 67 -58.73 27.03 0.60
N VAL L 68 -57.83 26.41 -0.17
CA VAL L 68 -56.79 27.17 -0.83
C VAL L 68 -57.36 28.05 -1.94
N ARG L 69 -58.55 27.72 -2.44
CA ARG L 69 -59.27 28.63 -3.32
C ARG L 69 -59.81 29.82 -2.53
N ARG L 70 -60.34 29.58 -1.33
CA ARG L 70 -60.95 30.64 -0.56
C ARG L 70 -59.93 31.70 -0.16
N SER L 71 -58.73 31.27 0.20
CA SER L 71 -57.77 32.14 0.85
C SER L 71 -56.91 32.86 -0.18
N ASP L 72 -55.95 33.64 0.32
CA ASP L 72 -55.01 34.40 -0.48
C ASP L 72 -53.58 33.90 -0.33
N VAL L 73 -53.24 33.38 0.85
CA VAL L 73 -51.98 32.69 1.08
C VAL L 73 -52.29 31.51 1.98
N ALA L 74 -51.34 30.59 2.08
CA ALA L 74 -51.55 29.39 2.88
C ALA L 74 -50.24 28.90 3.45
N LEU L 75 -50.33 28.24 4.60
CA LEU L 75 -49.20 27.71 5.34
C LEU L 75 -49.33 26.18 5.28
N LEU L 76 -48.62 25.58 4.32
CA LEU L 76 -48.77 24.17 4.01
C LEU L 76 -48.03 23.33 5.05
N LEU L 77 -48.64 23.25 6.23
CA LEU L 77 -48.05 22.59 7.40
C LEU L 77 -48.40 21.11 7.43
N ILE L 78 -48.03 20.42 6.35
CA ILE L 78 -48.08 18.96 6.27
C ILE L 78 -46.65 18.48 6.12
N PRO L 79 -46.35 17.20 6.36
CA PRO L 79 -44.95 16.76 6.37
C PRO L 79 -44.30 16.92 5.00
N ASP L 80 -43.00 16.64 4.99
CA ASP L 80 -42.21 16.63 3.77
C ASP L 80 -42.36 15.33 2.98
N GLU L 81 -43.25 14.43 3.42
CA GLU L 81 -43.35 13.07 2.92
C GLU L 81 -44.55 12.84 2.04
N VAL L 82 -45.71 13.40 2.40
CA VAL L 82 -46.95 13.26 1.64
C VAL L 82 -47.46 14.63 1.20
N MET L 83 -46.54 15.56 0.97
CA MET L 83 -46.87 16.83 0.34
C MET L 83 -46.90 16.70 -1.17
N LYS L 84 -46.05 15.82 -1.72
CA LYS L 84 -45.98 15.66 -3.16
C LYS L 84 -47.30 15.14 -3.73
N GLU L 85 -47.93 14.20 -3.03
CA GLU L 85 -49.19 13.65 -3.52
C GLU L 85 -50.30 14.69 -3.51
N VAL L 86 -50.32 15.58 -2.52
CA VAL L 86 -51.43 16.50 -2.37
C VAL L 86 -51.27 17.71 -3.28
N TYR L 87 -50.04 18.09 -3.61
CA TYR L 87 -49.83 19.15 -4.61
C TYR L 87 -50.12 18.62 -6.01
N GLU L 88 -49.64 17.41 -6.31
CA GLU L 88 -49.85 16.84 -7.63
C GLU L 88 -51.32 16.58 -7.91
N LYS L 89 -52.05 16.11 -6.91
CA LYS L 89 -53.41 15.62 -7.14
C LYS L 89 -54.45 16.73 -6.99
N LYS L 90 -54.47 17.41 -5.85
CA LYS L 90 -55.56 18.32 -5.50
C LYS L 90 -55.23 19.78 -5.81
N ILE L 91 -54.19 20.32 -5.20
CA ILE L 91 -54.01 21.77 -5.17
C ILE L 91 -53.60 22.30 -6.54
N ALA L 92 -52.45 21.84 -7.04
CA ALA L 92 -51.78 22.47 -8.18
C ALA L 92 -52.66 22.64 -9.41
N PRO L 93 -53.58 21.73 -9.73
CA PRO L 93 -54.53 22.00 -10.83
C PRO L 93 -55.44 23.19 -10.55
N VAL L 94 -55.54 23.64 -9.31
CA VAL L 94 -56.35 24.82 -8.98
C VAL L 94 -55.55 26.11 -9.11
N LEU L 95 -54.25 26.07 -8.81
CA LEU L 95 -53.48 27.30 -8.66
C LEU L 95 -53.27 28.02 -9.98
N GLN L 96 -53.49 27.37 -11.12
CA GLN L 96 -53.51 28.07 -12.39
C GLN L 96 -54.74 28.96 -12.55
N GLY L 97 -55.75 28.79 -11.68
CA GLY L 97 -56.93 29.63 -11.71
C GLY L 97 -56.82 30.84 -10.81
N LYS L 98 -55.60 31.32 -10.60
CA LYS L 98 -55.34 32.49 -9.77
C LYS L 98 -54.31 33.36 -10.45
N LYS L 99 -54.25 34.63 -10.01
CA LYS L 99 -53.40 35.64 -10.60
C LYS L 99 -52.33 36.16 -9.65
N GLU L 100 -52.61 36.17 -8.35
CA GLU L 100 -51.59 36.38 -7.32
C GLU L 100 -51.86 35.42 -6.19
N PHE L 101 -50.82 34.75 -5.71
CA PHE L 101 -50.98 33.79 -4.63
C PHE L 101 -49.61 33.51 -4.03
N VAL L 102 -49.65 32.91 -2.84
CA VAL L 102 -48.45 32.54 -2.11
C VAL L 102 -48.68 31.16 -1.51
N LEU L 103 -47.59 30.44 -1.27
CA LEU L 103 -47.64 29.08 -0.74
C LEU L 103 -46.51 28.96 0.28
N ASP L 104 -46.85 29.15 1.55
CA ASP L 104 -45.87 29.23 2.62
C ASP L 104 -45.55 27.84 3.13
N PHE L 105 -44.31 27.41 2.93
CA PHE L 105 -43.87 26.09 3.35
C PHE L 105 -43.27 26.18 4.75
N ALA L 106 -42.92 25.01 5.29
CA ALA L 106 -42.30 24.88 6.59
C ALA L 106 -40.97 24.15 6.57
N SER L 107 -40.83 23.17 5.69
CA SER L 107 -39.56 22.47 5.49
C SER L 107 -39.37 22.28 3.99
N GLY L 108 -38.26 22.80 3.47
CA GLY L 108 -38.04 22.88 2.04
C GLY L 108 -37.36 21.68 1.44
N TYR L 109 -37.51 20.52 2.08
CA TYR L 109 -37.02 19.28 1.50
C TYR L 109 -37.70 18.97 0.18
N ASN L 110 -38.92 19.47 -0.04
CA ASN L 110 -39.71 19.16 -1.22
C ASN L 110 -39.66 20.26 -2.27
N VAL L 111 -38.75 21.22 -2.16
CA VAL L 111 -38.60 22.29 -3.14
C VAL L 111 -37.16 22.32 -3.63
N ALA L 112 -36.21 22.41 -2.71
CA ALA L 112 -34.81 22.54 -3.08
C ALA L 112 -34.34 21.34 -3.88
N PHE L 113 -34.92 20.16 -3.63
CA PHE L 113 -34.64 18.97 -4.41
C PHE L 113 -35.58 18.80 -5.59
N GLY L 114 -36.35 19.83 -5.94
CA GLY L 114 -37.14 19.82 -7.14
C GLY L 114 -38.26 18.80 -7.19
N LEU L 115 -38.64 18.23 -6.05
CA LEU L 115 -39.72 17.26 -6.05
C LEU L 115 -41.06 17.91 -6.34
N ILE L 116 -41.20 19.21 -6.03
CA ILE L 116 -42.37 20.00 -6.37
C ILE L 116 -41.91 21.22 -7.15
N ARG L 117 -42.72 21.63 -8.11
CA ARG L 117 -42.39 22.74 -9.00
C ARG L 117 -43.65 23.61 -9.16
N PRO L 118 -43.80 24.65 -8.36
CA PRO L 118 -44.97 25.51 -8.49
C PRO L 118 -44.90 26.35 -9.76
N PRO L 119 -46.03 26.92 -10.20
CA PRO L 119 -46.02 27.66 -11.48
C PRO L 119 -45.34 29.01 -11.43
N LYS L 120 -45.46 29.75 -12.53
CA LYS L 120 -44.74 31.01 -12.73
C LYS L 120 -45.47 32.21 -12.13
N SER L 121 -46.80 32.15 -12.04
CA SER L 121 -47.61 33.25 -11.55
C SER L 121 -47.81 33.21 -10.05
N VAL L 122 -46.86 32.62 -9.32
CA VAL L 122 -47.03 32.29 -7.90
C VAL L 122 -45.77 32.68 -7.15
N ASP L 123 -45.94 33.11 -5.90
CA ASP L 123 -44.84 33.37 -5.00
C ASP L 123 -44.64 32.17 -4.09
N THR L 124 -43.40 31.90 -3.73
CA THR L 124 -43.04 30.83 -2.82
C THR L 124 -42.12 31.36 -1.74
N ILE L 125 -42.34 30.92 -0.50
CA ILE L 125 -41.60 31.42 0.64
C ILE L 125 -41.37 30.29 1.63
N MET L 126 -40.65 30.58 2.72
CA MET L 126 -40.29 29.59 3.72
C MET L 126 -40.35 30.27 5.07
N VAL L 127 -41.02 29.63 6.02
CA VAL L 127 -41.04 30.09 7.41
C VAL L 127 -40.86 28.87 8.31
N ALA L 128 -39.63 28.64 8.77
CA ALA L 128 -39.29 27.44 9.52
C ALA L 128 -39.13 27.79 11.00
N PRO L 129 -40.02 27.35 11.88
CA PRO L 129 -39.72 27.48 13.31
C PRO L 129 -38.52 26.64 13.72
N ARG L 130 -37.43 27.33 14.10
CA ARG L 130 -36.28 26.67 14.72
C ARG L 130 -36.49 26.64 16.22
N MET L 131 -37.36 25.72 16.63
CA MET L 131 -37.81 25.66 18.01
C MET L 131 -38.41 24.28 18.24
N VAL L 132 -38.60 23.95 19.51
CA VAL L 132 -39.12 22.63 19.89
C VAL L 132 -40.54 22.42 19.34
N GLY L 133 -41.26 23.51 19.08
CA GLY L 133 -42.61 23.42 18.54
C GLY L 133 -43.68 23.41 19.62
N GLU L 134 -43.56 22.49 20.57
CA GLU L 134 -44.54 22.42 21.65
C GLU L 134 -44.35 23.55 22.65
N GLY L 135 -43.11 23.87 23.00
CA GLY L 135 -42.82 24.93 23.94
C GLY L 135 -43.25 26.31 23.48
N ILE L 136 -43.53 26.47 22.18
CA ILE L 136 -43.96 27.77 21.67
C ILE L 136 -45.28 28.17 22.32
N MET L 137 -46.17 27.19 22.53
CA MET L 137 -47.39 27.47 23.28
C MET L 137 -47.07 27.75 24.74
N ASP L 138 -46.07 27.07 25.29
CA ASP L 138 -45.57 27.43 26.62
C ASP L 138 -44.87 28.78 26.63
N LEU L 139 -44.57 29.34 25.45
CA LEU L 139 -43.89 30.62 25.33
C LEU L 139 -44.81 31.75 24.88
N HIS L 140 -45.92 31.45 24.21
CA HIS L 140 -46.88 32.51 23.87
C HIS L 140 -47.69 32.94 25.07
N LYS L 141 -47.88 32.06 26.05
CA LYS L 141 -48.41 32.46 27.34
C LYS L 141 -47.38 33.20 28.20
N GLN L 142 -46.14 33.37 27.71
CA GLN L 142 -45.13 34.19 28.34
C GLN L 142 -45.02 35.55 27.66
N GLY L 143 -44.94 35.55 26.33
CA GLY L 143 -44.83 36.76 25.54
C GLY L 143 -43.49 36.97 24.85
N LYS L 144 -42.55 36.04 24.98
CA LYS L 144 -41.25 36.12 24.34
C LYS L 144 -41.26 35.21 23.11
N GLY L 145 -40.86 35.76 21.96
CA GLY L 145 -40.94 35.02 20.71
C GLY L 145 -39.86 33.97 20.54
N TYR L 146 -39.40 33.77 19.30
CA TYR L 146 -38.45 32.70 19.01
C TYR L 146 -37.84 32.89 17.63
N PRO L 147 -36.81 32.13 17.27
CA PRO L 147 -36.19 32.30 15.95
C PRO L 147 -37.01 31.65 14.83
N VAL L 148 -36.79 32.15 13.61
CA VAL L 148 -37.33 31.56 12.40
C VAL L 148 -36.28 31.65 11.31
N LEU L 149 -36.63 31.11 10.13
CA LEU L 149 -35.83 31.22 8.93
C LEU L 149 -36.72 31.70 7.80
N LEU L 150 -36.09 32.34 6.81
CA LEU L 150 -36.80 32.94 5.70
C LEU L 150 -36.06 32.65 4.41
N GLY L 151 -36.81 32.62 3.31
CA GLY L 151 -36.23 32.32 2.02
C GLY L 151 -37.25 32.49 0.91
N VAL L 152 -36.75 32.46 -0.31
CA VAL L 152 -37.55 32.65 -1.51
C VAL L 152 -37.07 31.68 -2.57
N LYS L 153 -38.01 31.08 -3.31
CA LYS L 153 -37.72 30.31 -4.50
C LYS L 153 -38.09 31.07 -5.77
N GLN L 154 -39.18 31.84 -5.73
CA GLN L 154 -39.57 32.64 -6.88
C GLN L 154 -40.39 33.83 -6.40
N ASP L 155 -40.24 34.95 -7.10
CA ASP L 155 -40.97 36.18 -6.80
C ASP L 155 -41.47 36.76 -8.12
N ALA L 156 -42.79 36.93 -8.23
CA ALA L 156 -43.42 37.58 -9.37
C ALA L 156 -44.44 38.62 -8.91
N SER L 157 -44.14 39.28 -7.79
CA SER L 157 -44.96 40.36 -7.26
C SER L 157 -44.14 41.54 -6.77
N GLY L 158 -42.81 41.43 -6.71
CA GLY L 158 -42.00 42.44 -6.07
C GLY L 158 -42.15 42.52 -4.56
N LYS L 159 -42.93 41.64 -3.95
CA LYS L 159 -43.22 41.69 -2.51
C LYS L 159 -43.18 40.27 -1.93
N ALA L 160 -42.19 39.48 -2.35
CA ALA L 160 -41.99 38.19 -1.71
C ALA L 160 -41.45 38.35 -0.31
N TRP L 161 -40.86 39.50 0.00
CA TRP L 161 -40.22 39.72 1.29
C TRP L 161 -41.13 40.46 2.26
N ASP L 162 -41.89 41.44 1.76
CA ASP L 162 -42.83 42.13 2.63
C ASP L 162 -43.97 41.23 3.09
N TYR L 163 -44.17 40.08 2.43
CA TYR L 163 -45.03 39.05 2.98
C TYR L 163 -44.29 38.22 4.01
N ALA L 164 -43.13 37.67 3.62
CA ALA L 164 -42.40 36.74 4.49
C ALA L 164 -41.96 37.41 5.78
N LYS L 165 -41.38 38.62 5.66
CA LYS L 165 -41.02 39.38 6.85
C LYS L 165 -42.24 39.65 7.73
N ALA L 166 -43.42 39.78 7.11
CA ALA L 166 -44.61 40.16 7.85
C ALA L 166 -45.32 38.96 8.45
N ILE L 167 -45.18 37.77 7.85
CA ILE L 167 -45.80 36.58 8.42
C ILE L 167 -45.21 36.28 9.79
N ALA L 168 -43.89 36.31 9.90
CA ALA L 168 -43.21 35.90 11.12
C ALA L 168 -43.65 36.70 12.34
N LYS L 169 -44.07 37.95 12.14
CA LYS L 169 -44.62 38.71 13.26
C LYS L 169 -45.95 38.13 13.72
N GLY L 170 -46.65 37.43 12.85
CA GLY L 170 -47.96 36.92 13.16
C GLY L 170 -48.01 35.53 13.77
N ILE L 171 -46.86 34.87 13.90
CA ILE L 171 -46.78 33.53 14.48
C ILE L 171 -45.95 33.56 15.75
N GLY L 172 -45.97 34.70 16.45
CA GLY L 172 -45.33 34.79 17.75
C GLY L 172 -43.83 34.67 17.72
N ALA L 173 -43.20 35.02 16.60
CA ALA L 173 -41.75 34.93 16.45
C ALA L 173 -41.05 36.27 16.58
N ILE L 174 -41.68 37.36 16.16
CA ILE L 174 -41.10 38.70 16.26
C ILE L 174 -42.22 39.70 16.49
N PRO L 175 -41.89 40.90 17.00
CA PRO L 175 -40.63 41.31 17.63
C PRO L 175 -40.47 40.69 19.01
N GLY L 176 -39.24 40.31 19.33
CA GLY L 176 -38.92 39.69 20.61
C GLY L 176 -37.94 38.56 20.43
N GLY L 177 -38.03 37.88 19.29
CA GLY L 177 -37.02 36.96 18.83
C GLY L 177 -36.18 37.61 17.76
N ILE L 178 -35.76 36.80 16.79
CA ILE L 178 -35.17 37.32 15.56
C ILE L 178 -35.66 36.45 14.40
N ALA L 179 -35.23 36.82 13.19
CA ALA L 179 -35.50 36.05 11.99
C ALA L 179 -34.28 36.15 11.10
N VAL L 180 -33.92 35.04 10.48
CA VAL L 180 -32.68 34.93 9.73
C VAL L 180 -33.02 34.65 8.27
N ILE L 181 -32.18 35.16 7.38
CA ILE L 181 -32.44 35.15 5.95
C ILE L 181 -31.59 34.07 5.32
N SER L 182 -32.24 33.13 4.64
CA SER L 182 -31.59 31.98 4.05
C SER L 182 -32.36 31.60 2.79
N SER L 183 -32.15 30.39 2.31
CA SER L 183 -32.83 29.85 1.14
C SER L 183 -33.52 28.55 1.53
N PHE L 184 -34.11 27.89 0.53
CA PHE L 184 -34.56 26.51 0.72
C PHE L 184 -33.39 25.56 0.68
N GLU L 185 -32.41 25.83 -0.19
CA GLU L 185 -31.28 24.95 -0.38
C GLU L 185 -30.46 24.83 0.90
N GLU L 186 -30.36 25.92 1.65
CA GLU L 186 -29.71 25.89 2.96
C GLU L 186 -30.63 25.39 4.06
N GLU L 187 -31.94 25.53 3.90
CA GLU L 187 -32.87 25.04 4.90
C GLU L 187 -32.78 23.54 5.03
N ALA L 188 -32.79 22.83 3.90
CA ALA L 188 -32.83 21.38 3.93
C ALA L 188 -31.49 20.80 4.39
N LEU L 189 -30.38 21.47 4.07
CA LEU L 189 -29.08 20.93 4.44
C LEU L 189 -28.89 20.96 5.95
N LEU L 190 -29.08 22.12 6.57
CA LEU L 190 -28.91 22.22 8.01
C LEU L 190 -29.95 21.39 8.74
N ASP L 191 -31.14 21.25 8.17
CA ASP L 191 -32.18 20.41 8.75
C ASP L 191 -32.02 18.94 8.37
N LEU L 192 -30.92 18.57 7.71
CA LEU L 192 -30.59 17.18 7.39
C LEU L 192 -29.21 16.80 7.90
N MET L 193 -28.24 17.72 7.88
CA MET L 193 -26.92 17.44 8.39
C MET L 193 -26.93 17.15 9.88
N SER L 194 -27.98 17.56 10.59
CA SER L 194 -28.10 17.20 12.00
C SER L 194 -28.59 15.77 12.15
N GLU L 195 -29.48 15.33 11.26
CA GLU L 195 -30.06 14.00 11.32
C GLU L 195 -29.25 12.97 10.53
N HIS L 196 -27.98 13.26 10.26
CA HIS L 196 -27.08 12.36 9.57
C HIS L 196 -25.72 12.25 10.24
N THR L 197 -25.28 13.29 10.94
CA THR L 197 -23.87 13.47 11.26
C THR L 197 -23.57 13.40 12.76
N TRP L 198 -24.23 14.23 13.58
CA TRP L 198 -23.96 14.24 15.02
C TRP L 198 -25.06 13.57 15.84
N VAL L 199 -26.18 13.22 15.24
CA VAL L 199 -27.19 12.41 15.90
C VAL L 199 -26.72 10.95 15.93
N PRO L 200 -26.46 10.30 14.80
CA PRO L 200 -26.14 8.86 14.86
C PRO L 200 -24.78 8.58 15.47
N ILE L 201 -23.78 9.42 15.19
CA ILE L 201 -22.47 9.24 15.77
C ILE L 201 -22.51 9.35 17.29
N LEU L 202 -23.50 10.03 17.84
CA LEU L 202 -23.75 9.96 19.27
C LEU L 202 -24.28 8.58 19.66
N PHE L 203 -25.37 8.16 19.03
CA PHE L 203 -25.93 6.85 19.32
C PHE L 203 -25.00 5.73 18.88
N GLY L 204 -24.09 6.01 17.95
CA GLY L 204 -23.15 5.00 17.50
C GLY L 204 -22.00 4.77 18.45
N ALA L 205 -21.76 5.71 19.37
CA ALA L 205 -20.67 5.59 20.33
C ALA L 205 -21.13 4.91 21.62
N ILE L 206 -22.29 5.31 22.12
CA ILE L 206 -22.88 4.64 23.29
C ILE L 206 -23.05 3.16 23.01
N LYS L 207 -23.50 2.83 21.79
CA LYS L 207 -23.63 1.42 21.40
C LYS L 207 -22.29 0.72 21.42
N ALA L 208 -21.18 1.46 21.24
CA ALA L 208 -19.85 0.90 21.22
C ALA L 208 -19.03 1.22 22.47
N CYS L 209 -19.55 2.09 23.35
CA CYS L 209 -19.00 2.21 24.69
C CYS L 209 -19.66 1.22 25.65
N TYR L 210 -20.79 0.62 25.25
CA TYR L 210 -21.42 -0.47 25.97
C TYR L 210 -20.90 -1.81 25.48
N ASP L 211 -20.85 -2.01 24.16
CA ASP L 211 -20.40 -3.27 23.59
C ASP L 211 -18.93 -3.55 23.87
N ILE L 212 -18.17 -2.58 24.35
CA ILE L 212 -16.76 -2.75 24.68
C ILE L 212 -16.61 -2.93 26.17
N ALA L 213 -17.49 -2.29 26.95
CA ALA L 213 -17.38 -2.36 28.40
C ALA L 213 -17.90 -3.69 28.94
N VAL L 214 -18.93 -4.24 28.31
CA VAL L 214 -19.54 -5.47 28.79
C VAL L 214 -18.79 -6.69 28.25
N LYS L 215 -18.68 -6.79 26.93
CA LYS L 215 -18.25 -8.03 26.29
C LYS L 215 -16.75 -8.22 26.27
N GLU L 216 -15.96 -7.22 26.65
CA GLU L 216 -14.51 -7.27 26.52
C GLU L 216 -13.79 -6.88 27.80
N TYR L 217 -14.42 -6.09 28.66
CA TYR L 217 -13.78 -5.55 29.85
C TYR L 217 -14.51 -5.89 31.14
N GLY L 218 -15.48 -6.80 31.10
CA GLY L 218 -16.05 -7.35 32.31
C GLY L 218 -16.75 -6.35 33.20
N VAL L 219 -17.89 -5.85 32.75
CA VAL L 219 -18.63 -4.81 33.47
C VAL L 219 -20.07 -5.26 33.64
N SER L 220 -20.67 -4.82 34.74
CA SER L 220 -22.07 -5.10 34.99
C SER L 220 -22.94 -4.31 34.01
N PRO L 221 -23.86 -4.94 33.27
CA PRO L 221 -24.72 -4.16 32.37
C PRO L 221 -25.56 -3.11 33.07
N GLU L 222 -26.01 -3.37 34.29
CA GLU L 222 -26.88 -2.42 34.98
C GLU L 222 -26.16 -1.12 35.32
N ALA L 223 -24.82 -1.14 35.40
CA ALA L 223 -24.05 0.06 35.70
C ALA L 223 -23.62 0.81 34.45
N ALA L 224 -23.38 0.10 33.35
CA ALA L 224 -22.90 0.76 32.14
C ALA L 224 -23.91 1.76 31.61
N LEU L 225 -25.20 1.49 31.78
CA LEU L 225 -26.23 2.41 31.31
C LEU L 225 -26.43 3.57 32.26
N LEU L 226 -26.23 3.36 33.57
CA LEU L 226 -26.47 4.42 34.54
C LEU L 226 -25.50 5.57 34.39
N GLU L 227 -24.36 5.34 33.74
CA GLU L 227 -23.37 6.39 33.53
C GLU L 227 -23.55 7.10 32.20
N PHE L 228 -24.01 6.39 31.16
CA PHE L 228 -24.12 7.00 29.84
C PHE L 228 -25.39 7.83 29.70
N TYR L 229 -26.55 7.17 29.77
CA TYR L 229 -27.79 7.83 29.38
C TYR L 229 -29.03 7.40 30.18
N ALA L 230 -28.87 6.66 31.26
CA ALA L 230 -30.00 6.46 32.18
C ALA L 230 -30.22 7.67 33.07
N SER L 231 -29.27 8.58 33.15
CA SER L 231 -29.34 9.78 33.97
C SER L 231 -29.70 10.99 33.10
N GLY L 232 -30.12 12.05 33.77
CA GLY L 232 -30.41 13.31 33.10
C GLY L 232 -29.19 14.20 32.91
N GLU L 233 -28.00 13.63 33.06
CA GLU L 233 -26.77 14.42 32.92
C GLU L 233 -26.65 15.03 31.53
N LEU L 234 -27.24 14.40 30.51
CA LEU L 234 -27.23 15.00 29.18
C LEU L 234 -28.02 16.29 29.17
N ALA L 235 -29.15 16.32 29.88
CA ALA L 235 -29.91 17.56 30.01
C ALA L 235 -29.10 18.64 30.72
N GLU L 236 -28.24 18.26 31.66
CA GLU L 236 -27.34 19.22 32.30
C GLU L 236 -26.16 19.59 31.41
N ILE L 237 -25.99 18.91 30.28
CA ILE L 237 -25.07 19.37 29.24
C ILE L 237 -25.83 20.17 28.19
N ALA L 238 -27.10 19.87 27.96
CA ALA L 238 -27.89 20.55 26.95
C ALA L 238 -28.48 21.86 27.45
N ARG L 239 -29.01 21.85 28.68
CA ARG L 239 -29.53 23.08 29.27
C ARG L 239 -28.43 24.12 29.43
N LEU L 240 -27.22 23.68 29.80
CA LEU L 240 -26.12 24.62 30.00
C LEU L 240 -25.55 25.08 28.67
N ILE L 241 -25.49 24.19 27.68
CA ILE L 241 -25.02 24.59 26.36
C ILE L 241 -25.96 25.60 25.74
N ALA L 242 -27.25 25.54 26.09
CA ALA L 242 -28.22 26.50 25.56
C ALA L 242 -28.17 27.84 26.28
N GLU L 243 -27.75 27.84 27.55
CA GLU L 243 -27.77 29.03 28.38
C GLU L 243 -26.44 29.77 28.41
N GLU L 244 -25.32 29.05 28.35
CA GLU L 244 -24.02 29.60 28.69
C GLU L 244 -23.10 29.73 27.48
N GLY L 245 -22.91 28.65 26.74
CA GLY L 245 -21.92 28.61 25.67
C GLY L 245 -21.28 27.25 25.56
N ILE L 246 -21.19 26.73 24.35
CA ILE L 246 -20.72 25.37 24.11
C ILE L 246 -19.28 25.15 24.53
N PHE L 247 -18.52 26.22 24.76
CA PHE L 247 -17.19 26.15 25.37
C PHE L 247 -17.13 26.98 26.63
N ASN L 248 -18.26 27.10 27.33
CA ASN L 248 -18.34 27.81 28.61
C ASN L 248 -19.17 27.06 29.64
N GLN L 249 -19.71 25.90 29.30
CA GLN L 249 -20.36 25.02 30.27
C GLN L 249 -19.36 24.15 31.03
N MET L 250 -18.07 24.25 30.71
CA MET L 250 -17.08 23.31 31.19
C MET L 250 -16.36 23.79 32.44
N VAL L 251 -16.43 25.08 32.75
CA VAL L 251 -15.91 25.56 34.03
C VAL L 251 -16.66 24.94 35.18
N HIS L 252 -17.94 24.63 34.97
CA HIS L 252 -18.76 24.05 36.03
C HIS L 252 -18.30 22.63 36.37
N HIS L 253 -17.69 21.93 35.43
CA HIS L 253 -17.10 20.63 35.66
C HIS L 253 -15.69 20.81 36.23
N SER L 254 -14.93 19.72 36.33
CA SER L 254 -13.57 19.73 36.83
C SER L 254 -12.57 19.53 35.69
N THR L 255 -11.29 19.75 36.01
CA THR L 255 -10.27 19.71 34.98
C THR L 255 -10.05 18.30 34.45
N THR L 256 -10.22 17.28 35.31
CA THR L 256 -10.18 15.91 34.84
C THR L 256 -11.22 15.63 33.76
N SER L 257 -12.33 16.38 33.75
CA SER L 257 -13.34 16.28 32.71
C SER L 257 -13.08 17.22 31.56
N GLN L 258 -12.34 18.32 31.80
CA GLN L 258 -12.02 19.25 30.73
C GLN L 258 -10.82 18.77 29.91
N TYR L 259 -9.77 18.30 30.58
CA TYR L 259 -8.52 18.01 29.88
C TYR L 259 -8.69 16.83 28.93
N GLY L 260 -9.36 15.77 29.38
CA GLY L 260 -9.58 14.63 28.52
C GLY L 260 -10.46 14.97 27.33
N THR L 261 -11.39 15.90 27.52
CA THR L 261 -12.27 16.32 26.43
C THR L 261 -11.48 17.03 25.34
N LEU L 262 -10.80 18.11 25.69
CA LEU L 262 -10.19 18.98 24.69
C LEU L 262 -9.03 18.29 23.98
N THR L 263 -8.24 17.49 24.70
CA THR L 263 -7.15 16.76 24.05
C THR L 263 -7.65 15.77 23.03
N ARG L 264 -8.91 15.34 23.11
CA ARG L 264 -9.49 14.37 22.21
C ARG L 264 -10.49 14.99 21.24
N MET L 265 -10.90 16.23 21.46
CA MET L 265 -11.77 16.90 20.50
C MET L 265 -11.00 17.34 19.27
N PHE L 266 -9.76 17.78 19.46
CA PHE L 266 -8.89 18.15 18.36
C PHE L 266 -8.14 16.97 17.77
N LYS L 267 -8.09 15.84 18.48
CA LYS L 267 -7.48 14.64 17.95
C LYS L 267 -8.39 13.91 16.98
N TYR L 268 -9.68 14.25 16.95
CA TYR L 268 -10.66 13.58 16.12
C TYR L 268 -11.46 14.55 15.26
N TYR L 269 -11.14 15.85 15.30
CA TYR L 269 -11.73 16.80 14.38
C TYR L 269 -11.39 16.48 12.93
N ASP L 270 -10.29 15.77 12.69
CA ASP L 270 -9.86 15.41 11.35
C ASP L 270 -10.39 14.06 10.88
N VAL L 271 -11.39 13.51 11.57
CA VAL L 271 -12.07 12.29 11.15
C VAL L 271 -13.55 12.51 10.97
N VAL L 272 -14.20 13.19 11.91
CA VAL L 272 -15.59 13.57 11.73
C VAL L 272 -15.73 14.63 10.65
N ARG L 273 -14.65 15.33 10.32
CA ARG L 273 -14.63 16.17 9.14
C ARG L 273 -14.85 15.35 7.88
N ARG L 274 -14.09 14.27 7.72
CA ARG L 274 -14.22 13.43 6.54
C ARG L 274 -15.55 12.69 6.52
N ILE L 275 -16.11 12.39 7.70
CA ILE L 275 -17.42 11.78 7.75
C ILE L 275 -18.48 12.74 7.23
N VAL L 276 -18.31 14.03 7.53
CA VAL L 276 -19.33 15.02 7.22
C VAL L 276 -19.20 15.52 5.79
N GLU L 277 -17.97 15.71 5.32
CA GLU L 277 -17.73 16.09 3.94
C GLU L 277 -18.40 15.12 2.97
N ASN L 278 -18.30 13.82 3.26
CA ASN L 278 -18.96 12.83 2.40
C ASN L 278 -20.47 12.88 2.57
N GLU L 279 -20.95 13.24 3.77
CA GLU L 279 -22.38 13.21 4.03
C GLU L 279 -23.08 14.46 3.53
N ALA L 280 -22.34 15.54 3.27
CA ALA L 280 -22.93 16.75 2.73
C ALA L 280 -22.92 16.75 1.21
N LYS L 281 -21.86 16.21 0.61
CA LYS L 281 -21.84 16.02 -0.83
C LYS L 281 -22.91 15.02 -1.26
N TYR L 282 -23.28 14.10 -0.38
CA TYR L 282 -24.34 13.13 -0.65
C TYR L 282 -25.73 13.72 -0.47
N ILE L 283 -25.84 15.01 -0.15
CA ILE L 283 -27.12 15.69 0.02
C ILE L 283 -27.23 16.89 -0.92
N TRP L 284 -26.14 17.66 -1.04
CA TRP L 284 -26.10 18.79 -1.95
C TRP L 284 -26.42 18.38 -3.38
N ASP L 285 -26.01 17.17 -3.77
CA ASP L 285 -26.26 16.66 -5.11
C ASP L 285 -27.61 15.97 -5.23
N GLY L 286 -28.46 16.04 -4.20
CA GLY L 286 -29.75 15.39 -4.27
C GLY L 286 -29.71 13.89 -4.32
N SER L 287 -28.58 13.27 -3.95
CA SER L 287 -28.48 11.82 -3.93
C SER L 287 -29.06 11.20 -2.66
N PHE L 288 -29.85 11.94 -1.89
CA PHE L 288 -30.59 11.40 -0.76
C PHE L 288 -32.07 11.27 -1.06
N ALA L 289 -32.63 12.23 -1.79
CA ALA L 289 -34.03 12.12 -2.19
C ALA L 289 -34.24 10.90 -3.08
N LYS L 290 -33.27 10.61 -3.96
CA LYS L 290 -33.33 9.39 -4.74
C LYS L 290 -33.24 8.16 -3.86
N GLU L 291 -32.61 8.28 -2.68
CA GLU L 291 -32.51 7.17 -1.75
C GLU L 291 -33.77 7.05 -0.89
N TRP L 292 -34.40 8.18 -0.58
CA TRP L 292 -35.58 8.19 0.26
C TRP L 292 -36.89 8.14 -0.52
N SER L 293 -36.91 8.65 -1.74
CA SER L 293 -38.12 8.57 -2.56
C SER L 293 -38.33 7.19 -3.15
N LEU L 294 -37.28 6.37 -3.22
CA LEU L 294 -37.41 5.01 -3.71
C LEU L 294 -37.88 4.07 -2.61
N GLU L 295 -37.45 4.33 -1.37
CA GLU L 295 -37.86 3.49 -0.26
C GLU L 295 -39.37 3.51 -0.08
N GLN L 296 -40.00 4.68 -0.25
CA GLN L 296 -41.45 4.76 -0.13
C GLN L 296 -42.13 3.92 -1.20
N GLN L 297 -41.49 3.74 -2.35
CA GLN L 297 -42.09 3.05 -3.48
C GLN L 297 -41.94 1.54 -3.41
N ALA L 298 -41.04 1.03 -2.56
CA ALA L 298 -40.78 -0.40 -2.49
C ALA L 298 -41.59 -1.11 -1.43
N GLY L 299 -41.94 -0.43 -0.34
CA GLY L 299 -42.70 -1.02 0.74
C GLY L 299 -42.11 -0.78 2.12
N TYR L 300 -41.15 0.14 2.21
CA TYR L 300 -40.36 0.35 3.42
C TYR L 300 -39.69 -0.95 3.88
N PRO L 301 -38.83 -1.56 3.05
CA PRO L 301 -38.24 -2.85 3.42
C PRO L 301 -37.03 -2.76 4.34
N VAL L 302 -36.21 -1.73 4.16
CA VAL L 302 -35.03 -1.55 5.01
C VAL L 302 -35.42 -0.83 6.29
N PHE L 303 -36.33 0.14 6.17
CA PHE L 303 -36.82 0.87 7.32
C PHE L 303 -37.46 -0.03 8.36
N TYR L 304 -38.04 -1.15 7.93
CA TYR L 304 -38.70 -2.08 8.85
C TYR L 304 -37.69 -2.97 9.57
N ARG L 305 -36.58 -3.29 8.92
CA ARG L 305 -35.62 -4.22 9.50
C ARG L 305 -34.84 -3.55 10.62
N LEU L 306 -34.37 -2.33 10.38
CA LEU L 306 -33.41 -1.70 11.26
C LEU L 306 -33.99 -1.31 12.62
N TRP L 307 -35.31 -1.30 12.77
CA TRP L 307 -35.87 -1.28 14.12
C TRP L 307 -35.65 -2.62 14.81
N GLU L 308 -35.80 -3.71 14.07
CA GLU L 308 -35.79 -5.03 14.68
C GLU L 308 -34.39 -5.47 15.06
N LEU L 309 -33.36 -4.76 14.61
CA LEU L 309 -32.01 -4.92 15.12
C LEU L 309 -31.77 -4.02 16.32
N ALA L 310 -32.19 -2.75 16.22
CA ALA L 310 -32.06 -1.83 17.35
C ALA L 310 -32.91 -2.29 18.54
N THR L 311 -34.19 -2.56 18.30
CA THR L 311 -35.12 -2.93 19.35
C THR L 311 -35.02 -4.40 19.75
N GLN L 312 -34.01 -5.13 19.26
CA GLN L 312 -33.72 -6.48 19.71
C GLN L 312 -32.23 -6.69 19.92
N SER L 313 -31.49 -5.61 20.17
CA SER L 313 -30.04 -5.68 20.25
C SER L 313 -29.62 -6.21 21.62
N GLU L 314 -28.32 -6.11 21.91
CA GLU L 314 -27.81 -6.50 23.21
C GLU L 314 -27.99 -5.38 24.25
N MET L 315 -28.15 -4.14 23.79
CA MET L 315 -28.24 -2.99 24.69
C MET L 315 -29.67 -2.74 25.15
N ALA L 316 -30.61 -2.64 24.20
CA ALA L 316 -31.99 -2.32 24.56
C ALA L 316 -32.62 -3.42 25.39
N LYS L 317 -32.27 -4.68 25.13
CA LYS L 317 -32.74 -5.80 25.94
C LYS L 317 -32.49 -5.56 27.42
N ALA L 318 -31.23 -5.31 27.78
CA ALA L 318 -30.85 -5.08 29.16
C ALA L 318 -31.13 -3.66 29.63
N GLU L 319 -31.65 -2.80 28.74
CA GLU L 319 -32.14 -1.48 29.12
C GLU L 319 -33.62 -1.51 29.45
N LYS L 320 -34.39 -2.24 28.65
CA LYS L 320 -35.84 -2.32 28.84
C LYS L 320 -36.19 -2.92 30.20
N GLU L 321 -35.30 -3.72 30.79
CA GLU L 321 -35.52 -4.31 32.09
C GLU L 321 -35.12 -3.39 33.23
N LEU L 322 -34.06 -2.60 33.05
CA LEU L 322 -33.63 -1.70 34.11
C LEU L 322 -34.67 -0.63 34.39
N TYR L 323 -35.41 -0.20 33.36
CA TYR L 323 -36.51 0.73 33.59
C TYR L 323 -37.64 0.07 34.37
N LYS L 324 -37.87 -1.22 34.10
CA LYS L 324 -38.79 -2.00 34.92
C LYS L 324 -38.30 -2.10 36.36
N LEU L 325 -36.99 -2.06 36.55
CA LEU L 325 -36.37 -2.05 37.87
C LEU L 325 -36.24 -0.65 38.47
N LEU L 326 -36.76 0.38 37.78
CA LEU L 326 -36.86 1.73 38.33
C LEU L 326 -38.31 2.15 38.50
N GLY L 327 -39.10 2.08 37.43
CA GLY L 327 -40.49 2.50 37.43
C GLY L 327 -40.82 3.51 36.35
N ARG L 328 -39.90 3.73 35.41
CA ARG L 328 -40.15 4.64 34.30
C ARG L 328 -41.01 3.94 33.25
N LYS L 329 -41.26 4.62 32.13
CA LYS L 329 -42.05 4.02 31.07
C LYS L 329 -41.27 2.89 30.42
N VAL L 330 -41.54 1.65 30.83
CA VAL L 330 -41.12 0.50 30.06
C VAL L 330 -41.91 0.49 28.76
N LYS L 331 -41.35 -0.14 27.72
CA LYS L 331 -41.88 -0.04 26.37
C LYS L 331 -43.36 -0.46 26.33
N ASN L 332 -44.17 0.35 25.65
CA ASN L 332 -45.60 0.18 25.63
C ASN L 332 -46.01 -1.18 25.05
MG MG M . 10.32 -32.35 21.19
MG MG N . 10.10 -29.14 25.57
PA NDP O . 18.37 -43.16 23.72
O1A NDP O . 18.61 -42.71 25.12
O2A NDP O . 18.67 -42.26 22.56
O5B NDP O . 19.11 -44.62 23.55
C5B NDP O . 18.57 -45.15 22.37
C4B NDP O . 17.70 -46.35 22.71
O4B NDP O . 16.91 -46.70 21.59
C3B NDP O . 18.58 -47.53 23.09
O3B NDP O . 17.86 -48.42 23.89
C2B NDP O . 18.84 -48.20 21.73
O2B NDP O . 18.94 -49.53 21.80
C1B NDP O . 17.53 -47.80 20.94
N9A NDP O . 17.81 -47.37 19.58
C8A NDP O . 18.36 -46.15 19.17
N7A NDP O . 18.48 -46.04 17.83
C5A NDP O . 17.96 -47.26 17.36
C6A NDP O . 17.80 -47.76 16.07
N6A NDP O . 18.19 -47.00 15.01
N1A NDP O . 17.26 -48.99 15.83
C2A NDP O . 16.89 -49.68 16.96
N3A NDP O . 16.99 -49.34 18.26
C4A NDP O . 17.53 -48.09 18.44
O3 NDP O . 16.76 -43.39 23.75
PN NDP O . 16.04 -41.99 23.91
O1N NDP O . 16.29 -41.47 25.27
O2N NDP O . 16.07 -41.12 22.67
O5D NDP O . 14.31 -42.37 24.00
C5D NDP O . 13.63 -41.25 24.45
C4D NDP O . 12.15 -41.56 24.44
O4D NDP O . 11.56 -41.00 25.62
C3D NDP O . 11.47 -40.86 23.24
O3D NDP O . 10.27 -41.50 22.98
C2D NDP O . 11.26 -39.46 23.76
O2D NDP O . 10.13 -38.86 23.24
C1D NDP O . 10.99 -39.74 25.32
N1N NDP O . 11.59 -38.72 26.27
C2N NDP O . 12.75 -38.03 26.02
C3N NDP O . 12.96 -36.82 26.62
C7N NDP O . 14.20 -36.09 26.33
O7N NDP O . 14.66 -35.20 27.06
N7N NDP O . 14.91 -36.38 25.16
C4N NDP O . 11.95 -36.25 27.54
C5N NDP O . 11.07 -37.31 28.09
C6N NDP O . 10.91 -38.48 27.46
P2B NDP O . 20.69 -50.10 21.96
O1X NDP O . 21.21 -48.89 22.69
O2X NDP O . 21.15 -50.31 20.52
O3X NDP O . 20.41 -51.33 22.78
H51A NDP O . 18.10 -44.50 21.86
H52A NDP O . 19.30 -45.45 21.82
H4B NDP O . 17.09 -46.11 23.42
H3B NDP O . 19.41 -47.27 23.48
HO3A NDP O . 17.24 -48.72 23.40
H2B NDP O . 19.56 -47.74 21.32
H1B NDP O . 16.93 -48.55 20.88
H8A NDP O . 18.63 -45.51 19.77
H61A NDP O . 17.60 -46.77 14.42
H62A NDP O . 19.00 -46.75 14.94
H2A NDP O . 16.53 -50.52 16.79
H51N NDP O . 13.88 -41.06 25.37
H52N NDP O . 13.87 -40.45 23.96
H4D NDP O . 12.03 -42.52 24.43
H3D NDP O . 12.06 -40.84 22.49
HO3N NDP O . 10.46 -42.33 22.93
H2D NDP O . 12.02 -38.94 23.61
HO2N NDP O . 10.38 -38.08 22.98
H1D NDP O . 10.05 -39.80 25.50
H2N NDP O . 13.37 -38.39 25.43
H71N NDP O . 15.63 -35.97 25.00
H72N NDP O . 14.66 -36.98 24.60
H41N NDP O . 12.39 -35.79 28.27
H42N NDP O . 11.42 -35.59 27.08
H5N NDP O . 10.63 -37.16 28.89
H6N NDP O . 10.37 -39.15 27.79
C02 9TY P . 10.44 -32.37 23.81
C03 9TY P . 10.87 -33.81 23.55
C04 9TY P . 11.04 -34.32 22.10
C07 9TY P . 10.36 -34.86 24.53
C08 9TY P . 11.83 -34.42 24.56
O01 9TY P . 10.81 -31.76 24.86
O05 9TY P . 10.06 -34.35 21.31
O06 9TY P . 12.18 -34.70 21.70
O09 9TY P . 9.71 -31.76 22.97
H1 9TY P . 10.18 -35.73 24.17
H2 9TY P . 9.82 -34.52 25.26
H3 9TY P . 12.46 -35.07 24.22
H4 9TY P . 12.08 -33.85 25.31
MG MG Q . 20.09 -9.42 33.77
MG MG R . 19.37 -5.07 35.20
PA NDP S . 19.00 -4.22 48.63
O1A NDP S . 19.60 -5.58 48.62
O2A NDP S . 17.67 -3.94 47.98
O5B NDP S . 19.01 -3.67 50.19
C5B NDP S . 18.77 -2.29 50.10
C4B NDP S . 20.05 -1.56 50.51
O4B NDP S . 19.97 -0.21 50.09
C3B NDP S . 20.19 -1.59 52.03
O3B NDP S . 21.53 -1.45 52.36
C2B NDP S . 19.45 -0.32 52.47
O2B NDP S . 19.99 0.26 53.53
C1B NDP S . 19.66 0.60 51.21
N9A NDP S . 18.46 1.33 50.86
C8A NDP S . 17.30 0.84 50.23
N7A NDP S . 16.37 1.78 50.03
C5A NDP S . 16.95 2.94 50.54
C6A NDP S . 16.49 4.26 50.62
N6A NDP S . 15.25 4.57 50.14
N1A NDP S . 17.25 5.26 51.17
C2A NDP S . 18.48 4.86 51.62
N3A NDP S . 19.07 3.65 51.62
C4A NDP S . 18.26 2.69 51.05
O3 NDP S . 20.13 -3.40 47.78
PN NDP S . 19.94 -3.77 46.24
O1N NDP S . 20.25 -5.20 46.08
O2N NDP S . 18.74 -3.11 45.61
O5D NDP S . 21.26 -2.95 45.37
C5D NDP S . 22.06 -3.89 44.75
C4D NDP S . 23.20 -3.17 44.06
O4D NDP S . 24.04 -4.14 43.44
C3D NDP S . 22.64 -2.26 42.93
O3D NDP S . 23.49 -1.17 42.78
C2D NDP S . 22.70 -3.18 41.73
O2D NDP S . 22.90 -2.50 40.54
C1D NDP S . 23.98 -4.02 42.03
N1N NDP S . 23.92 -5.36 41.42
C2N NDP S . 22.95 -6.27 41.79
C3N NDP S . 22.55 -7.21 40.89
C7N NDP S . 21.51 -8.13 41.31
O7N NDP S . 21.71 -9.25 41.82
N7N NDP S . 20.21 -7.71 41.14
C4N NDP S . 23.17 -7.29 39.53
C5N NDP S . 24.51 -6.65 39.53
C6N NDP S . 24.84 -5.74 40.45
P2B NDP S . 19.10 -0.16 55.08
O1X NDP S . 18.82 -1.58 54.74
O2X NDP S . 17.90 0.81 55.09
O3X NDP S . 20.21 0.12 56.04
H51A NDP S . 18.48 -2.03 49.23
H52A NDP S . 18.07 -2.06 50.72
H4B NDP S . 20.80 -1.96 50.07
H3B NDP S . 19.78 -2.35 52.43
HO3A NDP S . 21.80 -0.77 51.91
H2B NDP S . 18.53 -0.52 52.51
H1B NDP S . 20.35 1.26 51.36
H8A NDP S . 17.23 -0.05 50.00
H61A NDP S . 14.98 5.38 50.16
H62A NDP S . 14.76 3.95 49.82
H2A NDP S . 18.98 5.54 51.99
H51N NDP S . 22.47 -4.47 45.40
H52N NDP S . 21.58 -4.46 44.15
H4D NDP S . 23.70 -2.66 44.72
H3D NDP S . 21.74 -2.01 43.12
HO3N NDP S . 23.52 -0.79 43.53
H2D NDP S . 21.92 -3.73 41.69
HO2N NDP S . 22.15 -2.14 40.35
H1D NDP S . 24.79 -3.58 41.74
H2N NDP S . 22.57 -6.20 42.63
H71N NDP S . 19.55 -8.22 41.38
H72N NDP S . 20.02 -6.95 40.80
H41N NDP S . 23.25 -8.21 39.26
H42N NDP S . 22.60 -6.86 38.89
H5N NDP S . 25.13 -6.90 38.88
H6N NDP S . 25.68 -5.32 40.47
C02 9TY T . 20.23 -6.07 37.38
C03 9TY T . 20.36 -4.56 37.58
C04 9TY T . 19.26 -3.59 37.10
C07 9TY T . 21.78 -3.99 37.58
C08 9TY T . 21.02 -4.14 38.90
O01 9TY T . 20.13 -6.84 38.37
O05 9TY T . 18.37 -3.20 37.90
O06 9TY T . 19.25 -3.20 35.90
O09 9TY T . 20.23 -6.55 36.21
H1 9TY T . 21.87 -3.08 37.27
H2 9TY T . 22.48 -4.64 37.44
H3 9TY T . 20.70 -3.32 39.29
H4 9TY T . 21.32 -4.87 39.47
MG MG U . -10.16 -37.57 -11.66
PA NDP V . -10.88 -50.47 -8.21
O1A NDP V . -12.34 -50.35 -8.53
O2A NDP V . -10.30 -49.86 -6.97
O5B NDP V . -10.46 -52.04 -8.31
C5B NDP V . -9.09 -52.04 -8.10
C4B NDP V . -8.46 -53.14 -8.94
O4B NDP V . -7.04 -53.02 -8.90
C3B NDP V . -8.89 -54.49 -8.37
O3B NDP V . -8.88 -55.43 -9.39
C2B NDP V . -7.74 -54.74 -7.35
O2B NDP V . -7.57 -56.05 -6.95
C1B NDP V . -6.52 -54.10 -8.12
N9A NDP V . -5.55 -53.52 -7.22
C8A NDP V . -5.76 -52.51 -6.27
N7A NDP V . -4.64 -52.18 -5.59
C5A NDP V . -3.66 -53.02 -6.14
C6A NDP V . -2.30 -53.17 -5.86
N6A NDP V . -1.73 -52.39 -4.90
N1A NDP V . -1.52 -54.06 -6.54
C2A NDP V . -2.18 -54.80 -7.48
N3A NDP V . -3.48 -54.79 -7.87
C4A NDP V . -4.20 -53.86 -7.16
O3 NDP V . -10.24 -49.67 -9.49
PN NDP V . -10.58 -48.13 -9.34
O1N NDP V . -12.00 -47.93 -9.71
O2N NDP V . -9.96 -47.48 -8.12
O5D NDP V . -9.71 -47.29 -10.63
C5D NDP V . -10.44 -47.42 -11.77
C4D NDP V . -9.59 -47.07 -13.00
O4D NDP V . -10.49 -46.58 -14.00
C3D NDP V . -8.58 -45.89 -12.74
O3D NDP V . -7.62 -45.93 -13.75
C2D NDP V . -9.48 -44.71 -12.89
O2D NDP V . -8.81 -43.54 -13.24
C1D NDP V . -10.35 -45.17 -14.11
N1N NDP V . -11.71 -44.55 -14.14
C2N NDP V . -12.55 -44.57 -13.05
C3N NDP V . -13.55 -43.66 -12.96
C7N NDP V . -14.38 -43.74 -11.76
O7N NDP V . -15.58 -44.05 -11.75
N7N NDP V . -13.77 -43.41 -10.56
C4N NDP V . -13.80 -42.65 -14.02
C5N NDP V . -13.14 -43.03 -15.29
C6N NDP V . -12.16 -43.94 -15.32
P2B NDP V . -7.04 -57.43 -8.11
O1X NDP V . -8.15 -57.30 -9.11
O2X NDP V . -7.06 -58.66 -7.20
O3X NDP V . -5.68 -56.92 -8.53
H51A NDP V . -8.69 -51.18 -8.29
H52A NDP V . -8.92 -52.20 -7.16
H4B NDP V . -8.73 -53.03 -9.86
H3B NDP V . -9.73 -54.46 -7.90
HO3A NDP V . -8.15 -55.30 -9.80
H2B NDP V . -7.90 -54.14 -6.62
H1B NDP V . -6.08 -54.72 -8.68
H8A NDP V . -6.59 -52.13 -6.14
H61A NDP V . -1.00 -52.64 -4.54
H62A NDP V . -2.11 -51.66 -4.66
H2A NDP V . -1.64 -55.41 -7.93
H51N NDP V . -11.18 -46.81 -11.77
H52N NDP V . -10.86 -48.29 -11.87
H4D NDP V . -9.14 -47.87 -13.31
H3D NDP V . -8.19 -45.93 -11.87
HO3N NDP V . -7.32 -46.72 -13.76
H2D NDP V . -10.00 -44.59 -12.10
HO2N NDP V . -8.90 -43.02 -12.58
H1D NDP V . -9.92 -44.97 -14.96
H2N NDP V . -12.40 -45.18 -12.38
H71N NDP V . -14.22 -43.44 -9.83
H72N NDP V . -12.95 -43.18 -10.52
H41N NDP V . -14.74 -42.55 -14.18
H42N NDP V . -13.47 -41.78 -13.74
H5N NDP V . -13.41 -42.64 -16.08
H6N NDP V . -11.73 -44.19 -16.10
C02 9TY W . -12.03 -38.79 -11.09
C03 9TY W . -10.98 -39.84 -11.48
C04 9TY W . -9.58 -39.82 -10.86
C07 9TY W . -11.07 -40.37 -12.91
C08 9TY W . -11.55 -41.23 -11.74
O01 9TY W . -12.26 -38.56 -9.87
O05 9TY W . -9.24 -40.71 -10.03
O06 9TY W . -8.76 -38.90 -11.15
O09 9TY W . -12.66 -38.16 -11.98
H1 9TY W . -11.77 -40.00 -13.47
H2 9TY W . -10.22 -40.65 -13.31
H3 9TY W . -12.52 -41.30 -11.65
H4 9TY W . -10.98 -41.97 -11.50
MG MG X . -32.35 -23.34 -2.00
MG MG Y . -14.62 -35.71 -12.05
MG MG Z . -35.09 -18.89 -3.30
PA NDP AA . -46.56 -21.86 -9.71
O1A NDP AA . -46.26 -23.30 -9.53
O2A NDP AA . -45.61 -20.95 -10.44
O5B NDP AA . -48.08 -21.75 -10.34
C5B NDP AA . -48.44 -20.41 -10.17
C4B NDP AA . -49.56 -20.32 -9.15
O4B NDP AA . -49.63 -19.01 -8.64
C3B NDP AA . -50.89 -20.67 -9.82
O3B NDP AA . -51.76 -21.20 -8.88
C2B NDP AA . -51.43 -19.31 -10.26
O2B NDP AA . -52.75 -19.20 -10.18
C1B NDP AA . -50.78 -18.35 -9.20
N9A NDP AA . -50.30 -17.14 -9.82
C8A NDP AA . -49.13 -16.95 -10.57
N7A NDP AA . -48.98 -15.68 -10.99
C5A NDP AA . -50.10 -15.02 -10.49
C6A NDP AA . -50.53 -13.69 -10.58
N6A NDP AA . -49.76 -12.79 -11.27
N1A NDP AA . -51.68 -13.26 -9.99
C2A NDP AA . -52.38 -14.23 -9.32
N3A NDP AA . -52.11 -15.54 -9.14
C4A NDP AA . -50.93 -15.91 -9.75
O3 NDP AA . -46.58 -21.37 -8.15
PN NDP AA . -45.09 -21.32 -7.63
O1N NDP AA . -44.56 -22.70 -7.58
O2N NDP AA . -44.30 -20.16 -8.19
O5D NDP AA . -45.17 -20.85 -5.91
C5D NDP AA . -44.66 -21.86 -5.13
C4D NDP AA . -44.80 -21.46 -3.67
O4D NDP AA . -44.29 -22.53 -2.86
C3D NDP AA . -43.90 -20.24 -3.38
O3D NDP AA . -44.38 -19.58 -2.26
C2D NDP AA . -42.57 -20.89 -3.10
O2D NDP AA . -41.74 -20.14 -2.27
C1D NDP AA . -43.05 -22.16 -2.30
N1N NDP AA . -42.10 -23.31 -2.41
C2N NDP AA . -41.67 -23.78 -3.63
C3N NDP AA . -40.54 -24.53 -3.69
C7N NDP AA . -40.15 -24.98 -5.02
O7N NDP AA . -40.21 -26.16 -5.42
N7N NDP AA . -39.65 -24.01 -5.88
C4N NDP AA . -39.75 -24.88 -2.48
C5N NDP AA . -40.55 -24.67 -1.25
C6N NDP AA . -41.66 -23.92 -1.24
P2B NDP AA . -53.56 -20.24 -11.44
O1X NDP AA . -53.69 -21.47 -10.60
O2X NDP AA . -52.55 -20.27 -12.59
O3X NDP AA . -54.80 -19.41 -11.65
H51A NDP AA . -47.70 -19.84 -9.94
H52A NDP AA . -48.78 -20.07 -11.02
H4B NDP AA . -49.36 -20.90 -8.41
H3B NDP AA . -50.78 -21.24 -10.59
HO3A NDP AA . -52.27 -20.56 -8.67
H2B NDP AA . -51.03 -19.10 -11.10
H1B NDP AA . -51.40 -18.12 -8.52
H8A NDP AA . -48.54 -17.64 -10.74
H61A NDP AA . -49.90 -11.95 -11.17
H62A NDP AA . -49.16 -13.08 -11.80
H2A NDP AA . -53.16 -13.92 -8.92
H51N NDP AA . -45.19 -22.67 -5.24
H52N NDP AA . -43.76 -22.11 -5.35
H4D NDP AA . -45.72 -21.30 -3.47
H3D NDP AA . -43.83 -19.67 -4.16
HO3N NDP AA . -45.22 -19.45 -2.41
H2D NDP AA . -42.13 -21.11 -3.91
HO2N NDP AA . -41.05 -19.96 -2.74
H1D NDP AA . -43.18 -21.97 -1.37
H2N NDP AA . -42.16 -23.56 -4.39
H71N NDP AA . -39.40 -24.23 -6.67
H72N NDP AA . -39.59 -23.19 -5.65
H41N NDP AA . -39.47 -25.80 -2.52
H42N NDP AA . -38.95 -24.34 -2.45
H5N NDP AA . -40.26 -25.07 -0.46
H6N NDP AA . -42.16 -23.79 -0.47
C02 9TY BA . -35.52 -21.45 -2.83
C03 9TY BA . -36.97 -21.02 -3.15
C04 9TY BA . -37.27 -19.56 -3.55
C07 9TY BA . -38.06 -21.70 -2.33
C08 9TY BA . -37.86 -22.08 -3.79
O01 9TY BA . -34.70 -20.61 -2.40
O05 9TY BA . -37.77 -19.32 -4.68
O06 9TY BA . -37.03 -18.62 -2.76
O09 9TY BA . -35.17 -22.65 -3.00
H1 9TY BA . -38.84 -21.15 -2.13
H2 9TY BA . -37.75 -22.36 -1.69
H3 9TY BA . -37.45 -22.95 -3.94
H4 9TY BA . -38.53 -21.75 -4.41
MG MG CA . 26.72 -25.87 -12.68
PA NDP DA . 30.09 -38.49 -17.00
O1A NDP DA . 31.46 -38.27 -17.54
O2A NDP DA . 28.86 -38.34 -17.86
O5B NDP DA . 30.04 -39.91 -16.19
C5B NDP DA . 30.24 -40.90 -17.13
C4B NDP DA . 31.05 -41.99 -16.44
O4B NDP DA . 30.39 -42.42 -15.25
C3B NDP DA . 31.21 -43.17 -17.38
O3B NDP DA . 32.36 -43.85 -17.02
C2B NDP DA . 29.93 -43.98 -17.01
O2B NDP DA . 29.90 -45.29 -17.42
C1B NDP DA . 29.91 -43.75 -15.46
N9A NDP DA . 28.56 -43.80 -14.92
C8A NDP DA . 27.47 -42.99 -15.29
N7A NDP DA . 26.35 -43.25 -14.60
C5A NDP DA . 26.74 -44.29 -13.73
C6A NDP DA . 26.02 -45.00 -12.76
N6A NDP DA . 24.71 -44.71 -12.55
N1A NDP DA . 26.61 -45.99 -12.02
C2A NDP DA . 27.93 -46.21 -12.31
N3A NDP DA . 28.75 -45.62 -13.19
C4A NDP DA . 28.11 -44.64 -13.91
O3 NDP DA . 30.02 -37.32 -15.84
PN NDP DA . 29.87 -35.89 -16.51
O1N NDP DA . 30.86 -35.72 -17.60
O2N NDP DA . 28.44 -35.40 -16.60
O5D NDP DA . 30.50 -34.76 -15.29
C5D NDP DA . 31.84 -35.07 -15.15
C4D NDP DA . 32.30 -34.98 -13.68
O4D NDP DA . 33.35 -34.03 -13.59
C3D NDP DA . 31.19 -34.47 -12.68
O3D NDP DA . 31.58 -34.77 -11.38
C2D NDP DA . 31.26 -32.97 -12.90
O2D NDP DA . 30.92 -32.24 -11.78
C1D NDP DA . 32.83 -32.78 -13.17
N1N NDP DA . 33.15 -31.76 -14.20
C2N NDP DA . 32.49 -31.67 -15.41
C3N NDP DA . 32.53 -30.52 -16.12
C7N NDP DA . 31.79 -30.51 -17.38
O7N NDP DA . 32.30 -30.30 -18.49
N7N NDP DA . 30.43 -30.72 -17.30
C4N NDP DA . 33.25 -29.33 -15.63
C5N NDP DA . 34.25 -29.69 -14.60
C6N NDP DA . 34.18 -30.85 -13.94
P2B NDP DA . 31.20 -46.57 -16.94
O1X NDP DA . 32.38 -45.89 -17.55
O2X NDP DA . 30.71 -47.84 -17.64
O3X NDP DA . 31.06 -46.53 -15.45
H51A NDP DA . 29.40 -41.23 -17.49
H52A NDP DA . 30.73 -40.57 -17.88
H4B NDP DA . 31.91 -41.63 -16.16
H3B NDP DA . 31.18 -42.92 -18.31
HO3A NDP DA . 32.48 -43.69 -16.20
H2B NDP DA . 29.20 -43.46 -17.34
H1B NDP DA . 30.44 -44.39 -14.98
H8A NDP DA . 27.55 -42.34 -15.95
H61A NDP DA . 24.17 -45.32 -12.29
H62A NDP DA . 24.42 -43.91 -12.67
H2A NDP DA . 28.31 -46.88 -11.79
H51N NDP DA . 32.01 -35.97 -15.43
H52N NDP DA . 32.40 -34.54 -15.72
H4D NDP DA . 32.63 -35.85 -13.41
H3D NDP DA . 30.32 -34.80 -12.89
HO3N NDP DA . 32.02 -35.49 -11.43
H2D NDP DA . 30.74 -32.72 -13.65
HO2N NDP DA . 30.44 -31.59 -12.06
H1D NDP DA . 33.29 -32.53 -12.36
H2N NDP DA . 32.02 -32.41 -15.72
H71N NDP DA . 30.06 -30.86 -16.54
H72N NDP DA . 29.93 -30.73 -17.99
H41N NDP DA . 32.65 -28.68 -15.26
H42N NDP DA . 33.70 -28.89 -16.37
H5N NDP DA . 34.94 -29.10 -14.41
H6N NDP DA . 34.79 -31.09 -13.28
C02 9TY EA . 28.91 -26.48 -14.17
C03 9TY EA . 28.97 -27.97 -13.86
C04 9TY EA . 27.81 -28.63 -13.09
C07 9TY EA . 30.34 -28.59 -13.63
C08 9TY EA . 29.61 -28.82 -14.95
O01 9TY EA . 29.95 -25.76 -14.06
O05 9TY EA . 27.84 -29.87 -12.85
O06 9TY EA . 26.84 -27.93 -12.69
O09 9TY EA . 27.82 -25.95 -14.54
H1 9TY EA . 31.10 -27.99 -13.68
H2 9TY EA . 30.36 -29.35 -13.04
H3 9TY EA . 29.22 -29.71 -15.07
H4 9TY EA . 29.95 -28.34 -15.71
MG MG FA . 24.11 -7.48 -31.69
MG MG GA . 29.32 -23.53 -15.63
MG MG HA . 23.37 -3.12 -32.43
PA NDP IA . 34.33 1.53 -39.38
O1A NDP IA . 34.68 0.09 -39.47
O2A NDP IA . 34.30 2.24 -38.06
O5B NDP IA . 35.28 2.36 -40.43
C5B NDP IA . 34.73 3.63 -40.46
C4B NDP IA . 34.64 4.08 -41.92
O4B NDP IA . 33.93 5.30 -42.02
C3B NDP IA . 36.05 4.27 -42.48
O3B NDP IA . 36.00 4.11 -43.85
C2B NDP IA . 36.31 5.74 -42.07
O2B NDP IA . 37.31 6.39 -42.75
C1B NDP IA . 34.86 6.35 -42.27
N9A NDP IA . 34.58 7.38 -41.30
C8A NDP IA . 34.56 7.25 -39.90
N7A NDP IA . 34.24 8.39 -39.26
C5A NDP IA . 34.04 9.31 -40.30
C6A NDP IA . 33.68 10.65 -40.29
N6A NDP IA . 33.48 11.29 -39.09
N1A NDP IA . 33.54 11.37 -41.44
C2A NDP IA . 33.76 10.65 -42.60
N3A NDP IA . 34.10 9.37 -42.77
C4A NDP IA . 34.24 8.69 -41.58
O3 NDP IA . 32.79 1.48 -39.95
PN NDP IA . 31.89 0.78 -38.86
O1N NDP IA . 32.18 -0.67 -38.90
O2N NDP IA . 31.78 1.57 -37.58
O5D NDP IA . 30.19 0.88 -39.44
C5D NDP IA . 29.89 -0.27 -40.13
C4D NDP IA . 28.56 -0.11 -40.87
O4D NDP IA . 28.01 -1.42 -41.05
C3D NDP IA . 27.49 0.63 -40.02
O3D NDP IA . 26.43 0.95 -40.86
C2D NDP IA . 27.08 -0.44 -39.03
O2D NDP IA . 25.77 -0.33 -38.62
C1D NDP IA . 27.22 -1.77 -39.91
N1N NDP IA . 27.88 -2.98 -39.24
C2N NDP IA . 28.53 -2.94 -38.01
C3N NDP IA . 28.98 -4.07 -37.40
C7N NDP IA . 29.65 -3.92 -36.12
O7N NDP IA . 29.67 -4.80 -35.25
N7N NDP IA . 30.28 -2.72 -35.82
C4N NDP IA . 28.79 -5.41 -38.01
C5N NDP IA . 28.23 -5.34 -39.38
C6N NDP IA . 27.81 -4.20 -39.92
P2B NDP IA . 37.33 6.66 -44.61
O1X NDP IA . 37.28 5.22 -45.01
O2X NDP IA . 38.66 7.39 -44.82
O3X NDP IA . 36.07 7.46 -44.78
H51A NDP IA . 33.88 3.68 -40.02
H52A NDP IA . 35.31 4.23 -39.97
H4B NDP IA . 34.14 3.42 -42.41
H3B NDP IA . 36.70 3.70 -42.06
HO3A NDP IA . 35.27 4.45 -44.09
H2B NDP IA . 36.43 5.74 -41.12
H1B NDP IA . 34.74 6.73 -43.13
H8A NDP IA . 34.75 6.44 -39.49
H61A NDP IA . 33.02 12.00 -39.06
H62A NDP IA . 33.81 10.94 -38.38
H2A NDP IA . 33.66 11.16 -43.37
H51N NDP IA . 30.56 -0.43 -40.81
H52N NDP IA . 29.90 -1.06 -39.59
H4D NDP IA . 28.71 0.31 -41.71
H3D NDP IA . 27.84 1.39 -39.58
HO3N NDP IA . 26.74 1.51 -41.42
H2D NDP IA . 27.67 -0.41 -38.30
HO2N NDP IA . 25.76 -0.55 -37.79
H1D NDP IA . 26.36 -2.07 -40.23
H2N NDP IA . 28.66 -2.12 -37.62
H71N NDP IA . 30.67 -2.63 -35.06
H72N NDP IA . 30.31 -2.06 -36.36
H41N NDP IA . 29.64 -5.89 -38.04
H42N NDP IA . 28.20 -5.93 -37.45
H5N NDP IA . 28.17 -6.13 -39.87
H6N NDP IA . 27.46 -4.16 -40.78
C02 9TY JA . 24.84 -4.60 -33.48
C03 9TY JA . 25.06 -3.61 -34.63
C04 9TY JA . 24.65 -2.13 -34.49
C07 9TY JA . 26.35 -3.85 -35.41
C08 9TY JA . 24.99 -4.20 -36.04
O01 9TY JA . 25.81 -4.91 -32.73
O05 9TY JA . 24.58 -1.40 -35.52
O06 9TY JA . 24.38 -1.65 -33.36
O09 9TY JA . 23.71 -5.11 -33.28
H1 9TY JA . 26.88 -4.61 -35.13
H2 9TY JA . 26.77 -3.05 -35.76
H3 9TY JA . 24.79 -5.15 -36.09
H4 9TY JA . 24.69 -3.60 -36.74
MG MG KA . -0.89 27.46 -29.60
PA NDP LA . 2.61 31.07 -42.20
O1A NDP LA . 1.45 30.56 -42.98
O2A NDP LA . 3.46 30.13 -41.39
O5B NDP LA . 3.55 31.98 -43.18
C5B NDP LA . 4.62 32.34 -42.38
C4B NDP LA . 5.24 33.65 -42.86
O4B NDP LA . 6.59 33.71 -42.40
C3B NDP LA . 5.26 33.73 -44.39
O3B NDP LA . 5.38 35.05 -44.75
C2B NDP LA . 6.54 32.92 -44.68
O2B NDP LA . 7.09 33.09 -45.94
C1B NDP LA . 7.46 33.40 -43.49
N9A NDP LA . 8.35 32.35 -43.03
C8A NDP LA . 8.04 31.02 -42.71
N7A NDP LA . 9.09 30.30 -42.30
C5A NDP LA . 10.15 31.21 -42.36
C6A NDP LA . 11.51 31.08 -42.05
N6A NDP LA . 11.98 29.86 -41.63
N1A NDP LA . 12.38 32.12 -42.18
C2A NDP LA . 11.82 33.30 -42.61
N3A NDP LA . 10.55 33.58 -42.94
C4A NDP LA . 9.71 32.49 -42.80
O3 NDP LA . 1.88 32.08 -41.12
PN NDP LA . 0.32 32.09 -41.39
O1N NDP LA . 0.02 32.74 -42.68
O2N NDP LA . -0.40 30.85 -40.90
O5D NDP LA . -0.38 33.31 -40.35
C5D NDP LA . -0.48 32.78 -39.08
C4D NDP LA . -0.42 33.95 -38.03
O4D NDP LA . -1.53 33.92 -37.02
C3D NDP LA . 0.79 33.63 -37.07
O3D NDP LA . 1.10 34.75 -36.33
C2D NDP LA . 0.22 32.54 -36.17
O2D NDP LA . 0.90 32.42 -34.96
C1D NDP LA . -1.21 33.15 -35.89
N1N NDP LA . -2.34 32.17 -35.71
C2N NDP LA . -2.27 30.82 -35.98
C3N NDP LA . -3.39 30.12 -36.28
C7N NDP LA . -3.18 28.70 -36.53
O7N NDP LA . -2.09 28.22 -36.85
N7N NDP LA . -4.26 27.85 -36.40
C4N NDP LA . -4.72 30.78 -36.34
C5N NDP LA . -4.72 32.05 -35.57
C6N NDP LA . -3.57 32.68 -35.28
P2B NDP LA . 7.61 34.76 -46.66
O1X NDP LA . 6.25 35.38 -46.66
O2X NDP LA . 8.20 34.37 -48.02
O3X NDP LA . 8.57 35.22 -45.61
H51A NDP LA . 4.37 32.41 -41.45
H52A NDP LA . 5.28 31.66 -42.42
H4B NDP LA . 4.78 34.40 -42.46
H3B NDP LA . 4.51 33.30 -44.80
HO3A NDP LA . 4.93 35.13 -45.47
H2B NDP LA . 6.33 32.01 -44.47
H1B NDP LA . 7.99 34.14 -43.72
H8A NDP LA . 7.17 30.69 -42.79
H61A NDP LA . 12.48 29.83 -40.94
H62A NDP LA . 11.75 29.16 -42.05
H2A NDP LA . 12.42 33.99 -42.69
H51N NDP LA . 0.25 32.18 -38.93
H52N NDP LA . -1.27 32.21 -38.97
H4D NDP LA . -0.17 34.64 -38.44
H3D NDP LA . 1.55 33.30 -37.56
HO3N NDP LA . 1.79 34.54 -35.86
H2D NDP LA . 0.19 31.71 -36.63
HO2N NDP LA . 0.91 33.21 -34.63
H1D NDP LA . -1.20 33.74 -35.12
H2N NDP LA . -1.44 30.40 -35.94
H71N NDP LA . -5.03 28.16 -36.18
H72N NDP LA . -4.19 27.01 -36.54
H41N NDP LA . -5.42 30.21 -35.99
H42N NDP LA . -4.96 30.97 -37.26
H5N NDP LA . -5.52 32.40 -35.28
H6N NDP LA . -3.54 33.48 -34.80
C02 9TY MA . -1.76 28.44 -31.49
C03 9TY MA . -3.10 29.20 -31.46
C04 9TY MA . -4.23 28.75 -30.51
C07 9TY MA . -3.55 29.76 -32.79
C08 9TY MA . -3.00 30.70 -31.73
O01 9TY MA . -0.71 29.00 -31.05
O05 9TY MA . -4.92 27.73 -30.78
O06 9TY MA . -4.48 29.42 -29.47
O09 9TY MA . -1.70 27.28 -31.97
H1 9TY MA . -4.51 29.81 -32.94
H2 9TY MA . -2.97 29.57 -33.54
H3 9TY MA . -3.65 31.25 -31.28
H4 9TY MA . -2.11 31.03 -31.89
MG MG NA . -24.33 11.86 -30.06
MG MG OA . -6.34 26.53 -29.55
MG MG PA . -27.89 9.97 -26.99
PA NDP QA . -39.38 15.87 -30.40
O1A NDP QA . -38.61 16.65 -31.41
O2A NDP QA . -39.13 16.03 -28.93
O5B NDP QA . -40.97 16.04 -30.72
C5B NDP QA . -41.59 15.14 -29.86
C4B NDP QA . -42.75 14.50 -30.61
O4B NDP QA . -43.37 13.50 -29.80
C3B NDP QA . -43.79 15.57 -30.94
O3B NDP QA . -44.52 15.16 -32.03
C2B NDP QA . -44.65 15.55 -29.66
O2B NDP QA . -45.90 16.12 -29.77
C1B NDP QA . -44.61 14.01 -29.32
N9A NDP QA . -44.59 13.79 -27.89
C8A NDP QA . -43.66 14.27 -26.96
N7A NDP QA . -43.92 13.88 -25.69
C5A NDP QA . -45.06 13.09 -25.81
C6A NDP QA . -45.82 12.39 -24.87
N6A NDP QA . -45.44 12.42 -23.56
N1A NDP QA . -46.93 11.67 -25.22
C2A NDP QA . -47.22 11.69 -26.56
N3A NDP QA . -46.61 12.31 -27.59
C4A NDP QA . -45.50 13.02 -27.18
O3 NDP QA . -38.91 14.35 -30.81
PN NDP QA . -37.38 14.19 -30.50
O1N NDP QA . -36.61 14.75 -31.65
O2N NDP QA . -37.00 14.47 -29.07
O5D NDP QA . -37.05 12.44 -30.59
C5D NDP QA . -36.47 12.14 -31.79
C4D NDP QA . -36.44 10.63 -31.99
O4D NDP QA . -35.52 10.34 -33.05
C3D NDP QA . -35.87 9.88 -30.74
O3D NDP QA . -36.27 8.56 -30.80
C2D NDP QA . -34.39 10.01 -30.93
O2D NDP QA . -33.66 8.97 -30.37
C1D NDP QA . -34.29 9.89 -32.52
N1N NDP QA . -33.17 10.70 -33.13
C2N NDP QA . -32.89 12.00 -32.76
C3N NDP QA . -31.68 12.54 -33.02
C7N NDP QA . -31.46 13.92 -32.59
O7N NDP QA . -31.12 14.84 -33.34
N7N NDP QA . -31.66 14.19 -31.25
C4N NDP QA . -30.62 11.77 -33.72
C5N NDP QA . -31.17 10.58 -34.41
C6N NDP QA . -32.38 10.10 -34.11
P2B NDP QA . -47.27 15.34 -30.79
O1X NDP QA . -46.52 15.23 -32.08
O2X NDP QA . -48.36 16.41 -30.71
O3X NDP QA . -47.51 14.07 -30.01
H51A NDP QA . -40.99 14.49 -29.52
H52A NDP QA . -41.93 15.62 -29.09
H4B NDP QA . -42.42 14.05 -31.40
H3B NDP QA . -43.40 16.45 -31.06
HO3A NDP QA . -44.85 15.87 -32.36
H2B NDP QA . -44.11 15.96 -28.98
H1B NDP QA . -45.34 13.54 -29.68
H8A NDP QA . -42.96 14.82 -27.21
H61A NDP QA . -44.61 12.54 -23.36
H62A NDP QA . -46.03 12.34 -22.95
H2A NDP QA . -47.98 11.19 -26.78
H51N NDP QA . -37.00 12.50 -32.52
H52N NDP QA . -35.61 12.53 -31.91
H4D NDP QA . -37.32 10.33 -32.22
H3D NDP QA . -36.14 10.31 -29.92
HO3N NDP QA . -37.11 8.57 -30.93
H2D NDP QA . -34.09 10.86 -30.62
HO2N NDP QA . -32.99 9.34 -30.00
H1D NDP QA . -34.17 8.98 -32.79
H2N NDP QA . -33.54 12.49 -32.33
H71N NDP QA . -31.55 14.98 -30.95
H72N NDP QA . -31.90 13.58 -30.70
H41N NDP QA . -29.93 11.48 -33.09
H42N NDP QA . -30.16 12.33 -34.35
H5N NDP QA . -30.67 10.17 -35.07
H6N NDP QA . -32.75 9.35 -34.53
C02 9TY RA . -27.66 10.78 -29.28
C03 9TY RA . -29.19 10.64 -29.28
C04 9TY RA . -29.93 10.17 -28.03
C07 9TY RA . -29.81 10.18 -30.62
C08 9TY RA . -29.94 11.64 -30.17
O01 9TY RA . -27.11 11.79 -29.79
O05 9TY RA . -29.66 9.05 -27.52
O06 9TY RA . -30.82 10.88 -27.50
O09 9TY RA . -26.95 9.88 -28.75
H1 9TY RA . -29.19 10.03 -31.34
H2 9TY RA . -30.61 9.65 -30.54
H3 9TY RA . -30.82 11.90 -29.86
H4 9TY RA . -29.39 12.28 -30.67
MG MG SA . 15.41 31.51 20.66
PA NDP TA . 22.68 35.71 30.86
O1A NDP TA . 23.41 36.53 29.88
O2A NDP TA . 22.67 34.21 30.80
O5B NDP TA . 23.09 36.19 32.38
C5B NDP TA . 22.16 35.58 33.22
C4B NDP TA . 21.60 36.63 34.17
O4B NDP TA . 20.55 36.08 34.95
C3B NDP TA . 22.71 37.10 35.12
O3B NDP TA . 22.38 38.37 35.56
C2B NDP TA . 22.59 36.03 36.23
O2B NDP TA . 23.18 36.33 37.44
C1B NDP TA . 21.03 35.83 36.27
N9A NDP TA . 20.67 34.46 36.58
C8A NDP TA . 20.99 33.31 35.86
N7A NDP TA . 20.50 32.19 36.39
C5A NDP TA . 19.82 32.64 37.53
C6A NDP TA . 19.10 31.95 38.51
N6A NDP TA . 18.98 30.58 38.43
N1A NDP TA . 18.50 32.60 39.55
C2A NDP TA . 18.67 33.97 39.55
N3A NDP TA . 19.33 34.77 38.69
C4A NDP TA . 19.91 34.05 37.66
O3 NDP TA . 21.15 36.22 30.57
PN NDP TA . 20.61 35.47 29.28
O1N NDP TA . 21.29 36.05 28.11
O2N NDP TA . 20.41 33.99 29.47
O5D NDP TA . 18.92 35.99 29.11
C5D NDP TA . 18.82 36.88 28.06
C4D NDP TA . 17.43 37.46 28.05
O4D NDP TA . 17.30 38.31 26.92
C3D NDP TA . 16.37 36.33 27.89
O3D NDP TA . 15.18 36.75 28.47
C2D NDP TA . 16.23 36.22 26.39
O2D NDP TA . 14.95 35.86 25.99
C1D NDP TA . 16.47 37.71 25.93
N1N NDP TA . 17.16 37.80 24.61
C2N NDP TA . 18.39 37.20 24.39
C3N NDP TA . 18.79 36.94 23.12
C7N NDP TA . 20.09 36.32 22.95
O7N NDP TA . 21.11 36.89 22.53
N7N NDP TA . 20.17 34.98 23.30
C4N NDP TA . 17.95 37.29 21.94
C5N NDP TA . 16.90 38.28 22.31
C6N NDP TA . 16.55 38.50 23.57
P2B NDP TA . 22.78 37.85 38.44
O1X NDP TA . 23.21 38.88 37.44
O2X NDP TA . 23.67 37.67 39.68
O3X NDP TA . 21.30 37.66 38.64
H51A NDP TA . 21.47 35.14 32.72
H52A NDP TA . 22.60 34.88 33.71
H4B NDP TA . 21.23 37.36 33.67
H3B NDP TA . 23.59 37.06 34.72
HO3A NDP TA . 21.54 38.36 35.67
H2B NDP TA . 22.92 35.21 35.85
H1B NDP TA . 20.60 36.39 36.90
H8A NDP TA . 21.50 33.35 35.08
H61A NDP TA . 18.68 30.16 39.10
H62A NDP TA . 19.21 30.19 37.71
H2A NDP TA . 18.26 34.39 40.26
H51N NDP TA . 19.43 37.61 28.17
H52N NDP TA . 19.04 36.48 27.21
H4D NDP TA . 17.29 37.97 28.86
H3D NDP TA . 16.68 35.51 28.25
HO3N NDP TA . 15.36 36.90 29.28
H2D NDP TA . 16.88 35.62 26.03
HO2N NDP TA . 14.90 35.03 26.15
H1D NDP TA . 15.65 38.21 25.88
H2N NDP TA . 18.91 36.99 25.11
H71N NDP TA . 20.92 34.56 23.22
H72N NDP TA . 19.50 34.55 23.60
H41N NDP TA . 18.49 37.66 21.23
H42N NDP TA . 17.54 36.50 21.60
H5N NDP TA . 16.48 38.75 21.62
H6N NDP TA . 15.89 39.11 23.81
C02 9TY UA . 16.45 33.46 21.48
C03 9TY UA . 15.69 32.98 22.73
C04 9TY UA . 15.60 31.47 23.05
C07 9TY UA . 14.48 33.79 23.16
C08 9TY UA . 15.78 33.89 23.94
O01 9TY UA . 16.14 34.55 20.93
O05 9TY UA . 14.76 30.75 22.46
O06 9TY UA . 16.39 30.98 23.90
O09 9TY UA . 17.37 32.75 20.99
H1 9TY UA . 13.77 33.31 23.58
H2 9TY UA . 14.27 34.57 22.60
H3 9TY UA . 15.78 33.45 24.81
H4 9TY UA . 16.28 34.71 23.82
MG MG VA . 30.14 26.64 -2.05
MG MG WA . 17.16 32.46 16.54
MG MG XA . 30.01 25.68 -6.61
PA NDP YA . 34.79 36.75 -13.21
O1A NDP YA . 35.21 37.23 -11.87
O2A NDP YA . 33.34 36.49 -13.53
O5B NDP YA . 35.44 37.73 -14.36
C5B NDP YA . 35.28 37.03 -15.55
C4B NDP YA . 36.64 36.91 -16.22
O4B NDP YA . 36.57 36.01 -17.32
C3B NDP YA . 37.08 38.28 -16.72
O3B NDP YA . 38.46 38.29 -16.79
C2B NDP YA . 36.44 38.29 -18.14
O2B NDP YA . 36.97 39.19 -19.02
C1B NDP YA . 36.61 36.77 -18.52
N9A NDP YA . 35.49 36.30 -19.32
C8A NDP YA . 34.15 36.20 -18.93
N7A NDP YA . 33.34 35.72 -19.89
C5A NDP YA . 34.21 35.48 -20.97
C6A NDP YA . 33.99 34.98 -22.24
N6A NDP YA . 32.73 34.63 -22.61
N1A NDP YA . 35.01 34.83 -23.15
C2A NDP YA . 36.25 35.22 -22.69
N3A NDP YA . 36.62 35.71 -21.49
C4A NDP YA . 35.55 35.84 -20.63
O3 NDP YA . 35.55 35.30 -13.25
PN NDP YA . 34.77 34.32 -12.29
O1N NDP YA . 35.03 34.73 -10.90
O2N NDP YA . 33.40 33.94 -12.79
O5D NDP YA . 35.59 32.74 -12.44
C5D NDP YA . 36.27 32.47 -11.28
C4D NDP YA . 37.07 31.20 -11.47
O4D NDP YA . 37.69 30.87 -10.22
C3D NDP YA . 36.12 30.01 -11.80
O3D NDP YA . 36.87 28.99 -12.38
C2D NDP YA . 35.64 29.62 -10.42
O2D NDP YA . 35.25 28.29 -10.32
C1D NDP YA . 36.98 29.83 -9.59
N1N NDP YA . 36.75 30.19 -8.16
C2N NDP YA . 35.85 31.18 -7.77
C3N NDP YA . 35.47 31.29 -6.48
C7N NDP YA . 34.51 32.34 -6.17
O7N NDP YA . 34.70 33.24 -5.35
N7N NDP YA . 33.31 32.29 -6.86
C4N NDP YA . 36.00 30.39 -5.43
C5N NDP YA . 37.16 29.61 -5.89
C6N NDP YA . 37.49 29.54 -7.18
P2B NDP YA . 38.71 39.07 -19.70
O1X NDP YA . 39.45 39.02 -18.41
O2X NDP YA . 38.81 40.37 -20.51
O3X NDP YA . 38.60 37.79 -20.48
H51A NDP YA . 34.86 36.17 -15.43
H52A NDP YA . 34.69 37.53 -16.12
H4B NDP YA . 37.27 36.54 -15.59
H3B NDP YA . 36.73 39.00 -16.20
HO3A NDP YA . 38.68 37.52 -17.07
H2B NDP YA . 35.50 38.40 -17.99
H1B NDP YA . 37.40 36.60 -19.02
H8A NDP YA . 33.87 36.46 -18.09
H61A NDP YA . 32.56 34.41 -23.43
H62A NDP YA . 32.10 34.63 -22.03
H2A NDP YA . 36.93 35.11 -23.32
H51N NDP YA . 36.91 33.17 -11.09
H52N NDP YA . 35.71 32.42 -10.50
H4D NDP YA . 37.74 31.33 -12.15
H3D NDP YA . 35.39 30.29 -12.33
HO3N NDP YA . 37.32 29.36 -13.00
H2D NDP YA . 34.95 30.21 -10.13
HO2N NDP YA . 34.43 28.31 -10.13
H1D NDP YA . 37.52 29.04 -9.61
H2N NDP YA . 35.51 31.74 -8.43
H71N NDP YA . 32.71 32.90 -6.70
H72N NDP YA . 33.13 31.69 -7.43
H41N NDP YA . 36.26 30.90 -4.65
H42N NDP YA . 35.30 29.79 -5.13
H5N NDP YA . 37.67 29.15 -5.27
H6N NDP YA . 38.22 29.04 -7.48
C02 9TY ZA . 31.34 27.44 -5.30
C03 9TY ZA . 32.19 27.75 -6.53
C04 9TY ZA . 31.74 27.26 -7.92
C07 9TY ZA . 33.70 27.84 -6.31
C08 9TY ZA . 32.89 29.11 -6.51
O01 9TY ZA . 30.87 28.38 -4.60
O05 9TY ZA . 30.56 26.90 -8.12
O06 9TY ZA . 32.57 27.22 -8.87
O09 9TY ZA . 31.09 26.24 -4.98
H1 9TY ZA . 34.25 27.57 -7.05
H2 9TY ZA . 33.99 27.67 -5.40
H3 9TY ZA . 32.74 29.65 -5.71
H4 9TY ZA . 32.99 29.54 -7.37
MG MG AB . -16.07 12.25 35.32
PA NDP BB . -16.29 21.47 44.91
O1A NDP BB . -17.77 21.41 44.76
O2A NDP BB . -15.41 21.86 43.76
O5B NDP BB . -15.96 22.37 46.24
C5B NDP BB . -14.62 22.10 46.54
C4B NDP BB . -14.56 21.31 47.83
O4B NDP BB . -13.31 20.66 47.92
C3B NDP BB . -14.71 22.27 49.03
O3B NDP BB . -15.25 21.59 50.11
C2B NDP BB . -13.26 22.62 49.36
O2B NDP BB . -13.04 22.80 50.66
C1B NDP BB . -12.49 21.36 48.86
N9A NDP BB . -11.27 21.71 48.18
C8A NDP BB . -11.12 22.18 46.87
N7A NDP BB . -9.84 22.41 46.53
C5A NDP BB . -9.13 22.07 47.68
C6A NDP BB . -7.76 22.09 47.98
N6A NDP BB . -6.88 22.50 47.01
N1A NDP BB . -7.28 21.70 49.19
C2A NDP BB . -8.23 21.31 50.09
N3A NDP BB . -9.57 21.23 49.97
C4A NDP BB . -10.00 21.62 48.72
O3 NDP BB . -15.98 19.90 45.23
PN NDP BB . -16.08 19.09 43.87
O1N NDP BB . -17.47 19.14 43.39
O2N NDP BB . -14.89 19.30 42.96
O5D NDP BB . -15.84 17.37 44.31
C5D NDP BB . -16.99 16.66 44.03
C4D NDP BB . -16.80 15.24 44.51
O4D NDP BB . -18.00 14.51 44.24
C3D NDP BB . -15.66 14.56 43.71
O3D NDP BB . -15.07 13.59 44.51
C2D NDP BB . -16.40 13.92 42.55
O2D NDP BB . -15.82 12.74 42.13
C1D NDP BB . -17.78 13.57 43.21
N1N NDP BB . -18.90 13.65 42.24
C2N NDP BB . -19.20 14.82 41.56
C3N NDP BB . -19.92 14.77 40.42
C7N NDP BB . -20.18 16.04 39.75
O7N NDP BB . -21.28 16.61 39.73
N7N NDP BB . -19.11 16.62 39.09
C4N NDP BB . -20.42 13.49 39.87
C5N NDP BB . -20.42 12.42 40.89
C6N NDP BB . -19.70 12.52 42.01
P2B NDP BB . -13.86 24.31 51.27
O1X NDP BB . -15.15 23.65 51.66
O2X NDP BB . -13.88 25.22 50.04
O3X NDP BB . -12.90 24.65 52.37
H51A NDP BB . -14.17 21.67 45.83
H52A NDP BB . -14.17 22.95 46.67
H4B NDP BB . -15.24 20.63 47.83
H3B NDP BB . -15.19 23.07 48.80
HO3A NDP BB . -14.58 21.38 50.59
H2B NDP BB . -13.01 23.34 48.78
H1B NDP BB . -12.26 20.79 49.60
H8A NDP BB . -11.86 22.31 46.32
H61A NDP BB . -6.05 22.29 47.09
H62A NDP BB . -7.16 22.95 46.35
H2A NDP BB . -7.90 21.04 50.91
H51N NDP BB . -17.74 17.02 44.52
H52N NDP BB . -17.26 16.70 43.10
H4D NDP BB . -16.62 15.25 45.46
H3D NDP BB . -15.03 15.20 43.39
HO3N NDP BB . -14.80 14.00 45.20
H2D NDP BB . -16.49 14.55 41.83
HO2N NDP BB . -15.15 12.98 41.65
H1D NDP BB . -17.79 12.69 43.60
H2N NDP BB . -18.88 15.62 41.91
H71N NDP BB . -19.22 17.36 38.69
H72N NDP BB . -18.33 16.27 39.09
H41N NDP BB . -21.32 13.59 39.52
H42N NDP BB . -19.87 13.22 39.12
H5N NDP BB . -20.95 11.67 40.75
H6N NDP BB . -19.69 11.86 42.66
C02 9TY CB . -17.44 13.20 36.98
C03 9TY CB . -16.10 13.03 37.72
C04 9TY CB . -14.79 13.41 37.03
C07 9TY CB . -16.01 11.87 38.72
C08 9TY CB . -16.15 13.31 39.22
O01 9TY CB . -17.57 14.10 36.12
O05 9TY CB . -14.24 12.60 36.22
O06 9TY CB . -14.25 14.52 37.28
O09 9TY CB . -18.41 12.44 37.24
H1 9TY CB . -15.13 11.47 38.82
H2 9TY CB . -16.81 11.32 38.80
H3 9TY CB . -17.01 13.53 39.59
H4 9TY CB . -15.34 13.69 39.60
MG MG DB . -32.61 18.78 13.95
C02 9TY EB . -35.51 18.20 11.71
C03 9TY EB . -36.94 18.14 11.13
C04 9TY EB . -37.30 17.14 10.03
C07 9TY EB . -37.69 19.48 11.06
C08 9TY EB . -38.06 18.45 12.13
O01 9TY EB . -35.32 18.47 12.92
O05 9TY EB . -38.11 16.20 10.27
O06 9TY EB . -36.79 17.24 8.88
O09 9TY EB . -34.52 17.97 10.96
H1 9TY EB . -38.30 19.55 10.32
H2 9TY EB . -37.20 20.24 11.39
H3 9TY EB . -38.89 17.96 11.98
H4 9TY EB . -37.79 18.66 13.03
MG MG FB . -20.27 11.99 32.96
MG MG GB . -35.11 16.51 9.77
PA NDP HB . -48.24 15.94 12.45
O1A NDP HB . -47.98 16.60 13.76
O2A NDP HB . -47.64 14.61 12.12
O5B NDP HB . -49.86 15.90 12.19
C5B NDP HB . -49.99 15.54 10.86
C4B NDP HB . -50.97 16.50 10.19
O4B NDP HB . -51.01 16.28 8.78
C3B NDP HB . -52.36 16.28 10.77
O3B NDP HB . -53.08 17.45 10.61
C2B NDP HB . -52.88 15.15 9.84
O2B NDP HB . -54.24 14.95 9.81
C1B NDP HB . -52.23 15.59 8.47
N9A NDP HB . -51.84 14.45 7.67
C8A NDP HB . -50.91 13.45 8.01
N7A NDP HB . -50.75 12.53 7.04
C5A NDP HB . -51.61 12.95 6.02
C6A NDP HB . -51.90 12.42 4.76
N6A NDP HB . -51.27 11.28 4.36
N1A NDP HB . -52.79 13.02 3.92
C2A NDP HB . -53.36 14.16 4.41
N3A NDP HB . -53.20 14.80 5.59
C4A NDP HB . -52.29 14.16 6.39
O3 NDP HB . -47.58 17.05 11.44
PN NDP HB . -46.00 16.94 11.55
O1N NDP HB . -45.59 17.54 12.84
O2N NDP HB . -45.44 15.63 11.05
O5D NDP HB . -45.35 18.05 10.33
C5D NDP HB . -44.80 19.14 10.93
C4D NDP HB . -44.40 20.15 9.88
O4D NDP HB . -43.72 21.23 10.52
C3D NDP HB . -43.38 19.53 8.89
O3D NDP HB . -43.38 20.27 7.72
C2D NDP HB . -42.09 19.70 9.65
O2D NDP HB . -40.97 19.77 8.83
C1D NDP HB . -42.33 21.13 10.29
N1N NDP HB . -41.61 21.33 11.58
C2N NDP HB . -41.66 20.42 12.61
C3N NDP HB . -40.70 20.41 13.55
C7N NDP HB . -40.82 19.40 14.60
O7N NDP HB . -41.03 19.65 15.80
N7N NDP HB . -40.68 18.08 14.21
C4N NDP HB . -39.58 21.37 13.52
C5N NDP HB . -39.88 22.54 12.66
C6N NDP HB . -40.85 22.49 11.75
P2B NDP HB . -55.49 16.27 9.31
O1X NDP HB . -55.13 17.29 10.35
O2X NDP HB . -56.82 15.54 9.49
O3X NDP HB . -55.03 16.52 7.90
H51A NDP HB . -49.15 15.50 10.39
H52A NDP HB . -50.34 14.64 10.82
H4B NDP HB . -50.66 17.41 10.33
H3B NDP HB . -52.36 15.97 11.68
HO3A NDP HB . -52.86 17.77 9.86
H2B NDP HB . -52.39 14.36 10.09
H1B NDP HB . -52.80 16.13 7.95
H8A NDP HB . -50.48 13.45 8.83
H61A NDP HB . -51.47 10.93 3.61
H62A NDP HB . -50.67 10.92 4.87
H2A NDP HB . -53.97 14.55 3.82
H51N NDP HB . -45.45 19.58 11.51
H52N NDP HB . -44.05 18.93 11.52
H4D NDP HB . -45.19 20.47 9.43
H3D NDP HB . -43.55 18.60 8.74
HO3N NDP HB . -44.20 20.32 7.48
H2D NDP HB . -42.00 19.02 10.31
HO2N NDP HB . -40.49 19.11 9.05
H1D NDP HB . -42.08 21.83 9.69
H2N NDP HB . -42.37 19.81 12.62
H71N NDP HB . -40.75 17.45 14.78
H72N NDP HB . -40.54 17.87 13.39
H41N NDP HB . -39.36 21.69 14.41
H42N NDP HB . -38.76 20.94 13.21
H5N NDP HB . -39.37 23.31 12.76
H6N NDP HB . -41.05 23.20 11.19
#